data_7RAC
#
_entry.id   7RAC
#
_cell.length_a   169.304
_cell.length_b   176.193
_cell.length_c   176.952
_cell.angle_alpha   90.000
_cell.angle_beta   90.000
_cell.angle_gamma   90.000
#
_symmetry.space_group_name_H-M   'P 21 21 21'
#
loop_
_entity.id
_entity.type
_entity.pdbx_description
1 polymer 'multicopper oxidase'
2 non-polymer (4S)-2-METHYL-2,4-PENTANEDIOL
3 non-polymer 'COPPER (II) ION'
4 non-polymer 'CALCIUM ION'
5 water water
#
_entity_poly.entity_id   1
_entity_poly.type   'polypeptide(L)'
_entity_poly.pdbx_seq_one_letter_code
;MGSSHHHHHHSSGLVPRGSHHEGHAQAPGTHQTRHGGMTTVGEVDHEKNGFDPYAFLTHWETGEVSTLPSGQTLREFNIV
AVDKEIEIAPGVYFPAWTYNGQVPGPTLRVTEGDRVRVHFHNAGSHPHTIHFHGIHPASMDGVPGTGPGMIYPGESFTYE
FDAYPFGCHLYHCHAIPLKRHIHKGLYGAFIIDPDPERHPEYQAAARARLLGTPENQAWQEFVMVMNGFDTNFDEENEVY
AVNTVAHAYMKRPIRIERDRPVRIYLINATEFDPINSFHLHANFFDYYDHGTTLTPTLKTVDTIMQCQGQRGILEFSFNG
FEPGLYMFHAHQSEFAELGWMGNFEVIE
;
_entity_poly.pdbx_strand_id   A,B,C,D,E,F,G,H,I,J,K,L
#
# COMPACT_ATOMS: atom_id res chain seq x y z
N GLY A 50 -4.77 9.62 -38.54
CA GLY A 50 -3.77 9.72 -39.57
C GLY A 50 -2.71 10.79 -39.33
N PHE A 51 -1.99 10.69 -38.22
CA PHE A 51 -0.87 11.59 -37.95
C PHE A 51 0.39 11.00 -38.53
N ASP A 52 1.16 11.82 -39.26
CA ASP A 52 2.40 11.36 -39.86
C ASP A 52 3.60 12.05 -39.20
N PRO A 53 4.31 11.39 -38.29
CA PRO A 53 5.45 12.05 -37.63
C PRO A 53 6.61 12.31 -38.59
N TYR A 54 6.65 11.66 -39.74
CA TYR A 54 7.71 11.89 -40.71
C TYR A 54 7.43 13.13 -41.55
N ALA A 55 6.19 13.28 -42.04
CA ALA A 55 5.82 14.53 -42.70
C ALA A 55 5.85 15.70 -41.74
N PHE A 56 5.49 15.47 -40.46
CA PHE A 56 5.42 16.57 -39.50
C PHE A 56 6.76 17.29 -39.35
N LEU A 57 7.88 16.56 -39.46
CA LEU A 57 9.21 17.13 -39.27
C LEU A 57 9.46 18.38 -40.13
N THR A 58 8.96 18.38 -41.37
CA THR A 58 9.27 19.45 -42.32
C THR A 58 8.03 20.21 -42.76
N HIS A 59 6.95 20.15 -42.00
CA HIS A 59 5.69 20.77 -42.41
C HIS A 59 5.54 22.13 -41.73
N TRP A 60 5.51 23.20 -42.53
CA TRP A 60 5.34 24.55 -42.03
C TRP A 60 3.98 25.04 -42.52
N GLU A 61 3.10 25.39 -41.59
CA GLU A 61 1.84 26.05 -41.91
C GLU A 61 2.14 27.54 -41.98
N THR A 62 2.12 28.10 -43.19
CA THR A 62 2.48 29.52 -43.33
C THR A 62 1.26 30.42 -43.50
N GLY A 63 0.05 29.87 -43.45
CA GLY A 63 -1.15 30.67 -43.38
C GLY A 63 -1.68 31.08 -44.73
N GLU A 64 -2.88 31.66 -44.68
CA GLU A 64 -3.47 32.36 -45.81
C GLU A 64 -2.89 33.76 -45.83
N VAL A 65 -2.14 34.10 -46.87
CA VAL A 65 -1.33 35.31 -46.89
C VAL A 65 -2.04 36.41 -47.65
N SER A 66 -1.93 37.63 -47.15
CA SER A 66 -2.45 38.80 -47.84
C SER A 66 -1.62 40.01 -47.42
N THR A 67 -1.91 41.15 -48.01
CA THR A 67 -1.20 42.39 -47.71
C THR A 67 -2.20 43.39 -47.17
N LEU A 68 -1.97 43.87 -45.95
CA LEU A 68 -2.79 44.90 -45.37
C LEU A 68 -2.47 46.25 -46.01
N PRO A 69 -3.39 47.21 -45.96
CA PRO A 69 -3.14 48.50 -46.64
C PRO A 69 -1.87 49.21 -46.19
N SER A 70 -1.43 49.02 -44.95
CA SER A 70 -0.18 49.58 -44.48
C SER A 70 1.06 49.00 -45.17
N GLY A 71 0.93 47.89 -45.90
CA GLY A 71 2.06 47.15 -46.42
C GLY A 71 2.45 45.96 -45.57
N GLN A 72 2.00 45.91 -44.31
CA GLN A 72 2.25 44.77 -43.45
C GLN A 72 1.64 43.50 -44.02
N THR A 73 2.41 42.43 -44.00
CA THR A 73 1.94 41.11 -44.41
C THR A 73 1.04 40.51 -43.33
N LEU A 74 -0.07 39.92 -43.76
CA LEU A 74 -1.02 39.28 -42.86
C LEU A 74 -1.03 37.79 -43.15
N ARG A 75 -0.93 36.98 -42.09
CA ARG A 75 -1.02 35.53 -42.19
C ARG A 75 -2.17 35.06 -41.30
N GLU A 76 -3.16 34.44 -41.92
CA GLU A 76 -4.36 33.97 -41.23
C GLU A 76 -4.33 32.45 -41.08
N PHE A 77 -4.73 31.96 -39.91
CA PHE A 77 -4.81 30.53 -39.66
C PHE A 77 -6.19 30.20 -39.11
N ASN A 78 -6.63 28.97 -39.39
CA ASN A 78 -7.87 28.44 -38.83
C ASN A 78 -7.53 27.27 -37.94
N ILE A 79 -7.91 27.37 -36.67
CA ILE A 79 -7.58 26.31 -35.72
C ILE A 79 -8.83 25.91 -34.97
N VAL A 80 -9.12 24.62 -34.97
CA VAL A 80 -10.28 24.04 -34.33
C VAL A 80 -9.78 23.13 -33.20
N ALA A 81 -10.30 23.35 -32.00
CA ALA A 81 -10.07 22.40 -30.91
C ALA A 81 -11.08 21.27 -31.06
N VAL A 82 -10.59 20.03 -31.17
CA VAL A 82 -11.46 18.88 -31.34
C VAL A 82 -10.92 17.70 -30.51
N ASP A 83 -11.83 17.01 -29.84
CA ASP A 83 -11.51 15.77 -29.13
C ASP A 83 -11.31 14.64 -30.13
N LYS A 84 -10.18 13.95 -30.00
CA LYS A 84 -9.84 12.97 -31.02
C LYS A 84 -8.90 11.93 -30.43
N GLU A 85 -9.07 10.70 -30.89
CA GLU A 85 -8.10 9.66 -30.62
C GLU A 85 -6.78 9.96 -31.33
N ILE A 86 -5.66 9.73 -30.64
CA ILE A 86 -4.37 9.72 -31.31
C ILE A 86 -3.64 8.43 -30.93
N GLU A 87 -2.65 8.08 -31.74
CA GLU A 87 -1.92 6.83 -31.59
C GLU A 87 -0.47 7.14 -31.26
N ILE A 88 0.01 6.70 -30.11
CA ILE A 88 1.36 7.07 -29.68
C ILE A 88 2.35 5.94 -29.85
N ALA A 89 1.91 4.80 -30.33
CA ALA A 89 2.68 3.61 -30.62
C ALA A 89 1.65 2.69 -31.24
N PRO A 90 2.06 1.73 -32.07
CA PRO A 90 1.06 0.92 -32.76
C PRO A 90 0.20 0.13 -31.79
N GLY A 91 -1.07 0.48 -31.69
CA GLY A 91 -1.95 -0.16 -30.73
C GLY A 91 -2.04 0.50 -29.37
N VAL A 92 -1.41 1.66 -29.17
CA VAL A 92 -1.62 2.44 -27.95
C VAL A 92 -2.37 3.70 -28.33
N TYR A 93 -3.66 3.76 -27.96
CA TYR A 93 -4.52 4.88 -28.26
C TYR A 93 -4.67 5.77 -27.03
N PHE A 94 -4.67 7.07 -27.25
CA PHE A 94 -4.71 8.03 -26.17
C PHE A 94 -5.84 9.01 -26.47
N PRO A 95 -6.70 9.31 -25.50
CA PRO A 95 -7.81 10.23 -25.76
C PRO A 95 -7.38 11.69 -25.70
N ALA A 96 -7.10 12.29 -26.84
CA ALA A 96 -6.47 13.60 -26.87
C ALA A 96 -7.50 14.72 -27.00
N TRP A 97 -7.09 15.91 -26.58
CA TRP A 97 -7.71 17.17 -26.98
C TRP A 97 -6.70 17.80 -27.91
N THR A 98 -7.13 18.14 -29.14
CA THR A 98 -6.18 18.47 -30.19
C THR A 98 -6.56 19.77 -30.88
N TYR A 99 -5.53 20.39 -31.48
CA TYR A 99 -5.71 21.47 -32.43
C TYR A 99 -5.68 20.86 -33.83
N ASN A 100 -6.78 21.00 -34.58
CA ASN A 100 -6.90 20.50 -35.95
C ASN A 100 -6.65 18.99 -36.05
N GLY A 101 -7.01 18.25 -35.01
CA GLY A 101 -7.00 16.81 -35.10
C GLY A 101 -5.65 16.14 -35.02
N GLN A 102 -4.61 16.83 -34.56
CA GLN A 102 -3.28 16.24 -34.46
C GLN A 102 -2.56 16.72 -33.20
N VAL A 103 -1.69 15.88 -32.67
CA VAL A 103 -0.80 16.21 -31.56
C VAL A 103 0.62 15.92 -32.03
N PRO A 104 1.54 16.92 -32.03
CA PRO A 104 1.34 18.34 -31.71
C PRO A 104 0.43 19.02 -32.71
N GLY A 105 -0.06 20.22 -32.36
CA GLY A 105 -0.83 21.00 -33.28
C GLY A 105 0.01 21.46 -34.47
N PRO A 106 -0.62 22.13 -35.41
CA PRO A 106 0.11 22.60 -36.61
C PRO A 106 1.24 23.52 -36.22
N THR A 107 2.37 23.36 -36.89
CA THR A 107 3.52 24.24 -36.73
C THR A 107 3.25 25.52 -37.51
N LEU A 108 3.05 26.64 -36.81
CA LEU A 108 2.79 27.93 -37.45
C LEU A 108 4.11 28.66 -37.63
N ARG A 109 4.39 29.08 -38.87
CA ARG A 109 5.65 29.73 -39.19
C ARG A 109 5.36 31.02 -39.92
N VAL A 110 5.84 32.13 -39.37
CA VAL A 110 5.60 33.47 -39.88
C VAL A 110 6.93 34.22 -39.90
N THR A 111 6.87 35.46 -40.37
CA THR A 111 8.02 36.36 -40.40
C THR A 111 7.85 37.45 -39.36
N GLU A 112 8.94 37.77 -38.66
CA GLU A 112 8.99 38.90 -37.76
C GLU A 112 8.33 40.12 -38.40
N GLY A 113 7.35 40.68 -37.70
CA GLY A 113 6.65 41.86 -38.18
C GLY A 113 5.30 41.58 -38.83
N ASP A 114 5.03 40.33 -39.22
CA ASP A 114 3.74 40.01 -39.82
C ASP A 114 2.60 40.28 -38.84
N ARG A 115 1.43 40.58 -39.39
CA ARG A 115 0.20 40.49 -38.62
C ARG A 115 -0.28 39.05 -38.62
N VAL A 116 -0.57 38.51 -37.45
CA VAL A 116 -1.03 37.13 -37.29
C VAL A 116 -2.48 37.15 -36.83
N ARG A 117 -3.33 36.38 -37.51
CA ARG A 117 -4.71 36.17 -37.11
C ARG A 117 -4.98 34.68 -37.06
N VAL A 118 -5.35 34.18 -35.88
CA VAL A 118 -5.70 32.79 -35.68
C VAL A 118 -7.19 32.75 -35.36
N HIS A 119 -7.98 32.22 -36.29
CA HIS A 119 -9.41 32.01 -36.09
C HIS A 119 -9.58 30.69 -35.33
N PHE A 120 -9.98 30.78 -34.08
CA PHE A 120 -10.06 29.65 -33.17
C PHE A 120 -11.52 29.29 -32.94
N HIS A 121 -11.88 28.05 -33.24
CA HIS A 121 -13.22 27.53 -32.98
C HIS A 121 -13.09 26.31 -32.07
N ASN A 122 -13.89 26.26 -31.01
CA ASN A 122 -13.87 25.14 -30.06
C ASN A 122 -14.97 24.16 -30.45
N ALA A 123 -14.59 23.06 -31.07
CA ALA A 123 -15.52 21.97 -31.36
C ALA A 123 -15.39 20.82 -30.37
N GLY A 124 -14.79 21.06 -29.22
CA GLY A 124 -14.61 20.05 -28.20
C GLY A 124 -15.72 20.04 -27.17
N SER A 125 -15.46 19.37 -26.06
CA SER A 125 -16.43 19.25 -24.99
C SER A 125 -16.08 20.06 -23.76
N HIS A 126 -14.90 20.66 -23.70
CA HIS A 126 -14.43 21.48 -22.58
C HIS A 126 -13.96 22.83 -23.08
N PRO A 127 -13.97 23.86 -22.22
CA PRO A 127 -13.43 25.16 -22.64
C PRO A 127 -11.92 25.10 -22.88
N HIS A 128 -11.45 25.90 -23.84
CA HIS A 128 -10.04 25.91 -24.24
C HIS A 128 -9.59 27.31 -24.61
N THR A 129 -8.28 27.51 -24.65
CA THR A 129 -7.73 28.74 -25.24
C THR A 129 -6.57 28.38 -26.16
N ILE A 130 -5.99 29.40 -26.78
CA ILE A 130 -4.64 29.33 -27.33
C ILE A 130 -3.84 30.44 -26.65
N HIS A 131 -2.86 30.05 -25.84
CA HIS A 131 -1.90 30.99 -25.26
C HIS A 131 -0.61 30.91 -26.07
N PHE A 132 -0.26 32.01 -26.74
CA PHE A 132 0.99 32.08 -27.49
C PHE A 132 2.13 32.58 -26.60
N HIS A 133 3.29 31.95 -26.75
CA HIS A 133 4.53 32.53 -26.26
C HIS A 133 5.01 33.52 -27.32
N GLY A 134 4.94 34.80 -27.02
CA GLY A 134 5.16 35.85 -27.99
C GLY A 134 4.55 37.12 -27.45
N ILE A 135 4.89 38.23 -28.08
CA ILE A 135 4.43 39.52 -27.60
C ILE A 135 3.03 39.77 -28.17
N HIS A 136 2.11 40.26 -27.33
CA HIS A 136 0.73 40.51 -27.73
C HIS A 136 0.00 41.21 -26.59
N PRO A 137 -1.17 41.80 -26.86
CA PRO A 137 -1.94 42.46 -25.80
C PRO A 137 -2.53 41.47 -24.81
N ALA A 138 -2.78 41.98 -23.60
CA ALA A 138 -3.39 41.16 -22.55
C ALA A 138 -4.65 40.46 -23.04
N SER A 139 -5.47 41.15 -23.82
CA SER A 139 -6.74 40.57 -24.21
C SER A 139 -6.56 39.47 -25.25
N MET A 140 -5.37 39.33 -25.82
CA MET A 140 -5.07 38.28 -26.78
C MET A 140 -4.21 37.17 -26.17
N ASP A 141 -4.14 37.12 -24.84
CA ASP A 141 -3.20 36.23 -24.15
C ASP A 141 -3.69 34.80 -24.00
N GLY A 142 -4.97 34.51 -24.25
CA GLY A 142 -5.47 33.15 -24.13
C GLY A 142 -5.40 32.60 -22.71
N VAL A 143 -5.77 33.39 -21.72
CA VAL A 143 -5.87 32.94 -20.33
C VAL A 143 -7.31 33.14 -19.89
N PRO A 144 -7.76 32.42 -18.86
CA PRO A 144 -9.17 32.50 -18.47
C PRO A 144 -9.65 33.88 -18.00
N GLY A 145 -8.78 34.72 -17.46
CA GLY A 145 -9.24 35.92 -16.79
C GLY A 145 -9.18 37.23 -17.53
N THR A 146 -8.79 37.25 -18.81
CA THR A 146 -8.70 38.50 -19.58
C THR A 146 -9.34 38.29 -20.95
N GLY A 147 -9.54 39.40 -21.66
CA GLY A 147 -10.13 39.35 -22.98
C GLY A 147 -11.46 38.60 -22.99
N PRO A 148 -11.62 37.67 -23.93
CA PRO A 148 -12.85 36.86 -23.95
C PRO A 148 -12.91 35.78 -22.88
N GLY A 149 -11.80 35.50 -22.20
CA GLY A 149 -11.75 34.35 -21.33
C GLY A 149 -11.54 33.06 -22.13
N MET A 150 -11.93 31.96 -21.51
CA MET A 150 -11.87 30.69 -22.20
C MET A 150 -12.95 30.65 -23.28
N ILE A 151 -12.65 29.92 -24.36
CA ILE A 151 -13.56 29.73 -25.48
C ILE A 151 -14.32 28.43 -25.25
N TYR A 152 -15.66 28.54 -25.04
CA TYR A 152 -16.49 27.39 -24.68
C TYR A 152 -16.95 26.65 -25.92
N PRO A 153 -17.37 25.39 -25.78
CA PRO A 153 -17.83 24.63 -26.96
C PRO A 153 -18.86 25.41 -27.77
N GLY A 154 -18.68 25.41 -29.10
CA GLY A 154 -19.55 26.16 -29.98
C GLY A 154 -19.17 27.60 -30.21
N GLU A 155 -18.25 28.16 -29.41
CA GLU A 155 -17.84 29.55 -29.55
C GLU A 155 -16.60 29.66 -30.43
N SER A 156 -16.37 30.88 -30.91
CA SER A 156 -15.25 31.18 -31.79
C SER A 156 -14.65 32.49 -31.34
N PHE A 157 -13.35 32.64 -31.58
CA PHE A 157 -12.64 33.86 -31.23
C PHE A 157 -11.41 33.97 -32.11
N THR A 158 -11.06 35.18 -32.52
CA THR A 158 -9.90 35.44 -33.38
C THR A 158 -8.82 36.12 -32.58
N TYR A 159 -7.68 35.45 -32.43
CA TYR A 159 -6.49 36.07 -31.84
C TYR A 159 -5.80 36.90 -32.89
N GLU A 160 -5.37 38.10 -32.51
CA GLU A 160 -4.66 39.00 -33.40
C GLU A 160 -3.49 39.63 -32.68
N PHE A 161 -2.34 39.68 -33.34
CA PHE A 161 -1.16 40.32 -32.79
C PHE A 161 -0.12 40.44 -33.89
N ASP A 162 0.89 41.25 -33.66
CA ASP A 162 2.05 41.32 -34.54
C ASP A 162 3.08 40.29 -34.10
N ALA A 163 3.79 39.71 -35.07
CA ALA A 163 4.68 38.60 -34.79
C ALA A 163 6.03 39.12 -34.29
N TYR A 164 6.15 39.21 -32.97
CA TYR A 164 7.39 39.56 -32.29
C TYR A 164 7.51 38.68 -31.06
N PRO A 165 8.74 38.38 -30.62
CA PRO A 165 10.02 38.70 -31.26
C PRO A 165 10.39 37.55 -32.18
N PHE A 166 11.36 37.72 -33.08
CA PHE A 166 11.75 36.56 -33.86
C PHE A 166 12.32 35.49 -32.94
N GLY A 167 12.10 34.23 -33.30
CA GLY A 167 12.71 33.12 -32.59
C GLY A 167 11.83 31.88 -32.67
N CYS A 168 12.13 30.94 -31.79
CA CYS A 168 11.42 29.67 -31.72
C CYS A 168 10.47 29.73 -30.54
N HIS A 169 9.18 29.61 -30.79
CA HIS A 169 8.21 29.75 -29.71
C HIS A 169 7.21 28.59 -29.75
N LEU A 170 6.10 28.74 -29.06
CA LEU A 170 5.11 27.68 -29.00
C LEU A 170 3.78 28.29 -28.57
N TYR A 171 2.74 27.49 -28.68
CA TYR A 171 1.43 27.86 -28.18
C TYR A 171 0.84 26.63 -27.51
N HIS A 172 -0.03 26.86 -26.53
CA HIS A 172 -0.67 25.76 -25.86
C HIS A 172 -1.90 26.30 -25.15
N CYS A 173 -2.76 25.39 -24.72
CA CYS A 173 -3.95 25.79 -23.98
C CYS A 173 -3.57 26.24 -22.58
N HIS A 174 -4.28 27.25 -22.08
CA HIS A 174 -4.15 27.70 -20.70
C HIS A 174 -5.56 27.75 -20.12
N ALA A 175 -6.04 26.59 -19.67
CA ALA A 175 -7.36 26.49 -19.07
C ALA A 175 -7.25 25.96 -17.65
N ILE A 176 -8.30 25.34 -17.13
CA ILE A 176 -8.39 24.96 -15.74
C ILE A 176 -8.61 23.45 -15.65
N PRO A 177 -7.70 22.68 -15.01
CA PRO A 177 -6.43 23.22 -14.51
C PRO A 177 -5.38 23.19 -15.60
N LEU A 178 -4.34 24.01 -15.42
CA LEU A 178 -3.35 24.22 -16.46
C LEU A 178 -2.80 22.89 -16.99
N LYS A 179 -2.37 21.99 -16.11
CA LYS A 179 -1.63 20.82 -16.57
C LYS A 179 -2.52 19.85 -17.35
N ARG A 180 -3.83 19.86 -17.09
CA ARG A 180 -4.69 18.89 -17.75
C ARG A 180 -4.78 19.17 -19.25
N HIS A 181 -4.99 20.43 -19.63
CA HIS A 181 -5.23 20.71 -21.04
C HIS A 181 -3.96 20.60 -21.85
N ILE A 182 -2.81 20.89 -21.25
CA ILE A 182 -1.55 20.68 -21.97
C ILE A 182 -1.31 19.20 -22.19
N HIS A 183 -1.40 18.39 -21.11
CA HIS A 183 -1.14 16.96 -21.23
C HIS A 183 -2.02 16.31 -22.30
N LYS A 184 -3.29 16.73 -22.38
CA LYS A 184 -4.23 16.08 -23.29
C LYS A 184 -3.92 16.33 -24.76
N GLY A 185 -3.07 17.30 -25.09
CA GLY A 185 -2.57 17.39 -26.44
C GLY A 185 -2.54 18.79 -27.04
N LEU A 186 -3.04 19.79 -26.31
CA LEU A 186 -3.24 21.13 -26.87
C LEU A 186 -1.95 21.94 -26.77
N TYR A 187 -1.03 21.66 -27.69
CA TYR A 187 0.22 22.41 -27.79
C TYR A 187 0.73 22.27 -29.22
N GLY A 188 1.57 23.22 -29.62
CA GLY A 188 2.17 23.22 -30.94
C GLY A 188 3.27 24.25 -31.04
N ALA A 189 4.01 24.17 -32.13
CA ALA A 189 5.16 25.04 -32.39
C ALA A 189 4.73 26.34 -33.08
N PHE A 190 5.40 27.43 -32.73
CA PHE A 190 5.16 28.73 -33.33
C PHE A 190 6.53 29.34 -33.64
N ILE A 191 6.87 29.45 -34.91
CA ILE A 191 8.18 29.90 -35.34
C ILE A 191 8.04 31.27 -36.00
N ILE A 192 8.82 32.25 -35.54
CA ILE A 192 8.83 33.58 -36.13
C ILE A 192 10.21 33.78 -36.74
N ASP A 193 10.28 33.77 -38.09
CA ASP A 193 11.55 33.97 -38.77
C ASP A 193 12.05 35.41 -38.59
N PRO A 194 13.36 35.62 -38.47
CA PRO A 194 13.86 37.00 -38.48
C PRO A 194 13.67 37.64 -39.84
N ASP A 195 13.40 38.94 -39.81
CA ASP A 195 13.30 39.72 -41.04
C ASP A 195 14.68 40.28 -41.34
N PRO A 196 15.36 39.82 -42.38
CA PRO A 196 16.78 40.18 -42.57
C PRO A 196 17.00 41.67 -42.73
N GLU A 197 16.02 42.41 -43.24
CA GLU A 197 16.17 43.85 -43.38
C GLU A 197 16.17 44.57 -42.03
N ARG A 198 15.64 43.95 -40.98
CA ARG A 198 15.70 44.53 -39.64
C ARG A 198 16.99 44.19 -38.89
N HIS A 199 17.85 43.33 -39.45
CA HIS A 199 19.06 42.87 -38.76
C HIS A 199 20.24 42.89 -39.72
N PRO A 200 20.67 44.08 -40.12
CA PRO A 200 21.76 44.18 -41.12
C PRO A 200 23.09 43.62 -40.65
N GLU A 201 23.36 43.64 -39.35
CA GLU A 201 24.62 43.14 -38.83
C GLU A 201 24.70 41.61 -38.87
N TYR A 202 23.57 40.92 -38.97
CA TYR A 202 23.53 39.46 -39.02
C TYR A 202 22.71 39.00 -40.21
N GLN A 203 22.89 39.68 -41.34
CA GLN A 203 21.98 39.50 -42.47
C GLN A 203 22.03 38.08 -43.00
N ALA A 204 23.22 37.51 -43.13
CA ALA A 204 23.34 36.14 -43.62
C ALA A 204 22.66 35.16 -42.69
N ALA A 205 22.84 35.32 -41.37
CA ALA A 205 22.19 34.42 -40.43
C ALA A 205 20.67 34.55 -40.50
N ALA A 206 20.16 35.78 -40.60
CA ALA A 206 18.72 35.98 -40.75
C ALA A 206 18.20 35.31 -42.02
N ARG A 207 18.91 35.48 -43.14
CA ARG A 207 18.41 34.91 -44.40
C ARG A 207 18.37 33.39 -44.35
N ALA A 208 19.35 32.76 -43.70
CA ALA A 208 19.32 31.30 -43.57
C ALA A 208 18.12 30.81 -42.76
N ARG A 209 17.53 31.65 -41.92
CA ARG A 209 16.32 31.26 -41.19
C ARG A 209 15.02 31.64 -41.89
N LEU A 210 15.08 32.53 -42.89
CA LEU A 210 13.87 33.02 -43.52
C LEU A 210 13.42 31.98 -44.55
N LEU A 211 12.28 31.35 -44.29
CA LEU A 211 11.76 30.29 -45.14
C LEU A 211 11.66 30.73 -46.60
N GLY A 212 12.31 29.98 -47.49
CA GLY A 212 12.16 30.18 -48.92
C GLY A 212 13.33 30.85 -49.60
N THR A 213 14.19 31.58 -48.88
CA THR A 213 15.38 32.13 -49.48
C THR A 213 16.27 30.98 -49.99
N PRO A 214 17.16 31.27 -50.95
CA PRO A 214 18.12 30.21 -51.36
C PRO A 214 19.05 29.79 -50.24
N GLU A 215 19.47 30.71 -49.36
CA GLU A 215 20.24 30.31 -48.18
C GLU A 215 19.44 29.35 -47.31
N ASN A 216 18.16 29.63 -47.09
CA ASN A 216 17.36 28.78 -46.23
C ASN A 216 17.15 27.40 -46.84
N GLN A 217 17.15 27.33 -48.18
CA GLN A 217 16.89 26.04 -48.83
C GLN A 217 18.08 25.11 -48.72
N ALA A 218 19.29 25.68 -48.60
CA ALA A 218 20.46 24.85 -48.29
C ALA A 218 20.33 24.14 -46.94
N TRP A 219 19.64 24.74 -45.98
CA TRP A 219 19.51 24.15 -44.65
C TRP A 219 18.44 23.06 -44.64
N GLN A 220 18.72 21.96 -43.94
CA GLN A 220 17.72 20.96 -43.60
C GLN A 220 17.11 21.33 -42.24
N GLU A 221 15.88 21.85 -42.25
CA GLU A 221 15.20 22.30 -41.04
C GLU A 221 14.15 21.28 -40.59
N PHE A 222 14.13 21.00 -39.29
CA PHE A 222 13.19 20.05 -38.70
C PHE A 222 12.59 20.67 -37.45
N VAL A 223 11.31 20.38 -37.20
CA VAL A 223 10.66 20.80 -35.96
C VAL A 223 10.48 19.56 -35.10
N MET A 224 10.82 19.68 -33.82
CA MET A 224 10.77 18.55 -32.89
C MET A 224 10.18 18.99 -31.55
N VAL A 225 9.09 18.34 -31.14
CA VAL A 225 8.37 18.64 -29.92
C VAL A 225 8.51 17.44 -28.98
N MET A 226 9.25 17.63 -27.89
CA MET A 226 9.39 16.61 -26.87
C MET A 226 8.12 16.56 -26.04
N ASN A 227 7.41 15.43 -26.08
CA ASN A 227 6.18 15.31 -25.32
C ASN A 227 6.13 13.94 -24.66
N GLY A 228 5.08 13.75 -23.85
CA GLY A 228 4.92 12.54 -23.09
C GLY A 228 3.45 12.31 -22.80
N PHE A 229 3.12 11.06 -22.48
CA PHE A 229 1.72 10.68 -22.30
C PHE A 229 1.57 9.80 -21.08
N ASP A 230 0.59 10.16 -20.26
CA ASP A 230 0.25 9.49 -19.00
C ASP A 230 -1.06 8.75 -19.31
N THR A 231 -0.93 7.47 -19.69
CA THR A 231 -2.06 6.75 -20.25
C THR A 231 -3.05 6.25 -19.20
N ASN A 232 -2.64 6.10 -17.95
CA ASN A 232 -3.58 5.75 -16.88
C ASN A 232 -3.92 6.94 -15.98
N PHE A 233 -3.49 8.16 -16.35
CA PHE A 233 -3.96 9.41 -15.75
C PHE A 233 -3.75 9.44 -14.23
N ASP A 234 -2.55 9.06 -13.81
CA ASP A 234 -2.12 9.20 -12.43
C ASP A 234 -0.99 10.21 -12.29
N GLU A 235 -0.81 11.07 -13.30
CA GLU A 235 0.16 12.16 -13.32
C GLU A 235 1.62 11.69 -13.41
N GLU A 236 1.87 10.50 -13.96
CA GLU A 236 3.22 10.04 -14.28
C GLU A 236 3.20 9.52 -15.70
N ASN A 237 4.14 9.98 -16.53
CA ASN A 237 4.14 9.58 -17.94
C ASN A 237 4.53 8.11 -18.10
N GLU A 238 3.82 7.42 -19.01
CA GLU A 238 4.17 6.08 -19.46
C GLU A 238 5.01 6.09 -20.73
N VAL A 239 4.76 7.06 -21.61
CA VAL A 239 5.33 7.08 -22.94
C VAL A 239 5.98 8.44 -23.16
N TYR A 240 7.17 8.43 -23.75
CA TYR A 240 7.86 9.66 -24.10
C TYR A 240 8.16 9.62 -25.59
N ALA A 241 8.29 10.81 -26.18
CA ALA A 241 8.54 10.84 -27.61
C ALA A 241 9.07 12.20 -28.01
N VAL A 242 9.60 12.22 -29.22
CA VAL A 242 9.72 13.44 -30.00
CA VAL A 242 9.71 13.44 -30.00
C VAL A 242 8.67 13.32 -31.10
N ASN A 243 7.72 14.27 -31.13
CA ASN A 243 6.63 14.29 -32.11
C ASN A 243 5.72 13.07 -31.95
N THR A 244 5.37 12.76 -30.69
CA THR A 244 4.23 11.93 -30.31
C THR A 244 4.44 10.42 -30.45
N VAL A 245 4.98 9.96 -31.56
CA VAL A 245 5.07 8.52 -31.80
C VAL A 245 6.37 8.00 -31.20
N ALA A 246 6.24 7.16 -30.18
CA ALA A 246 7.40 6.56 -29.51
C ALA A 246 8.29 5.85 -30.53
N HIS A 247 9.59 6.14 -30.46
CA HIS A 247 10.63 5.51 -31.29
C HIS A 247 10.35 5.63 -32.79
N ALA A 248 9.53 6.59 -33.23
CA ALA A 248 9.18 6.69 -34.65
C ALA A 248 10.40 6.81 -35.54
N TYR A 249 11.46 7.48 -35.07
CA TYR A 249 12.65 7.69 -35.88
C TYR A 249 13.74 6.64 -35.60
N MET A 250 13.42 5.62 -34.79
CA MET A 250 14.18 4.38 -34.80
C MET A 250 13.65 3.46 -35.90
N LYS A 251 12.32 3.36 -36.03
CA LYS A 251 11.73 2.55 -37.08
C LYS A 251 12.05 3.12 -38.45
N ARG A 252 12.07 4.45 -38.58
CA ARG A 252 12.36 5.11 -39.85
C ARG A 252 13.26 6.32 -39.58
N PRO A 253 14.57 6.17 -39.74
CA PRO A 253 15.49 7.28 -39.42
C PRO A 253 15.26 8.49 -40.33
N ILE A 254 15.68 9.65 -39.82
CA ILE A 254 15.55 10.92 -40.53
C ILE A 254 16.74 11.04 -41.48
N ARG A 255 16.46 11.12 -42.78
CA ARG A 255 17.53 11.15 -43.77
C ARG A 255 18.13 12.55 -43.88
N ILE A 256 19.47 12.61 -43.83
CA ILE A 256 20.25 13.84 -43.76
C ILE A 256 21.31 13.81 -44.86
N GLU A 257 21.33 14.85 -45.69
CA GLU A 257 22.43 14.99 -46.65
C GLU A 257 23.65 15.53 -45.93
N ARG A 258 24.74 14.78 -46.03
CA ARG A 258 26.02 15.11 -45.43
C ARG A 258 26.44 16.56 -45.67
N ASP A 259 26.29 17.04 -46.90
CA ASP A 259 26.85 18.33 -47.30
C ASP A 259 25.97 19.51 -46.96
N ARG A 260 24.84 19.30 -46.29
CA ARG A 260 24.00 20.43 -45.94
C ARG A 260 23.82 20.53 -44.42
N PRO A 261 23.87 21.73 -43.87
CA PRO A 261 23.72 21.87 -42.41
C PRO A 261 22.30 21.54 -41.97
N VAL A 262 22.16 21.31 -40.66
CA VAL A 262 20.91 20.86 -40.07
C VAL A 262 20.48 21.85 -39.00
N ARG A 263 19.21 22.24 -39.01
CA ARG A 263 18.64 23.08 -37.98
C ARG A 263 17.43 22.39 -37.37
N ILE A 264 17.39 22.31 -36.03
CA ILE A 264 16.24 21.77 -35.31
C ILE A 264 15.59 22.87 -34.47
N TYR A 265 14.28 23.01 -34.62
CA TYR A 265 13.45 23.82 -33.71
C TYR A 265 12.92 22.85 -32.67
N LEU A 266 13.51 22.88 -31.46
CA LEU A 266 13.23 21.92 -30.41
C LEU A 266 12.43 22.56 -29.29
N ILE A 267 11.31 21.95 -28.92
CA ILE A 267 10.37 22.51 -27.97
C ILE A 267 10.02 21.47 -26.92
N ASN A 268 9.96 21.88 -25.65
CA ASN A 268 9.60 20.97 -24.57
C ASN A 268 8.15 21.20 -24.15
N ALA A 269 7.29 20.24 -24.49
CA ALA A 269 5.89 20.24 -24.07
C ALA A 269 5.60 19.18 -23.01
N THR A 270 6.62 18.53 -22.47
CA THR A 270 6.40 17.40 -21.57
C THR A 270 5.83 17.87 -20.24
N GLU A 271 4.71 17.28 -19.84
CA GLU A 271 4.07 17.58 -18.58
C GLU A 271 4.58 16.64 -17.46
N PHE A 272 4.38 17.06 -16.20
CA PHE A 272 4.64 16.27 -14.99
C PHE A 272 6.13 16.13 -14.66
N ASP A 273 6.97 15.97 -15.67
CA ASP A 273 8.40 15.89 -15.37
C ASP A 273 9.04 17.27 -15.44
N PRO A 274 9.95 17.57 -14.52
CA PRO A 274 10.53 18.93 -14.50
C PRO A 274 11.33 19.28 -15.75
N ILE A 275 12.18 18.40 -16.26
CA ILE A 275 13.00 18.76 -17.42
C ILE A 275 12.98 17.65 -18.46
N ASN A 276 13.35 18.01 -19.67
CA ASN A 276 13.62 17.08 -20.76
C ASN A 276 14.94 17.50 -21.39
N SER A 277 15.49 16.66 -22.26
CA SER A 277 16.80 17.00 -22.81
C SER A 277 16.98 16.40 -24.19
N PHE A 278 18.12 16.76 -24.79
CA PHE A 278 18.48 16.36 -26.15
C PHE A 278 19.97 16.12 -26.18
N HIS A 279 20.38 14.87 -26.45
CA HIS A 279 21.79 14.55 -26.63
C HIS A 279 21.99 14.10 -28.07
N LEU A 280 22.93 14.74 -28.78
CA LEU A 280 23.30 14.40 -30.14
C LEU A 280 24.53 13.50 -30.10
N HIS A 281 24.41 12.27 -30.60
CA HIS A 281 25.55 11.37 -30.62
C HIS A 281 26.58 11.77 -31.66
N ALA A 282 27.86 11.69 -31.28
CA ALA A 282 29.00 11.73 -32.18
C ALA A 282 29.23 13.11 -32.80
N ASN A 283 28.47 14.13 -32.42
CA ASN A 283 28.58 15.45 -33.02
C ASN A 283 28.16 16.48 -31.98
N PHE A 284 28.48 17.75 -32.25
CA PHE A 284 28.17 18.86 -31.37
C PHE A 284 27.37 19.90 -32.14
N PHE A 285 26.58 20.70 -31.42
CA PHE A 285 25.73 21.71 -32.04
C PHE A 285 25.89 23.03 -31.31
N ASP A 286 25.47 24.09 -31.99
CA ASP A 286 25.24 25.39 -31.36
C ASP A 286 23.79 25.48 -30.94
N TYR A 287 23.56 26.02 -29.75
CA TYR A 287 22.23 26.15 -29.19
C TYR A 287 21.85 27.62 -29.09
N TYR A 288 20.62 27.94 -29.50
CA TYR A 288 20.07 29.30 -29.46
C TYR A 288 18.86 29.24 -28.56
N ASP A 289 19.01 29.69 -27.32
CA ASP A 289 17.91 29.62 -26.34
C ASP A 289 16.75 30.50 -26.79
N HIS A 290 15.56 29.90 -26.91
CA HIS A 290 14.35 30.56 -27.41
C HIS A 290 14.48 31.01 -28.87
N GLY A 291 15.63 30.71 -29.51
CA GLY A 291 15.92 31.17 -30.85
C GLY A 291 15.91 32.67 -31.05
N THR A 292 15.95 33.44 -29.97
CA THR A 292 15.73 34.88 -30.01
C THR A 292 16.98 35.71 -30.29
N THR A 293 18.13 35.08 -30.49
CA THR A 293 19.36 35.77 -30.87
C THR A 293 19.88 35.12 -32.14
N LEU A 294 20.60 35.89 -32.94
CA LEU A 294 21.19 35.36 -34.17
C LEU A 294 22.63 34.93 -33.97
N THR A 295 23.16 35.05 -32.75
CA THR A 295 24.40 34.43 -32.31
C THR A 295 24.10 33.37 -31.26
N PRO A 296 24.88 32.29 -31.21
CA PRO A 296 24.54 31.18 -30.30
C PRO A 296 24.55 31.57 -28.83
N THR A 297 23.63 30.99 -28.07
CA THR A 297 23.70 31.04 -26.60
C THR A 297 24.82 30.15 -26.08
N LEU A 298 24.89 28.91 -26.58
CA LEU A 298 25.94 27.97 -26.22
C LEU A 298 26.60 27.50 -27.50
N LYS A 299 27.90 27.69 -27.60
CA LYS A 299 28.68 27.17 -28.71
C LYS A 299 29.18 25.76 -28.36
N THR A 300 29.03 24.84 -29.32
CA THR A 300 29.68 23.52 -29.29
C THR A 300 29.30 22.73 -28.03
N VAL A 301 28.02 22.35 -27.98
CA VAL A 301 27.53 21.46 -26.92
C VAL A 301 26.93 20.23 -27.56
N ASP A 302 26.76 19.17 -26.77
CA ASP A 302 26.06 17.98 -27.26
C ASP A 302 24.90 17.54 -26.40
N THR A 303 24.69 18.16 -25.24
CA THR A 303 23.54 17.83 -24.40
C THR A 303 23.00 19.13 -23.82
N ILE A 304 21.72 19.42 -24.08
CA ILE A 304 21.06 20.57 -23.48
C ILE A 304 19.80 20.08 -22.77
N MET A 305 19.33 20.88 -21.82
CA MET A 305 18.08 20.57 -21.14
C MET A 305 17.15 21.77 -21.17
N GLN A 306 15.86 21.48 -21.06
CA GLN A 306 14.80 22.47 -21.12
C GLN A 306 13.72 22.07 -20.11
N CYS A 307 13.21 23.03 -19.34
CA CYS A 307 11.96 22.76 -18.64
C CYS A 307 10.80 22.94 -19.63
N GLN A 308 9.61 22.54 -19.21
CA GLN A 308 8.44 22.76 -20.05
C GLN A 308 8.28 24.23 -20.38
N GLY A 309 7.92 24.52 -21.63
CA GLY A 309 7.79 25.89 -22.09
C GLY A 309 9.08 26.51 -22.59
N GLN A 310 10.22 25.90 -22.28
CA GLN A 310 11.46 26.32 -22.92
C GLN A 310 11.62 25.62 -24.26
N ARG A 311 12.51 26.16 -25.08
CA ARG A 311 12.63 25.73 -26.47
C ARG A 311 13.81 26.49 -27.02
N GLY A 312 14.27 26.08 -28.20
CA GLY A 312 15.41 26.72 -28.80
C GLY A 312 15.75 26.10 -30.14
N ILE A 313 16.81 26.63 -30.74
CA ILE A 313 17.26 26.23 -32.07
C ILE A 313 18.64 25.58 -31.93
N LEU A 314 18.79 24.39 -32.53
CA LEU A 314 20.06 23.68 -32.57
C LEU A 314 20.55 23.71 -34.02
N GLU A 315 21.82 24.07 -34.22
CA GLU A 315 22.42 24.03 -35.55
C GLU A 315 23.67 23.17 -35.51
N PHE A 316 23.80 22.29 -36.50
CA PHE A 316 24.96 21.42 -36.58
C PHE A 316 25.11 20.97 -38.01
N SER A 317 26.18 20.22 -38.27
CA SER A 317 26.47 19.76 -39.61
C SER A 317 27.19 18.41 -39.51
N PHE A 318 26.75 17.46 -40.33
CA PHE A 318 27.45 16.19 -40.46
C PHE A 318 28.41 16.19 -41.65
N ASN A 319 28.82 17.36 -42.11
CA ASN A 319 29.69 17.45 -43.26
C ASN A 319 30.99 16.71 -42.98
N GLY A 320 31.35 15.79 -43.88
CA GLY A 320 32.57 15.04 -43.75
C GLY A 320 32.49 13.79 -42.89
N PHE A 321 31.32 13.45 -42.38
CA PHE A 321 31.16 12.29 -41.51
C PHE A 321 30.98 11.04 -42.36
N GLU A 322 31.42 9.92 -41.82
CA GLU A 322 31.10 8.63 -42.41
C GLU A 322 29.58 8.47 -42.48
N PRO A 323 29.02 8.05 -43.61
CA PRO A 323 27.57 7.78 -43.65
C PRO A 323 27.19 6.71 -42.65
N GLY A 324 26.01 6.85 -42.07
CA GLY A 324 25.56 5.88 -41.09
C GLY A 324 24.46 6.45 -40.22
N LEU A 325 24.22 5.78 -39.10
CA LEU A 325 23.15 6.14 -38.18
C LEU A 325 23.75 6.88 -36.99
N TYR A 326 23.20 8.04 -36.69
CA TYR A 326 23.68 8.90 -35.60
C TYR A 326 22.49 9.15 -34.68
N MET A 327 22.56 8.62 -33.47
CA MET A 327 21.44 8.65 -32.54
C MET A 327 21.25 10.03 -31.91
N PHE A 328 20.00 10.31 -31.52
CA PHE A 328 19.68 11.46 -30.69
C PHE A 328 18.54 11.06 -29.76
N HIS A 329 18.61 11.54 -28.53
CA HIS A 329 17.66 11.08 -27.53
C HIS A 329 17.84 11.92 -26.28
N ALA A 330 16.87 11.79 -25.38
CA ALA A 330 16.95 12.42 -24.08
C ALA A 330 18.06 11.78 -23.26
N HIS A 331 18.79 12.61 -22.50
CA HIS A 331 19.75 12.06 -21.55
C HIS A 331 19.12 11.75 -20.19
N GLN A 332 17.79 11.74 -20.10
CA GLN A 332 17.10 11.06 -19.01
C GLN A 332 16.85 9.64 -19.52
N SER A 333 17.66 8.69 -19.04
CA SER A 333 17.74 7.39 -19.70
C SER A 333 16.38 6.73 -19.86
N GLU A 334 15.52 6.82 -18.84
CA GLU A 334 14.21 6.20 -18.92
C GLU A 334 13.35 6.82 -20.02
N PHE A 335 13.42 8.14 -20.22
CA PHE A 335 12.66 8.74 -21.34
C PHE A 335 13.07 8.13 -22.66
N ALA A 336 14.37 7.93 -22.87
CA ALA A 336 14.84 7.34 -24.12
C ALA A 336 14.34 5.91 -24.25
N GLU A 337 14.43 5.13 -23.17
CA GLU A 337 13.95 3.75 -23.19
C GLU A 337 12.46 3.67 -23.51
N LEU A 338 11.69 4.70 -23.12
CA LEU A 338 10.24 4.69 -23.24
C LEU A 338 9.74 5.43 -24.46
N GLY A 339 10.62 5.79 -25.41
CA GLY A 339 10.19 6.26 -26.70
C GLY A 339 10.89 7.48 -27.26
N TRP A 340 11.63 8.21 -26.42
CA TRP A 340 12.29 9.44 -26.85
CA TRP A 340 12.29 9.44 -26.86
C TRP A 340 13.74 9.13 -27.24
N MET A 341 13.86 8.46 -28.38
CA MET A 341 15.12 8.11 -29.01
C MET A 341 14.88 8.00 -30.51
N GLY A 342 15.82 8.53 -31.28
CA GLY A 342 15.72 8.46 -32.73
C GLY A 342 17.09 8.38 -33.38
N ASN A 343 17.08 8.15 -34.69
CA ASN A 343 18.28 8.10 -35.50
C ASN A 343 18.21 9.12 -36.65
N PHE A 344 19.33 9.81 -36.88
CA PHE A 344 19.60 10.46 -38.17
C PHE A 344 20.30 9.45 -39.05
N GLU A 345 19.93 9.39 -40.33
CA GLU A 345 20.64 8.56 -41.30
C GLU A 345 21.41 9.51 -42.22
N VAL A 346 22.72 9.60 -42.01
CA VAL A 346 23.56 10.49 -42.80
C VAL A 346 23.95 9.77 -44.08
N ILE A 347 23.67 10.37 -45.23
CA ILE A 347 23.88 9.73 -46.52
C ILE A 347 24.93 10.52 -47.30
N GLU A 348 25.69 9.78 -48.13
CA GLU A 348 26.76 10.33 -48.98
C GLU A 348 26.48 11.70 -49.61
N GLY B 50 0.35 39.76 10.35
CA GLY B 50 1.81 39.79 10.33
C GLY B 50 2.42 40.03 8.96
N PHE B 51 2.60 38.96 8.19
CA PHE B 51 3.35 39.06 6.94
C PHE B 51 2.49 39.68 5.85
N ASP B 52 3.07 40.64 5.15
CA ASP B 52 2.36 41.35 4.09
C ASP B 52 3.08 41.12 2.78
N PRO B 53 2.62 40.19 1.94
CA PRO B 53 3.32 39.89 0.69
C PRO B 53 3.32 41.04 -0.31
N TYR B 54 2.38 41.97 -0.20
CA TYR B 54 2.34 43.11 -1.11
C TYR B 54 3.41 44.13 -0.74
N ALA B 55 3.59 44.39 0.57
CA ALA B 55 4.65 45.28 1.00
C ALA B 55 6.03 44.65 0.84
N PHE B 56 6.13 43.33 1.01
CA PHE B 56 7.43 42.66 0.89
C PHE B 56 8.08 42.91 -0.47
N LEU B 57 7.28 43.00 -1.53
CA LEU B 57 7.81 43.15 -2.89
C LEU B 57 8.84 44.28 -3.01
N THR B 58 8.62 45.40 -2.30
CA THR B 58 9.44 46.60 -2.47
C THR B 58 10.11 47.02 -1.17
N HIS B 59 10.22 46.13 -0.19
CA HIS B 59 10.84 46.44 1.08
C HIS B 59 12.33 46.09 1.04
N TRP B 60 13.18 47.07 1.30
CA TRP B 60 14.63 46.91 1.34
C TRP B 60 15.12 47.26 2.74
N GLU B 61 15.78 46.33 3.39
CA GLU B 61 16.41 46.56 4.68
C GLU B 61 17.87 46.95 4.41
N THR B 62 18.21 48.21 4.66
CA THR B 62 19.55 48.71 4.30
C THR B 62 20.46 48.90 5.49
N GLY B 63 20.00 48.62 6.73
CA GLY B 63 20.87 48.58 7.89
C GLY B 63 21.13 49.93 8.54
N GLU B 64 21.83 49.87 9.66
CA GLU B 64 22.32 51.06 10.35
C GLU B 64 23.67 51.42 9.76
N VAL B 65 23.74 52.60 9.13
CA VAL B 65 24.90 52.99 8.32
C VAL B 65 25.87 53.78 9.18
N SER B 66 27.16 53.53 9.01
CA SER B 66 28.21 54.34 9.61
C SER B 66 29.47 54.22 8.75
N THR B 67 30.57 54.76 9.26
CA THR B 67 31.84 54.79 8.52
C THR B 67 32.93 54.19 9.40
N LEU B 68 33.61 53.17 8.89
CA LEU B 68 34.78 52.64 9.55
C LEU B 68 35.92 53.66 9.49
N PRO B 69 36.95 53.51 10.34
CA PRO B 69 38.09 54.46 10.28
C PRO B 69 38.68 54.60 8.89
N SER B 70 38.75 53.52 8.12
CA SER B 70 39.29 53.55 6.76
C SER B 70 38.42 54.31 5.78
N GLY B 71 37.23 54.74 6.18
CA GLY B 71 36.30 55.32 5.24
C GLY B 71 35.39 54.31 4.58
N GLN B 72 35.60 53.01 4.82
CA GLN B 72 34.67 52.02 4.30
C GLN B 72 33.32 52.20 4.99
N THR B 73 32.26 52.07 4.20
CA THR B 73 30.90 52.13 4.74
C THR B 73 30.58 50.85 5.53
N LEU B 74 29.89 51.00 6.65
CA LEU B 74 29.49 49.89 7.50
C LEU B 74 27.97 49.82 7.54
N ARG B 75 27.42 48.63 7.35
CA ARG B 75 25.99 48.40 7.47
C ARG B 75 25.73 47.29 8.48
N GLU B 76 24.90 47.58 9.48
CA GLU B 76 24.63 46.66 10.58
C GLU B 76 23.17 46.25 10.58
N PHE B 77 22.93 44.97 10.84
CA PHE B 77 21.60 44.37 10.84
C PHE B 77 21.41 43.51 12.07
N ASN B 78 20.16 43.37 12.50
CA ASN B 78 19.81 42.51 13.63
C ASN B 78 18.84 41.45 13.16
N ILE B 79 19.23 40.19 13.31
CA ILE B 79 18.42 39.05 12.89
C ILE B 79 18.24 38.15 14.10
N VAL B 80 16.99 37.81 14.39
CA VAL B 80 16.63 36.85 15.42
C VAL B 80 15.91 35.68 14.75
N ALA B 81 16.38 34.46 15.02
CA ALA B 81 15.61 33.27 14.65
C ALA B 81 14.53 33.04 15.69
N VAL B 82 13.28 32.90 15.23
CA VAL B 82 12.17 32.64 16.14
C VAL B 82 11.18 31.68 15.47
N ASP B 83 10.75 30.66 16.23
CA ASP B 83 9.68 29.76 15.81
C ASP B 83 8.37 30.53 15.80
N LYS B 84 7.59 30.39 14.73
CA LYS B 84 6.43 31.25 14.57
C LYS B 84 5.46 30.61 13.59
N GLU B 85 4.16 30.74 13.88
CA GLU B 85 3.12 30.43 12.92
C GLU B 85 3.19 31.39 11.74
N ILE B 86 3.06 30.87 10.52
CA ILE B 86 2.85 31.73 9.35
C ILE B 86 1.63 31.21 8.60
N GLU B 87 1.06 32.08 7.78
CA GLU B 87 -0.15 31.80 7.02
C GLU B 87 0.21 31.76 5.53
N ILE B 88 0.06 30.60 4.89
CA ILE B 88 0.47 30.47 3.49
C ILE B 88 -0.73 30.51 2.56
N ALA B 89 -1.92 30.52 3.11
CA ALA B 89 -3.21 30.71 2.45
C ALA B 89 -4.22 30.97 3.55
N PRO B 90 -5.33 31.64 3.26
CA PRO B 90 -6.26 31.98 4.36
C PRO B 90 -6.79 30.72 5.02
N GLY B 91 -6.42 30.53 6.28
CA GLY B 91 -6.76 29.35 7.01
C GLY B 91 -5.78 28.21 6.94
N VAL B 92 -4.65 28.38 6.24
CA VAL B 92 -3.62 27.34 6.21
C VAL B 92 -2.42 27.84 6.99
N TYR B 93 -2.17 27.22 8.15
CA TYR B 93 -1.12 27.62 9.07
C TYR B 93 0.05 26.65 8.99
N PHE B 94 1.26 27.18 9.00
CA PHE B 94 2.46 26.37 8.85
C PHE B 94 3.39 26.65 10.02
N PRO B 95 3.87 25.65 10.70
CA PRO B 95 4.77 25.89 11.83
C PRO B 95 6.19 26.22 11.38
N ALA B 96 6.55 27.50 11.33
CA ALA B 96 7.76 27.93 10.66
C ALA B 96 8.90 28.20 11.64
N TRP B 97 10.13 28.06 11.14
CA TRP B 97 11.32 28.64 11.74
C TRP B 97 11.66 29.85 10.89
N THR B 98 11.75 31.03 11.52
CA THR B 98 11.81 32.28 10.77
C THR B 98 12.98 33.13 11.24
N TYR B 99 13.45 33.99 10.33
CA TYR B 99 14.28 35.12 10.68
C TYR B 99 13.39 36.34 10.88
N ASN B 100 13.45 36.96 12.07
CA ASN B 100 12.68 38.17 12.37
C ASN B 100 11.19 37.99 12.18
N GLY B 101 10.69 36.76 12.30
CA GLY B 101 9.26 36.54 12.38
C GLY B 101 8.52 36.54 11.06
N GLN B 102 9.22 36.39 9.94
CA GLN B 102 8.59 36.38 8.63
C GLN B 102 9.30 35.38 7.73
N VAL B 103 8.54 34.81 6.79
CA VAL B 103 9.06 33.97 5.73
C VAL B 103 8.61 34.57 4.40
N PRO B 104 9.53 34.91 3.47
CA PRO B 104 11.00 34.87 3.58
C PRO B 104 11.50 35.85 4.63
N GLY B 105 12.75 35.71 5.08
CA GLY B 105 13.32 36.65 5.99
C GLY B 105 13.51 38.02 5.35
N PRO B 106 13.94 38.99 6.16
CA PRO B 106 14.11 40.36 5.66
C PRO B 106 15.04 40.40 4.45
N THR B 107 14.70 41.23 3.47
CA THR B 107 15.57 41.41 2.30
C THR B 107 16.69 42.40 2.66
N LEU B 108 17.93 41.92 2.71
CA LEU B 108 19.07 42.76 3.05
C LEU B 108 19.68 43.31 1.75
N ARG B 109 19.85 44.62 1.69
CA ARG B 109 20.34 45.26 0.48
C ARG B 109 21.45 46.22 0.85
N VAL B 110 22.64 46.01 0.27
CA VAL B 110 23.84 46.77 0.57
C VAL B 110 24.51 47.14 -0.75
N THR B 111 25.63 47.86 -0.64
CA THR B 111 26.44 48.24 -1.79
C THR B 111 27.73 47.44 -1.80
N GLU B 112 28.13 46.99 -2.99
CA GLU B 112 29.43 46.36 -3.24
C GLU B 112 30.53 47.08 -2.47
N GLY B 113 31.30 46.33 -1.69
CA GLY B 113 32.38 46.91 -0.92
C GLY B 113 32.02 47.37 0.50
N ASP B 114 30.74 47.42 0.85
CA ASP B 114 30.35 47.74 2.21
C ASP B 114 30.88 46.68 3.18
N ARG B 115 31.22 47.13 4.38
CA ARG B 115 31.40 46.17 5.48
C ARG B 115 30.03 45.85 6.06
N VAL B 116 29.72 44.57 6.19
CA VAL B 116 28.40 44.10 6.61
C VAL B 116 28.57 43.38 7.94
N ARG B 117 27.76 43.75 8.93
CA ARG B 117 27.68 43.06 10.22
C ARG B 117 26.24 42.62 10.46
N VAL B 118 26.05 41.32 10.64
CA VAL B 118 24.75 40.76 10.96
C VAL B 118 24.82 40.20 12.37
N HIS B 119 24.20 40.89 13.33
CA HIS B 119 24.09 40.40 14.70
C HIS B 119 22.96 39.39 14.75
N PHE B 120 23.30 38.13 14.97
CA PHE B 120 22.35 37.04 14.88
C PHE B 120 22.14 36.48 16.28
N HIS B 121 20.88 36.43 16.71
CA HIS B 121 20.53 35.78 17.97
C HIS B 121 19.53 34.66 17.69
N ASN B 122 19.71 33.52 18.34
CA ASN B 122 18.80 32.41 18.19
C ASN B 122 17.82 32.41 19.37
N ALA B 123 16.58 32.83 19.09
CA ALA B 123 15.51 32.75 20.08
C ALA B 123 14.61 31.55 19.83
N GLY B 124 15.07 30.56 19.06
CA GLY B 124 14.27 29.40 18.72
C GLY B 124 14.51 28.25 19.67
N SER B 125 14.09 27.06 19.25
CA SER B 125 14.28 25.87 20.07
C SER B 125 15.26 24.87 19.48
N HIS B 126 15.75 25.10 18.25
CA HIS B 126 16.73 24.27 17.57
C HIS B 126 17.93 25.13 17.18
N PRO B 127 19.12 24.53 17.04
CA PRO B 127 20.27 25.30 16.55
C PRO B 127 20.07 25.73 15.10
N HIS B 128 20.60 26.93 14.77
CA HIS B 128 20.47 27.50 13.44
C HIS B 128 21.75 28.25 13.08
N THR B 129 21.90 28.56 11.78
CA THR B 129 22.95 29.46 11.30
C THR B 129 22.34 30.43 10.29
N ILE B 130 23.18 31.35 9.81
CA ILE B 130 22.93 32.07 8.57
C ILE B 130 24.10 31.77 7.65
N HIS B 131 23.83 31.08 6.54
CA HIS B 131 24.82 30.89 5.48
C HIS B 131 24.48 31.88 4.37
N PHE B 132 25.35 32.87 4.15
CA PHE B 132 25.21 33.81 3.04
C PHE B 132 25.80 33.22 1.75
N HIS B 133 25.13 33.45 0.63
CA HIS B 133 25.74 33.21 -0.67
C HIS B 133 26.49 34.49 -1.02
N GLY B 134 27.81 34.46 -0.86
CA GLY B 134 28.63 35.65 -1.03
C GLY B 134 30.02 35.32 -0.56
N ILE B 135 30.94 36.25 -0.81
CA ILE B 135 32.34 36.02 -0.44
C ILE B 135 32.53 36.40 1.01
N HIS B 136 33.15 35.53 1.79
CA HIS B 136 33.36 35.75 3.22
C HIS B 136 34.35 34.71 3.73
N PRO B 137 34.95 34.95 4.89
CA PRO B 137 35.85 33.94 5.49
C PRO B 137 35.11 32.67 5.87
N ALA B 138 35.87 31.56 5.90
CA ALA B 138 35.31 30.28 6.32
C ALA B 138 34.61 30.36 7.67
N SER B 139 35.20 31.06 8.63
CA SER B 139 34.59 31.13 9.95
C SER B 139 33.29 31.93 9.96
N MET B 140 32.99 32.67 8.89
CA MET B 140 31.74 33.42 8.77
C MET B 140 30.74 32.74 7.84
N ASP B 141 30.94 31.45 7.56
CA ASP B 141 30.21 30.76 6.51
C ASP B 141 28.89 30.18 6.97
N GLY B 142 28.63 30.14 8.29
CA GLY B 142 27.34 29.67 8.78
C GLY B 142 27.07 28.20 8.52
N VAL B 143 28.10 27.36 8.65
CA VAL B 143 27.91 25.92 8.54
C VAL B 143 28.26 25.30 9.89
N PRO B 144 27.82 24.07 10.15
CA PRO B 144 28.05 23.47 11.46
C PRO B 144 29.53 23.30 11.87
N GLY B 145 30.43 23.04 10.93
CA GLY B 145 31.77 22.61 11.31
C GLY B 145 32.89 23.63 11.28
N THR B 146 32.62 24.93 11.15
CA THR B 146 33.67 25.95 11.13
C THR B 146 33.26 27.12 12.01
N GLY B 147 34.22 28.00 12.28
CA GLY B 147 33.99 29.19 13.07
C GLY B 147 33.31 28.85 14.40
N PRO B 148 32.22 29.55 14.71
CA PRO B 148 31.46 29.22 15.92
C PRO B 148 30.63 27.96 15.82
N GLY B 149 30.37 27.46 14.61
CA GLY B 149 29.44 26.35 14.44
C GLY B 149 27.99 26.82 14.44
N MET B 150 27.10 25.90 14.75
CA MET B 150 25.69 26.26 14.83
C MET B 150 25.43 27.12 16.05
N ILE B 151 24.47 28.03 15.93
CA ILE B 151 24.11 28.94 17.00
C ILE B 151 22.93 28.30 17.74
N TYR B 152 23.14 27.91 19.00
CA TYR B 152 22.13 27.18 19.75
C TYR B 152 21.16 28.15 20.44
N PRO B 153 20.01 27.66 20.88
CA PRO B 153 19.03 28.54 21.53
C PRO B 153 19.68 29.35 22.67
N GLY B 154 19.41 30.67 22.67
CA GLY B 154 20.00 31.57 23.64
C GLY B 154 21.34 32.16 23.27
N GLU B 155 21.95 31.74 22.16
CA GLU B 155 23.28 32.21 21.79
C GLU B 155 23.20 33.32 20.74
N SER B 156 24.31 34.04 20.59
CA SER B 156 24.42 35.16 19.69
C SER B 156 25.74 35.09 18.96
N PHE B 157 25.77 35.58 17.73
CA PHE B 157 27.01 35.60 16.97
C PHE B 157 26.89 36.67 15.91
N THR B 158 27.99 37.36 15.64
CA THR B 158 28.00 38.43 14.64
C THR B 158 28.73 37.94 13.41
N TYR B 159 27.99 37.80 12.30
CA TYR B 159 28.60 37.54 10.99
C TYR B 159 29.14 38.85 10.43
N GLU B 160 30.37 38.81 9.93
CA GLU B 160 31.02 40.03 9.46
C GLU B 160 31.78 39.70 8.19
N PHE B 161 31.60 40.51 7.15
CA PHE B 161 32.31 40.29 5.90
C PHE B 161 32.17 41.54 5.05
N ASP B 162 32.97 41.60 3.99
CA ASP B 162 32.86 42.63 2.96
C ASP B 162 31.89 42.18 1.86
N ALA B 163 31.00 43.08 1.44
CA ALA B 163 29.91 42.71 0.53
C ALA B 163 30.44 42.60 -0.90
N TYR B 164 30.80 41.39 -1.30
CA TYR B 164 31.21 41.02 -2.64
C TYR B 164 30.58 39.67 -2.95
N PRO B 165 30.31 39.37 -4.22
CA PRO B 165 30.38 40.27 -5.37
C PRO B 165 29.01 40.94 -5.58
N PHE B 166 28.96 42.03 -6.35
CA PHE B 166 27.66 42.62 -6.63
C PHE B 166 26.80 41.58 -7.36
N GLY B 167 25.51 41.60 -7.07
CA GLY B 167 24.59 40.70 -7.71
C GLY B 167 23.40 40.44 -6.82
N CYS B 168 22.63 39.44 -7.22
CA CYS B 168 21.43 39.01 -6.52
C CYS B 168 21.78 37.73 -5.79
N HIS B 169 21.65 37.73 -4.47
CA HIS B 169 22.10 36.60 -3.68
C HIS B 169 21.03 36.21 -2.67
N LEU B 170 21.39 35.36 -1.71
CA LEU B 170 20.44 34.89 -0.71
C LEU B 170 21.21 34.42 0.51
N TYR B 171 20.47 34.17 1.58
CA TYR B 171 21.02 33.58 2.78
C TYR B 171 20.00 32.58 3.29
N HIS B 172 20.46 31.57 4.00
CA HIS B 172 19.55 30.56 4.49
C HIS B 172 20.29 29.77 5.56
N CYS B 173 19.52 29.07 6.38
CA CYS B 173 20.12 28.27 7.41
C CYS B 173 20.85 27.08 6.81
N HIS B 174 21.99 26.71 7.41
CA HIS B 174 22.71 25.48 7.04
C HIS B 174 22.99 24.71 8.33
N ALA B 175 21.99 23.94 8.77
CA ALA B 175 22.11 23.13 9.97
C ALA B 175 21.83 21.67 9.60
N ILE B 176 21.42 20.84 10.55
CA ILE B 176 21.35 19.40 10.38
C ILE B 176 19.90 18.95 10.61
N PRO B 177 19.27 18.26 9.66
CA PRO B 177 19.76 18.10 8.29
C PRO B 177 19.49 19.35 7.48
N LEU B 178 20.20 19.50 6.37
CA LEU B 178 20.14 20.73 5.59
C LEU B 178 18.72 21.04 5.12
N LYS B 179 17.97 20.03 4.64
CA LYS B 179 16.67 20.33 4.03
C LYS B 179 15.64 20.77 5.05
N ARG B 180 15.75 20.32 6.30
CA ARG B 180 14.70 20.61 7.28
C ARG B 180 14.64 22.10 7.59
N HIS B 181 15.80 22.72 7.81
CA HIS B 181 15.85 24.11 8.25
C HIS B 181 15.54 25.08 7.13
N ILE B 182 15.93 24.77 5.89
CA ILE B 182 15.48 25.56 4.77
C ILE B 182 13.96 25.48 4.63
N HIS B 183 13.43 24.27 4.52
CA HIS B 183 11.99 24.10 4.30
C HIS B 183 11.19 24.85 5.36
N LYS B 184 11.62 24.78 6.62
CA LYS B 184 10.87 25.39 7.71
C LYS B 184 10.80 26.91 7.63
N GLY B 185 11.63 27.56 6.80
CA GLY B 185 11.43 28.97 6.48
C GLY B 185 12.64 29.87 6.61
N LEU B 186 13.80 29.32 6.97
CA LEU B 186 15.00 30.14 7.21
C LEU B 186 15.72 30.41 5.89
N TYR B 187 15.17 31.35 5.11
CA TYR B 187 15.83 31.84 3.91
C TYR B 187 15.39 33.27 3.68
N GLY B 188 16.23 34.03 2.98
CA GLY B 188 15.89 35.39 2.64
C GLY B 188 16.79 35.89 1.52
N ALA B 189 16.41 37.04 0.97
CA ALA B 189 17.14 37.67 -0.12
C ALA B 189 18.27 38.56 0.39
N PHE B 190 19.34 38.64 -0.40
CA PHE B 190 20.52 39.43 -0.06
C PHE B 190 21.04 40.04 -1.34
N ILE B 191 20.89 41.34 -1.49
CA ILE B 191 21.17 42.02 -2.74
C ILE B 191 22.36 42.93 -2.52
N ILE B 192 23.37 42.81 -3.39
CA ILE B 192 24.56 43.65 -3.36
C ILE B 192 24.54 44.51 -4.62
N ASP B 193 24.24 45.79 -4.45
CA ASP B 193 24.23 46.72 -5.56
C ASP B 193 25.65 46.94 -6.08
N PRO B 194 25.83 47.06 -7.39
CA PRO B 194 27.16 47.41 -7.91
C PRO B 194 27.51 48.85 -7.52
N ASP B 195 28.79 49.07 -7.23
CA ASP B 195 29.31 50.40 -6.96
C ASP B 195 29.68 51.04 -8.29
N PRO B 196 28.95 52.05 -8.76
CA PRO B 196 29.18 52.55 -10.13
C PRO B 196 30.58 53.09 -10.33
N GLU B 197 31.25 53.56 -9.28
CA GLU B 197 32.62 54.03 -9.45
C GLU B 197 33.57 52.90 -9.77
N ARG B 198 33.19 51.65 -9.50
CA ARG B 198 34.04 50.51 -9.80
C ARG B 198 33.75 49.90 -11.17
N HIS B 199 32.86 50.48 -11.96
CA HIS B 199 32.44 49.88 -13.24
C HIS B 199 32.22 50.98 -14.26
N PRO B 200 33.28 51.69 -14.65
CA PRO B 200 33.13 52.81 -15.59
C PRO B 200 32.54 52.42 -16.94
N GLU B 201 32.83 51.21 -17.44
CA GLU B 201 32.28 50.81 -18.73
C GLU B 201 30.78 50.54 -18.67
N TYR B 202 30.20 50.33 -17.48
CA TYR B 202 28.77 50.07 -17.37
C TYR B 202 28.16 50.97 -16.30
N GLN B 203 28.62 52.21 -16.25
CA GLN B 203 28.20 53.13 -15.20
C GLN B 203 26.69 53.31 -15.16
N ALA B 204 26.08 53.54 -16.32
CA ALA B 204 24.64 53.74 -16.36
C ALA B 204 23.88 52.50 -15.90
N ALA B 205 24.30 51.32 -16.36
CA ALA B 205 23.67 50.10 -15.88
C ALA B 205 23.86 49.95 -14.38
N ALA B 206 25.01 50.36 -13.86
CA ALA B 206 25.27 50.23 -12.43
C ALA B 206 24.43 51.21 -11.64
N ARG B 207 24.33 52.45 -12.12
CA ARG B 207 23.57 53.45 -11.37
C ARG B 207 22.09 53.11 -11.33
N ALA B 208 21.57 52.45 -12.37
CA ALA B 208 20.17 52.06 -12.33
C ALA B 208 19.90 50.98 -11.28
N ARG B 209 20.94 50.27 -10.82
CA ARG B 209 20.78 49.26 -9.78
C ARG B 209 21.12 49.77 -8.38
N LEU B 210 21.77 50.93 -8.26
CA LEU B 210 22.17 51.46 -6.96
C LEU B 210 20.97 52.11 -6.31
N LEU B 211 20.53 51.56 -5.18
CA LEU B 211 19.29 52.01 -4.54
C LEU B 211 19.39 53.48 -4.19
N GLY B 212 18.42 54.27 -4.66
CA GLY B 212 18.31 55.66 -4.28
C GLY B 212 18.71 56.65 -5.35
N THR B 213 19.57 56.26 -6.31
CA THR B 213 19.89 57.17 -7.40
C THR B 213 18.63 57.52 -8.18
N PRO B 214 18.64 58.67 -8.88
CA PRO B 214 17.48 58.98 -9.75
C PRO B 214 17.26 57.97 -10.88
N GLU B 215 18.34 57.41 -11.46
CA GLU B 215 18.18 56.34 -12.44
C GLU B 215 17.46 55.13 -11.85
N ASN B 216 17.84 54.74 -10.63
CA ASN B 216 17.22 53.59 -9.97
C ASN B 216 15.77 53.87 -9.61
N GLN B 217 15.43 55.12 -9.25
CA GLN B 217 14.06 55.44 -8.89
C GLN B 217 13.12 55.33 -10.09
N ALA B 218 13.65 55.48 -11.31
CA ALA B 218 12.85 55.29 -12.51
C ALA B 218 12.41 53.82 -12.67
N TRP B 219 13.24 52.87 -12.21
CA TRP B 219 12.92 51.45 -12.32
C TRP B 219 11.91 51.04 -11.24
N GLN B 220 11.02 50.13 -11.60
CA GLN B 220 10.14 49.48 -10.61
C GLN B 220 10.75 48.13 -10.23
N GLU B 221 11.28 48.03 -9.02
CA GLU B 221 12.02 46.84 -8.57
C GLU B 221 11.19 46.01 -7.59
N PHE B 222 11.20 44.69 -7.79
CA PHE B 222 10.50 43.76 -6.91
C PHE B 222 11.43 42.62 -6.52
N VAL B 223 11.29 42.14 -5.30
CA VAL B 223 11.99 40.93 -4.88
C VAL B 223 10.96 39.81 -4.81
N MET B 224 11.31 38.65 -5.38
CA MET B 224 10.39 37.52 -5.48
C MET B 224 11.14 36.26 -5.11
N VAL B 225 10.73 35.64 -4.01
CA VAL B 225 11.30 34.37 -3.54
C VAL B 225 10.31 33.26 -3.86
N MET B 226 10.71 32.32 -4.72
CA MET B 226 9.87 31.17 -5.02
C MET B 226 10.06 30.14 -3.92
N ASN B 227 8.98 29.80 -3.20
CA ASN B 227 9.09 28.84 -2.11
C ASN B 227 7.94 27.85 -2.16
N GLY B 228 8.03 26.84 -1.30
CA GLY B 228 7.00 25.81 -1.22
C GLY B 228 6.88 25.31 0.19
N PHE B 229 5.75 24.65 0.47
CA PHE B 229 5.48 24.19 1.82
C PHE B 229 4.90 22.78 1.80
N ASP B 230 5.52 21.92 2.59
CA ASP B 230 5.13 20.51 2.74
C ASP B 230 4.43 20.43 4.09
N THR B 231 3.09 20.55 4.08
CA THR B 231 2.33 20.75 5.31
C THR B 231 2.12 19.45 6.11
N ASN B 232 2.25 18.28 5.50
CA ASN B 232 2.20 17.03 6.26
C ASN B 232 3.58 16.38 6.44
N PHE B 233 4.64 17.11 6.11
CA PHE B 233 6.03 16.71 6.42
C PHE B 233 6.31 15.27 5.99
N ASP B 234 6.06 15.02 4.70
CA ASP B 234 6.43 13.77 4.03
C ASP B 234 7.37 14.02 2.84
N GLU B 235 7.95 15.22 2.78
CA GLU B 235 8.98 15.63 1.82
C GLU B 235 8.44 15.84 0.40
N GLU B 236 7.15 16.12 0.25
CA GLU B 236 6.62 16.63 -1.01
C GLU B 236 5.75 17.85 -0.72
N ASN B 237 5.92 18.91 -1.48
CA ASN B 237 5.19 20.14 -1.22
C ASN B 237 3.70 20.01 -1.54
N GLU B 238 2.88 20.66 -0.72
CA GLU B 238 1.45 20.88 -0.96
C GLU B 238 1.15 22.25 -1.56
N VAL B 239 1.91 23.26 -1.16
CA VAL B 239 1.63 24.64 -1.52
C VAL B 239 2.89 25.21 -2.15
N TYR B 240 2.72 25.94 -3.24
CA TYR B 240 3.80 26.70 -3.87
C TYR B 240 3.40 28.16 -3.92
N ALA B 241 4.39 29.05 -3.99
CA ALA B 241 4.09 30.47 -4.01
C ALA B 241 5.29 31.25 -4.51
N VAL B 242 5.04 32.50 -4.85
CA VAL B 242 6.05 33.54 -4.81
CA VAL B 242 6.04 33.55 -4.81
C VAL B 242 5.75 34.38 -3.57
N ASN B 243 6.73 34.48 -2.68
CA ASN B 243 6.60 35.25 -1.44
C ASN B 243 5.52 34.67 -0.53
N THR B 244 5.53 33.34 -0.38
CA THR B 244 4.86 32.62 0.69
C THR B 244 3.35 32.46 0.55
N VAL B 245 2.59 33.51 0.23
CA VAL B 245 1.14 33.41 0.24
C VAL B 245 0.67 32.94 -1.14
N ALA B 246 0.09 31.75 -1.18
CA ALA B 246 -0.36 31.17 -2.45
C ALA B 246 -1.33 32.11 -3.17
N HIS B 247 -1.11 32.34 -4.45
CA HIS B 247 -1.98 33.15 -5.31
C HIS B 247 -2.17 34.57 -4.78
N ALA B 248 -1.25 35.07 -3.94
CA ALA B 248 -1.38 36.43 -3.41
C ALA B 248 -1.59 37.46 -4.52
N TYR B 249 -0.88 37.31 -5.63
CA TYR B 249 -0.90 38.31 -6.68
C TYR B 249 -1.94 38.01 -7.77
N MET B 250 -2.75 36.97 -7.59
CA MET B 250 -4.01 36.83 -8.31
C MET B 250 -5.12 37.58 -7.57
N LYS B 251 -5.13 37.46 -6.24
CA LYS B 251 -6.10 38.17 -5.42
C LYS B 251 -5.92 39.67 -5.53
N ARG B 252 -4.67 40.14 -5.57
CA ARG B 252 -4.37 41.56 -5.66
C ARG B 252 -3.18 41.73 -6.60
N PRO B 253 -3.42 42.04 -7.88
CA PRO B 253 -2.33 42.10 -8.86
C PRO B 253 -1.28 43.17 -8.53
N ILE B 254 -0.06 42.94 -8.99
CA ILE B 254 1.03 43.89 -8.82
C ILE B 254 0.88 45.00 -9.86
N ARG B 255 0.69 46.23 -9.37
CA ARG B 255 0.44 47.37 -10.24
C ARG B 255 1.76 47.86 -10.87
N ILE B 256 1.75 48.00 -12.18
CA ILE B 256 2.93 48.31 -12.98
C ILE B 256 2.62 49.56 -13.82
N GLU B 257 3.43 50.59 -13.67
CA GLU B 257 3.32 51.74 -14.57
C GLU B 257 3.99 51.41 -15.90
N ARG B 258 3.24 51.65 -16.97
CA ARG B 258 3.63 51.24 -18.31
C ARG B 258 4.91 51.92 -18.79
N ASP B 259 5.09 53.18 -18.41
CA ASP B 259 6.17 54.05 -18.86
C ASP B 259 7.49 53.81 -18.14
N ARG B 260 7.56 52.86 -17.21
CA ARG B 260 8.80 52.61 -16.49
C ARG B 260 9.15 51.12 -16.57
N PRO B 261 10.44 50.81 -16.69
CA PRO B 261 10.86 49.41 -16.76
C PRO B 261 10.72 48.72 -15.41
N VAL B 262 10.81 47.38 -15.45
CA VAL B 262 10.60 46.52 -14.31
C VAL B 262 11.83 45.64 -14.10
N ARG B 263 12.29 45.56 -12.86
CA ARG B 263 13.36 44.67 -12.46
C ARG B 263 12.87 43.75 -11.36
N ILE B 264 13.09 42.45 -11.53
CA ILE B 264 12.74 41.46 -10.52
C ILE B 264 14.02 40.79 -10.05
N TYR B 265 14.24 40.78 -8.74
CA TYR B 265 15.25 39.93 -8.11
C TYR B 265 14.56 38.63 -7.73
N LEU B 266 14.83 37.57 -8.49
CA LEU B 266 14.10 36.31 -8.40
C LEU B 266 15.00 35.24 -7.79
N ILE B 267 14.52 34.59 -6.74
CA ILE B 267 15.31 33.64 -5.96
C ILE B 267 14.51 32.34 -5.80
N ASN B 268 15.17 31.21 -5.99
CA ASN B 268 14.54 29.92 -5.79
C ASN B 268 14.95 29.35 -4.44
N ALA B 269 14.03 29.37 -3.48
CA ALA B 269 14.23 28.74 -2.19
C ALA B 269 13.44 27.44 -2.05
N THR B 270 12.83 26.95 -3.14
CA THR B 270 11.94 25.81 -3.04
C THR B 270 12.72 24.53 -2.72
N GLU B 271 12.27 23.79 -1.71
CA GLU B 271 12.91 22.57 -1.27
C GLU B 271 12.20 21.35 -1.87
N PHE B 272 12.89 20.20 -1.84
CA PHE B 272 12.38 18.91 -2.29
C PHE B 272 12.27 18.78 -3.80
N ASP B 273 11.72 19.78 -4.49
CA ASP B 273 11.64 19.70 -5.96
C ASP B 273 12.96 20.15 -6.58
N PRO B 274 13.40 19.48 -7.65
CA PRO B 274 14.71 19.85 -8.25
C PRO B 274 14.75 21.24 -8.89
N ILE B 275 13.70 21.69 -9.58
CA ILE B 275 13.74 23.02 -10.20
C ILE B 275 12.43 23.77 -10.01
N ASN B 276 12.51 25.08 -10.17
CA ASN B 276 11.36 25.98 -10.24
C ASN B 276 11.61 26.92 -11.41
N SER B 277 10.60 27.69 -11.81
CA SER B 277 10.75 28.48 -13.02
C SER B 277 9.82 29.70 -13.01
N PHE B 278 10.00 30.53 -14.04
CA PHE B 278 9.30 31.80 -14.17
C PHE B 278 8.94 32.01 -15.63
N HIS B 279 7.65 32.11 -15.93
CA HIS B 279 7.15 32.41 -17.27
C HIS B 279 6.41 33.73 -17.24
N LEU B 280 6.84 34.66 -18.08
CA LEU B 280 6.19 35.97 -18.25
C LEU B 280 5.27 35.91 -19.46
N HIS B 281 3.98 36.18 -19.26
CA HIS B 281 3.02 36.15 -20.35
C HIS B 281 3.14 37.39 -21.22
N ALA B 282 3.04 37.18 -22.54
CA ALA B 282 2.82 38.21 -23.53
C ALA B 282 4.02 39.14 -23.68
N ASN B 283 5.14 38.85 -23.02
CA ASN B 283 6.28 39.75 -23.06
C ASN B 283 7.54 38.92 -22.86
N PHE B 284 8.70 39.54 -23.09
CA PHE B 284 10.00 38.89 -22.94
C PHE B 284 10.89 39.73 -22.06
N PHE B 285 11.86 39.08 -21.40
CA PHE B 285 12.75 39.78 -20.48
C PHE B 285 14.20 39.39 -20.75
N ASP B 286 15.11 40.23 -20.25
CA ASP B 286 16.52 39.89 -20.15
C ASP B 286 16.80 39.27 -18.79
N TYR B 287 17.62 38.22 -18.78
CA TYR B 287 17.95 37.50 -17.56
C TYR B 287 19.43 37.68 -17.25
N TYR B 288 19.72 38.02 -15.99
CA TYR B 288 21.08 38.16 -15.47
C TYR B 288 21.28 37.08 -14.39
N ASP B 289 21.95 36.00 -14.76
CA ASP B 289 22.17 34.88 -13.84
C ASP B 289 23.00 35.30 -12.63
N HIS B 290 22.47 35.06 -11.43
CA HIS B 290 23.04 35.51 -10.15
C HIS B 290 23.14 37.04 -10.05
N GLY B 291 22.67 37.77 -11.06
CA GLY B 291 22.85 39.21 -11.09
C GLY B 291 24.29 39.70 -11.10
N THR B 292 25.25 38.81 -11.37
CA THR B 292 26.65 39.15 -11.14
C THR B 292 27.36 39.80 -12.34
N THR B 293 26.67 40.00 -13.46
CA THR B 293 27.20 40.79 -14.56
C THR B 293 26.25 41.95 -14.85
N LEU B 294 26.80 43.01 -15.45
CA LEU B 294 26.01 44.14 -15.87
C LEU B 294 25.52 44.02 -17.32
N THR B 295 25.91 42.94 -18.02
CA THR B 295 25.32 42.57 -19.30
C THR B 295 24.50 41.29 -19.16
N PRO B 296 23.42 41.14 -19.92
CA PRO B 296 22.50 40.00 -19.72
C PRO B 296 23.16 38.65 -20.00
N THR B 297 22.77 37.65 -19.22
CA THR B 297 23.15 36.28 -19.54
C THR B 297 22.33 35.75 -20.71
N LEU B 298 21.03 35.99 -20.68
CA LEU B 298 20.10 35.58 -21.73
C LEU B 298 19.35 36.82 -22.20
N LYS B 299 19.36 37.06 -23.51
CA LYS B 299 18.58 38.14 -24.08
C LYS B 299 17.24 37.60 -24.57
N THR B 300 16.16 38.31 -24.23
CA THR B 300 14.86 38.12 -24.86
C THR B 300 14.36 36.68 -24.67
N VAL B 301 14.03 36.37 -23.42
CA VAL B 301 13.40 35.09 -23.10
C VAL B 301 12.11 35.36 -22.32
N ASP B 302 11.25 34.34 -22.26
CA ASP B 302 10.06 34.43 -21.44
C ASP B 302 9.92 33.31 -20.42
N THR B 303 10.80 32.30 -20.44
CA THR B 303 10.76 31.21 -19.49
C THR B 303 12.18 30.87 -19.06
N ILE B 304 12.47 30.99 -17.76
CA ILE B 304 13.76 30.54 -17.22
C ILE B 304 13.49 29.58 -16.08
N MET B 305 14.47 28.73 -15.81
CA MET B 305 14.39 27.82 -14.68
C MET B 305 15.62 27.99 -13.81
N GLN B 306 15.47 27.57 -12.55
CA GLN B 306 16.48 27.68 -11.52
C GLN B 306 16.37 26.46 -10.62
N CYS B 307 17.52 25.85 -10.28
CA CYS B 307 17.48 24.91 -9.18
C CYS B 307 17.50 25.69 -7.86
N GLN B 308 17.29 24.99 -6.76
CA GLN B 308 17.33 25.67 -5.47
C GLN B 308 18.71 26.29 -5.26
N GLY B 309 18.74 27.49 -4.70
CA GLY B 309 19.97 28.21 -4.50
C GLY B 309 20.38 29.09 -5.67
N GLN B 310 19.83 28.85 -6.86
CA GLN B 310 20.03 29.76 -7.97
C GLN B 310 19.07 30.93 -7.86
N ARG B 311 19.38 31.99 -8.62
CA ARG B 311 18.69 33.27 -8.55
C ARG B 311 19.23 34.14 -9.66
N GLY B 312 18.51 35.23 -9.94
CA GLY B 312 18.98 36.15 -10.95
C GLY B 312 18.09 37.38 -11.02
N ILE B 313 18.38 38.23 -11.99
CA ILE B 313 17.66 39.47 -12.19
C ILE B 313 16.96 39.41 -13.55
N LEU B 314 15.69 39.79 -13.57
CA LEU B 314 14.88 39.87 -14.77
C LEU B 314 14.59 41.34 -15.04
N GLU B 315 14.75 41.76 -16.30
CA GLU B 315 14.46 43.13 -16.69
C GLU B 315 13.58 43.11 -17.92
N PHE B 316 12.48 43.87 -17.85
CA PHE B 316 11.54 43.97 -18.96
C PHE B 316 10.80 45.29 -18.85
N SER B 317 9.96 45.53 -19.86
CA SER B 317 9.17 46.75 -19.91
C SER B 317 7.84 46.44 -20.58
N PHE B 318 6.77 47.00 -20.04
CA PHE B 318 5.46 46.94 -20.67
C PHE B 318 5.11 48.23 -21.38
N ASN B 319 6.12 49.03 -21.70
CA ASN B 319 5.90 50.28 -22.43
C ASN B 319 5.25 49.99 -23.78
N GLY B 320 4.18 50.73 -24.08
CA GLY B 320 3.45 50.55 -25.31
C GLY B 320 2.35 49.50 -25.27
N PHE B 321 2.28 48.68 -24.21
CA PHE B 321 1.30 47.60 -24.14
C PHE B 321 -0.08 48.13 -23.78
N GLU B 322 -1.09 47.43 -24.25
CA GLU B 322 -2.46 47.65 -23.79
C GLU B 322 -2.54 47.43 -22.28
N PRO B 323 -3.19 48.32 -21.54
CA PRO B 323 -3.42 48.06 -20.11
C PRO B 323 -4.21 46.78 -19.89
N GLY B 324 -3.94 46.13 -18.77
CA GLY B 324 -4.61 44.88 -18.49
C GLY B 324 -3.78 44.03 -17.54
N LEU B 325 -4.23 42.78 -17.41
CA LEU B 325 -3.59 41.81 -16.53
C LEU B 325 -2.62 40.95 -17.34
N TYR B 326 -1.37 40.86 -16.87
CA TYR B 326 -0.32 40.07 -17.53
C TYR B 326 0.21 39.06 -16.52
N MET B 327 -0.08 37.78 -16.79
CA MET B 327 0.22 36.71 -15.85
C MET B 327 1.71 36.39 -15.82
N PHE B 328 2.16 35.88 -14.67
CA PHE B 328 3.48 35.30 -14.51
C PHE B 328 3.34 34.13 -13.54
N HIS B 329 4.06 33.05 -13.81
CA HIS B 329 3.89 31.83 -13.01
C HIS B 329 4.96 30.81 -13.39
N ALA B 330 5.11 29.80 -12.54
CA ALA B 330 6.00 28.70 -12.89
C ALA B 330 5.45 27.96 -14.11
N HIS B 331 6.37 27.47 -14.95
CA HIS B 331 5.95 26.61 -16.04
C HIS B 331 5.98 25.13 -15.66
N GLN B 332 6.16 24.81 -14.38
CA GLN B 332 5.75 23.51 -13.85
C GLN B 332 4.27 23.66 -13.49
N SER B 333 3.40 23.09 -14.32
CA SER B 333 1.99 23.47 -14.31
C SER B 333 1.38 23.26 -12.93
N GLU B 334 1.74 22.18 -12.23
CA GLU B 334 1.14 21.92 -10.93
C GLU B 334 1.56 22.94 -9.89
N PHE B 335 2.78 23.49 -9.98
CA PHE B 335 3.18 24.54 -9.03
C PHE B 335 2.26 25.74 -9.18
N ALA B 336 1.92 26.08 -10.42
CA ALA B 336 1.08 27.23 -10.68
C ALA B 336 -0.32 27.01 -10.11
N GLU B 337 -0.89 25.83 -10.36
CA GLU B 337 -2.20 25.50 -9.81
CA GLU B 337 -2.20 25.49 -9.81
C GLU B 337 -2.22 25.56 -8.29
N LEU B 338 -1.11 25.20 -7.64
CA LEU B 338 -1.05 25.14 -6.19
C LEU B 338 -0.56 26.44 -5.55
N GLY B 339 -0.50 27.54 -6.31
CA GLY B 339 -0.25 28.84 -5.69
C GLY B 339 0.78 29.74 -6.33
N TRP B 340 1.69 29.19 -7.14
CA TRP B 340 2.76 29.98 -7.76
CA TRP B 340 2.76 29.98 -7.76
C TRP B 340 2.27 30.52 -9.10
N MET B 341 1.39 31.51 -9.00
CA MET B 341 0.81 32.22 -10.14
C MET B 341 0.39 33.61 -9.69
N GLY B 342 0.62 34.61 -10.54
CA GLY B 342 0.27 35.97 -10.19
C GLY B 342 -0.01 36.78 -11.44
N ASN B 343 -0.53 38.00 -11.21
CA ASN B 343 -0.78 38.95 -12.29
C ASN B 343 -0.03 40.24 -12.05
N PHE B 344 0.56 40.77 -13.13
CA PHE B 344 0.89 42.19 -13.19
C PHE B 344 -0.34 42.92 -13.71
N GLU B 345 -0.64 44.07 -13.12
CA GLU B 345 -1.68 44.97 -13.62
C GLU B 345 -1.00 46.17 -14.28
N VAL B 346 -0.91 46.14 -15.60
CA VAL B 346 -0.31 47.25 -16.33
C VAL B 346 -1.34 48.37 -16.44
N ILE B 347 -0.95 49.58 -16.01
CA ILE B 347 -1.83 50.74 -16.04
C ILE B 347 -1.23 51.82 -16.93
N GLU B 348 -2.10 52.64 -17.50
CA GLU B 348 -1.63 53.75 -18.34
C GLU B 348 -0.98 54.85 -17.50
N GLY C 50 40.30 -0.95 -2.63
CA GLY C 50 41.12 -0.70 -3.80
C GLY C 50 40.95 0.68 -4.41
N PHE C 51 39.72 1.24 -4.39
CA PHE C 51 39.48 2.52 -5.05
C PHE C 51 39.86 3.67 -4.12
N ASP C 52 40.63 4.61 -4.63
CA ASP C 52 41.10 5.73 -3.83
C ASP C 52 40.51 7.04 -4.34
N PRO C 53 39.46 7.59 -3.70
CA PRO C 53 38.86 8.83 -4.21
C PRO C 53 39.77 10.03 -4.05
N TYR C 54 40.81 9.95 -3.22
CA TYR C 54 41.71 11.07 -3.04
C TYR C 54 42.78 11.11 -4.13
N ALA C 55 43.31 9.94 -4.54
CA ALA C 55 44.21 9.90 -5.69
C ALA C 55 43.47 10.19 -6.98
N PHE C 56 42.22 9.72 -7.08
CA PHE C 56 41.46 9.88 -8.31
C PHE C 56 41.35 11.34 -8.72
N LEU C 57 41.27 12.25 -7.75
CA LEU C 57 41.04 13.66 -8.05
C LEU C 57 42.03 14.21 -9.08
N THR C 58 43.29 13.73 -9.04
CA THR C 58 44.38 14.32 -9.82
C THR C 58 45.04 13.31 -10.74
N HIS C 59 44.39 12.19 -11.01
CA HIS C 59 44.96 11.14 -11.83
C HIS C 59 44.50 11.28 -13.28
N TRP C 60 45.45 11.38 -14.21
CA TRP C 60 45.16 11.45 -15.64
C TRP C 60 45.82 10.29 -16.35
N GLU C 61 45.04 9.55 -17.14
CA GLU C 61 45.57 8.52 -18.03
C GLU C 61 45.78 9.18 -19.39
N THR C 62 47.04 9.31 -19.80
CA THR C 62 47.35 9.97 -21.07
C THR C 62 47.78 9.00 -22.16
N GLY C 63 47.83 7.70 -21.86
CA GLY C 63 47.96 6.68 -22.88
C GLY C 63 49.39 6.42 -23.33
N GLU C 64 49.51 5.41 -24.20
CA GLU C 64 50.77 5.09 -24.88
C GLU C 64 50.87 5.95 -26.13
N VAL C 65 51.91 6.77 -26.21
CA VAL C 65 52.02 7.82 -27.21
C VAL C 65 52.92 7.36 -28.36
N SER C 66 52.48 7.60 -29.59
CA SER C 66 53.33 7.51 -30.77
C SER C 66 52.80 8.51 -31.79
N THR C 67 53.23 8.37 -33.04
CA THR C 67 52.86 9.31 -34.09
C THR C 67 52.36 8.53 -35.31
N LEU C 68 51.39 9.09 -36.01
CA LEU C 68 50.98 8.55 -37.29
C LEU C 68 51.93 9.07 -38.38
N PRO C 69 52.02 8.39 -39.53
CA PRO C 69 52.95 8.86 -40.59
C PRO C 69 52.72 10.31 -40.98
N SER C 70 51.47 10.79 -40.96
CA SER C 70 51.18 12.20 -41.20
C SER C 70 51.78 13.14 -40.16
N GLY C 71 52.27 12.63 -39.04
CA GLY C 71 52.70 13.50 -37.96
C GLY C 71 51.66 13.73 -36.88
N GLN C 72 50.40 13.38 -37.13
CA GLN C 72 49.39 13.40 -36.07
C GLN C 72 49.81 12.48 -34.91
N THR C 73 49.63 12.99 -33.69
CA THR C 73 49.91 12.23 -32.49
C THR C 73 48.87 11.12 -32.30
N LEU C 74 49.33 9.95 -31.85
CA LEU C 74 48.47 8.79 -31.58
C LEU C 74 48.55 8.45 -30.10
N ARG C 75 47.38 8.33 -29.46
CA ARG C 75 47.31 7.90 -28.06
C ARG C 75 46.44 6.67 -27.96
N GLU C 76 46.96 5.65 -27.27
CA GLU C 76 46.33 4.35 -27.16
C GLU C 76 46.06 4.01 -25.71
N PHE C 77 44.85 3.49 -25.46
CA PHE C 77 44.41 3.15 -24.13
C PHE C 77 43.87 1.73 -24.14
N ASN C 78 43.91 1.10 -22.96
CA ASN C 78 43.34 -0.24 -22.78
C ASN C 78 42.27 -0.19 -21.70
N ILE C 79 41.06 -0.65 -22.02
CA ILE C 79 39.95 -0.64 -21.09
C ILE C 79 39.27 -2.00 -21.10
N VAL C 80 39.05 -2.54 -19.90
CA VAL C 80 38.40 -3.84 -19.71
C VAL C 80 37.15 -3.65 -18.85
N ALA C 81 36.00 -4.11 -19.36
CA ALA C 81 34.80 -4.16 -18.52
C ALA C 81 34.87 -5.36 -17.58
N VAL C 82 34.71 -5.10 -16.27
CA VAL C 82 34.79 -6.13 -15.24
C VAL C 82 33.65 -5.94 -14.24
N ASP C 83 32.94 -7.03 -13.93
CA ASP C 83 32.01 -7.02 -12.81
C ASP C 83 32.80 -7.05 -11.51
N LYS C 84 32.47 -6.16 -10.58
CA LYS C 84 33.30 -6.05 -9.39
C LYS C 84 32.52 -5.39 -8.26
N GLU C 85 32.84 -5.80 -7.03
CA GLU C 85 32.33 -5.09 -5.86
C GLU C 85 33.04 -3.74 -5.73
N ILE C 86 32.27 -2.67 -5.44
CA ILE C 86 32.87 -1.42 -5.03
C ILE C 86 32.26 -1.02 -3.69
N GLU C 87 32.96 -0.15 -2.98
CA GLU C 87 32.54 0.31 -1.66
C GLU C 87 32.18 1.79 -1.73
N ILE C 88 30.92 2.12 -1.48
CA ILE C 88 30.48 3.50 -1.62
C ILE C 88 30.40 4.21 -0.27
N ALA C 89 30.41 3.47 0.81
CA ALA C 89 30.62 3.96 2.17
C ALA C 89 31.18 2.79 2.96
N PRO C 90 31.81 3.04 4.13
CA PRO C 90 32.46 1.92 4.82
C PRO C 90 31.43 0.90 5.28
N GLY C 91 31.49 -0.30 4.72
CA GLY C 91 30.49 -1.32 4.97
C GLY C 91 29.28 -1.30 4.06
N VAL C 92 29.25 -0.47 3.02
CA VAL C 92 28.18 -0.49 2.02
C VAL C 92 28.80 -0.95 0.70
N TYR C 93 28.52 -2.19 0.31
CA TYR C 93 29.05 -2.74 -0.93
C TYR C 93 28.00 -2.72 -2.03
N PHE C 94 28.42 -2.34 -3.22
CA PHE C 94 27.56 -2.21 -4.38
C PHE C 94 28.06 -3.13 -5.48
N PRO C 95 27.16 -3.88 -6.14
CA PRO C 95 27.61 -4.78 -7.21
C PRO C 95 27.74 -4.06 -8.55
N ALA C 96 28.95 -3.66 -8.91
CA ALA C 96 29.15 -2.74 -10.01
C ALA C 96 29.56 -3.46 -11.29
N TRP C 97 29.23 -2.81 -12.41
CA TRP C 97 29.92 -3.03 -13.67
C TRP C 97 30.90 -1.88 -13.87
N THR C 98 32.18 -2.19 -14.09
CA THR C 98 33.24 -1.20 -14.05
C THR C 98 34.13 -1.26 -15.29
N TYR C 99 34.73 -0.11 -15.61
CA TYR C 99 35.86 -0.02 -16.52
C TYR C 99 37.14 -0.09 -15.71
N ASN C 100 37.95 -1.13 -15.96
CA ASN C 100 39.26 -1.28 -15.31
C ASN C 100 39.15 -1.41 -13.79
N GLY C 101 38.02 -1.90 -13.29
CA GLY C 101 37.92 -2.24 -11.89
C GLY C 101 37.61 -1.09 -10.95
N GLN C 102 37.15 0.05 -11.46
CA GLN C 102 36.91 1.19 -10.59
C GLN C 102 35.70 1.96 -11.11
N VAL C 103 35.04 2.68 -10.20
CA VAL C 103 33.97 3.60 -10.52
C VAL C 103 34.28 4.95 -9.88
N PRO C 104 34.37 6.04 -10.65
CA PRO C 104 34.26 6.12 -12.11
C PRO C 104 35.43 5.43 -12.78
N GLY C 105 35.30 5.12 -14.07
CA GLY C 105 36.40 4.58 -14.81
C GLY C 105 37.56 5.56 -14.90
N PRO C 106 38.63 5.12 -15.56
CA PRO C 106 39.82 5.97 -15.68
C PRO C 106 39.51 7.29 -16.38
N THR C 107 40.12 8.36 -15.88
CA THR C 107 40.03 9.65 -16.55
C THR C 107 41.01 9.66 -17.72
N LEU C 108 40.49 9.74 -18.93
CA LEU C 108 41.32 9.79 -20.13
C LEU C 108 41.51 11.24 -20.54
N ARG C 109 42.76 11.62 -20.78
CA ARG C 109 43.10 13.01 -21.06
C ARG C 109 44.05 13.06 -22.26
N VAL C 110 43.63 13.77 -23.31
CA VAL C 110 44.36 13.85 -24.58
C VAL C 110 44.40 15.30 -25.04
N THR C 111 45.05 15.53 -26.19
CA THR C 111 45.11 16.86 -26.80
C THR C 111 44.23 16.93 -28.03
N GLU C 112 43.53 18.05 -28.19
CA GLU C 112 42.79 18.36 -29.40
C GLU C 112 43.57 17.94 -30.65
N GLY C 113 42.93 17.15 -31.50
CA GLY C 113 43.54 16.70 -32.73
C GLY C 113 44.29 15.38 -32.64
N ASP C 114 44.54 14.85 -31.44
CA ASP C 114 45.17 13.54 -31.31
C ASP C 114 44.29 12.47 -31.95
N ARG C 115 44.92 11.46 -32.55
CA ARG C 115 44.21 10.21 -32.86
C ARG C 115 44.15 9.37 -31.58
N VAL C 116 42.96 8.95 -31.21
CA VAL C 116 42.73 8.18 -29.99
C VAL C 116 42.34 6.77 -30.40
N ARG C 117 42.97 5.77 -29.77
CA ARG C 117 42.59 4.36 -29.92
C ARG C 117 42.31 3.77 -28.54
N VAL C 118 41.11 3.25 -28.36
CA VAL C 118 40.71 2.65 -27.09
C VAL C 118 40.42 1.18 -27.35
N HIS C 119 41.35 0.32 -26.96
CA HIS C 119 41.16 -1.12 -27.04
C HIS C 119 40.25 -1.54 -25.90
N PHE C 120 39.06 -2.05 -26.23
CA PHE C 120 38.05 -2.38 -25.24
C PHE C 120 37.83 -3.89 -25.21
N HIS C 121 37.93 -4.50 -24.03
CA HIS C 121 37.69 -5.93 -23.87
C HIS C 121 36.63 -6.15 -22.82
N ASN C 122 35.66 -7.01 -23.11
CA ASN C 122 34.57 -7.28 -22.15
C ASN C 122 34.87 -8.56 -21.38
N ALA C 123 35.30 -8.42 -20.12
CA ALA C 123 35.52 -9.55 -19.23
C ALA C 123 34.37 -9.76 -18.25
N GLY C 124 33.21 -9.19 -18.54
CA GLY C 124 32.06 -9.28 -17.66
C GLY C 124 31.06 -10.34 -18.10
N SER C 125 29.88 -10.26 -17.52
CA SER C 125 28.79 -11.21 -17.74
C SER C 125 27.75 -10.72 -18.74
N HIS C 126 27.70 -9.43 -19.01
CA HIS C 126 26.71 -8.82 -19.88
C HIS C 126 27.41 -8.10 -21.02
N PRO C 127 26.73 -7.92 -22.14
CA PRO C 127 27.31 -7.10 -23.21
C PRO C 127 27.38 -5.63 -22.79
N HIS C 128 28.42 -4.93 -23.26
CA HIS C 128 28.70 -3.54 -22.90
C HIS C 128 29.25 -2.81 -24.12
N THR C 129 29.33 -1.48 -24.01
CA THR C 129 30.00 -0.63 -25.01
C THR C 129 30.72 0.49 -24.28
N ILE C 130 31.44 1.30 -25.05
CA ILE C 130 31.87 2.62 -24.61
C ILE C 130 31.31 3.63 -25.61
N HIS C 131 30.37 4.46 -25.16
CA HIS C 131 29.90 5.59 -25.93
C HIS C 131 30.64 6.83 -25.46
N PHE C 132 31.49 7.38 -26.32
CA PHE C 132 32.15 8.65 -26.03
C PHE C 132 31.26 9.83 -26.36
N HIS C 133 31.29 10.86 -25.52
CA HIS C 133 30.78 12.18 -25.88
C HIS C 133 31.92 12.89 -26.59
N GLY C 134 31.84 12.98 -27.90
CA GLY C 134 32.93 13.49 -28.72
C GLY C 134 32.58 13.24 -30.15
N ILE C 135 33.32 13.89 -31.03
CA ILE C 135 33.11 13.71 -32.47
C ILE C 135 33.79 12.42 -32.88
N HIS C 136 33.07 11.55 -33.60
CA HIS C 136 33.61 10.29 -34.11
C HIS C 136 32.67 9.74 -35.16
N PRO C 137 33.08 8.71 -35.92
CA PRO C 137 32.18 8.09 -36.90
C PRO C 137 31.09 7.24 -36.23
N ALA C 138 30.01 7.03 -36.99
CA ALA C 138 28.88 6.26 -36.48
C ALA C 138 29.31 4.87 -35.99
N SER C 139 30.16 4.19 -36.76
CA SER C 139 30.59 2.85 -36.40
C SER C 139 31.41 2.81 -35.12
N MET C 140 31.88 3.96 -34.64
CA MET C 140 32.64 4.08 -33.40
C MET C 140 31.81 4.65 -32.25
N ASP C 141 30.49 4.71 -32.40
CA ASP C 141 29.64 5.44 -31.48
C ASP C 141 29.29 4.66 -30.22
N GLY C 142 29.65 3.37 -30.15
CA GLY C 142 29.35 2.58 -28.95
C GLY C 142 27.87 2.41 -28.65
N VAL C 143 27.05 2.22 -29.67
CA VAL C 143 25.61 2.01 -29.48
C VAL C 143 25.28 0.65 -30.07
N PRO C 144 24.17 0.04 -29.64
CA PRO C 144 23.88 -1.33 -30.06
C PRO C 144 23.69 -1.51 -31.56
N GLY C 145 23.21 -0.49 -32.27
CA GLY C 145 22.77 -0.65 -33.64
C GLY C 145 23.76 -0.32 -34.75
N THR C 146 25.01 0.00 -34.44
CA THR C 146 25.95 0.39 -35.49
C THR C 146 27.30 -0.26 -35.22
N GLY C 147 28.17 -0.17 -36.23
CA GLY C 147 29.49 -0.80 -36.20
C GLY C 147 29.47 -2.23 -35.68
N PRO C 148 30.27 -2.49 -34.64
CA PRO C 148 30.26 -3.82 -34.03
C PRO C 148 29.10 -4.07 -33.09
N GLY C 149 28.22 -3.08 -32.89
CA GLY C 149 27.15 -3.25 -31.91
C GLY C 149 27.68 -3.36 -30.49
N MET C 150 26.97 -4.10 -29.67
CA MET C 150 27.46 -4.31 -28.33
C MET C 150 28.61 -5.31 -28.34
N ILE C 151 29.50 -5.18 -27.36
CA ILE C 151 30.65 -6.06 -27.21
C ILE C 151 30.28 -7.09 -26.14
N TYR C 152 30.14 -8.35 -26.56
CA TYR C 152 29.67 -9.41 -25.69
C TYR C 152 30.82 -9.99 -24.87
N PRO C 153 30.51 -10.72 -23.79
CA PRO C 153 31.58 -11.31 -22.97
C PRO C 153 32.60 -12.09 -23.80
N GLY C 154 33.89 -11.88 -23.49
CA GLY C 154 34.99 -12.47 -24.22
C GLY C 154 35.40 -11.74 -25.49
N GLU C 155 34.60 -10.79 -25.98
CA GLU C 155 34.88 -10.11 -27.23
C GLU C 155 35.67 -8.82 -27.00
N SER C 156 36.16 -8.23 -28.10
CA SER C 156 36.98 -7.04 -28.07
C SER C 156 36.61 -6.17 -29.25
N PHE C 157 36.96 -4.88 -29.14
CA PHE C 157 36.79 -3.90 -30.19
C PHE C 157 37.70 -2.72 -29.88
N THR C 158 38.17 -2.07 -30.94
CA THR C 158 38.99 -0.88 -30.80
C THR C 158 38.22 0.33 -31.31
N TYR C 159 37.87 1.23 -30.39
CA TYR C 159 37.32 2.53 -30.75
C TYR C 159 38.45 3.43 -31.23
N GLU C 160 38.26 4.07 -32.38
CA GLU C 160 39.28 4.93 -32.97
C GLU C 160 38.64 6.17 -33.56
N PHE C 161 39.17 7.34 -33.23
CA PHE C 161 38.62 8.62 -33.66
C PHE C 161 39.66 9.70 -33.42
N ASP C 162 39.43 10.86 -34.05
CA ASP C 162 40.21 12.06 -33.75
C ASP C 162 39.58 12.80 -32.58
N ALA C 163 40.42 13.32 -31.70
CA ALA C 163 39.95 13.91 -30.46
C ALA C 163 39.47 15.34 -30.71
N TYR C 164 38.17 15.47 -30.97
CA TYR C 164 37.49 16.76 -31.11
C TYR C 164 36.14 16.66 -30.42
N PRO C 165 35.59 17.80 -29.94
CA PRO C 165 36.21 19.12 -29.88
C PRO C 165 36.93 19.27 -28.55
N PHE C 166 37.79 20.26 -28.39
CA PHE C 166 38.39 20.43 -27.08
C PHE C 166 37.30 20.73 -26.05
N GLY C 167 37.46 20.17 -24.86
CA GLY C 167 36.56 20.47 -23.78
C GLY C 167 36.56 19.36 -22.73
N CYS C 168 35.55 19.41 -21.88
CA CYS C 168 35.38 18.43 -20.81
C CYS C 168 34.25 17.49 -21.22
N HIS C 169 34.57 16.20 -21.35
CA HIS C 169 33.57 15.25 -21.84
C HIS C 169 33.52 14.02 -20.97
N LEU C 170 32.88 12.98 -21.46
CA LEU C 170 32.75 11.76 -20.66
C LEU C 170 32.50 10.60 -21.59
N TYR C 171 32.57 9.40 -21.04
CA TYR C 171 32.18 8.21 -21.76
C TYR C 171 31.36 7.34 -20.82
N HIS C 172 30.53 6.48 -21.39
CA HIS C 172 29.70 5.63 -20.57
C HIS C 172 29.12 4.55 -21.46
N CYS C 173 28.68 3.46 -20.83
CA CYS C 173 28.07 2.38 -21.58
C CYS C 173 26.72 2.81 -22.14
N HIS C 174 26.38 2.27 -23.33
CA HIS C 174 25.09 2.51 -23.98
C HIS C 174 24.55 1.16 -24.50
N ALA C 175 24.10 0.32 -23.58
CA ALA C 175 23.56 -0.99 -23.87
C ALA C 175 22.06 -0.99 -23.51
N ILE C 176 21.49 -2.17 -23.29
CA ILE C 176 20.05 -2.33 -23.15
C ILE C 176 19.75 -2.89 -21.76
N PRO C 177 18.90 -2.23 -20.96
CA PRO C 177 18.40 -0.87 -21.22
C PRO C 177 19.42 0.16 -20.79
N LEU C 178 19.26 1.38 -21.30
CA LEU C 178 20.28 2.40 -21.15
C LEU C 178 20.57 2.74 -19.68
N LYS C 179 19.53 2.84 -18.84
CA LYS C 179 19.76 3.31 -17.48
C LYS C 179 20.49 2.28 -16.62
N ARG C 180 20.33 1.00 -16.93
CA ARG C 180 20.89 -0.05 -16.07
C ARG C 180 22.42 -0.05 -16.12
N HIS C 181 23.00 0.08 -17.32
CA HIS C 181 24.45 -0.05 -17.46
C HIS C 181 25.19 1.20 -16.94
N ILE C 182 24.59 2.39 -17.11
CA ILE C 182 25.19 3.58 -16.49
C ILE C 182 25.12 3.48 -14.97
N HIS C 183 23.95 3.13 -14.43
CA HIS C 183 23.81 3.09 -12.97
C HIS C 183 24.77 2.08 -12.35
N LYS C 184 24.96 0.93 -13.00
CA LYS C 184 25.84 -0.10 -12.46
C LYS C 184 27.30 0.32 -12.41
N GLY C 185 27.71 1.40 -13.09
CA GLY C 185 29.03 1.95 -12.85
C GLY C 185 29.86 2.29 -14.08
N LEU C 186 29.32 2.06 -15.28
CA LEU C 186 30.12 2.18 -16.50
C LEU C 186 30.08 3.62 -17.00
N TYR C 187 30.89 4.48 -16.37
CA TYR C 187 31.02 5.86 -16.82
C TYR C 187 32.39 6.37 -16.37
N GLY C 188 32.88 7.36 -17.09
CA GLY C 188 34.17 7.96 -16.76
C GLY C 188 34.36 9.26 -17.50
N ALA C 189 35.42 9.98 -17.11
CA ALA C 189 35.73 11.29 -17.66
C ALA C 189 36.66 11.21 -18.87
N PHE C 190 36.44 12.10 -19.84
CA PHE C 190 37.22 12.16 -21.07
C PHE C 190 37.55 13.63 -21.32
N ILE C 191 38.80 14.02 -21.12
CA ILE C 191 39.18 15.42 -21.24
C ILE C 191 40.02 15.61 -22.51
N ILE C 192 39.64 16.58 -23.32
CA ILE C 192 40.41 16.94 -24.52
C ILE C 192 40.97 18.34 -24.31
N ASP C 193 42.29 18.42 -24.08
CA ASP C 193 42.94 19.71 -23.87
C ASP C 193 42.94 20.50 -25.18
N PRO C 194 42.72 21.82 -25.12
CA PRO C 194 42.86 22.62 -26.34
C PRO C 194 44.30 22.65 -26.80
N ASP C 195 44.49 22.66 -28.12
CA ASP C 195 45.81 22.80 -28.69
C ASP C 195 46.08 24.30 -28.88
N PRO C 196 47.01 24.89 -28.12
CA PRO C 196 47.19 26.37 -28.20
C PRO C 196 47.53 26.86 -29.59
N GLU C 197 48.21 26.06 -30.41
CA GLU C 197 48.53 26.46 -31.78
C GLU C 197 47.27 26.66 -32.60
N ARG C 198 46.19 25.98 -32.26
CA ARG C 198 44.92 26.11 -32.97
C ARG C 198 44.08 27.27 -32.48
N HIS C 199 44.48 27.95 -31.42
CA HIS C 199 43.67 29.01 -30.82
C HIS C 199 44.56 30.20 -30.45
N PRO C 200 45.11 30.88 -31.45
CA PRO C 200 46.09 31.96 -31.16
C PRO C 200 45.49 33.11 -30.38
N GLU C 201 44.22 33.39 -30.57
CA GLU C 201 43.56 34.51 -29.89
C GLU C 201 43.32 34.22 -28.40
N TYR C 202 43.34 32.96 -27.99
CA TYR C 202 43.19 32.58 -26.58
C TYR C 202 44.35 31.69 -26.15
N GLN C 203 45.57 32.07 -26.53
CA GLN C 203 46.71 31.20 -26.33
C GLN C 203 46.99 30.97 -24.84
N ALA C 204 46.98 32.04 -24.04
CA ALA C 204 47.25 31.89 -22.61
C ALA C 204 46.20 31.00 -21.94
N ALA C 205 44.92 31.24 -22.24
CA ALA C 205 43.87 30.38 -21.71
C ALA C 205 44.11 28.93 -22.13
N ALA C 206 44.48 28.72 -23.40
CA ALA C 206 44.70 27.36 -23.90
C ALA C 206 45.88 26.69 -23.21
N ARG C 207 46.99 27.41 -23.04
CA ARG C 207 48.16 26.80 -22.42
C ARG C 207 47.89 26.40 -20.97
N ALA C 208 47.06 27.17 -20.26
CA ALA C 208 46.73 26.84 -18.87
C ALA C 208 45.94 25.54 -18.75
N ARG C 209 45.30 25.08 -19.83
CA ARG C 209 44.58 23.81 -19.83
C ARG C 209 45.39 22.65 -20.36
N LEU C 210 46.55 22.88 -20.97
CA LEU C 210 47.30 21.82 -21.63
C LEU C 210 48.16 21.11 -20.59
N LEU C 211 47.86 19.85 -20.31
CA LEU C 211 48.56 19.10 -19.27
C LEU C 211 50.07 19.16 -19.49
N GLY C 212 50.79 19.68 -18.49
CA GLY C 212 52.25 19.69 -18.49
C GLY C 212 52.90 21.05 -18.72
N THR C 213 52.24 22.02 -19.34
CA THR C 213 52.89 23.31 -19.52
C THR C 213 53.17 23.94 -18.16
N PRO C 214 54.14 24.85 -18.07
CA PRO C 214 54.34 25.55 -16.79
C PRO C 214 53.12 26.33 -16.34
N GLU C 215 52.35 26.90 -17.28
CA GLU C 215 51.12 27.57 -16.88
C GLU C 215 50.11 26.58 -16.29
N ASN C 216 50.02 25.38 -16.88
CA ASN C 216 49.07 24.40 -16.39
C ASN C 216 49.49 23.86 -15.03
N GLN C 217 50.81 23.73 -14.79
CA GLN C 217 51.28 23.23 -13.50
C GLN C 217 50.93 24.19 -12.37
N ALA C 218 50.76 25.48 -12.67
CA ALA C 218 50.38 26.43 -11.64
C ALA C 218 48.97 26.16 -11.12
N TRP C 219 48.07 25.68 -11.99
CA TRP C 219 46.70 25.39 -11.60
C TRP C 219 46.63 24.11 -10.77
N GLN C 220 45.66 24.07 -9.87
CA GLN C 220 45.32 22.85 -9.15
C GLN C 220 44.07 22.29 -9.82
N GLU C 221 44.22 21.18 -10.53
CA GLU C 221 43.15 20.61 -11.35
C GLU C 221 42.60 19.37 -10.69
N PHE C 222 41.28 19.24 -10.65
CA PHE C 222 40.61 18.08 -10.07
C PHE C 222 39.52 17.59 -11.00
N VAL C 223 39.30 16.27 -10.99
CA VAL C 223 38.15 15.63 -11.65
C VAL C 223 37.09 15.31 -10.61
N MET C 224 35.85 15.64 -10.91
CA MET C 224 34.74 15.33 -10.02
C MET C 224 33.56 14.82 -10.83
N VAL C 225 33.19 13.57 -10.58
CA VAL C 225 32.03 12.93 -11.19
C VAL C 225 30.94 12.80 -10.12
N MET C 226 29.82 13.48 -10.34
CA MET C 226 28.67 13.36 -9.46
C MET C 226 27.93 12.08 -9.83
N ASN C 227 27.90 11.11 -8.92
CA ASN C 227 27.17 9.86 -9.15
C ASN C 227 26.28 9.54 -7.96
N GLY C 228 25.46 8.49 -8.14
CA GLY C 228 24.57 8.03 -7.10
C GLY C 228 24.35 6.54 -7.25
N PHE C 229 23.79 5.94 -6.20
CA PHE C 229 23.67 4.49 -6.17
C PHE C 229 22.33 4.09 -5.58
N ASP C 230 21.65 3.21 -6.29
CA ASP C 230 20.34 2.69 -5.93
C ASP C 230 20.59 1.27 -5.43
N THR C 231 20.82 1.15 -4.12
CA THR C 231 21.31 -0.11 -3.56
C THR C 231 20.24 -1.19 -3.41
N ASN C 232 18.95 -0.86 -3.47
CA ASN C 232 17.92 -1.89 -3.50
C ASN C 232 17.24 -1.99 -4.85
N PHE C 233 17.78 -1.31 -5.88
CA PHE C 233 17.36 -1.47 -7.27
C PHE C 233 15.85 -1.29 -7.47
N ASP C 234 15.31 -0.20 -6.92
CA ASP C 234 13.96 0.27 -7.21
C ASP C 234 13.95 1.58 -7.99
N GLU C 235 15.10 1.96 -8.58
CA GLU C 235 15.25 3.16 -9.41
C GLU C 235 15.14 4.46 -8.62
N GLU C 236 15.50 4.45 -7.34
CA GLU C 236 15.65 5.69 -6.58
C GLU C 236 16.95 5.59 -5.80
N ASN C 237 17.81 6.58 -5.93
CA ASN C 237 19.12 6.51 -5.31
C ASN C 237 19.02 6.55 -3.80
N GLU C 238 19.88 5.78 -3.13
CA GLU C 238 20.07 5.83 -1.69
C GLU C 238 21.29 6.65 -1.29
N VAL C 239 22.34 6.62 -2.11
CA VAL C 239 23.62 7.22 -1.78
C VAL C 239 23.98 8.15 -2.92
N TYR C 240 24.48 9.33 -2.58
CA TYR C 240 25.02 10.27 -3.55
C TYR C 240 26.46 10.58 -3.19
N ALA C 241 27.24 10.96 -4.19
CA ALA C 241 28.63 11.28 -3.92
C ALA C 241 29.20 12.11 -5.05
N VAL C 242 30.36 12.68 -4.77
CA VAL C 242 31.28 13.08 -5.81
CA VAL C 242 31.30 13.10 -5.80
C VAL C 242 32.44 12.08 -5.75
N ASN C 243 32.68 11.39 -6.87
CA ASN C 243 33.71 10.36 -6.95
C ASN C 243 33.41 9.20 -5.99
N THR C 244 32.13 8.79 -5.97
CA THR C 244 31.67 7.48 -5.51
C THR C 244 31.56 7.31 -3.99
N VAL C 245 32.58 7.69 -3.22
CA VAL C 245 32.54 7.43 -1.78
C VAL C 245 31.78 8.58 -1.10
N ALA C 246 30.63 8.27 -0.53
CA ALA C 246 29.84 9.24 0.22
C ALA C 246 30.66 9.94 1.29
N HIS C 247 30.62 11.28 1.29
CA HIS C 247 31.25 12.15 2.27
C HIS C 247 32.78 11.99 2.32
N ALA C 248 33.39 11.48 1.24
CA ALA C 248 34.83 11.19 1.28
C ALA C 248 35.64 12.44 1.59
N TYR C 249 35.22 13.59 1.06
CA TYR C 249 35.98 14.81 1.25
C TYR C 249 35.51 15.60 2.45
N MET C 250 34.54 15.07 3.21
CA MET C 250 34.31 15.52 4.58
C MET C 250 35.25 14.80 5.54
N LYS C 251 35.41 13.49 5.36
CA LYS C 251 36.35 12.70 6.15
C LYS C 251 37.77 13.22 5.96
N ARG C 252 38.16 13.52 4.73
CA ARG C 252 39.50 14.00 4.42
C ARG C 252 39.36 15.13 3.39
N PRO C 253 39.47 16.38 3.82
CA PRO C 253 39.25 17.51 2.90
C PRO C 253 40.33 17.62 1.83
N ILE C 254 39.95 18.24 0.72
CA ILE C 254 40.86 18.46 -0.41
C ILE C 254 41.72 19.69 -0.10
N ARG C 255 43.03 19.47 0.04
CA ARG C 255 43.95 20.55 0.40
C ARG C 255 44.23 21.43 -0.81
N ILE C 256 44.08 22.73 -0.62
CA ILE C 256 44.09 23.74 -1.67
C ILE C 256 45.11 24.79 -1.24
N GLU C 257 46.15 24.98 -2.04
CA GLU C 257 47.08 26.06 -1.81
C GLU C 257 46.42 27.36 -2.24
N ARG C 258 46.31 28.34 -1.34
CA ARG C 258 45.49 29.49 -1.73
C ARG C 258 46.17 30.41 -2.74
N ASP C 259 47.48 30.27 -2.97
CA ASP C 259 48.18 31.14 -3.91
C ASP C 259 48.06 30.68 -5.37
N ARG C 260 47.45 29.52 -5.62
CA ARG C 260 47.30 28.95 -6.95
C ARG C 260 45.82 28.79 -7.26
N PRO C 261 45.40 29.03 -8.50
CA PRO C 261 43.98 28.89 -8.85
C PRO C 261 43.56 27.43 -8.94
N VAL C 262 42.24 27.22 -8.97
CA VAL C 262 41.64 25.90 -8.92
C VAL C 262 40.75 25.70 -10.14
N ARG C 263 40.89 24.55 -10.79
CA ARG C 263 40.04 24.13 -11.89
C ARG C 263 39.43 22.78 -11.57
N ILE C 264 38.13 22.66 -11.76
CA ILE C 264 37.42 21.40 -11.54
C ILE C 264 36.82 20.99 -12.87
N TYR C 265 37.06 19.74 -13.26
CA TYR C 265 36.33 19.14 -14.38
C TYR C 265 35.16 18.37 -13.76
N LEU C 266 33.93 18.92 -13.91
CA LEU C 266 32.76 18.43 -13.19
C LEU C 266 31.80 17.74 -14.17
N ILE C 267 31.46 16.49 -13.87
CA ILE C 267 30.64 15.67 -14.75
C ILE C 267 29.45 15.10 -13.97
N ASN C 268 28.25 15.13 -14.56
CA ASN C 268 27.07 14.55 -13.93
C ASN C 268 26.77 13.20 -14.55
N ALA C 269 27.01 12.13 -13.79
CA ALA C 269 26.68 10.78 -14.20
C ALA C 269 25.53 10.21 -13.38
N THR C 270 24.87 11.04 -12.58
CA THR C 270 23.83 10.55 -11.70
C THR C 270 22.62 10.06 -12.49
N GLU C 271 22.18 8.85 -12.20
CA GLU C 271 21.04 8.24 -12.87
C GLU C 271 19.76 8.46 -12.05
N PHE C 272 18.61 8.33 -12.71
CA PHE C 272 17.28 8.38 -12.11
C PHE C 272 16.82 9.80 -11.75
N ASP C 273 17.68 10.60 -11.16
CA ASP C 273 17.28 11.97 -10.86
C ASP C 273 17.51 12.89 -12.07
N PRO C 274 16.62 13.86 -12.28
CA PRO C 274 16.76 14.72 -13.47
C PRO C 274 17.97 15.64 -13.44
N ILE C 275 18.33 16.23 -12.30
CA ILE C 275 19.46 17.16 -12.26
C ILE C 275 20.31 16.91 -11.02
N ASN C 276 21.53 17.43 -11.09
CA ASN C 276 22.46 17.49 -9.97
C ASN C 276 23.11 18.87 -10.03
N SER C 277 23.81 19.25 -8.96
CA SER C 277 24.29 20.62 -8.88
C SER C 277 25.54 20.72 -8.03
N PHE C 278 26.13 21.91 -8.03
CA PHE C 278 27.37 22.20 -7.34
C PHE C 278 27.27 23.60 -6.76
N HIS C 279 27.35 23.70 -5.43
CA HIS C 279 27.39 24.99 -4.75
C HIS C 279 28.75 25.14 -4.05
N LEU C 280 29.48 26.19 -4.38
CA LEU C 280 30.76 26.49 -3.73
C LEU C 280 30.53 27.51 -2.62
N HIS C 281 30.88 27.14 -1.39
CA HIS C 281 30.67 28.06 -0.26
C HIS C 281 31.67 29.20 -0.28
N ALA C 282 31.17 30.40 0.05
CA ALA C 282 31.97 31.56 0.42
C ALA C 282 32.76 32.15 -0.74
N ASN C 283 32.53 31.68 -1.96
CA ASN C 283 33.36 32.07 -3.08
C ASN C 283 32.56 31.87 -4.37
N PHE C 284 33.08 32.44 -5.47
CA PHE C 284 32.40 32.35 -6.76
C PHE C 284 33.36 31.80 -7.79
N PHE C 285 32.80 31.13 -8.81
CA PHE C 285 33.61 30.54 -9.87
C PHE C 285 33.08 30.98 -11.23
N ASP C 286 33.94 30.82 -12.24
CA ASP C 286 33.53 30.92 -13.64
C ASP C 286 33.21 29.52 -14.16
N TYR C 287 32.15 29.40 -14.93
CA TYR C 287 31.68 28.11 -15.43
C TYR C 287 31.78 28.07 -16.95
N TYR C 288 32.40 27.01 -17.46
CA TYR C 288 32.58 26.75 -18.90
C TYR C 288 31.73 25.52 -19.25
N ASP C 289 30.58 25.75 -19.88
CA ASP C 289 29.69 24.64 -20.15
C ASP C 289 30.31 23.70 -21.19
N HIS C 290 30.41 22.41 -20.85
CA HIS C 290 31.05 21.38 -21.67
C HIS C 290 32.54 21.63 -21.81
N GLY C 291 33.04 22.72 -21.23
CA GLY C 291 34.43 23.14 -21.39
C GLY C 291 34.81 23.49 -22.81
N THR C 292 33.83 23.67 -23.70
CA THR C 292 34.10 23.73 -25.13
C THR C 292 34.38 25.13 -25.63
N THR C 293 34.40 26.14 -24.76
CA THR C 293 34.87 27.47 -25.13
C THR C 293 35.99 27.88 -24.18
N LEU C 294 36.81 28.82 -24.62
CA LEU C 294 37.91 29.28 -23.78
C LEU C 294 37.59 30.59 -23.06
N THR C 295 36.39 31.10 -23.23
CA THR C 295 35.81 32.17 -22.45
C THR C 295 34.65 31.60 -21.62
N PRO C 296 34.38 32.15 -20.44
CA PRO C 296 33.34 31.57 -19.59
C PRO C 296 31.95 31.65 -20.21
N THR C 297 31.14 30.64 -19.92
CA THR C 297 29.71 30.69 -20.20
C THR C 297 29.00 31.53 -19.15
N LEU C 298 29.33 31.31 -17.87
CA LEU C 298 28.80 32.08 -16.76
C LEU C 298 29.98 32.65 -15.99
N LYS C 299 30.02 33.98 -15.87
CA LYS C 299 30.98 34.64 -15.02
C LYS C 299 30.40 34.81 -13.63
N THR C 300 31.20 34.47 -12.62
CA THR C 300 30.92 34.81 -11.22
C THR C 300 29.56 34.23 -10.77
N VAL C 301 29.56 32.91 -10.60
CA VAL C 301 28.41 32.20 -10.06
C VAL C 301 28.88 31.31 -8.93
N ASP C 302 27.94 30.87 -8.09
CA ASP C 302 28.28 29.96 -7.02
C ASP C 302 27.42 28.70 -7.00
N THR C 303 26.41 28.58 -7.86
CA THR C 303 25.56 27.41 -7.94
C THR C 303 25.21 27.15 -9.39
N ILE C 304 25.57 25.97 -9.90
CA ILE C 304 25.21 25.56 -11.26
C ILE C 304 24.58 24.18 -11.20
N MET C 305 23.77 23.87 -12.21
CA MET C 305 23.10 22.58 -12.28
C MET C 305 23.38 21.95 -13.64
N GLN C 306 23.29 20.63 -13.67
CA GLN C 306 23.51 19.82 -14.86
C GLN C 306 22.53 18.66 -14.84
N CYS C 307 21.90 18.37 -15.98
CA CYS C 307 21.28 17.07 -16.12
C CYS C 307 22.37 16.03 -16.40
N GLN C 308 22.00 14.75 -16.34
CA GLN C 308 22.97 13.69 -16.65
C GLN C 308 23.52 13.89 -18.06
N GLY C 309 24.81 13.57 -18.23
CA GLY C 309 25.50 13.78 -19.48
C GLY C 309 26.03 15.19 -19.67
N GLN C 310 25.53 16.16 -18.91
CA GLN C 310 26.13 17.49 -18.96
C GLN C 310 27.34 17.51 -18.05
N ARG C 311 28.17 18.52 -18.23
CA ARG C 311 29.47 18.61 -17.56
C ARG C 311 30.05 19.96 -17.93
N GLY C 312 31.13 20.32 -17.26
CA GLY C 312 31.78 21.58 -17.56
C GLY C 312 33.00 21.80 -16.68
N ILE C 313 33.56 23.00 -16.78
CA ILE C 313 34.77 23.39 -16.08
C ILE C 313 34.45 24.55 -15.14
N LEU C 314 34.90 24.46 -13.90
CA LEU C 314 34.77 25.52 -12.90
C LEU C 314 36.16 26.05 -12.61
N GLU C 315 36.31 27.37 -12.58
CA GLU C 315 37.58 27.99 -12.25
C GLU C 315 37.35 29.01 -11.15
N PHE C 316 38.16 28.94 -10.11
CA PHE C 316 38.05 29.87 -9.01
C PHE C 316 39.40 29.98 -8.33
N SER C 317 39.47 30.90 -7.36
CA SER C 317 40.68 31.14 -6.61
C SER C 317 40.32 31.45 -5.17
N PHE C 318 41.07 30.86 -4.24
CA PHE C 318 40.98 31.22 -2.82
C PHE C 318 42.10 32.14 -2.39
N ASN C 319 42.69 32.88 -3.34
CA ASN C 319 43.76 33.80 -3.03
C ASN C 319 43.27 34.87 -2.07
N GLY C 320 44.02 35.08 -0.99
CA GLY C 320 43.66 36.08 -0.01
C GLY C 320 42.66 35.65 1.03
N PHE C 321 42.09 34.45 0.91
CA PHE C 321 41.09 33.99 1.87
C PHE C 321 41.77 33.56 3.14
N GLU C 322 41.07 33.72 4.25
CA GLU C 322 41.48 33.11 5.50
C GLU C 322 41.61 31.59 5.34
N PRO C 323 42.69 30.98 5.83
CA PRO C 323 42.77 29.51 5.81
C PRO C 323 41.63 28.88 6.60
N GLY C 324 41.15 27.74 6.11
CA GLY C 324 40.04 27.06 6.75
C GLY C 324 39.38 26.09 5.80
N LEU C 325 38.22 25.60 6.23
CA LEU C 325 37.42 24.64 5.48
C LEU C 325 36.33 25.36 4.69
N TYR C 326 36.25 25.09 3.40
CA TYR C 326 35.28 25.72 2.51
C TYR C 326 34.49 24.61 1.84
N MET C 327 33.19 24.55 2.14
CA MET C 327 32.35 23.44 1.75
C MET C 327 31.94 23.54 0.28
N PHE C 328 31.70 22.39 -0.33
CA PHE C 328 31.07 22.33 -1.65
C PHE C 328 30.13 21.14 -1.66
N HIS C 329 28.97 21.30 -2.30
CA HIS C 329 27.96 20.24 -2.27
C HIS C 329 26.85 20.53 -3.26
N ALA C 330 26.03 19.50 -3.51
CA ALA C 330 24.79 19.68 -4.25
C ALA C 330 23.87 20.67 -3.56
N HIS C 331 23.21 21.51 -4.33
CA HIS C 331 22.15 22.31 -3.75
C HIS C 331 20.80 21.62 -3.83
N GLN C 332 20.76 20.33 -4.14
CA GLN C 332 19.62 19.49 -3.79
C GLN C 332 19.92 18.95 -2.39
N SER C 333 19.23 19.49 -1.39
CA SER C 333 19.63 19.30 0.00
C SER C 333 19.73 17.83 0.38
N GLU C 334 18.77 17.01 -0.04
CA GLU C 334 18.86 15.60 0.31
C GLU C 334 20.10 14.93 -0.28
N PHE C 335 20.57 15.34 -1.49
CA PHE C 335 21.78 14.74 -2.06
C PHE C 335 22.97 14.97 -1.15
N ALA C 336 23.12 16.21 -0.65
CA ALA C 336 24.25 16.55 0.20
C ALA C 336 24.22 15.77 1.51
N GLU C 337 23.02 15.60 2.06
CA GLU C 337 22.87 14.83 3.29
C GLU C 337 23.21 13.36 3.07
N LEU C 338 22.96 12.84 1.87
CA LEU C 338 23.21 11.43 1.58
C LEU C 338 24.60 11.18 0.99
N GLY C 339 25.49 12.18 0.97
CA GLY C 339 26.87 11.91 0.64
C GLY C 339 27.58 12.89 -0.29
N TRP C 340 26.82 13.67 -1.06
CA TRP C 340 27.39 14.61 -2.02
CA TRP C 340 27.40 14.61 -2.02
C TRP C 340 27.65 15.93 -1.28
N MET C 341 28.70 15.92 -0.47
CA MET C 341 29.18 17.08 0.28
C MET C 341 30.65 16.84 0.60
N GLY C 342 31.47 17.87 0.42
CA GLY C 342 32.87 17.78 0.82
C GLY C 342 33.37 19.14 1.26
N ASN C 343 34.63 19.18 1.69
CA ASN C 343 35.32 20.41 2.08
C ASN C 343 36.60 20.60 1.29
N PHE C 344 36.86 21.84 0.87
CA PHE C 344 38.20 22.26 0.55
C PHE C 344 38.88 22.74 1.83
N GLU C 345 40.12 22.36 2.02
CA GLU C 345 40.95 22.90 3.10
C GLU C 345 41.94 23.88 2.49
N VAL C 346 41.63 25.17 2.59
CA VAL C 346 42.50 26.22 2.09
C VAL C 346 43.63 26.42 3.09
N ILE C 347 44.88 26.28 2.64
CA ILE C 347 46.03 26.35 3.54
C ILE C 347 46.85 27.59 3.19
N GLU C 348 47.56 28.11 4.20
CA GLU C 348 48.31 29.35 4.08
C GLU C 348 49.31 29.34 2.91
N GLY D 50 37.28 -8.86 12.65
CA GLY D 50 38.06 -8.31 13.73
C GLY D 50 37.41 -8.45 15.10
N PHE D 51 36.11 -8.19 15.18
CA PHE D 51 35.44 -8.18 16.47
C PHE D 51 35.24 -9.60 16.98
N ASP D 52 35.61 -9.83 18.23
CA ASP D 52 35.48 -11.14 18.87
C ASP D 52 34.51 -11.02 20.04
N PRO D 53 33.25 -11.46 19.88
CA PRO D 53 32.29 -11.35 21.00
C PRO D 53 32.62 -12.27 22.16
N TYR D 54 33.49 -13.26 21.96
CA TYR D 54 33.84 -14.13 23.07
C TYR D 54 34.91 -13.52 23.94
N ALA D 55 35.92 -12.86 23.32
CA ALA D 55 36.90 -12.10 24.08
C ALA D 55 36.27 -10.87 24.74
N PHE D 56 35.28 -10.25 24.07
CA PHE D 56 34.66 -9.03 24.60
C PHE D 56 34.01 -9.27 25.96
N LEU D 57 33.55 -10.49 26.24
CA LEU D 57 32.79 -10.74 27.47
C LEU D 57 33.59 -10.39 28.72
N THR D 58 34.92 -10.57 28.67
CA THR D 58 35.76 -10.42 29.85
C THR D 58 36.88 -9.40 29.64
N HIS D 59 36.78 -8.54 28.62
CA HIS D 59 37.83 -7.57 28.33
C HIS D 59 37.53 -6.25 29.04
N TRP D 60 38.49 -5.78 29.85
CA TRP D 60 38.36 -4.53 30.61
C TRP D 60 39.48 -3.59 30.21
N GLU D 61 39.13 -2.41 29.70
CA GLU D 61 40.10 -1.35 29.43
C GLU D 61 40.24 -0.51 30.70
N THR D 62 41.38 -0.60 31.36
CA THR D 62 41.58 0.11 32.62
C THR D 62 42.44 1.36 32.47
N GLY D 63 42.86 1.70 31.25
CA GLY D 63 43.54 2.96 31.00
C GLY D 63 45.02 2.93 31.31
N GLU D 64 45.67 4.03 31.01
CA GLU D 64 47.07 4.19 31.37
C GLU D 64 47.10 4.94 32.70
N VAL D 65 47.63 4.27 33.73
CA VAL D 65 47.46 4.68 35.12
C VAL D 65 48.66 5.50 35.55
N SER D 66 48.41 6.54 36.34
CA SER D 66 49.45 7.36 36.95
C SER D 66 48.84 8.06 38.16
N THR D 67 49.67 8.80 38.88
CA THR D 67 49.24 9.50 40.09
C THR D 67 49.37 11.00 39.89
N LEU D 68 48.30 11.72 40.18
CA LEU D 68 48.31 13.18 40.12
C LEU D 68 49.08 13.74 41.33
N PRO D 69 49.55 14.99 41.24
CA PRO D 69 50.29 15.57 42.39
C PRO D 69 49.54 15.50 43.71
N SER D 70 48.22 15.61 43.69
CA SER D 70 47.43 15.49 44.92
C SER D 70 47.38 14.07 45.46
N GLY D 71 47.97 13.10 44.76
CA GLY D 71 47.83 11.71 45.11
C GLY D 71 46.68 10.99 44.43
N GLN D 72 45.81 11.70 43.72
CA GLN D 72 44.67 11.06 43.07
C GLN D 72 45.13 10.23 41.88
N THR D 73 44.52 9.06 41.74
CA THR D 73 44.81 8.17 40.62
C THR D 73 44.23 8.75 39.33
N LEU D 74 45.02 8.71 38.26
CA LEU D 74 44.60 9.19 36.95
C LEU D 74 44.57 8.02 35.98
N ARG D 75 43.47 7.89 35.24
CA ARG D 75 43.38 6.87 34.20
C ARG D 75 43.06 7.56 32.88
N GLU D 76 43.88 7.29 31.88
CA GLU D 76 43.78 7.90 30.57
C GLU D 76 43.41 6.86 29.52
N PHE D 77 42.52 7.26 28.61
CA PHE D 77 42.01 6.42 27.55
C PHE D 77 42.10 7.18 26.24
N ASN D 78 42.23 6.43 25.15
CA ASN D 78 42.28 6.99 23.80
C ASN D 78 41.16 6.38 22.97
N ILE D 79 40.24 7.22 22.48
CA ILE D 79 39.09 6.73 21.74
C ILE D 79 38.99 7.49 20.43
N VAL D 80 38.90 6.74 19.33
CA VAL D 80 38.79 7.30 17.98
C VAL D 80 37.47 6.86 17.39
N ALA D 81 36.68 7.82 16.92
CA ALA D 81 35.49 7.50 16.15
C ALA D 81 35.91 7.22 14.71
N VAL D 82 35.51 6.07 14.17
CA VAL D 82 35.86 5.71 12.81
C VAL D 82 34.70 4.95 12.16
N ASP D 83 34.40 5.31 10.91
CA ASP D 83 33.42 4.59 10.09
C ASP D 83 34.00 3.24 9.70
N LYS D 84 33.21 2.19 9.85
CA LYS D 84 33.80 0.87 9.61
C LYS D 84 32.68 -0.12 9.37
N GLU D 85 32.97 -1.10 8.53
CA GLU D 85 32.09 -2.24 8.42
C GLU D 85 32.19 -3.11 9.68
N ILE D 86 31.04 -3.61 10.16
CA ILE D 86 31.03 -4.64 11.19
C ILE D 86 30.14 -5.79 10.69
N GLU D 87 30.38 -6.97 11.26
CA GLU D 87 29.67 -8.19 10.88
C GLU D 87 28.76 -8.59 12.03
N ILE D 88 27.45 -8.54 11.80
CA ILE D 88 26.49 -8.85 12.85
C ILE D 88 25.97 -10.27 12.74
N ALA D 89 26.34 -10.99 11.68
CA ALA D 89 26.08 -12.39 11.40
C ALA D 89 26.91 -12.71 10.16
N PRO D 90 27.32 -13.95 9.95
CA PRO D 90 28.23 -14.25 8.83
C PRO D 90 27.61 -13.91 7.48
N GLY D 91 28.21 -12.94 6.81
CA GLY D 91 27.68 -12.43 5.57
C GLY D 91 26.66 -11.32 5.70
N VAL D 92 26.38 -10.83 6.91
CA VAL D 92 25.57 -9.62 7.11
C VAL D 92 26.50 -8.50 7.55
N TYR D 93 26.73 -7.54 6.67
CA TYR D 93 27.63 -6.41 6.94
C TYR D 93 26.82 -5.16 7.20
N PHE D 94 27.17 -4.47 8.27
CA PHE D 94 26.46 -3.28 8.68
C PHE D 94 27.39 -2.08 8.57
N PRO D 95 26.97 -1.00 7.94
CA PRO D 95 27.81 0.20 7.88
C PRO D 95 27.78 0.98 9.19
N ALA D 96 28.79 0.79 10.03
CA ALA D 96 28.77 1.29 11.39
C ALA D 96 29.60 2.56 11.59
N TRP D 97 29.22 3.31 12.62
CA TRP D 97 30.03 4.36 13.21
C TRP D 97 30.51 3.81 14.56
N THR D 98 31.82 3.71 14.75
CA THR D 98 32.37 2.94 15.87
C THR D 98 33.34 3.77 16.69
N TYR D 99 33.44 3.39 17.96
CA TYR D 99 34.52 3.83 18.83
C TYR D 99 35.63 2.78 18.75
N ASN D 100 36.81 3.20 18.25
CA ASN D 100 37.97 2.30 18.13
C ASN D 100 37.67 1.08 17.27
N GLY D 101 36.86 1.24 16.23
CA GLY D 101 36.71 0.17 15.26
C GLY D 101 35.90 -1.03 15.70
N GLN D 102 35.15 -0.94 16.80
CA GLN D 102 34.36 -2.07 17.26
C GLN D 102 33.01 -1.58 17.77
N VAL D 103 32.02 -2.48 17.72
CA VAL D 103 30.70 -2.26 18.28
C VAL D 103 30.33 -3.47 19.12
N PRO D 104 30.05 -3.32 20.43
CA PRO D 104 30.07 -2.07 21.21
C PRO D 104 31.49 -1.56 21.39
N GLY D 105 31.66 -0.29 21.77
CA GLY D 105 32.98 0.24 21.95
C GLY D 105 33.69 -0.38 23.14
N PRO D 106 34.94 0.05 23.37
CA PRO D 106 35.72 -0.51 24.49
C PRO D 106 34.98 -0.37 25.80
N THR D 107 35.01 -1.44 26.60
CA THR D 107 34.49 -1.41 27.95
C THR D 107 35.51 -0.72 28.86
N LEU D 108 35.16 0.44 29.39
CA LEU D 108 36.05 1.20 30.26
C LEU D 108 35.73 0.87 31.71
N ARG D 109 36.75 0.52 32.50
CA ARG D 109 36.56 0.14 33.90
C ARG D 109 37.56 0.89 34.76
N VAL D 110 37.04 1.69 35.71
CA VAL D 110 37.84 2.52 36.60
C VAL D 110 37.34 2.31 38.02
N THR D 111 37.96 3.02 38.97
CA THR D 111 37.55 2.96 40.37
C THR D 111 36.94 4.29 40.78
N GLU D 112 35.85 4.21 41.55
CA GLU D 112 35.25 5.35 42.23
C GLU D 112 36.32 6.32 42.73
N GLY D 113 36.21 7.59 42.32
CA GLY D 113 37.14 8.61 42.73
C GLY D 113 38.33 8.81 41.81
N ASP D 114 38.55 7.92 40.85
CA ASP D 114 39.64 8.14 39.90
C ASP D 114 39.39 9.40 39.07
N ARG D 115 40.46 10.08 38.70
CA ARG D 115 40.39 11.07 37.64
C ARG D 115 40.46 10.35 36.31
N VAL D 116 39.47 10.60 35.45
CA VAL D 116 39.37 9.98 34.13
C VAL D 116 39.63 11.03 33.07
N ARG D 117 40.53 10.72 32.13
CA ARG D 117 40.74 11.54 30.93
C ARG D 117 40.52 10.65 29.72
N VAL D 118 39.57 11.05 28.87
CA VAL D 118 39.28 10.34 27.63
C VAL D 118 39.61 11.28 26.49
N HIS D 119 40.73 11.02 25.82
CA HIS D 119 41.14 11.76 24.62
C HIS D 119 40.36 11.23 23.44
N PHE D 120 39.46 12.04 22.90
CA PHE D 120 38.55 11.63 21.84
C PHE D 120 38.98 12.29 20.54
N HIS D 121 39.10 11.51 19.48
CA HIS D 121 39.42 12.04 18.18
C HIS D 121 38.38 11.54 17.19
N ASN D 122 37.92 12.43 16.31
CA ASN D 122 36.93 12.04 15.30
C ASN D 122 37.64 11.81 13.97
N ALA D 123 37.75 10.53 13.57
CA ALA D 123 38.30 10.18 12.27
C ALA D 123 37.21 9.73 11.30
N GLY D 124 35.96 10.05 11.58
CA GLY D 124 34.86 9.71 10.71
C GLY D 124 34.51 10.86 9.78
N SER D 125 33.32 10.77 9.20
CA SER D 125 32.86 11.77 8.25
C SER D 125 31.71 12.62 8.77
N HIS D 126 31.14 12.26 9.92
CA HIS D 126 30.08 12.98 10.61
C HIS D 126 30.55 13.44 12.00
N PRO D 127 30.01 14.55 12.51
CA PRO D 127 30.35 14.96 13.88
C PRO D 127 29.81 13.97 14.90
N HIS D 128 30.52 13.85 16.03
CA HIS D 128 30.18 12.90 17.08
C HIS D 128 30.59 13.47 18.44
N THR D 129 30.04 12.87 19.50
CA THR D 129 30.45 13.14 20.86
C THR D 129 30.61 11.83 21.60
N ILE D 130 31.05 11.93 22.86
CA ILE D 130 30.87 10.89 23.87
C ILE D 130 30.06 11.51 25.00
N HIS D 131 28.87 10.99 25.22
CA HIS D 131 28.08 11.33 26.39
C HIS D 131 28.18 10.16 27.37
N PHE D 132 28.87 10.39 28.49
CA PHE D 132 28.92 9.42 29.59
C PHE D 132 27.69 9.53 30.47
N HIS D 133 27.13 8.38 30.84
CA HIS D 133 26.22 8.33 31.98
C HIS D 133 27.08 8.30 33.24
N GLY D 134 27.17 9.43 33.92
CA GLY D 134 27.98 9.54 35.12
C GLY D 134 27.94 10.98 35.55
N ILE D 135 28.56 11.27 36.70
CA ILE D 135 28.60 12.63 37.20
C ILE D 135 29.79 13.35 36.57
N HIS D 136 29.55 14.54 36.02
CA HIS D 136 30.61 15.32 35.38
C HIS D 136 30.11 16.74 35.14
N PRO D 137 30.99 17.70 34.84
CA PRO D 137 30.54 19.07 34.54
C PRO D 137 29.77 19.15 33.22
N ALA D 138 28.96 20.20 33.11
CA ALA D 138 28.14 20.42 31.91
C ALA D 138 28.99 20.46 30.66
N SER D 139 30.14 21.12 30.73
CA SER D 139 30.99 21.25 29.55
C SER D 139 31.59 19.93 29.11
N MET D 140 31.54 18.89 29.96
CA MET D 140 32.04 17.56 29.65
C MET D 140 30.92 16.56 29.35
N ASP D 141 29.71 17.02 29.09
CA ASP D 141 28.54 16.15 29.00
C ASP D 141 28.37 15.51 27.62
N GLY D 142 29.12 15.96 26.61
CA GLY D 142 29.05 15.34 25.30
C GLY D 142 27.74 15.56 24.57
N VAL D 143 27.14 16.75 24.70
CA VAL D 143 25.92 17.08 23.96
C VAL D 143 26.21 18.22 23.00
N PRO D 144 25.46 18.34 21.90
CA PRO D 144 25.62 19.52 21.03
C PRO D 144 25.31 20.79 21.79
N GLY D 145 26.11 21.82 21.56
CA GLY D 145 25.77 23.14 22.05
C GLY D 145 26.35 23.54 23.39
N THR D 146 26.85 22.62 24.21
CA THR D 146 27.59 23.03 25.39
C THR D 146 29.03 22.52 25.35
N GLY D 147 29.91 23.18 26.10
CA GLY D 147 31.32 22.88 26.03
C GLY D 147 31.83 23.02 24.61
N PRO D 148 32.62 22.04 24.14
CA PRO D 148 33.07 22.10 22.74
C PRO D 148 31.98 21.76 21.75
N GLY D 149 30.84 21.25 22.21
CA GLY D 149 29.81 20.79 21.30
C GLY D 149 30.19 19.47 20.66
N MET D 150 29.70 19.28 19.44
CA MET D 150 30.06 18.09 18.69
C MET D 150 31.50 18.21 18.19
N ILE D 151 32.19 17.08 18.14
CA ILE D 151 33.56 17.00 17.66
C ILE D 151 33.49 16.65 16.18
N TYR D 152 33.85 17.60 15.31
CA TYR D 152 33.73 17.42 13.87
C TYR D 152 34.91 16.63 13.32
N PRO D 153 34.80 16.11 12.09
CA PRO D 153 35.89 15.30 11.52
C PRO D 153 37.23 16.02 11.59
N GLY D 154 38.24 15.31 12.11
CA GLY D 154 39.57 15.84 12.25
C GLY D 154 39.87 16.52 13.58
N GLU D 155 38.84 16.87 14.35
CA GLU D 155 39.01 17.54 15.63
C GLU D 155 39.22 16.54 16.76
N SER D 156 39.68 17.05 17.89
CA SER D 156 39.91 16.26 19.10
C SER D 156 39.40 17.01 20.31
N PHE D 157 39.11 16.27 21.37
CA PHE D 157 38.71 16.86 22.63
C PHE D 157 38.99 15.85 23.73
N THR D 158 39.36 16.34 24.92
CA THR D 158 39.61 15.49 26.07
C THR D 158 38.48 15.65 27.08
N TYR D 159 37.70 14.59 27.26
CA TYR D 159 36.72 14.55 28.34
C TYR D 159 37.43 14.28 29.66
N GLU D 160 37.09 15.04 30.70
CA GLU D 160 37.77 14.91 31.99
C GLU D 160 36.78 15.08 33.13
N PHE D 161 36.79 14.13 34.07
CA PHE D 161 35.90 14.16 35.22
C PHE D 161 36.44 13.21 36.27
N ASP D 162 35.91 13.32 37.49
CA ASP D 162 36.10 12.31 38.52
C ASP D 162 35.04 11.23 38.36
N ALA D 163 35.44 9.97 38.59
CA ALA D 163 34.57 8.83 38.35
C ALA D 163 33.64 8.64 39.54
N TYR D 164 32.41 9.12 39.40
CA TYR D 164 31.30 8.93 40.33
C TYR D 164 30.03 8.77 39.50
N PRO D 165 29.04 8.02 40.01
CA PRO D 165 29.06 7.24 41.24
C PRO D 165 29.48 5.82 40.92
N PHE D 166 29.84 5.01 41.90
CA PHE D 166 30.14 3.62 41.56
C PHE D 166 28.88 2.99 40.97
N GLY D 167 29.08 2.06 40.06
CA GLY D 167 27.97 1.33 39.49
C GLY D 167 28.27 0.90 38.07
N CYS D 168 27.22 0.45 37.41
CA CYS D 168 27.27 0.01 36.02
C CYS D 168 26.71 1.13 35.14
N HIS D 169 27.54 1.68 34.27
CA HIS D 169 27.13 2.80 33.43
C HIS D 169 27.44 2.52 31.96
N LEU D 170 27.26 3.52 31.12
CA LEU D 170 27.56 3.36 29.72
C LEU D 170 27.91 4.74 29.17
N TYR D 171 28.37 4.75 27.92
CA TYR D 171 28.60 5.97 27.17
C TYR D 171 28.08 5.75 25.75
N HIS D 172 27.72 6.83 25.08
CA HIS D 172 27.23 6.74 23.72
C HIS D 172 27.26 8.12 23.11
N CYS D 173 27.17 8.16 21.79
CA CYS D 173 27.16 9.44 21.09
C CYS D 173 25.83 10.15 21.33
N HIS D 174 25.89 11.49 21.40
CA HIS D 174 24.68 12.33 21.49
C HIS D 174 24.80 13.44 20.43
N ALA D 175 24.57 13.08 19.17
CA ALA D 175 24.64 14.01 18.05
C ALA D 175 23.23 14.17 17.47
N ILE D 176 23.14 14.68 16.25
CA ILE D 176 21.86 15.04 15.64
C ILE D 176 21.62 14.16 14.41
N PRO D 177 20.52 13.42 14.33
CA PRO D 177 19.55 13.21 15.43
C PRO D 177 20.05 12.12 16.39
N LEU D 178 19.50 12.14 17.59
CA LEU D 178 19.99 11.29 18.66
C LEU D 178 20.00 9.82 18.24
N LYS D 179 18.91 9.35 17.63
CA LYS D 179 18.76 7.91 17.41
C LYS D 179 19.73 7.41 16.34
N ARG D 180 20.09 8.26 15.38
CA ARG D 180 20.93 7.82 14.28
C ARG D 180 22.32 7.38 14.78
N HIS D 181 22.97 8.23 15.57
CA HIS D 181 24.35 7.94 15.96
C HIS D 181 24.44 6.77 16.94
N ILE D 182 23.43 6.59 17.80
CA ILE D 182 23.42 5.42 18.67
C ILE D 182 23.23 4.14 17.86
N HIS D 183 22.20 4.12 17.01
CA HIS D 183 21.95 2.94 16.18
C HIS D 183 23.16 2.57 15.34
N LYS D 184 23.86 3.56 14.79
CA LYS D 184 24.98 3.26 13.90
C LYS D 184 26.11 2.56 14.63
N GLY D 185 26.14 2.60 15.95
CA GLY D 185 27.06 1.76 16.69
C GLY D 185 27.84 2.42 17.80
N LEU D 186 27.59 3.69 18.09
CA LEU D 186 28.45 4.48 19.00
C LEU D 186 27.93 4.38 20.42
N TYR D 187 28.20 3.24 21.05
CA TYR D 187 27.86 2.99 22.45
C TYR D 187 28.85 1.99 23.04
N GLY D 188 28.98 2.02 24.36
CA GLY D 188 29.85 1.08 25.07
C GLY D 188 29.59 1.15 26.56
N ALA D 189 30.24 0.22 27.27
CA ALA D 189 30.10 0.07 28.72
C ALA D 189 31.13 0.89 29.47
N PHE D 190 30.69 1.49 30.58
CA PHE D 190 31.54 2.29 31.47
C PHE D 190 31.26 1.80 32.89
N ILE D 191 32.24 1.15 33.50
CA ILE D 191 32.07 0.52 34.82
C ILE D 191 32.94 1.26 35.83
N ILE D 192 32.31 1.73 36.91
CA ILE D 192 33.01 2.38 38.02
C ILE D 192 32.91 1.46 39.23
N ASP D 193 34.05 0.85 39.59
CA ASP D 193 34.10 -0.03 40.76
C ASP D 193 33.98 0.78 42.04
N PRO D 194 33.27 0.27 43.05
CA PRO D 194 33.26 0.97 44.35
C PRO D 194 34.64 0.89 44.98
N ASP D 195 35.03 1.98 45.60
CA ASP D 195 36.26 1.98 46.39
C ASP D 195 35.95 1.35 47.74
N PRO D 196 36.46 0.14 48.05
CA PRO D 196 36.11 -0.50 49.33
C PRO D 196 36.38 0.36 50.55
N GLU D 197 37.38 1.24 50.50
CA GLU D 197 37.67 2.08 51.65
C GLU D 197 36.56 3.08 51.94
N ARG D 198 35.75 3.45 50.97
CA ARG D 198 34.65 4.39 51.18
C ARG D 198 33.32 3.73 51.55
N HIS D 199 33.30 2.41 51.79
CA HIS D 199 32.04 1.70 52.07
C HIS D 199 32.29 0.66 53.16
N PRO D 200 32.70 1.12 54.35
CA PRO D 200 33.06 0.15 55.41
C PRO D 200 31.93 -0.81 55.77
N GLU D 201 30.69 -0.36 55.70
CA GLU D 201 29.55 -1.23 56.04
C GLU D 201 29.31 -2.31 54.99
N TYR D 202 29.84 -2.18 53.78
CA TYR D 202 29.67 -3.16 52.71
C TYR D 202 31.01 -3.50 52.09
N GLN D 203 32.03 -3.62 52.94
CA GLN D 203 33.39 -3.77 52.42
C GLN D 203 33.58 -5.07 51.65
N ALA D 204 32.92 -6.15 52.05
CA ALA D 204 33.13 -7.41 51.34
C ALA D 204 32.48 -7.38 49.96
N ALA D 205 31.28 -6.79 49.86
CA ALA D 205 30.65 -6.66 48.56
C ALA D 205 31.43 -5.72 47.65
N ALA D 206 31.99 -4.65 48.23
CA ALA D 206 32.78 -3.72 47.44
C ALA D 206 34.06 -4.38 46.93
N ARG D 207 34.75 -5.13 47.80
CA ARG D 207 35.99 -5.78 47.38
C ARG D 207 35.73 -6.81 46.30
N ALA D 208 34.55 -7.45 46.31
CA ALA D 208 34.25 -8.43 45.27
C ALA D 208 34.02 -7.79 43.91
N ARG D 209 33.75 -6.47 43.86
CA ARG D 209 33.58 -5.74 42.61
C ARG D 209 34.81 -4.99 42.15
N LEU D 210 35.80 -4.79 43.02
CA LEU D 210 37.02 -4.05 42.68
C LEU D 210 37.91 -4.96 41.85
N LEU D 211 38.13 -4.60 40.58
CA LEU D 211 38.81 -5.49 39.65
C LEU D 211 40.21 -5.83 40.17
N GLY D 212 40.51 -7.12 40.23
CA GLY D 212 41.84 -7.58 40.56
C GLY D 212 42.08 -8.03 42.00
N THR D 213 41.19 -7.71 42.93
CA THR D 213 41.34 -8.26 44.27
C THR D 213 41.10 -9.76 44.26
N PRO D 214 41.60 -10.49 45.27
CA PRO D 214 41.34 -11.94 45.31
C PRO D 214 39.86 -12.28 45.41
N GLU D 215 39.07 -11.47 46.13
CA GLU D 215 37.62 -11.68 46.12
C GLU D 215 37.03 -11.48 44.73
N ASN D 216 37.48 -10.44 44.01
CA ASN D 216 37.00 -10.23 42.65
C ASN D 216 37.40 -11.38 41.73
N GLN D 217 38.62 -11.91 41.90
CA GLN D 217 39.08 -12.98 41.00
C GLN D 217 38.22 -14.23 41.14
N ALA D 218 37.57 -14.42 42.29
CA ALA D 218 36.73 -15.59 42.44
C ALA D 218 35.45 -15.47 41.61
N TRP D 219 34.96 -14.25 41.39
CA TRP D 219 33.77 -14.04 40.58
C TRP D 219 34.07 -14.19 39.10
N GLN D 220 33.11 -14.73 38.37
CA GLN D 220 33.16 -14.73 36.91
C GLN D 220 32.33 -13.55 36.44
N GLU D 221 32.99 -12.56 35.85
CA GLU D 221 32.36 -11.31 35.46
C GLU D 221 32.29 -11.22 33.95
N PHE D 222 31.11 -10.88 33.44
CA PHE D 222 30.87 -10.70 32.01
C PHE D 222 30.16 -9.38 31.77
N VAL D 223 30.50 -8.70 30.68
CA VAL D 223 29.77 -7.53 30.22
C VAL D 223 28.90 -7.93 29.03
N MET D 224 27.65 -7.50 29.05
CA MET D 224 26.70 -7.85 28.01
C MET D 224 25.91 -6.62 27.60
N VAL D 225 26.04 -6.24 26.33
CA VAL D 225 25.35 -5.08 25.79
C VAL D 225 24.27 -5.60 24.85
N MET D 226 23.00 -5.38 25.22
CA MET D 226 21.88 -5.72 24.35
C MET D 226 21.74 -4.67 23.25
N ASN D 227 21.86 -5.07 21.98
CA ASN D 227 21.77 -4.14 20.87
C ASN D 227 21.00 -4.77 19.71
N GLY D 228 20.73 -3.95 18.70
CA GLY D 228 19.95 -4.38 17.56
C GLY D 228 20.37 -3.58 16.34
N PHE D 229 19.98 -4.08 15.17
CA PHE D 229 20.42 -3.47 13.92
C PHE D 229 19.28 -3.45 12.93
N ASP D 230 19.08 -2.28 12.33
CA ASP D 230 18.05 -2.02 11.33
C ASP D 230 18.80 -1.90 10.00
N THR D 231 18.91 -3.03 9.28
CA THR D 231 19.80 -3.12 8.14
C THR D 231 19.26 -2.44 6.89
N ASN D 232 17.94 -2.23 6.79
CA ASN D 232 17.39 -1.47 5.67
C ASN D 232 17.02 -0.04 6.08
N PHE D 233 17.41 0.39 7.29
CA PHE D 233 17.30 1.79 7.73
C PHE D 233 15.90 2.38 7.51
N ASP D 234 14.90 1.65 8.03
CA ASP D 234 13.51 2.11 8.09
C ASP D 234 13.02 2.21 9.55
N GLU D 235 13.94 2.22 10.51
CA GLU D 235 13.65 2.42 11.94
C GLU D 235 12.98 1.21 12.60
N GLU D 236 13.15 0.03 12.02
CA GLU D 236 12.71 -1.21 12.66
C GLU D 236 13.85 -2.21 12.59
N ASN D 237 14.24 -2.76 13.73
CA ASN D 237 15.38 -3.68 13.78
C ASN D 237 15.08 -4.97 13.03
N GLU D 238 16.12 -5.49 12.34
CA GLU D 238 16.14 -6.80 11.71
C GLU D 238 16.82 -7.86 12.56
N VAL D 239 17.86 -7.45 13.30
CA VAL D 239 18.76 -8.35 14.01
C VAL D 239 18.87 -7.83 15.44
N TYR D 240 18.80 -8.75 16.40
CA TYR D 240 19.02 -8.46 17.81
C TYR D 240 20.18 -9.31 18.31
N ALA D 241 20.80 -8.90 19.40
CA ALA D 241 21.93 -9.65 19.92
C ALA D 241 22.28 -9.16 21.32
N VAL D 242 23.11 -9.95 21.99
CA VAL D 242 23.96 -9.45 23.07
CA VAL D 242 23.97 -9.45 23.07
C VAL D 242 25.38 -9.41 22.52
N ASN D 243 26.01 -8.24 22.58
CA ASN D 243 27.36 -8.03 22.03
C ASN D 243 27.40 -8.32 20.52
N THR D 244 26.38 -7.84 19.81
CA THR D 244 26.46 -7.54 18.38
C THR D 244 26.23 -8.73 17.45
N VAL D 245 26.89 -9.86 17.70
CA VAL D 245 26.83 -10.98 16.78
C VAL D 245 25.63 -11.85 17.17
N ALA D 246 24.61 -11.85 16.34
CA ALA D 246 23.40 -12.64 16.58
C ALA D 246 23.73 -14.10 16.88
N HIS D 247 23.18 -14.62 17.98
CA HIS D 247 23.31 -16.03 18.34
C HIS D 247 24.75 -16.46 18.60
N ALA D 248 25.65 -15.52 18.87
CA ALA D 248 27.06 -15.86 19.09
C ALA D 248 27.22 -16.91 20.18
N TYR D 249 26.45 -16.83 21.26
CA TYR D 249 26.61 -17.74 22.37
C TYR D 249 25.71 -18.96 22.25
N MET D 250 25.00 -19.11 21.13
CA MET D 250 24.44 -20.41 20.78
C MET D 250 25.47 -21.24 20.04
N LYS D 251 26.16 -20.60 19.08
CA LYS D 251 27.26 -21.25 18.35
C LYS D 251 28.36 -21.67 19.31
N ARG D 252 28.71 -20.82 20.26
CA ARG D 252 29.77 -21.08 21.23
C ARG D 252 29.28 -20.65 22.62
N PRO D 253 28.81 -21.58 23.43
CA PRO D 253 28.28 -21.21 24.75
C PRO D 253 29.34 -20.57 25.64
N ILE D 254 28.87 -19.80 26.62
CA ILE D 254 29.74 -19.18 27.61
C ILE D 254 30.04 -20.19 28.70
N ARG D 255 31.30 -20.60 28.82
CA ARG D 255 31.67 -21.60 29.82
C ARG D 255 31.67 -21.00 31.22
N ILE D 256 30.95 -21.64 32.13
CA ILE D 256 30.73 -21.19 33.51
C ILE D 256 31.26 -22.28 34.43
N GLU D 257 32.16 -21.91 35.34
CA GLU D 257 32.58 -22.83 36.38
C GLU D 257 31.52 -22.89 37.47
N ARG D 258 31.12 -24.12 37.82
CA ARG D 258 29.95 -24.32 38.66
C ARG D 258 30.15 -23.75 40.06
N ASP D 259 31.37 -23.78 40.60
CA ASP D 259 31.59 -23.42 41.99
C ASP D 259 31.95 -21.96 42.17
N ARG D 260 31.92 -21.15 41.11
CA ARG D 260 32.21 -19.74 41.24
C ARG D 260 30.98 -18.94 40.84
N PRO D 261 30.62 -17.91 41.60
CA PRO D 261 29.44 -17.11 41.26
C PRO D 261 29.66 -16.34 39.98
N VAL D 262 28.56 -15.86 39.40
CA VAL D 262 28.58 -15.18 38.11
C VAL D 262 28.02 -13.78 38.29
N ARG D 263 28.70 -12.80 37.71
CA ARG D 263 28.24 -11.41 37.68
C ARG D 263 28.16 -10.95 36.23
N ILE D 264 27.02 -10.37 35.85
CA ILE D 264 26.83 -9.79 34.52
C ILE D 264 26.58 -8.29 34.68
N TYR D 265 27.35 -7.49 33.95
CA TYR D 265 27.05 -6.08 33.73
C TYR D 265 26.20 -5.99 32.46
N LEU D 266 24.90 -5.74 32.62
CA LEU D 266 23.95 -5.83 31.51
C LEU D 266 23.46 -4.44 31.14
N ILE D 267 23.67 -4.07 29.87
CA ILE D 267 23.35 -2.73 29.37
C ILE D 267 22.41 -2.85 28.17
N ASN D 268 21.39 -2.00 28.13
CA ASN D 268 20.48 -1.95 26.99
C ASN D 268 20.85 -0.76 26.12
N ALA D 269 21.42 -1.05 24.95
CA ALA D 269 21.71 -0.03 23.94
C ALA D 269 20.78 -0.15 22.74
N THR D 270 19.75 -0.99 22.82
CA THR D 270 18.90 -1.26 21.67
C THR D 270 18.07 -0.02 21.34
N GLU D 271 18.09 0.38 20.07
CA GLU D 271 17.36 1.53 19.55
C GLU D 271 15.98 1.10 18.98
N PHE D 272 15.09 2.09 18.82
CA PHE D 272 13.76 1.95 18.19
C PHE D 272 12.78 1.15 19.04
N ASP D 273 13.19 0.03 19.60
CA ASP D 273 12.24 -0.68 20.46
C ASP D 273 12.20 -0.07 21.86
N PRO D 274 11.03 -0.03 22.50
CA PRO D 274 10.95 0.61 23.83
C PRO D 274 11.68 -0.13 24.93
N ILE D 275 11.60 -1.47 24.98
CA ILE D 275 12.26 -2.21 26.05
C ILE D 275 12.97 -3.45 25.51
N ASN D 276 13.96 -3.89 26.26
CA ASN D 276 14.63 -5.17 26.07
C ASN D 276 14.68 -5.84 27.42
N SER D 277 15.09 -7.12 27.46
CA SER D 277 14.95 -7.89 28.69
C SER D 277 15.92 -9.07 28.71
N PHE D 278 15.99 -9.70 29.88
CA PHE D 278 16.91 -10.80 30.15
C PHE D 278 16.14 -11.84 30.95
N HIS D 279 16.04 -13.06 30.42
CA HIS D 279 15.49 -14.19 31.17
C HIS D 279 16.56 -15.26 31.32
N LEU D 280 16.83 -15.67 32.57
CA LEU D 280 17.77 -16.75 32.88
C LEU D 280 16.99 -18.05 33.09
N HIS D 281 17.35 -19.07 32.32
CA HIS D 281 16.64 -20.35 32.44
C HIS D 281 17.11 -21.13 33.65
N ALA D 282 16.15 -21.77 34.32
CA ALA D 282 16.38 -22.77 35.36
C ALA D 282 17.01 -22.21 36.63
N ASN D 283 17.14 -20.89 36.75
CA ASN D 283 17.88 -20.30 37.85
C ASN D 283 17.34 -18.90 38.10
N PHE D 284 17.73 -18.32 39.24
CA PHE D 284 17.31 -16.98 39.61
C PHE D 284 18.53 -16.15 39.97
N PHE D 285 18.40 -14.84 39.81
CA PHE D 285 19.50 -13.94 40.09
C PHE D 285 19.00 -12.78 40.94
N ASP D 286 19.95 -12.08 41.57
CA ASP D 286 19.70 -10.78 42.18
C ASP D 286 20.07 -9.69 41.17
N TYR D 287 19.29 -8.61 41.17
CA TYR D 287 19.46 -7.52 40.22
C TYR D 287 19.76 -6.23 40.98
N TYR D 288 20.79 -5.53 40.54
CA TYR D 288 21.23 -4.25 41.10
C TYR D 288 21.02 -3.17 40.03
N ASP D 289 19.91 -2.43 40.13
CA ASP D 289 19.57 -1.40 39.14
C ASP D 289 20.64 -0.32 39.06
N HIS D 290 21.17 -0.08 37.85
CA HIS D 290 22.32 0.81 37.59
C HIS D 290 23.59 0.40 38.33
N GLY D 291 23.55 -0.71 39.08
CA GLY D 291 24.70 -1.10 39.89
C GLY D 291 25.10 -0.12 40.99
N THR D 292 24.24 0.87 41.30
CA THR D 292 24.67 1.97 42.15
C THR D 292 24.50 1.71 43.64
N THR D 293 23.96 0.56 44.03
CA THR D 293 23.91 0.16 45.43
C THR D 293 24.63 -1.17 45.60
N LEU D 294 25.06 -1.43 46.84
CA LEU D 294 25.77 -2.66 47.15
C LEU D 294 24.86 -3.71 47.77
N THR D 295 23.56 -3.43 47.88
CA THR D 295 22.54 -4.43 48.18
C THR D 295 21.57 -4.51 47.01
N PRO D 296 20.95 -5.66 46.76
CA PRO D 296 20.14 -5.80 45.54
C PRO D 296 18.93 -4.89 45.51
N THR D 297 18.51 -4.53 44.29
CA THR D 297 17.23 -3.88 44.05
C THR D 297 16.10 -4.89 44.02
N LEU D 298 16.35 -6.04 43.39
CA LEU D 298 15.39 -7.13 43.29
C LEU D 298 16.10 -8.41 43.69
N LYS D 299 15.54 -9.12 44.67
CA LYS D 299 16.05 -10.41 45.11
C LYS D 299 15.26 -11.52 44.43
N THR D 300 15.98 -12.51 43.88
CA THR D 300 15.41 -13.77 43.39
C THR D 300 14.38 -13.52 42.28
N VAL D 301 14.89 -13.04 41.15
CA VAL D 301 14.08 -12.87 39.95
C VAL D 301 14.75 -13.65 38.84
N ASP D 302 13.98 -13.94 37.77
CA ASP D 302 14.57 -14.57 36.60
C ASP D 302 14.30 -13.82 35.31
N THR D 303 13.55 -12.72 35.35
CA THR D 303 13.24 -11.94 34.16
C THR D 303 13.18 -10.48 34.55
N ILE D 304 14.07 -9.65 34.00
CA ILE D 304 14.01 -8.22 34.21
C ILE D 304 13.95 -7.54 32.86
N MET D 305 13.50 -6.29 32.86
CA MET D 305 13.45 -5.49 31.65
C MET D 305 14.12 -4.13 31.89
N GLN D 306 14.49 -3.50 30.78
CA GLN D 306 15.24 -2.25 30.76
C GLN D 306 14.80 -1.45 29.53
N CYS D 307 14.48 -0.17 29.72
CA CYS D 307 14.41 0.68 28.54
C CYS D 307 15.85 1.02 28.11
N GLN D 308 15.99 1.65 26.94
CA GLN D 308 17.33 2.00 26.50
C GLN D 308 17.96 2.99 27.47
N GLY D 309 19.27 2.82 27.71
CA GLY D 309 19.98 3.62 28.68
C GLY D 309 19.93 3.09 30.09
N GLN D 310 18.99 2.21 30.41
CA GLN D 310 19.03 1.50 31.66
C GLN D 310 20.02 0.35 31.55
N ARG D 311 20.42 -0.16 32.72
CA ARG D 311 21.51 -1.11 32.84
C ARG D 311 21.56 -1.52 34.30
N GLY D 312 22.28 -2.60 34.57
CA GLY D 312 22.38 -3.06 35.94
C GLY D 312 23.32 -4.23 36.06
N ILE D 313 23.41 -4.74 37.28
CA ILE D 313 24.28 -5.87 37.60
C ILE D 313 23.41 -7.05 38.00
N LEU D 314 23.67 -8.21 37.39
CA LEU D 314 23.01 -9.46 37.75
C LEU D 314 24.03 -10.35 38.44
N GLU D 315 23.63 -10.96 39.56
CA GLU D 315 24.47 -11.91 40.27
C GLU D 315 23.69 -13.20 40.50
N PHE D 316 24.32 -14.32 40.18
CA PHE D 316 23.73 -15.64 40.42
C PHE D 316 24.85 -16.66 40.51
N SER D 317 24.48 -17.87 40.90
CA SER D 317 25.41 -18.97 41.01
C SER D 317 24.75 -20.22 40.46
N PHE D 318 25.52 -21.02 39.71
CA PHE D 318 25.09 -22.34 39.29
C PHE D 318 25.67 -23.44 40.17
N ASN D 319 26.20 -23.08 41.34
CA ASN D 319 26.70 -24.05 42.29
C ASN D 319 25.65 -25.11 42.60
N GLY D 320 26.05 -26.38 42.50
CA GLY D 320 25.15 -27.48 42.78
C GLY D 320 24.35 -27.97 41.58
N PHE D 321 24.38 -27.26 40.46
CA PHE D 321 23.52 -27.62 39.33
C PHE D 321 24.14 -28.74 38.51
N GLU D 322 23.28 -29.54 37.89
CA GLU D 322 23.73 -30.52 36.92
C GLU D 322 24.43 -29.78 35.77
N PRO D 323 25.62 -30.22 35.36
CA PRO D 323 26.27 -29.60 34.19
C PRO D 323 25.43 -29.76 32.93
N GLY D 324 25.54 -28.78 32.06
CA GLY D 324 24.71 -28.76 30.86
C GLY D 324 24.57 -27.32 30.36
N LEU D 325 23.67 -27.16 29.40
CA LEU D 325 23.43 -25.88 28.74
C LEU D 325 22.25 -25.18 29.41
N TYR D 326 22.45 -23.92 29.80
CA TYR D 326 21.42 -23.13 30.45
C TYR D 326 21.21 -21.86 29.61
N MET D 327 20.03 -21.73 29.02
CA MET D 327 19.74 -20.67 28.07
C MET D 327 19.54 -19.33 28.78
N PHE D 328 19.84 -18.24 28.07
CA PHE D 328 19.49 -16.90 28.51
C PHE D 328 19.16 -16.09 27.27
N HIS D 329 18.11 -15.27 27.35
CA HIS D 329 17.62 -14.57 26.16
C HIS D 329 16.59 -13.52 26.57
N ALA D 330 16.27 -12.65 25.60
CA ALA D 330 15.17 -11.73 25.77
C ALA D 330 13.87 -12.50 25.93
N HIS D 331 12.99 -12.00 26.79
CA HIS D 331 11.64 -12.53 26.84
C HIS D 331 10.68 -11.78 25.91
N GLN D 332 11.21 -10.94 25.02
CA GLN D 332 10.48 -10.52 23.81
C GLN D 332 10.82 -11.59 22.78
N SER D 333 9.87 -12.50 22.53
CA SER D 333 10.20 -13.76 21.86
C SER D 333 10.84 -13.51 20.50
N GLU D 334 10.35 -12.51 19.76
CA GLU D 334 10.94 -12.23 18.46
C GLU D 334 12.39 -11.74 18.56
N PHE D 335 12.77 -11.04 19.64
CA PHE D 335 14.17 -10.63 19.77
C PHE D 335 15.06 -11.86 19.87
N ALA D 336 14.62 -12.87 20.63
CA ALA D 336 15.39 -14.08 20.84
C ALA D 336 15.53 -14.86 19.54
N GLU D 337 14.43 -15.01 18.81
CA GLU D 337 14.45 -15.63 17.48
C GLU D 337 15.41 -14.94 16.54
N LEU D 338 15.57 -13.62 16.64
CA LEU D 338 16.35 -12.86 15.68
C LEU D 338 17.79 -12.62 16.14
N GLY D 339 18.24 -13.31 17.20
CA GLY D 339 19.64 -13.24 17.56
C GLY D 339 19.96 -13.09 19.04
N TRP D 340 19.06 -12.51 19.82
CA TRP D 340 19.31 -12.28 21.25
CA TRP D 340 19.32 -12.28 21.25
C TRP D 340 18.90 -13.53 22.03
N MET D 341 19.75 -14.55 21.90
CA MET D 341 19.61 -15.82 22.62
C MET D 341 20.99 -16.45 22.75
N GLY D 342 21.32 -16.94 23.94
CA GLY D 342 22.59 -17.60 24.16
C GLY D 342 22.45 -18.72 25.17
N ASN D 343 23.56 -19.44 25.37
CA ASN D 343 23.65 -20.52 26.33
C ASN D 343 24.84 -20.31 27.26
N PHE D 344 24.64 -20.55 28.55
CA PHE D 344 25.74 -20.80 29.47
C PHE D 344 26.01 -22.31 29.45
N GLU D 345 27.28 -22.68 29.38
CA GLU D 345 27.70 -24.07 29.56
C GLU D 345 28.28 -24.21 30.97
N VAL D 346 27.49 -24.80 31.86
CA VAL D 346 27.91 -25.05 33.22
C VAL D 346 28.71 -26.35 33.24
N ILE D 347 29.97 -26.27 33.64
CA ILE D 347 30.84 -27.43 33.73
C ILE D 347 31.17 -27.68 35.19
N GLU D 348 31.40 -28.94 35.55
CA GLU D 348 31.79 -29.29 36.92
C GLU D 348 33.11 -28.64 37.29
N GLY E 50 -19.65 4.16 -34.37
CA GLY E 50 -20.90 3.65 -34.91
C GLY E 50 -22.13 4.10 -34.14
N PHE E 51 -21.97 4.36 -32.85
CA PHE E 51 -23.09 4.78 -32.01
C PHE E 51 -23.28 6.28 -32.09
N ASP E 52 -24.52 6.71 -32.20
CA ASP E 52 -24.84 8.14 -32.33
C ASP E 52 -25.68 8.56 -31.14
N PRO E 53 -25.09 9.20 -30.12
CA PRO E 53 -25.88 9.60 -28.94
C PRO E 53 -26.88 10.71 -29.24
N TYR E 54 -26.73 11.40 -30.36
CA TYR E 54 -27.67 12.46 -30.74
C TYR E 54 -28.93 11.87 -31.38
N ALA E 55 -28.76 10.91 -32.31
CA ALA E 55 -29.91 10.21 -32.86
C ALA E 55 -30.60 9.34 -31.83
N PHE E 56 -29.84 8.78 -30.88
CA PHE E 56 -30.41 7.90 -29.87
C PHE E 56 -31.50 8.59 -29.04
N LEU E 57 -31.36 9.89 -28.79
CA LEU E 57 -32.30 10.62 -27.93
C LEU E 57 -33.75 10.45 -28.36
N THR E 58 -34.00 10.36 -29.68
CA THR E 58 -35.35 10.37 -30.23
C THR E 58 -35.65 9.11 -31.03
N HIS E 59 -34.86 8.06 -30.86
CA HIS E 59 -35.05 6.84 -31.63
C HIS E 59 -35.91 5.85 -30.84
N TRP E 60 -37.00 5.40 -31.45
CA TRP E 60 -37.92 4.42 -30.87
C TRP E 60 -38.00 3.23 -31.81
N GLU E 61 -37.64 2.04 -31.31
CA GLU E 61 -37.88 0.80 -32.01
C GLU E 61 -39.29 0.34 -31.64
N THR E 62 -40.23 0.43 -32.57
CA THR E 62 -41.60 0.03 -32.31
C THR E 62 -41.94 -1.36 -32.85
N GLY E 63 -40.98 -2.04 -33.48
CA GLY E 63 -41.12 -3.44 -33.81
C GLY E 63 -41.83 -3.69 -35.13
N GLU E 64 -41.87 -4.97 -35.50
CA GLU E 64 -42.66 -5.44 -36.63
C GLU E 64 -44.07 -5.71 -36.13
N VAL E 65 -45.05 -5.01 -36.69
CA VAL E 65 -46.42 -5.03 -36.18
C VAL E 65 -47.25 -6.02 -36.98
N SER E 66 -48.02 -6.84 -36.28
CA SER E 66 -49.05 -7.67 -36.89
C SER E 66 -50.23 -7.71 -35.92
N THR E 67 -51.25 -8.49 -36.26
CA THR E 67 -52.41 -8.66 -35.40
C THR E 67 -52.64 -10.14 -35.19
N LEU E 68 -52.79 -10.53 -33.93
CA LEU E 68 -53.07 -11.91 -33.56
C LEU E 68 -54.52 -12.26 -33.89
N PRO E 69 -54.85 -13.57 -33.94
CA PRO E 69 -56.25 -13.97 -34.16
C PRO E 69 -57.26 -13.26 -33.26
N SER E 70 -56.91 -13.03 -31.99
CA SER E 70 -57.82 -12.37 -31.05
C SER E 70 -58.07 -10.91 -31.38
N GLY E 71 -57.31 -10.32 -32.28
CA GLY E 71 -57.32 -8.89 -32.47
C GLY E 71 -56.25 -8.14 -31.69
N GLN E 72 -55.59 -8.79 -30.72
CA GLN E 72 -54.50 -8.17 -30.00
C GLN E 72 -53.35 -7.83 -30.97
N THR E 73 -52.79 -6.64 -30.81
CA THR E 73 -51.61 -6.24 -31.58
C THR E 73 -50.39 -7.00 -31.11
N LEU E 74 -49.55 -7.38 -32.09
CA LEU E 74 -48.29 -8.07 -31.83
C LEU E 74 -47.14 -7.20 -32.33
N ARG E 75 -46.09 -7.07 -31.50
CA ARG E 75 -44.87 -6.36 -31.88
C ARG E 75 -43.69 -7.29 -31.68
N GLU E 76 -42.95 -7.56 -32.75
CA GLU E 76 -41.82 -8.47 -32.75
C GLU E 76 -40.52 -7.68 -32.83
N PHE E 77 -39.54 -8.07 -32.02
CA PHE E 77 -38.23 -7.43 -32.03
C PHE E 77 -37.16 -8.50 -32.21
N ASN E 78 -36.02 -8.09 -32.79
CA ASN E 78 -34.86 -8.97 -32.94
C ASN E 78 -33.67 -8.38 -32.21
N ILE E 79 -33.20 -9.09 -31.17
CA ILE E 79 -32.06 -8.65 -30.37
C ILE E 79 -30.97 -9.70 -30.42
N VAL E 80 -29.75 -9.26 -30.74
CA VAL E 80 -28.57 -10.11 -30.72
C VAL E 80 -27.61 -9.55 -29.68
N ALA E 81 -27.09 -10.43 -28.83
CA ALA E 81 -26.01 -10.04 -27.92
C ALA E 81 -24.68 -10.22 -28.65
N VAL E 82 -23.87 -9.15 -28.66
CA VAL E 82 -22.66 -9.07 -29.46
C VAL E 82 -21.55 -8.41 -28.63
N ASP E 83 -20.42 -9.10 -28.50
CA ASP E 83 -19.21 -8.50 -27.96
C ASP E 83 -18.62 -7.48 -28.94
N LYS E 84 -18.40 -6.26 -28.48
CA LYS E 84 -18.06 -5.20 -29.42
C LYS E 84 -17.39 -4.05 -28.68
N GLU E 85 -16.44 -3.42 -29.36
CA GLU E 85 -15.87 -2.18 -28.87
C GLU E 85 -16.90 -1.04 -28.95
N ILE E 86 -16.96 -0.23 -27.90
CA ILE E 86 -17.68 1.04 -27.96
C ILE E 86 -16.70 2.12 -27.51
N GLU E 87 -17.04 3.36 -27.89
CA GLU E 87 -16.21 4.53 -27.61
C GLU E 87 -16.97 5.42 -26.64
N ILE E 88 -16.46 5.57 -25.42
CA ILE E 88 -17.18 6.37 -24.43
C ILE E 88 -16.67 7.80 -24.38
N ALA E 89 -15.52 8.06 -24.99
CA ALA E 89 -14.98 9.38 -25.31
C ALA E 89 -14.02 9.18 -26.47
N PRO E 90 -13.72 10.23 -27.24
CA PRO E 90 -12.85 10.02 -28.43
C PRO E 90 -11.48 9.49 -28.02
N GLY E 91 -11.18 8.27 -28.46
CA GLY E 91 -9.97 7.59 -28.05
C GLY E 91 -10.08 6.70 -26.84
N VAL E 92 -11.26 6.61 -26.19
CA VAL E 92 -11.46 5.71 -25.06
C VAL E 92 -12.32 4.55 -25.53
N TYR E 93 -11.70 3.39 -25.72
CA TYR E 93 -12.40 2.21 -26.20
C TYR E 93 -12.73 1.28 -25.04
N PHE E 94 -13.97 0.87 -24.94
CA PHE E 94 -14.42 0.01 -23.88
C PHE E 94 -14.81 -1.35 -24.44
N PRO E 95 -14.31 -2.43 -23.87
CA PRO E 95 -14.72 -3.76 -24.35
C PRO E 95 -16.10 -4.13 -23.85
N ALA E 96 -17.12 -3.91 -24.67
CA ALA E 96 -18.49 -4.00 -24.21
C ALA E 96 -19.15 -5.32 -24.61
N TRP E 97 -20.16 -5.70 -23.81
CA TRP E 97 -21.16 -6.67 -24.21
C TRP E 97 -22.43 -5.89 -24.53
N THR E 98 -22.92 -6.03 -25.76
CA THR E 98 -23.96 -5.14 -26.26
C THR E 98 -25.16 -5.91 -26.80
N TYR E 99 -26.31 -5.24 -26.74
CA TYR E 99 -27.50 -5.65 -27.47
C TYR E 99 -27.52 -4.90 -28.80
N ASN E 100 -27.45 -5.65 -29.91
CA ASN E 100 -27.49 -5.08 -31.28
C ASN E 100 -26.36 -4.10 -31.54
N GLY E 101 -25.20 -4.30 -30.92
CA GLY E 101 -24.02 -3.54 -31.26
C GLY E 101 -23.94 -2.15 -30.68
N GLN E 102 -24.81 -1.81 -29.74
CA GLN E 102 -24.84 -0.46 -29.18
C GLN E 102 -25.11 -0.50 -27.67
N VAL E 103 -24.55 0.48 -26.97
CA VAL E 103 -24.80 0.68 -25.55
C VAL E 103 -25.26 2.12 -25.39
N PRO E 104 -26.44 2.39 -24.81
CA PRO E 104 -27.48 1.45 -24.36
C PRO E 104 -28.06 0.66 -25.52
N GLY E 105 -28.75 -0.46 -25.22
CA GLY E 105 -29.40 -1.22 -26.25
C GLY E 105 -30.53 -0.46 -26.90
N PRO E 106 -31.16 -1.08 -27.90
CA PRO E 106 -32.27 -0.43 -28.60
C PRO E 106 -33.37 -0.04 -27.62
N THR E 107 -33.90 1.17 -27.79
CA THR E 107 -35.02 1.64 -26.97
C THR E 107 -36.31 1.04 -27.51
N LEU E 108 -36.89 0.08 -26.78
CA LEU E 108 -38.10 -0.58 -27.23
C LEU E 108 -39.32 0.18 -26.72
N ARG E 109 -40.23 0.52 -27.63
CA ARG E 109 -41.42 1.29 -27.28
C ARG E 109 -42.65 0.62 -27.88
N VAL E 110 -43.62 0.30 -27.03
CA VAL E 110 -44.84 -0.42 -27.37
C VAL E 110 -46.01 0.25 -26.66
N THR E 111 -47.21 -0.30 -26.85
CA THR E 111 -48.41 0.19 -26.21
C THR E 111 -48.89 -0.81 -25.17
N GLU E 112 -49.37 -0.29 -24.04
CA GLU E 112 -50.04 -1.09 -23.02
C GLU E 112 -50.97 -2.11 -23.66
N GLY E 113 -50.77 -3.38 -23.30
CA GLY E 113 -51.59 -4.47 -23.80
C GLY E 113 -51.09 -5.16 -25.06
N ASP E 114 -50.08 -4.62 -25.75
CA ASP E 114 -49.53 -5.32 -26.91
C ASP E 114 -48.97 -6.67 -26.49
N ARG E 115 -49.04 -7.63 -27.41
CA ARG E 115 -48.23 -8.84 -27.27
C ARG E 115 -46.81 -8.49 -27.75
N VAL E 116 -45.81 -8.81 -26.93
CA VAL E 116 -44.43 -8.49 -27.25
C VAL E 116 -43.67 -9.79 -27.44
N ARG E 117 -42.94 -9.87 -28.56
CA ARG E 117 -42.03 -10.98 -28.84
C ARG E 117 -40.65 -10.41 -29.09
N VAL E 118 -39.68 -10.83 -28.30
CA VAL E 118 -38.29 -10.45 -28.46
C VAL E 118 -37.53 -11.71 -28.82
N HIS E 119 -37.12 -11.83 -30.08
CA HIS E 119 -36.27 -12.94 -30.51
C HIS E 119 -34.82 -12.61 -30.12
N PHE E 120 -34.27 -13.39 -29.21
CA PHE E 120 -32.95 -13.14 -28.65
C PHE E 120 -31.98 -14.19 -29.14
N HIS E 121 -30.88 -13.76 -29.74
CA HIS E 121 -29.81 -14.65 -30.14
C HIS E 121 -28.51 -14.16 -29.51
N ASN E 122 -27.73 -15.08 -28.94
CA ASN E 122 -26.48 -14.73 -28.29
C ASN E 122 -25.34 -15.03 -29.25
N ALA E 123 -24.79 -13.98 -29.86
CA ALA E 123 -23.61 -14.10 -30.70
C ALA E 123 -22.32 -13.79 -29.95
N GLY E 124 -22.36 -13.81 -28.61
CA GLY E 124 -21.23 -13.48 -27.79
C GLY E 124 -20.44 -14.71 -27.37
N SER E 125 -19.61 -14.52 -26.35
CA SER E 125 -18.75 -15.59 -25.88
C SER E 125 -19.06 -16.00 -24.44
N HIS E 126 -20.00 -15.32 -23.78
CA HIS E 126 -20.48 -15.65 -22.45
C HIS E 126 -21.99 -15.79 -22.51
N PRO E 127 -22.59 -16.53 -21.58
CA PRO E 127 -24.05 -16.59 -21.50
C PRO E 127 -24.66 -15.26 -21.05
N HIS E 128 -25.85 -14.96 -21.59
CA HIS E 128 -26.56 -13.73 -21.31
C HIS E 128 -28.05 -14.02 -21.25
N THR E 129 -28.82 -13.03 -20.75
CA THR E 129 -30.27 -13.07 -20.76
C THR E 129 -30.80 -11.69 -21.14
N ILE E 130 -32.11 -11.57 -21.25
CA ILE E 130 -32.79 -10.29 -21.14
C ILE E 130 -33.77 -10.40 -19.98
N HIS E 131 -33.54 -9.63 -18.92
CA HIS E 131 -34.50 -9.48 -17.83
C HIS E 131 -35.23 -8.15 -18.05
N PHE E 132 -36.53 -8.21 -18.32
CA PHE E 132 -37.38 -7.03 -18.47
C PHE E 132 -37.91 -6.59 -17.12
N HIS E 133 -37.86 -5.29 -16.86
CA HIS E 133 -38.69 -4.72 -15.79
C HIS E 133 -40.08 -4.53 -16.40
N GLY E 134 -40.98 -5.44 -16.08
CA GLY E 134 -42.34 -5.43 -16.56
C GLY E 134 -43.01 -6.68 -16.04
N ILE E 135 -44.31 -6.78 -16.27
CA ILE E 135 -45.02 -7.98 -15.84
C ILE E 135 -44.86 -9.07 -16.90
N HIS E 136 -44.57 -10.28 -16.47
CA HIS E 136 -44.39 -11.41 -17.38
C HIS E 136 -44.31 -12.69 -16.57
N PRO E 137 -44.45 -13.84 -17.22
CA PRO E 137 -44.34 -15.11 -16.50
C PRO E 137 -42.91 -15.38 -16.04
N ALA E 138 -42.80 -16.15 -14.94
CA ALA E 138 -41.50 -16.56 -14.42
C ALA E 138 -40.59 -17.14 -15.50
N SER E 139 -41.13 -17.99 -16.37
CA SER E 139 -40.28 -18.61 -17.39
C SER E 139 -39.76 -17.61 -18.42
N MET E 140 -40.34 -16.40 -18.46
CA MET E 140 -39.92 -15.33 -19.34
C MET E 140 -39.11 -14.26 -18.63
N ASP E 141 -38.56 -14.57 -17.44
CA ASP E 141 -38.01 -13.52 -16.59
C ASP E 141 -36.53 -13.25 -16.84
N GLY E 142 -35.87 -14.05 -17.66
CA GLY E 142 -34.47 -13.78 -17.98
C GLY E 142 -33.52 -13.88 -16.81
N VAL E 143 -33.68 -14.89 -15.98
CA VAL E 143 -32.77 -15.15 -14.87
C VAL E 143 -32.19 -16.54 -15.04
N PRO E 144 -31.05 -16.84 -14.40
CA PRO E 144 -30.42 -18.16 -14.60
C PRO E 144 -31.27 -19.36 -14.21
N GLY E 145 -32.12 -19.23 -13.20
CA GLY E 145 -32.73 -20.42 -12.60
C GLY E 145 -34.13 -20.82 -13.05
N THR E 146 -34.71 -20.16 -14.05
CA THR E 146 -36.07 -20.45 -14.49
C THR E 146 -36.13 -20.47 -16.02
N GLY E 147 -37.22 -21.06 -16.55
CA GLY E 147 -37.40 -21.20 -17.98
C GLY E 147 -36.21 -21.83 -18.68
N PRO E 148 -35.75 -21.21 -19.77
CA PRO E 148 -34.57 -21.74 -20.48
C PRO E 148 -33.27 -21.55 -19.73
N GLY E 149 -33.26 -20.74 -18.67
CA GLY E 149 -32.01 -20.33 -18.05
C GLY E 149 -31.27 -19.30 -18.89
N MET E 150 -29.96 -19.25 -18.68
CA MET E 150 -29.15 -18.34 -19.47
C MET E 150 -29.05 -18.84 -20.92
N ILE E 151 -28.93 -17.89 -21.84
CA ILE E 151 -28.84 -18.16 -23.26
C ILE E 151 -27.35 -18.21 -23.62
N TYR E 152 -26.83 -19.39 -23.92
CA TYR E 152 -25.40 -19.56 -24.14
C TYR E 152 -25.01 -19.17 -25.57
N PRO E 153 -23.71 -19.02 -25.83
CA PRO E 153 -23.28 -18.65 -27.19
C PRO E 153 -23.84 -19.58 -28.27
N GLY E 154 -24.35 -18.97 -29.34
CA GLY E 154 -24.99 -19.72 -30.39
C GLY E 154 -26.44 -20.06 -30.13
N GLU E 155 -26.99 -19.75 -28.97
CA GLU E 155 -28.36 -20.14 -28.67
C GLU E 155 -29.32 -18.99 -28.96
N SER E 156 -30.58 -19.37 -29.19
CA SER E 156 -31.66 -18.46 -29.52
C SER E 156 -32.85 -18.76 -28.62
N PHE E 157 -33.53 -17.72 -28.17
CA PHE E 157 -34.71 -17.89 -27.35
C PHE E 157 -35.65 -16.72 -27.57
N THR E 158 -36.96 -16.97 -27.48
CA THR E 158 -37.96 -15.94 -27.73
C THR E 158 -38.67 -15.58 -26.44
N TYR E 159 -38.45 -14.37 -25.95
CA TYR E 159 -39.22 -13.84 -24.84
C TYR E 159 -40.58 -13.35 -25.33
N GLU E 160 -41.65 -13.75 -24.65
CA GLU E 160 -42.99 -13.37 -25.05
C GLU E 160 -43.82 -13.09 -23.80
N PHE E 161 -44.54 -11.96 -23.81
CA PHE E 161 -45.36 -11.51 -22.70
C PHE E 161 -46.28 -10.42 -23.20
N ASP E 162 -47.31 -10.10 -22.41
CA ASP E 162 -48.15 -8.93 -22.67
C ASP E 162 -47.55 -7.69 -22.00
N ALA E 163 -47.61 -6.57 -22.71
CA ALA E 163 -46.93 -5.34 -22.28
C ALA E 163 -47.73 -4.66 -21.18
N TYR E 164 -47.41 -4.98 -19.93
CA TYR E 164 -47.98 -4.33 -18.76
C TYR E 164 -46.87 -4.07 -17.75
N PRO E 165 -47.01 -3.04 -16.89
CA PRO E 165 -47.98 -1.95 -16.86
C PRO E 165 -47.47 -0.79 -17.69
N PHE E 166 -48.31 0.16 -18.04
CA PHE E 166 -47.77 1.31 -18.77
C PHE E 166 -46.76 2.03 -17.88
N GLY E 167 -45.74 2.59 -18.50
CA GLY E 167 -44.78 3.42 -17.78
C GLY E 167 -43.41 3.38 -18.44
N CYS E 168 -42.44 3.85 -17.68
CA CYS E 168 -41.05 3.91 -18.12
C CYS E 168 -40.32 2.73 -17.49
N HIS E 169 -39.79 1.85 -18.33
CA HIS E 169 -39.13 0.66 -17.81
C HIS E 169 -37.77 0.45 -18.48
N LEU E 170 -37.18 -0.71 -18.28
CA LEU E 170 -35.87 -0.99 -18.84
C LEU E 170 -35.71 -2.50 -18.95
N TYR E 171 -34.60 -2.92 -19.53
CA TYR E 171 -34.25 -4.32 -19.58
C TYR E 171 -32.75 -4.41 -19.46
N HIS E 172 -32.27 -5.53 -18.93
CA HIS E 172 -30.83 -5.68 -18.79
C HIS E 172 -30.52 -7.15 -18.58
N CYS E 173 -29.25 -7.49 -18.78
CA CYS E 173 -28.84 -8.87 -18.55
C CYS E 173 -28.88 -9.21 -17.06
N HIS E 174 -29.24 -10.45 -16.76
CA HIS E 174 -29.17 -10.99 -15.41
C HIS E 174 -28.44 -12.35 -15.47
N ALA E 175 -27.12 -12.31 -15.61
CA ALA E 175 -26.30 -13.51 -15.62
C ALA E 175 -25.42 -13.52 -14.36
N ILE E 176 -24.30 -14.23 -14.42
CA ILE E 176 -23.46 -14.49 -13.25
C ILE E 176 -22.06 -13.96 -13.50
N PRO E 177 -21.55 -13.05 -12.65
CA PRO E 177 -22.32 -12.41 -11.59
C PRO E 177 -23.14 -11.23 -12.13
N LEU E 178 -24.13 -10.80 -11.36
CA LEU E 178 -25.10 -9.83 -11.87
C LEU E 178 -24.41 -8.54 -12.33
N LYS E 179 -23.43 -8.03 -11.56
CA LYS E 179 -22.86 -6.72 -11.84
C LYS E 179 -21.99 -6.72 -13.08
N ARG E 180 -21.35 -7.85 -13.40
CA ARG E 180 -20.45 -7.87 -14.56
C ARG E 180 -21.20 -7.64 -15.86
N HIS E 181 -22.31 -8.35 -16.07
CA HIS E 181 -23.00 -8.28 -17.35
C HIS E 181 -23.72 -6.95 -17.54
N ILE E 182 -24.21 -6.33 -16.46
CA ILE E 182 -24.79 -4.99 -16.59
C ILE E 182 -23.71 -3.97 -16.92
N HIS E 183 -22.61 -3.97 -16.15
CA HIS E 183 -21.54 -3.00 -16.39
C HIS E 183 -21.03 -3.07 -17.84
N LYS E 184 -20.88 -4.28 -18.37
CA LYS E 184 -20.31 -4.42 -19.72
C LYS E 184 -21.18 -3.81 -20.81
N GLY E 185 -22.45 -3.52 -20.54
CA GLY E 185 -23.26 -2.74 -21.46
C GLY E 185 -24.63 -3.30 -21.81
N LEU E 186 -25.00 -4.42 -21.18
CA LEU E 186 -26.24 -5.12 -21.54
C LEU E 186 -27.43 -4.52 -20.76
N TYR E 187 -27.87 -3.33 -21.20
CA TYR E 187 -29.06 -2.69 -20.65
C TYR E 187 -29.68 -1.82 -21.72
N GLY E 188 -30.97 -1.53 -21.56
CA GLY E 188 -31.67 -0.67 -22.51
C GLY E 188 -33.01 -0.23 -21.97
N ALA E 189 -33.64 0.71 -22.70
CA ALA E 189 -34.92 1.28 -22.31
C ALA E 189 -36.08 0.49 -22.90
N PHE E 190 -37.15 0.39 -22.13
CA PHE E 190 -38.36 -0.33 -22.52
C PHE E 190 -39.52 0.56 -22.11
N ILE E 191 -40.22 1.15 -23.07
CA ILE E 191 -41.28 2.11 -22.78
C ILE E 191 -42.62 1.50 -23.19
N ILE E 192 -43.59 1.56 -22.30
CA ILE E 192 -44.93 1.06 -22.56
C ILE E 192 -45.87 2.27 -22.48
N ASP E 193 -46.35 2.71 -23.65
CA ASP E 193 -47.28 3.84 -23.68
C ASP E 193 -48.64 3.42 -23.10
N PRO E 194 -49.32 4.31 -22.37
CA PRO E 194 -50.67 3.98 -21.92
C PRO E 194 -51.62 3.92 -23.10
N ASP E 195 -52.55 2.99 -23.04
CA ASP E 195 -53.63 2.93 -24.01
C ASP E 195 -54.71 3.90 -23.56
N PRO E 196 -54.96 4.99 -24.29
CA PRO E 196 -55.90 6.01 -23.78
C PRO E 196 -57.30 5.45 -23.60
N GLU E 197 -57.68 4.43 -24.37
CA GLU E 197 -58.98 3.77 -24.19
C GLU E 197 -59.15 3.24 -22.78
N ARG E 198 -58.06 2.84 -22.13
CA ARG E 198 -58.10 2.23 -20.82
C ARG E 198 -58.03 3.22 -19.67
N HIS E 199 -57.90 4.52 -19.96
CA HIS E 199 -57.74 5.53 -18.91
C HIS E 199 -58.62 6.74 -19.21
N PRO E 200 -59.95 6.53 -19.27
CA PRO E 200 -60.85 7.64 -19.64
C PRO E 200 -60.71 8.86 -18.76
N GLU E 201 -60.50 8.66 -17.46
CA GLU E 201 -60.33 9.77 -16.53
C GLU E 201 -59.11 10.64 -16.87
N TYR E 202 -58.08 10.09 -17.52
CA TYR E 202 -56.88 10.84 -17.90
C TYR E 202 -56.60 10.71 -19.39
N GLN E 203 -57.63 10.83 -20.22
CA GLN E 203 -57.48 10.51 -21.64
C GLN E 203 -56.47 11.42 -22.33
N ALA E 204 -56.47 12.72 -22.00
CA ALA E 204 -55.56 13.64 -22.66
C ALA E 204 -54.11 13.36 -22.28
N ALA E 205 -53.86 13.14 -20.98
CA ALA E 205 -52.50 12.81 -20.54
C ALA E 205 -52.03 11.49 -21.17
N ALA E 206 -52.92 10.51 -21.30
CA ALA E 206 -52.54 9.27 -21.96
C ALA E 206 -52.24 9.51 -23.45
N ARG E 207 -53.03 10.36 -24.10
CA ARG E 207 -52.81 10.61 -25.53
C ARG E 207 -51.49 11.32 -25.79
N ALA E 208 -51.08 12.22 -24.90
CA ALA E 208 -49.80 12.89 -25.07
C ALA E 208 -48.62 11.91 -24.95
N ARG E 209 -48.82 10.75 -24.32
CA ARG E 209 -47.77 9.75 -24.25
C ARG E 209 -47.81 8.70 -25.35
N LEU E 210 -48.94 8.54 -26.04
CA LEU E 210 -49.07 7.51 -27.07
C LEU E 210 -48.33 7.95 -28.32
N LEU E 211 -47.22 7.26 -28.63
CA LEU E 211 -46.37 7.64 -29.75
C LEU E 211 -47.17 7.79 -31.04
N GLY E 212 -47.12 8.98 -31.65
CA GLY E 212 -47.71 9.21 -32.95
C GLY E 212 -49.00 10.00 -32.96
N THR E 213 -49.71 10.11 -31.83
CA THR E 213 -50.90 10.96 -31.83
C THR E 213 -50.48 12.41 -32.03
N PRO E 214 -51.38 13.25 -32.53
CA PRO E 214 -51.05 14.68 -32.66
C PRO E 214 -50.71 15.33 -31.32
N GLU E 215 -51.33 14.91 -30.22
CA GLU E 215 -50.93 15.42 -28.91
C GLU E 215 -49.49 15.02 -28.59
N ASN E 216 -49.13 13.76 -28.85
CA ASN E 216 -47.76 13.32 -28.62
C ASN E 216 -46.76 14.04 -29.51
N GLN E 217 -47.16 14.39 -30.74
CA GLN E 217 -46.24 15.07 -31.66
C GLN E 217 -45.87 16.46 -31.15
N ALA E 218 -46.78 17.13 -30.44
CA ALA E 218 -46.47 18.42 -29.83
C ALA E 218 -45.33 18.31 -28.81
N TRP E 219 -45.23 17.19 -28.09
CA TRP E 219 -44.21 17.02 -27.07
C TRP E 219 -42.85 16.70 -27.69
N GLN E 220 -41.80 17.31 -27.13
CA GLN E 220 -40.43 16.91 -27.43
C GLN E 220 -40.01 15.82 -26.44
N GLU E 221 -39.83 14.60 -26.92
CA GLU E 221 -39.60 13.43 -26.07
C GLU E 221 -38.17 12.95 -26.25
N PHE E 222 -37.50 12.67 -25.13
CA PHE E 222 -36.12 12.20 -25.13
C PHE E 222 -35.98 11.02 -24.20
N VAL E 223 -35.10 10.09 -24.57
CA VAL E 223 -34.72 8.98 -23.69
C VAL E 223 -33.28 9.19 -23.25
N MET E 224 -33.04 9.03 -21.95
CA MET E 224 -31.74 9.32 -21.36
C MET E 224 -31.40 8.23 -20.36
N VAL E 225 -30.30 7.52 -20.62
CA VAL E 225 -29.85 6.42 -19.78
C VAL E 225 -28.58 6.86 -19.08
N MET E 226 -28.64 6.98 -17.76
CA MET E 226 -27.47 7.35 -16.98
C MET E 226 -26.60 6.11 -16.77
N ASN E 227 -25.39 6.11 -17.31
CA ASN E 227 -24.51 4.96 -17.18
C ASN E 227 -23.09 5.41 -16.82
N GLY E 228 -22.26 4.42 -16.52
CA GLY E 228 -20.88 4.67 -16.17
C GLY E 228 -20.00 3.52 -16.60
N PHE E 229 -18.70 3.77 -16.64
CA PHE E 229 -17.77 2.77 -17.13
C PHE E 229 -16.52 2.72 -16.25
N ASP E 230 -16.15 1.51 -15.90
CA ASP E 230 -14.97 1.19 -15.08
C ASP E 230 -13.96 0.58 -16.04
N THR E 231 -13.04 1.40 -16.54
CA THR E 231 -12.22 0.99 -17.67
C THR E 231 -10.98 0.19 -17.26
N ASN E 232 -10.60 0.20 -15.99
CA ASN E 232 -9.53 -0.66 -15.50
C ASN E 232 -10.07 -1.80 -14.62
N PHE E 233 -11.39 -1.97 -14.59
CA PHE E 233 -12.07 -3.14 -14.02
C PHE E 233 -11.61 -3.43 -12.59
N ASP E 234 -11.78 -2.42 -11.73
CA ASP E 234 -11.62 -2.53 -10.29
C ASP E 234 -12.89 -2.14 -9.55
N GLU E 235 -14.04 -2.17 -10.23
CA GLU E 235 -15.36 -1.91 -9.63
C GLU E 235 -15.54 -0.47 -9.16
N GLU E 236 -14.84 0.49 -9.78
CA GLU E 236 -15.10 1.91 -9.59
C GLU E 236 -15.06 2.63 -10.94
N ASN E 237 -16.14 3.34 -11.26
CA ASN E 237 -16.26 4.01 -12.54
C ASN E 237 -15.23 5.11 -12.73
N GLU E 238 -14.66 5.17 -13.94
CA GLU E 238 -13.80 6.26 -14.43
C GLU E 238 -14.56 7.31 -15.22
N VAL E 239 -15.62 6.91 -15.93
CA VAL E 239 -16.35 7.75 -16.85
C VAL E 239 -17.83 7.65 -16.49
N TYR E 240 -18.54 8.79 -16.57
CA TYR E 240 -19.99 8.81 -16.41
C TYR E 240 -20.59 9.52 -17.61
N ALA E 241 -21.86 9.25 -17.88
CA ALA E 241 -22.49 9.90 -19.02
C ALA E 241 -23.99 9.76 -18.94
N VAL E 242 -24.65 10.49 -19.82
CA VAL E 242 -26.02 10.18 -20.22
CA VAL E 242 -26.02 10.19 -20.23
C VAL E 242 -25.93 9.72 -21.67
N ASN E 243 -26.36 8.49 -21.92
CA ASN E 243 -26.27 7.84 -23.25
C ASN E 243 -24.81 7.64 -23.69
N THR E 244 -23.99 7.14 -22.75
CA THR E 244 -22.69 6.52 -23.02
C THR E 244 -21.54 7.48 -23.29
N VAL E 245 -21.73 8.48 -24.15
CA VAL E 245 -20.61 9.33 -24.58
C VAL E 245 -20.45 10.50 -23.62
N ALA E 246 -19.32 10.54 -22.92
CA ALA E 246 -19.06 11.58 -21.93
C ALA E 246 -19.19 12.97 -22.55
N HIS E 247 -19.97 13.83 -21.91
CA HIS E 247 -20.15 15.23 -22.30
C HIS E 247 -20.64 15.38 -23.74
N ALA E 248 -21.31 14.37 -24.28
CA ALA E 248 -21.82 14.44 -25.65
C ALA E 248 -22.68 15.69 -25.86
N TYR E 249 -23.47 16.08 -24.86
CA TYR E 249 -24.41 17.17 -25.02
C TYR E 249 -23.85 18.50 -24.53
N MET E 250 -22.58 18.51 -24.10
CA MET E 250 -21.82 19.75 -24.04
C MET E 250 -21.26 20.08 -25.41
N LYS E 251 -20.68 19.08 -26.06
CA LYS E 251 -20.10 19.29 -27.40
C LYS E 251 -21.16 19.73 -28.39
N ARG E 252 -22.37 19.18 -28.27
CA ARG E 252 -23.47 19.48 -29.18
C ARG E 252 -24.75 19.51 -28.36
N PRO E 253 -25.23 20.69 -27.99
CA PRO E 253 -26.40 20.76 -27.10
C PRO E 253 -27.67 20.20 -27.73
N ILE E 254 -28.61 19.84 -26.88
CA ILE E 254 -29.90 19.32 -27.32
C ILE E 254 -30.82 20.49 -27.61
N ARG E 255 -31.24 20.61 -28.87
CA ARG E 255 -32.04 21.76 -29.29
C ARG E 255 -33.49 21.60 -28.86
N ILE E 256 -34.01 22.62 -28.19
CA ILE E 256 -35.32 22.61 -27.56
C ILE E 256 -36.11 23.77 -28.14
N GLU E 257 -37.20 23.47 -28.82
CA GLU E 257 -38.09 24.53 -29.25
C GLU E 257 -38.88 25.05 -28.05
N ARG E 258 -38.90 26.36 -27.91
CA ARG E 258 -39.32 27.01 -26.69
C ARG E 258 -40.82 26.85 -26.41
N ASP E 259 -41.66 26.73 -27.43
CA ASP E 259 -43.10 26.71 -27.21
C ASP E 259 -43.67 25.30 -27.08
N ARG E 260 -42.86 24.26 -27.24
CA ARG E 260 -43.34 22.90 -27.03
C ARG E 260 -42.77 22.32 -25.74
N PRO E 261 -43.57 21.59 -24.97
CA PRO E 261 -43.08 21.03 -23.71
C PRO E 261 -42.09 19.90 -23.97
N VAL E 262 -41.41 19.48 -22.90
CA VAL E 262 -40.32 18.52 -22.99
C VAL E 262 -40.61 17.36 -22.05
N ARG E 263 -40.40 16.13 -22.53
CA ARG E 263 -40.54 14.93 -21.71
C ARG E 263 -39.25 14.12 -21.80
N ILE E 264 -38.70 13.71 -20.66
CA ILE E 264 -37.51 12.86 -20.62
C ILE E 264 -37.85 11.54 -19.96
N TYR E 265 -37.54 10.44 -20.64
CA TYR E 265 -37.58 9.10 -20.06
C TYR E 265 -36.18 8.82 -19.52
N LEU E 266 -36.03 8.85 -18.19
CA LEU E 266 -34.73 8.86 -17.53
C LEU E 266 -34.54 7.57 -16.76
N ILE E 267 -33.49 6.80 -17.13
CA ILE E 267 -33.21 5.48 -16.57
C ILE E 267 -31.83 5.47 -15.93
N ASN E 268 -31.73 4.91 -14.73
CA ASN E 268 -30.43 4.76 -14.07
C ASN E 268 -29.93 3.33 -14.30
N ALA E 269 -28.93 3.18 -15.15
CA ALA E 269 -28.24 1.92 -15.37
C ALA E 269 -26.83 1.90 -14.77
N THR E 270 -26.46 2.92 -14.00
CA THR E 270 -25.10 3.04 -13.49
C THR E 270 -24.79 1.94 -12.45
N GLU E 271 -23.67 1.25 -12.67
CA GLU E 271 -23.24 0.17 -11.78
C GLU E 271 -22.27 0.70 -10.71
N PHE E 272 -22.09 -0.09 -9.64
CA PHE E 272 -21.14 0.17 -8.55
C PHE E 272 -21.55 1.31 -7.62
N ASP E 273 -21.93 2.48 -8.19
CA ASP E 273 -22.36 3.61 -7.35
C ASP E 273 -23.80 3.41 -6.89
N PRO E 274 -24.12 3.77 -5.63
CA PRO E 274 -25.48 3.48 -5.14
C PRO E 274 -26.57 4.31 -5.80
N ILE E 275 -26.33 5.60 -6.04
CA ILE E 275 -27.35 6.43 -6.69
C ILE E 275 -26.73 7.28 -7.80
N ASN E 276 -27.59 7.78 -8.68
CA ASN E 276 -27.29 8.80 -9.67
C ASN E 276 -28.45 9.80 -9.60
N SER E 277 -28.30 10.94 -10.27
CA SER E 277 -29.30 11.99 -10.11
C SER E 277 -29.36 12.86 -11.36
N PHE E 278 -30.33 13.77 -11.37
CA PHE E 278 -30.60 14.68 -12.48
C PHE E 278 -30.97 16.04 -11.90
N HIS E 279 -30.20 17.07 -12.25
CA HIS E 279 -30.50 18.44 -11.86
C HIS E 279 -30.67 19.26 -13.13
N LEU E 280 -31.82 19.94 -13.21
CA LEU E 280 -32.15 20.83 -14.32
C LEU E 280 -31.89 22.27 -13.89
N HIS E 281 -31.06 22.99 -14.64
CA HIS E 281 -30.72 24.36 -14.29
C HIS E 281 -31.84 25.31 -14.68
N ALA E 282 -32.08 26.31 -13.81
CA ALA E 282 -32.89 27.49 -14.11
C ALA E 282 -34.38 27.17 -14.26
N ASN E 283 -34.79 25.93 -14.01
CA ASN E 283 -36.15 25.52 -14.33
C ASN E 283 -36.51 24.34 -13.45
N PHE E 284 -37.80 24.00 -13.44
CA PHE E 284 -38.35 22.96 -12.59
C PHE E 284 -39.20 22.02 -13.45
N PHE E 285 -39.30 20.77 -13.01
CA PHE E 285 -40.02 19.75 -13.74
C PHE E 285 -40.93 18.97 -12.79
N ASP E 286 -41.89 18.26 -13.37
CA ASP E 286 -42.69 17.27 -12.67
C ASP E 286 -42.08 15.90 -12.93
N TYR E 287 -42.10 15.04 -11.91
CA TYR E 287 -41.46 13.74 -11.98
C TYR E 287 -42.49 12.64 -11.74
N TYR E 288 -42.47 11.62 -12.59
CA TYR E 288 -43.38 10.48 -12.53
C TYR E 288 -42.53 9.24 -12.24
N ASP E 289 -42.55 8.79 -10.99
CA ASP E 289 -41.72 7.67 -10.60
C ASP E 289 -42.15 6.40 -11.33
N HIS E 290 -41.21 5.79 -12.06
CA HIS E 290 -41.40 4.62 -12.94
C HIS E 290 -42.34 4.91 -14.09
N GLY E 291 -42.81 6.16 -14.25
CA GLY E 291 -43.81 6.52 -15.23
C GLY E 291 -45.13 5.79 -15.11
N THR E 292 -45.39 5.11 -13.99
CA THR E 292 -46.53 4.20 -13.91
C THR E 292 -47.83 4.88 -13.50
N THR E 293 -47.83 6.21 -13.33
CA THR E 293 -49.04 6.97 -13.10
C THR E 293 -49.12 8.12 -14.10
N LEU E 294 -50.35 8.58 -14.34
CA LEU E 294 -50.58 9.70 -15.24
C LEU E 294 -50.68 11.02 -14.50
N THR E 295 -50.52 11.02 -13.18
CA THR E 295 -50.36 12.21 -12.36
C THR E 295 -48.96 12.19 -11.73
N PRO E 296 -48.34 13.35 -11.53
CA PRO E 296 -46.94 13.37 -11.08
C PRO E 296 -46.77 12.77 -9.69
N THR E 297 -45.59 12.18 -9.47
CA THR E 297 -45.17 11.76 -8.14
C THR E 297 -44.65 12.94 -7.34
N LEU E 298 -43.84 13.80 -7.98
CA LEU E 298 -43.31 15.02 -7.37
C LEU E 298 -43.64 16.18 -8.29
N LYS E 299 -44.26 17.22 -7.74
CA LYS E 299 -44.57 18.42 -8.49
C LYS E 299 -43.48 19.43 -8.23
N THR E 300 -42.98 20.06 -9.31
CA THR E 300 -42.11 21.24 -9.24
C THR E 300 -40.84 20.95 -8.44
N VAL E 301 -39.98 20.09 -9.01
CA VAL E 301 -38.65 19.83 -8.46
C VAL E 301 -37.59 20.10 -9.52
N ASP E 302 -36.35 20.32 -9.08
CA ASP E 302 -35.23 20.49 -10.02
C ASP E 302 -34.11 19.48 -9.80
N THR E 303 -34.20 18.61 -8.80
CA THR E 303 -33.17 17.61 -8.52
C THR E 303 -33.87 16.34 -8.03
N ILE E 304 -33.73 15.25 -8.78
CA ILE E 304 -34.21 13.95 -8.31
C ILE E 304 -33.05 12.98 -8.34
N MET E 305 -33.20 11.89 -7.59
CA MET E 305 -32.18 10.83 -7.55
C MET E 305 -32.85 9.47 -7.74
N GLN E 306 -32.06 8.52 -8.23
CA GLN E 306 -32.50 7.17 -8.52
C GLN E 306 -31.37 6.21 -8.17
N CYS E 307 -31.72 5.10 -7.53
CA CYS E 307 -30.75 4.01 -7.48
C CYS E 307 -30.81 3.25 -8.80
N GLN E 308 -29.86 2.33 -9.00
CA GLN E 308 -29.86 1.56 -10.24
C GLN E 308 -31.16 0.77 -10.38
N GLY E 309 -31.66 0.69 -11.62
CA GLY E 309 -32.92 0.03 -11.87
C GLY E 309 -34.15 0.88 -11.65
N GLN E 310 -34.01 2.02 -10.97
CA GLN E 310 -35.09 3.01 -10.94
C GLN E 310 -34.99 3.90 -12.18
N ARG E 311 -36.06 4.64 -12.43
CA ARG E 311 -36.29 5.33 -13.68
C ARG E 311 -37.61 6.07 -13.55
N GLY E 312 -37.83 7.03 -14.43
CA GLY E 312 -39.07 7.78 -14.38
C GLY E 312 -39.17 8.75 -15.54
N ILE E 313 -40.21 9.58 -15.47
CA ILE E 313 -40.51 10.54 -16.52
C ILE E 313 -40.43 11.95 -15.94
N LEU E 314 -39.75 12.83 -16.64
CA LEU E 314 -39.63 14.25 -16.30
C LEU E 314 -40.36 15.05 -17.36
N GLU E 315 -41.24 15.97 -16.94
CA GLU E 315 -41.95 16.87 -17.84
C GLU E 315 -41.71 18.31 -17.42
N PHE E 316 -41.38 19.16 -18.38
CA PHE E 316 -41.11 20.57 -18.08
C PHE E 316 -41.25 21.37 -19.36
N SER E 317 -41.15 22.68 -19.23
CA SER E 317 -41.31 23.56 -20.37
C SER E 317 -40.40 24.77 -20.22
N PHE E 318 -39.74 25.15 -21.30
CA PHE E 318 -38.98 26.38 -21.36
C PHE E 318 -39.74 27.51 -22.06
N ASN E 319 -41.07 27.40 -22.13
CA ASN E 319 -41.85 28.46 -22.77
C ASN E 319 -41.66 29.79 -22.05
N GLY E 320 -41.39 30.84 -22.82
CA GLY E 320 -41.15 32.15 -22.25
C GLY E 320 -39.76 32.38 -21.68
N PHE E 321 -38.87 31.40 -21.75
CA PHE E 321 -37.51 31.62 -21.29
C PHE E 321 -36.70 32.36 -22.35
N GLU E 322 -35.69 33.08 -21.89
CA GLU E 322 -34.75 33.69 -22.82
C GLU E 322 -33.99 32.57 -23.54
N PRO E 323 -33.81 32.67 -24.86
CA PRO E 323 -33.05 31.62 -25.56
C PRO E 323 -31.60 31.59 -25.10
N GLY E 324 -31.04 30.39 -25.06
CA GLY E 324 -29.69 30.20 -24.55
C GLY E 324 -29.46 28.76 -24.16
N LEU E 325 -28.37 28.56 -23.42
CA LEU E 325 -27.94 27.23 -22.98
C LEU E 325 -28.38 27.01 -21.54
N TYR E 326 -29.11 25.92 -21.31
CA TYR E 326 -29.60 25.55 -19.98
C TYR E 326 -29.03 24.18 -19.63
N MET E 327 -28.14 24.16 -18.63
CA MET E 327 -27.40 22.96 -18.28
C MET E 327 -28.28 21.93 -17.56
N PHE E 328 -27.87 20.67 -17.65
CA PHE E 328 -28.47 19.57 -16.88
C PHE E 328 -27.37 18.56 -16.60
N HIS E 329 -27.37 17.99 -15.40
CA HIS E 329 -26.27 17.12 -14.99
C HIS E 329 -26.59 16.47 -13.66
N ALA E 330 -25.76 15.49 -13.29
CA ALA E 330 -25.88 14.84 -11.99
C ALA E 330 -25.46 15.82 -10.89
N HIS E 331 -26.16 15.75 -9.76
CA HIS E 331 -25.75 16.53 -8.61
C HIS E 331 -24.78 15.78 -7.72
N GLN E 332 -24.26 14.64 -8.18
CA GLN E 332 -22.99 14.10 -7.70
C GLN E 332 -21.93 14.78 -8.55
N SER E 333 -21.27 15.78 -7.96
CA SER E 333 -20.40 16.68 -8.71
C SER E 333 -19.35 15.94 -9.52
N GLU E 334 -18.77 14.88 -8.97
CA GLU E 334 -17.73 14.16 -9.70
C GLU E 334 -18.29 13.44 -10.91
N PHE E 335 -19.53 12.92 -10.83
CA PHE E 335 -20.16 12.34 -12.01
C PHE E 335 -20.22 13.35 -13.14
N ALA E 336 -20.56 14.59 -12.80
CA ALA E 336 -20.73 15.62 -13.82
C ALA E 336 -19.38 16.02 -14.41
N GLU E 337 -18.37 16.16 -13.56
CA GLU E 337 -17.00 16.41 -14.03
C GLU E 337 -16.49 15.32 -14.96
N LEU E 338 -16.91 14.06 -14.75
CA LEU E 338 -16.37 12.94 -15.52
C LEU E 338 -17.25 12.55 -16.70
N GLY E 339 -18.25 13.37 -17.05
CA GLY E 339 -18.95 13.19 -18.30
C GLY E 339 -20.47 13.34 -18.27
N TRP E 340 -21.08 13.26 -17.09
CA TRP E 340 -22.54 13.31 -16.96
CA TRP E 340 -22.54 13.31 -16.98
C TRP E 340 -22.95 14.77 -16.79
N MET E 341 -22.92 15.49 -17.91
CA MET E 341 -23.28 16.89 -17.96
C MET E 341 -23.64 17.22 -19.41
N GLY E 342 -24.67 18.04 -19.60
CA GLY E 342 -25.07 18.44 -20.93
C GLY E 342 -25.77 19.78 -20.90
N ASN E 343 -26.09 20.27 -22.09
CA ASN E 343 -26.82 21.52 -22.25
C ASN E 343 -28.06 21.30 -23.11
N PHE E 344 -29.17 21.89 -22.70
CA PHE E 344 -30.25 22.18 -23.63
C PHE E 344 -29.97 23.52 -24.30
N GLU E 345 -30.25 23.60 -25.60
CA GLU E 345 -30.17 24.87 -26.31
C GLU E 345 -31.59 25.30 -26.62
N VAL E 346 -32.12 26.22 -25.80
CA VAL E 346 -33.47 26.75 -25.99
C VAL E 346 -33.44 27.74 -27.15
N ILE E 347 -34.26 27.49 -28.17
CA ILE E 347 -34.29 28.34 -29.36
C ILE E 347 -35.66 29.01 -29.47
N GLU E 348 -35.66 30.24 -30.00
CA GLU E 348 -36.86 31.07 -30.14
C GLU E 348 -38.03 30.33 -30.77
N GLY F 50 -2.42 31.07 25.06
CA GLY F 50 -2.99 31.01 26.39
C GLY F 50 -2.15 30.21 27.38
N PHE F 51 -1.82 28.96 27.03
CA PHE F 51 -1.13 28.08 27.98
C PHE F 51 0.32 28.50 28.12
N ASP F 52 0.81 28.49 29.35
CA ASP F 52 2.17 28.90 29.64
C ASP F 52 2.91 27.75 30.30
N PRO F 53 3.83 27.07 29.59
CA PRO F 53 4.48 25.90 30.18
C PRO F 53 5.55 26.25 31.20
N TYR F 54 6.02 27.50 31.21
CA TYR F 54 7.00 27.93 32.20
C TYR F 54 6.34 28.20 33.54
N ALA F 55 5.20 28.90 33.54
CA ALA F 55 4.44 29.07 34.78
C ALA F 55 3.85 27.76 35.26
N PHE F 56 3.47 26.88 34.34
CA PHE F 56 2.87 25.61 34.74
C PHE F 56 3.79 24.79 35.66
N LEU F 57 5.11 24.88 35.46
CA LEU F 57 6.06 24.09 36.23
C LEU F 57 5.85 24.23 37.75
N THR F 58 5.53 25.44 38.22
CA THR F 58 5.45 25.71 39.66
C THR F 58 4.07 26.17 40.10
N HIS F 59 3.04 25.97 39.28
CA HIS F 59 1.69 26.39 39.62
C HIS F 59 0.96 25.26 40.34
N TRP F 60 0.51 25.54 41.56
CA TRP F 60 -0.27 24.59 42.35
C TRP F 60 -1.64 25.19 42.59
N GLU F 61 -2.67 24.48 42.17
CA GLU F 61 -4.04 24.86 42.48
C GLU F 61 -4.41 24.21 43.80
N THR F 62 -4.58 25.01 44.85
CA THR F 62 -4.81 24.47 46.19
C THR F 62 -6.25 24.60 46.65
N GLY F 63 -7.14 25.13 45.82
CA GLY F 63 -8.56 25.10 46.10
C GLY F 63 -9.03 26.29 46.89
N GLU F 64 -10.35 26.44 46.96
CA GLU F 64 -10.95 27.38 47.90
C GLU F 64 -11.14 26.64 49.23
N VAL F 65 -10.58 27.21 50.29
CA VAL F 65 -10.44 26.53 51.58
C VAL F 65 -11.55 26.97 52.51
N SER F 66 -12.13 26.02 53.21
CA SER F 66 -13.08 26.35 54.26
C SER F 66 -12.95 25.26 55.33
N THR F 67 -13.63 25.47 56.46
CA THR F 67 -13.58 24.53 57.57
C THR F 67 -14.96 23.90 57.77
N LEU F 68 -14.99 22.57 57.77
CA LEU F 68 -16.23 21.87 58.06
C LEU F 68 -16.53 21.93 59.57
N PRO F 69 -17.79 21.76 59.96
CA PRO F 69 -18.13 21.84 61.40
C PRO F 69 -17.33 20.87 62.26
N SER F 70 -16.89 19.73 61.69
CA SER F 70 -16.00 18.82 62.41
C SER F 70 -14.61 19.39 62.66
N GLY F 71 -14.22 20.44 61.95
CA GLY F 71 -12.85 20.91 61.96
C GLY F 71 -12.02 20.45 60.77
N GLN F 72 -12.51 19.49 59.98
CA GLN F 72 -11.77 19.04 58.80
C GLN F 72 -11.69 20.16 57.77
N THR F 73 -10.53 20.31 57.15
CA THR F 73 -10.36 21.25 56.05
C THR F 73 -11.05 20.74 54.79
N LEU F 74 -11.73 21.64 54.10
CA LEU F 74 -12.34 21.36 52.80
C LEU F 74 -11.61 22.16 51.74
N ARG F 75 -11.25 21.50 50.65
CA ARG F 75 -10.69 22.19 49.49
C ARG F 75 -11.61 21.94 48.30
N GLU F 76 -12.18 23.01 47.76
CA GLU F 76 -13.09 22.94 46.63
C GLU F 76 -12.41 23.41 45.36
N PHE F 77 -12.67 22.71 44.26
CA PHE F 77 -12.14 23.06 42.95
C PHE F 77 -13.28 23.08 41.95
N ASN F 78 -13.15 23.94 40.95
CA ASN F 78 -14.10 24.04 39.86
C ASN F 78 -13.42 23.65 38.56
N ILE F 79 -13.91 22.60 37.92
CA ILE F 79 -13.29 22.10 36.70
C ILE F 79 -14.34 21.99 35.60
N VAL F 80 -14.08 22.63 34.47
CA VAL F 80 -14.98 22.62 33.32
C VAL F 80 -14.28 21.89 32.17
N ALA F 81 -14.95 20.90 31.62
CA ALA F 81 -14.45 20.27 30.40
C ALA F 81 -14.88 21.14 29.24
N VAL F 82 -13.93 21.51 28.39
CA VAL F 82 -14.27 22.38 27.27
C VAL F 82 -13.38 22.02 26.08
N ASP F 83 -14.01 21.93 24.90
CA ASP F 83 -13.27 21.76 23.65
C ASP F 83 -12.55 23.05 23.31
N LYS F 84 -11.26 22.96 23.04
CA LYS F 84 -10.48 24.15 22.76
C LYS F 84 -9.25 23.78 21.92
N GLU F 85 -8.81 24.72 21.10
CA GLU F 85 -7.52 24.58 20.44
C GLU F 85 -6.41 24.76 21.47
N ILE F 86 -5.35 23.95 21.35
CA ILE F 86 -4.10 24.19 22.06
C ILE F 86 -2.97 24.20 21.04
N GLU F 87 -1.87 24.81 21.44
CA GLU F 87 -0.69 24.98 20.59
C GLU F 87 0.43 24.13 21.17
N ILE F 88 0.80 23.06 20.46
CA ILE F 88 1.87 22.18 20.95
C ILE F 88 3.22 22.54 20.37
N ALA F 89 3.27 23.49 19.45
CA ALA F 89 4.45 24.12 18.85
C ALA F 89 3.93 25.33 18.10
N PRO F 90 4.73 26.37 17.87
CA PRO F 90 4.18 27.57 17.23
C PRO F 90 3.70 27.25 15.82
N GLY F 91 2.38 27.40 15.61
CA GLY F 91 1.77 27.03 14.36
C GLY F 91 1.27 25.62 14.26
N VAL F 92 1.41 24.81 15.30
CA VAL F 92 0.82 23.47 15.32
C VAL F 92 -0.37 23.52 16.27
N TYR F 93 -1.57 23.56 15.70
CA TYR F 93 -2.79 23.66 16.48
C TYR F 93 -3.42 22.28 16.58
N PHE F 94 -3.81 21.92 17.80
CA PHE F 94 -4.35 20.61 18.07
C PHE F 94 -5.74 20.77 18.67
N PRO F 95 -6.74 20.09 18.13
CA PRO F 95 -8.10 20.21 18.66
C PRO F 95 -8.30 19.37 19.91
N ALA F 96 -8.27 20.01 21.06
CA ALA F 96 -8.18 19.30 22.33
C ALA F 96 -9.53 19.24 23.06
N TRP F 97 -9.64 18.26 23.95
CA TRP F 97 -10.64 18.24 25.00
C TRP F 97 -9.88 18.54 26.29
N THR F 98 -10.27 19.61 26.97
CA THR F 98 -9.43 20.16 28.02
C THR F 98 -10.23 20.33 29.31
N TYR F 99 -9.52 20.20 30.43
CA TYR F 99 -10.02 20.66 31.72
C TYR F 99 -9.57 22.11 31.92
N ASN F 100 -10.54 23.03 32.03
CA ASN F 100 -10.30 24.47 32.24
C ASN F 100 -9.41 25.08 31.15
N GLY F 101 -9.51 24.60 29.92
CA GLY F 101 -8.90 25.29 28.78
C GLY F 101 -7.40 25.13 28.64
N GLN F 102 -6.81 24.13 29.29
CA GLN F 102 -5.37 23.92 29.22
C GLN F 102 -5.10 22.42 29.25
N VAL F 103 -4.03 22.02 28.56
CA VAL F 103 -3.51 20.67 28.57
C VAL F 103 -2.05 20.77 29.00
N PRO F 104 -1.62 20.11 30.09
CA PRO F 104 -2.39 19.30 31.04
C PRO F 104 -3.41 20.16 31.81
N GLY F 105 -4.37 19.52 32.49
CA GLY F 105 -5.29 20.24 33.31
C GLY F 105 -4.61 20.84 34.52
N PRO F 106 -5.38 21.61 35.30
CA PRO F 106 -4.81 22.23 36.51
C PRO F 106 -4.14 21.20 37.40
N THR F 107 -2.98 21.55 37.94
CA THR F 107 -2.33 20.72 38.94
C THR F 107 -3.00 20.96 40.29
N LEU F 108 -3.71 19.94 40.80
CA LEU F 108 -4.38 20.04 42.08
C LEU F 108 -3.47 19.51 43.18
N ARG F 109 -3.28 20.31 44.23
CA ARG F 109 -2.40 19.96 45.32
C ARG F 109 -3.13 20.18 46.65
N VAL F 110 -3.24 19.11 47.44
CA VAL F 110 -3.98 19.10 48.69
C VAL F 110 -3.10 18.45 49.76
N THR F 111 -3.62 18.40 50.98
CA THR F 111 -2.96 17.72 52.08
C THR F 111 -3.71 16.44 52.42
N GLU F 112 -2.94 15.38 52.69
CA GLU F 112 -3.47 14.12 53.20
C GLU F 112 -4.53 14.36 54.26
N GLY F 113 -5.71 13.78 54.07
CA GLY F 113 -6.78 13.88 55.01
C GLY F 113 -7.73 15.04 54.77
N ASP F 114 -7.39 15.98 53.88
CA ASP F 114 -8.33 17.02 53.51
C ASP F 114 -9.57 16.42 52.87
N ARG F 115 -10.70 17.09 53.07
CA ARG F 115 -11.88 16.79 52.26
C ARG F 115 -11.75 17.54 50.93
N VAL F 116 -11.95 16.82 49.83
CA VAL F 116 -11.82 17.38 48.48
C VAL F 116 -13.19 17.29 47.82
N ARG F 117 -13.64 18.41 47.26
CA ARG F 117 -14.80 18.44 46.38
C ARG F 117 -14.37 19.03 45.06
N VAL F 118 -14.66 18.34 43.97
CA VAL F 118 -14.34 18.81 42.64
C VAL F 118 -15.67 18.96 41.89
N HIS F 119 -16.13 20.20 41.73
CA HIS F 119 -17.33 20.50 40.96
C HIS F 119 -16.98 20.45 39.47
N PHE F 120 -17.46 19.41 38.79
CA PHE F 120 -17.14 19.15 37.40
C PHE F 120 -18.34 19.50 36.54
N HIS F 121 -18.14 20.40 35.57
CA HIS F 121 -19.17 20.73 34.59
C HIS F 121 -18.65 20.42 33.20
N ASN F 122 -19.49 19.79 32.37
CA ASN F 122 -19.12 19.42 31.01
C ASN F 122 -19.71 20.45 30.06
N ALA F 123 -18.86 21.37 29.58
CA ALA F 123 -19.25 22.31 28.55
C ALA F 123 -18.75 21.87 27.18
N GLY F 124 -18.40 20.60 27.02
CA GLY F 124 -17.92 20.07 25.76
C GLY F 124 -19.04 19.47 24.92
N SER F 125 -18.61 18.72 23.91
CA SER F 125 -19.48 18.10 22.91
C SER F 125 -19.70 16.60 23.12
N HIS F 126 -18.82 15.93 23.87
CA HIS F 126 -18.91 14.52 24.16
C HIS F 126 -19.01 14.29 25.66
N PRO F 127 -19.56 13.15 26.09
CA PRO F 127 -19.53 12.82 27.52
C PRO F 127 -18.10 12.67 28.04
N HIS F 128 -17.89 13.07 29.30
CA HIS F 128 -16.59 12.98 29.96
C HIS F 128 -16.78 12.60 31.43
N THR F 129 -15.66 12.23 32.08
CA THR F 129 -15.59 12.07 33.52
C THR F 129 -14.28 12.65 34.01
N ILE F 130 -14.09 12.61 35.32
CA ILE F 130 -12.78 12.72 35.94
C ILE F 130 -12.57 11.46 36.77
N HIS F 131 -11.59 10.64 36.37
CA HIS F 131 -11.17 9.48 37.16
C HIS F 131 -9.89 9.86 37.88
N PHE F 132 -9.95 9.93 39.21
CA PHE F 132 -8.80 10.20 40.06
C PHE F 132 -8.06 8.91 40.36
N HIS F 133 -6.73 8.98 40.34
CA HIS F 133 -5.89 7.93 40.92
C HIS F 133 -5.72 8.28 42.40
N GLY F 134 -6.59 7.72 43.23
CA GLY F 134 -6.61 7.98 44.66
C GLY F 134 -7.65 7.05 45.26
N ILE F 135 -7.71 7.05 46.59
CA ILE F 135 -8.72 6.24 47.27
C ILE F 135 -10.02 7.05 47.33
N HIS F 136 -11.15 6.39 46.98
CA HIS F 136 -12.46 7.04 46.98
C HIS F 136 -13.54 5.97 46.77
N PRO F 137 -14.81 6.29 47.03
CA PRO F 137 -15.88 5.30 46.80
C PRO F 137 -16.11 5.02 45.34
N ALA F 138 -16.64 3.82 45.07
CA ALA F 138 -16.95 3.43 43.68
C ALA F 138 -17.77 4.49 42.98
N SER F 139 -18.76 5.06 43.67
CA SER F 139 -19.64 6.03 43.03
C SER F 139 -18.91 7.31 42.65
N MET F 140 -17.71 7.54 43.19
CA MET F 140 -16.93 8.73 42.91
C MET F 140 -15.77 8.44 41.98
N ASP F 141 -15.78 7.30 41.28
CA ASP F 141 -14.59 6.81 40.61
C ASP F 141 -14.50 7.27 39.15
N GLY F 142 -15.50 7.97 38.64
CA GLY F 142 -15.42 8.60 37.33
C GLY F 142 -15.30 7.61 36.18
N VAL F 143 -16.06 6.53 36.22
CA VAL F 143 -16.11 5.56 35.14
C VAL F 143 -17.54 5.47 34.65
N PRO F 144 -17.76 4.93 33.45
CA PRO F 144 -19.11 4.94 32.86
C PRO F 144 -20.14 4.08 33.60
N GLY F 145 -19.75 3.01 34.29
CA GLY F 145 -20.76 2.09 34.75
C GLY F 145 -21.27 2.25 36.18
N THR F 146 -20.70 3.15 36.96
CA THR F 146 -21.03 3.28 38.39
C THR F 146 -21.38 4.74 38.70
N GLY F 147 -21.96 4.95 39.88
CA GLY F 147 -22.31 6.27 40.35
C GLY F 147 -23.17 7.03 39.36
N PRO F 148 -22.81 8.28 39.07
CA PRO F 148 -23.57 9.05 38.06
C PRO F 148 -23.38 8.56 36.64
N GLY F 149 -22.36 7.75 36.37
CA GLY F 149 -22.01 7.46 35.00
C GLY F 149 -21.19 8.60 34.41
N MET F 150 -21.18 8.67 33.09
CA MET F 150 -20.50 9.77 32.41
C MET F 150 -21.31 11.05 32.54
N ILE F 151 -20.59 12.17 32.53
CA ILE F 151 -21.19 13.51 32.59
C ILE F 151 -21.37 13.99 31.15
N TYR F 152 -22.62 14.06 30.69
CA TYR F 152 -22.88 14.41 29.30
C TYR F 152 -22.82 15.93 29.11
N PRO F 153 -22.69 16.39 27.86
CA PRO F 153 -22.69 17.84 27.61
C PRO F 153 -23.82 18.54 28.34
N GLY F 154 -23.48 19.63 29.05
CA GLY F 154 -24.44 20.40 29.83
C GLY F 154 -24.72 19.88 31.23
N GLU F 155 -24.14 18.75 31.63
CA GLU F 155 -24.38 18.22 32.97
C GLU F 155 -23.22 18.56 33.89
N SER F 156 -23.46 18.40 35.19
CA SER F 156 -22.49 18.70 36.24
C SER F 156 -22.56 17.62 37.29
N PHE F 157 -21.45 17.42 37.99
CA PHE F 157 -21.38 16.45 39.07
C PHE F 157 -20.25 16.86 40.00
N THR F 158 -20.44 16.65 41.31
CA THR F 158 -19.42 16.99 42.30
C THR F 158 -18.78 15.71 42.83
N TYR F 159 -17.52 15.49 42.47
CA TYR F 159 -16.74 14.42 43.07
C TYR F 159 -16.34 14.83 44.49
N GLU F 160 -16.53 13.93 45.46
CA GLU F 160 -16.15 14.20 46.83
C GLU F 160 -15.44 12.99 47.43
N PHE F 161 -14.35 13.23 48.14
CA PHE F 161 -13.62 12.17 48.82
C PHE F 161 -12.60 12.79 49.78
N ASP F 162 -12.15 11.97 50.72
CA ASP F 162 -11.00 12.33 51.56
C ASP F 162 -9.72 12.02 50.81
N ALA F 163 -8.76 12.93 50.88
CA ALA F 163 -7.52 12.85 50.11
C ALA F 163 -6.56 11.84 50.73
N TYR F 164 -6.60 10.60 50.22
CA TYR F 164 -5.65 9.54 50.54
C TYR F 164 -5.33 8.77 49.27
N PRO F 165 -4.14 8.16 49.18
CA PRO F 165 -3.03 8.23 50.15
C PRO F 165 -2.08 9.34 49.75
N PHE F 166 -1.18 9.76 50.64
CA PHE F 166 -0.26 10.81 50.21
C PHE F 166 0.61 10.28 49.08
N GLY F 167 1.02 11.16 48.20
CA GLY F 167 1.89 10.78 47.11
C GLY F 167 1.65 11.66 45.89
N CYS F 168 2.25 11.22 44.79
CA CYS F 168 2.09 11.86 43.50
C CYS F 168 1.07 11.08 42.67
N HIS F 169 -0.01 11.73 42.27
CA HIS F 169 -1.07 11.05 41.53
C HIS F 169 -1.50 11.85 40.30
N LEU F 170 -2.61 11.47 39.69
CA LEU F 170 -3.08 12.15 38.49
C LEU F 170 -4.57 11.94 38.36
N TYR F 171 -5.17 12.62 37.40
CA TYR F 171 -6.56 12.37 37.10
C TYR F 171 -6.72 12.46 35.58
N HIS F 172 -7.74 11.80 35.06
CA HIS F 172 -7.94 11.83 33.63
C HIS F 172 -9.33 11.31 33.31
N CYS F 173 -9.80 11.64 32.11
CA CYS F 173 -11.10 11.15 31.68
C CYS F 173 -11.07 9.63 31.54
N HIS F 174 -12.20 9.00 31.84
CA HIS F 174 -12.38 7.57 31.58
C HIS F 174 -13.75 7.43 30.93
N ALA F 175 -13.78 7.62 29.60
CA ALA F 175 -15.00 7.55 28.83
C ALA F 175 -14.81 6.51 27.73
N ILE F 176 -15.64 6.54 26.70
CA ILE F 176 -15.66 5.52 25.66
C ILE F 176 -15.26 6.15 24.34
N PRO F 177 -14.18 5.68 23.67
CA PRO F 177 -13.27 4.69 24.25
C PRO F 177 -12.15 5.36 25.08
N LEU F 178 -11.52 4.56 25.94
CA LEU F 178 -10.59 5.09 26.92
C LEU F 178 -9.50 5.96 26.25
N LYS F 179 -8.89 5.45 25.16
CA LYS F 179 -7.71 6.12 24.62
C LYS F 179 -8.05 7.47 24.00
N ARG F 180 -9.27 7.62 23.49
CA ARG F 180 -9.54 8.83 22.73
C ARG F 180 -9.65 10.06 23.64
N HIS F 181 -10.31 9.92 24.80
CA HIS F 181 -10.46 11.09 25.68
C HIS F 181 -9.15 11.44 26.38
N ILE F 182 -8.33 10.46 26.72
CA ILE F 182 -7.02 10.78 27.29
C ILE F 182 -6.18 11.54 26.25
N HIS F 183 -6.08 10.97 25.04
CA HIS F 183 -5.23 11.57 24.02
C HIS F 183 -5.65 13.01 23.73
N LYS F 184 -6.96 13.26 23.72
CA LYS F 184 -7.47 14.58 23.37
C LYS F 184 -7.10 15.65 24.40
N GLY F 185 -6.68 15.27 25.60
CA GLY F 185 -6.10 16.25 26.50
C GLY F 185 -6.58 16.20 27.94
N LEU F 186 -7.47 15.25 28.26
CA LEU F 186 -8.19 15.26 29.54
C LEU F 186 -7.38 14.48 30.59
N TYR F 187 -6.34 15.13 31.12
CA TYR F 187 -5.49 14.56 32.16
C TYR F 187 -4.79 15.70 32.87
N GLY F 188 -4.38 15.43 34.11
CA GLY F 188 -3.76 16.44 34.95
C GLY F 188 -3.10 15.80 36.15
N ALA F 189 -2.28 16.60 36.84
CA ALA F 189 -1.59 16.16 38.05
C ALA F 189 -2.45 16.34 39.30
N PHE F 190 -2.34 15.41 40.24
CA PHE F 190 -3.05 15.46 41.52
C PHE F 190 -2.05 15.07 42.60
N ILE F 191 -1.66 16.03 43.44
CA ILE F 191 -0.60 15.81 44.42
C ILE F 191 -1.21 15.91 45.81
N ILE F 192 -1.01 14.87 46.61
CA ILE F 192 -1.46 14.84 48.00
C ILE F 192 -0.23 14.91 48.90
N ASP F 193 -0.05 16.05 49.57
CA ASP F 193 1.07 16.21 50.50
C ASP F 193 0.87 15.31 51.72
N PRO F 194 1.95 14.75 52.27
CA PRO F 194 1.81 14.03 53.55
C PRO F 194 1.51 15.02 54.67
N ASP F 195 0.69 14.58 55.60
CA ASP F 195 0.44 15.36 56.81
C ASP F 195 1.55 15.02 57.80
N PRO F 196 2.47 15.95 58.11
CA PRO F 196 3.62 15.57 58.96
C PRO F 196 3.23 14.97 60.30
N GLU F 197 2.10 15.38 60.87
CA GLU F 197 1.66 14.85 62.16
C GLU F 197 1.28 13.38 62.10
N ARG F 198 0.99 12.85 60.92
CA ARG F 198 0.69 11.44 60.77
C ARG F 198 1.90 10.56 60.47
N HIS F 199 3.09 11.14 60.36
CA HIS F 199 4.30 10.39 59.97
C HIS F 199 5.47 10.83 60.86
N PRO F 200 5.39 10.55 62.17
CA PRO F 200 6.41 11.08 63.09
C PRO F 200 7.79 10.49 62.87
N GLU F 201 7.88 9.27 62.34
CA GLU F 201 9.16 8.63 62.09
C GLU F 201 9.86 9.20 60.85
N TYR F 202 9.13 9.93 60.01
CA TYR F 202 9.68 10.57 58.82
C TYR F 202 9.24 12.02 58.76
N GLN F 203 9.17 12.66 59.92
CA GLN F 203 8.54 13.97 60.02
C GLN F 203 9.27 15.01 59.19
N ALA F 204 10.61 14.94 59.15
CA ALA F 204 11.36 15.91 58.37
C ALA F 204 11.05 15.76 56.88
N ALA F 205 11.02 14.52 56.38
CA ALA F 205 10.72 14.30 54.97
C ALA F 205 9.32 14.78 54.61
N ALA F 206 8.38 14.66 55.54
CA ALA F 206 7.00 15.08 55.28
C ALA F 206 6.89 16.59 55.25
N ARG F 207 7.58 17.28 56.16
CA ARG F 207 7.48 18.74 56.18
C ARG F 207 8.04 19.33 54.90
N ALA F 208 9.10 18.72 54.36
CA ALA F 208 9.70 19.24 53.14
C ALA F 208 8.81 19.06 51.92
N ARG F 209 7.81 18.18 51.99
CA ARG F 209 6.83 18.04 50.92
C ARG F 209 5.54 18.84 51.17
N LEU F 210 5.31 19.34 52.38
CA LEU F 210 4.05 20.02 52.68
C LEU F 210 4.15 21.45 52.18
N LEU F 211 3.31 21.77 51.19
CA LEU F 211 3.46 23.02 50.45
C LEU F 211 3.33 24.21 51.39
N GLY F 212 4.35 25.08 51.38
CA GLY F 212 4.33 26.31 52.14
C GLY F 212 5.20 26.33 53.38
N THR F 213 5.56 25.16 53.94
CA THR F 213 6.39 25.17 55.14
C THR F 213 7.77 25.74 54.81
N PRO F 214 8.49 26.23 55.82
CA PRO F 214 9.88 26.66 55.57
C PRO F 214 10.75 25.56 54.98
N GLU F 215 10.63 24.32 55.45
CA GLU F 215 11.39 23.22 54.84
C GLU F 215 11.02 23.03 53.38
N ASN F 216 9.73 23.13 53.05
CA ASN F 216 9.30 23.00 51.65
C ASN F 216 9.79 24.15 50.80
N GLN F 217 9.87 25.36 51.36
CA GLN F 217 10.39 26.50 50.61
C GLN F 217 11.85 26.30 50.20
N ALA F 218 12.62 25.54 50.99
CA ALA F 218 14.02 25.29 50.65
C ALA F 218 14.18 24.37 49.43
N TRP F 219 13.13 23.66 49.03
CA TRP F 219 13.18 22.78 47.87
C TRP F 219 12.68 23.50 46.62
N GLN F 220 13.28 23.21 45.48
CA GLN F 220 12.74 23.68 44.21
C GLN F 220 11.87 22.56 43.65
N GLU F 221 10.56 22.81 43.54
CA GLU F 221 9.59 21.80 43.16
C GLU F 221 9.01 22.12 41.78
N PHE F 222 8.97 21.10 40.91
CA PHE F 222 8.41 21.24 39.58
C PHE F 222 7.48 20.06 39.29
N VAL F 223 6.41 20.34 38.54
CA VAL F 223 5.54 19.29 38.02
C VAL F 223 5.81 19.14 36.52
N MET F 224 5.96 17.89 36.07
CA MET F 224 6.21 17.57 34.66
C MET F 224 5.32 16.42 34.24
N VAL F 225 4.47 16.67 33.24
CA VAL F 225 3.61 15.66 32.66
C VAL F 225 4.16 15.32 31.28
N MET F 226 4.57 14.06 31.11
CA MET F 226 5.02 13.59 29.80
C MET F 226 3.81 13.26 28.95
N ASN F 227 3.63 14.00 27.85
CA ASN F 227 2.47 13.72 27.00
C ASN F 227 2.89 13.68 25.52
N GLY F 228 1.93 13.38 24.67
CA GLY F 228 2.19 13.26 23.24
C GLY F 228 0.93 13.52 22.45
N PHE F 229 1.11 13.80 21.16
CA PHE F 229 -0.01 14.18 20.30
C PHE F 229 0.07 13.51 18.95
N ASP F 230 -1.07 12.97 18.53
CA ASP F 230 -1.26 12.27 17.27
C ASP F 230 -2.09 13.22 16.41
N THR F 231 -1.40 14.09 15.66
CA THR F 231 -2.05 15.22 15.00
C THR F 231 -2.85 14.83 13.76
N ASN F 232 -2.60 13.66 13.17
CA ASN F 232 -3.44 13.17 12.07
C ASN F 232 -4.33 12.00 12.50
N PHE F 233 -4.42 11.71 13.79
CA PHE F 233 -5.40 10.78 14.34
C PHE F 233 -5.35 9.40 13.64
N ASP F 234 -4.14 8.86 13.52
CA ASP F 234 -3.94 7.47 13.11
C ASP F 234 -3.38 6.61 14.25
N GLU F 235 -3.52 7.05 15.49
CA GLU F 235 -3.10 6.32 16.69
C GLU F 235 -1.57 6.16 16.81
N GLU F 236 -0.79 7.03 16.18
CA GLU F 236 0.64 7.10 16.45
C GLU F 236 1.04 8.55 16.61
N ASN F 237 1.79 8.86 17.66
CA ASN F 237 2.11 10.26 17.99
C ASN F 237 3.09 10.88 17.01
N GLU F 238 2.90 12.17 16.73
CA GLU F 238 3.83 13.01 15.97
C GLU F 238 4.69 13.89 16.85
N VAL F 239 4.20 14.24 18.03
CA VAL F 239 4.84 15.22 18.89
C VAL F 239 4.88 14.67 20.30
N TYR F 240 6.01 14.84 20.96
CA TYR F 240 6.16 14.49 22.37
C TYR F 240 6.65 15.71 23.12
N ALA F 241 6.42 15.71 24.43
CA ALA F 241 6.80 16.87 25.24
C ALA F 241 6.75 16.50 26.71
N VAL F 242 7.34 17.36 27.54
CA VAL F 242 6.93 17.55 28.93
CA VAL F 242 6.91 17.53 28.92
C VAL F 242 6.12 18.83 28.98
N ASN F 243 4.90 18.74 29.52
CA ASN F 243 4.02 19.90 29.63
C ASN F 243 3.72 20.49 28.25
N THR F 244 3.43 19.60 27.30
CA THR F 244 2.66 19.89 26.08
C THR F 244 3.45 20.57 24.96
N VAL F 245 4.23 21.60 25.27
CA VAL F 245 4.92 22.37 24.25
C VAL F 245 6.28 21.73 23.94
N ALA F 246 6.42 21.27 22.68
CA ALA F 246 7.63 20.56 22.25
C ALA F 246 8.87 21.44 22.43
N HIS F 247 9.90 20.89 23.10
CA HIS F 247 11.17 21.60 23.31
C HIS F 247 11.01 22.95 24.01
N ALA F 248 9.95 23.11 24.82
CA ALA F 248 9.73 24.38 25.53
C ALA F 248 10.95 24.74 26.36
N TYR F 249 11.56 23.77 27.02
CA TYR F 249 12.69 24.04 27.91
C TYR F 249 14.04 23.93 27.21
N MET F 250 14.06 23.71 25.89
CA MET F 250 15.24 24.07 25.12
C MET F 250 15.22 25.56 24.78
N LYS F 251 14.07 26.06 24.35
CA LYS F 251 13.93 27.49 24.05
C LYS F 251 14.21 28.32 25.30
N ARG F 252 13.72 27.87 26.45
CA ARG F 252 13.87 28.61 27.70
C ARG F 252 14.15 27.62 28.82
N PRO F 253 15.43 27.43 29.19
CA PRO F 253 15.79 26.44 30.20
C PRO F 253 15.17 26.74 31.55
N ILE F 254 15.02 25.69 32.36
CA ILE F 254 14.51 25.81 33.73
C ILE F 254 15.67 26.21 34.64
N ARG F 255 15.57 27.40 35.24
CA ARG F 255 16.65 27.90 36.09
C ARG F 255 16.67 27.18 37.44
N ILE F 256 17.84 26.69 37.80
CA ILE F 256 18.05 25.84 38.99
C ILE F 256 19.14 26.49 39.83
N GLU F 257 18.82 26.76 41.10
CA GLU F 257 19.85 27.20 42.05
C GLU F 257 20.56 25.99 42.62
N ARG F 258 21.87 26.14 42.85
CA ARG F 258 22.67 25.02 43.33
C ARG F 258 22.61 24.82 44.83
N ASP F 259 22.23 25.84 45.60
CA ASP F 259 22.19 25.71 47.05
C ASP F 259 20.85 25.16 47.54
N ARG F 260 19.94 24.79 46.65
CA ARG F 260 18.70 24.17 47.07
C ARG F 260 18.50 22.90 46.25
N PRO F 261 18.00 21.84 46.87
CA PRO F 261 17.74 20.61 46.11
C PRO F 261 16.50 20.77 45.23
N VAL F 262 16.28 19.77 44.37
CA VAL F 262 15.27 19.81 43.31
C VAL F 262 14.36 18.60 43.46
N ARG F 263 13.05 18.83 43.35
CA ARG F 263 12.05 17.78 43.37
C ARG F 263 11.14 17.92 42.15
N ILE F 264 10.96 16.82 41.41
CA ILE F 264 10.08 16.78 40.24
C ILE F 264 8.97 15.78 40.50
N TYR F 265 7.72 16.22 40.33
CA TYR F 265 6.57 15.32 40.26
C TYR F 265 6.36 14.97 38.79
N LEU F 266 6.70 13.74 38.42
CA LEU F 266 6.80 13.30 37.04
C LEU F 266 5.65 12.34 36.74
N ILE F 267 4.82 12.67 35.74
CA ILE F 267 3.63 11.88 35.40
C ILE F 267 3.66 11.49 33.92
N ASN F 268 3.35 10.22 33.63
CA ASN F 268 3.27 9.75 32.24
C ASN F 268 1.81 9.70 31.79
N ALA F 269 1.44 10.61 30.89
CA ALA F 269 0.11 10.64 30.32
C ALA F 269 0.12 10.27 28.83
N THR F 270 1.25 9.77 28.34
CA THR F 270 1.43 9.53 26.91
C THR F 270 0.58 8.35 26.44
N GLU F 271 -0.27 8.58 25.45
CA GLU F 271 -1.13 7.56 24.87
C GLU F 271 -0.38 6.82 23.76
N PHE F 272 -0.91 5.63 23.41
CA PHE F 272 -0.47 4.85 22.24
C PHE F 272 0.87 4.14 22.47
N ASP F 273 1.92 4.88 22.84
CA ASP F 273 3.19 4.23 23.16
C ASP F 273 3.13 3.56 24.53
N PRO F 274 3.78 2.40 24.67
CA PRO F 274 3.70 1.68 25.95
C PRO F 274 4.49 2.33 27.09
N ILE F 275 5.69 2.85 26.85
CA ILE F 275 6.44 3.47 27.94
C ILE F 275 6.96 4.83 27.52
N ASN F 276 7.27 5.64 28.53
CA ASN F 276 8.00 6.89 28.39
C ASN F 276 9.06 6.90 29.49
N SER F 277 10.01 7.85 29.43
CA SER F 277 11.14 7.76 30.34
C SER F 277 11.75 9.13 30.59
N PHE F 278 12.64 9.17 31.60
CA PHE F 278 13.32 10.39 32.04
C PHE F 278 14.79 10.06 32.24
N HIS F 279 15.67 10.74 31.49
CA HIS F 279 17.11 10.62 31.69
C HIS F 279 17.66 11.97 32.09
N LEU F 280 18.39 12.02 33.20
CA LEU F 280 19.02 13.23 33.71
C LEU F 280 20.50 13.20 33.36
N HIS F 281 20.96 14.18 32.59
CA HIS F 281 22.37 14.22 32.20
C HIS F 281 23.26 14.61 33.38
N ALA F 282 24.41 13.93 33.48
CA ALA F 282 25.54 14.34 34.30
C ALA F 282 25.26 14.24 35.80
N ASN F 283 24.14 13.68 36.21
CA ASN F 283 23.76 13.68 37.61
C ASN F 283 22.81 12.51 37.85
N PHE F 284 22.62 12.16 39.12
CA PHE F 284 21.78 11.04 39.49
C PHE F 284 20.73 11.52 40.48
N PHE F 285 19.63 10.77 40.58
CA PHE F 285 18.53 11.13 41.44
C PHE F 285 18.02 9.91 42.18
N ASP F 286 17.23 10.18 43.22
CA ASP F 286 16.44 9.17 43.91
C ASP F 286 15.01 9.23 43.38
N TYR F 287 14.40 8.06 43.20
CA TYR F 287 13.06 7.95 42.65
C TYR F 287 12.12 7.36 43.69
N TYR F 288 10.93 7.95 43.80
CA TYR F 288 9.89 7.47 44.71
C TYR F 288 8.71 7.07 43.84
N ASP F 289 8.56 5.78 43.59
CA ASP F 289 7.44 5.26 42.80
C ASP F 289 6.10 5.68 43.40
N HIS F 290 5.28 6.35 42.58
CA HIS F 290 3.97 6.91 42.96
C HIS F 290 4.09 7.95 44.08
N GLY F 291 5.30 8.21 44.56
CA GLY F 291 5.49 9.12 45.67
C GLY F 291 4.83 8.71 46.98
N THR F 292 4.41 7.45 47.08
CA THR F 292 3.61 7.00 48.22
C THR F 292 4.43 6.51 49.41
N THR F 293 5.76 6.63 49.36
CA THR F 293 6.63 6.36 50.50
C THR F 293 7.49 7.59 50.75
N LEU F 294 7.99 7.72 51.97
CA LEU F 294 8.85 8.84 52.31
C LEU F 294 10.33 8.49 52.23
N THR F 295 10.65 7.25 51.93
CA THR F 295 11.98 6.76 51.59
C THR F 295 12.00 6.34 50.11
N PRO F 296 13.15 6.46 49.45
CA PRO F 296 13.19 6.18 48.01
C PRO F 296 12.90 4.73 47.65
N THR F 297 12.28 4.55 46.47
CA THR F 297 12.19 3.23 45.84
C THR F 297 13.51 2.82 45.20
N LEU F 298 14.19 3.76 44.54
CA LEU F 298 15.43 3.55 43.83
C LEU F 298 16.39 4.66 44.22
N LYS F 299 17.57 4.29 44.67
CA LYS F 299 18.60 5.26 45.04
C LYS F 299 19.56 5.39 43.87
N THR F 300 19.92 6.63 43.51
CA THR F 300 21.06 6.90 42.63
C THR F 300 20.87 6.22 41.26
N VAL F 301 19.89 6.72 40.51
CA VAL F 301 19.69 6.31 39.12
C VAL F 301 19.68 7.56 38.26
N ASP F 302 19.87 7.38 36.94
CA ASP F 302 19.75 8.53 36.06
C ASP F 302 18.74 8.33 34.94
N THR F 303 18.14 7.14 34.83
CA THR F 303 17.15 6.84 33.80
C THR F 303 16.06 5.98 34.43
N ILE F 304 14.82 6.46 34.44
CA ILE F 304 13.69 5.65 34.87
C ILE F 304 12.64 5.63 33.77
N MET F 305 11.78 4.61 33.81
CA MET F 305 10.71 4.50 32.83
C MET F 305 9.40 4.27 33.56
N GLN F 306 8.32 4.66 32.87
CA GLN F 306 6.95 4.54 33.38
C GLN F 306 6.03 4.18 32.21
N CYS F 307 5.11 3.24 32.44
CA CYS F 307 4.00 3.12 31.52
C CYS F 307 2.98 4.22 31.81
N GLN F 308 1.99 4.37 30.93
CA GLN F 308 0.96 5.38 31.12
C GLN F 308 0.26 5.15 32.45
N GLY F 309 -0.05 6.25 33.16
CA GLY F 309 -0.67 6.15 34.46
C GLY F 309 0.29 5.91 35.61
N GLN F 310 1.52 5.48 35.35
CA GLN F 310 2.54 5.50 36.38
C GLN F 310 3.12 6.91 36.50
N ARG F 311 3.82 7.15 37.61
CA ARG F 311 4.27 8.49 38.00
C ARG F 311 5.09 8.33 39.26
N GLY F 312 5.82 9.39 39.62
CA GLY F 312 6.62 9.34 40.82
C GLY F 312 7.32 10.65 41.09
N ILE F 313 8.21 10.63 42.09
CA ILE F 313 8.91 11.81 42.55
C ILE F 313 10.41 11.58 42.40
N LEU F 314 11.08 12.53 41.75
CA LEU F 314 12.52 12.50 41.57
C LEU F 314 13.12 13.57 42.46
N GLU F 315 14.18 13.23 43.18
CA GLU F 315 14.89 14.20 44.00
C GLU F 315 16.36 14.16 43.65
N PHE F 316 16.95 15.33 43.42
CA PHE F 316 18.37 15.41 43.11
C PHE F 316 18.88 16.79 43.53
N SER F 317 20.17 16.99 43.36
CA SER F 317 20.79 18.25 43.70
C SER F 317 21.94 18.53 42.76
N PHE F 318 22.03 19.77 42.28
CA PHE F 318 23.17 20.21 41.49
C PHE F 318 24.16 21.01 42.32
N ASN F 319 24.14 20.83 43.64
CA ASN F 319 25.09 21.48 44.53
C ASN F 319 26.52 21.15 44.15
N GLY F 320 27.36 22.18 44.03
CA GLY F 320 28.74 21.99 43.66
C GLY F 320 29.01 21.75 42.18
N PHE F 321 27.99 21.74 41.32
CA PHE F 321 28.25 21.52 39.91
C PHE F 321 28.71 22.80 39.22
N GLU F 322 29.49 22.64 38.17
CA GLU F 322 29.82 23.75 37.32
C GLU F 322 28.55 24.38 36.77
N PRO F 323 28.37 25.70 36.88
CA PRO F 323 27.23 26.36 36.22
C PRO F 323 27.21 26.03 34.73
N GLY F 324 26.01 25.86 34.20
CA GLY F 324 25.88 25.41 32.82
C GLY F 324 24.49 24.88 32.54
N LEU F 325 24.33 24.38 31.31
CA LEU F 325 23.08 23.76 30.87
C LEU F 325 23.20 22.23 31.02
N TYR F 326 22.22 21.62 31.66
CA TYR F 326 22.21 20.20 31.95
C TYR F 326 20.92 19.61 31.37
N MET F 327 21.07 18.76 30.36
CA MET F 327 19.95 18.26 29.59
C MET F 327 19.14 17.23 30.39
N PHE F 328 17.86 17.12 30.06
CA PHE F 328 17.03 16.02 30.53
C PHE F 328 16.02 15.69 29.43
N HIS F 329 15.70 14.40 29.26
CA HIS F 329 14.91 14.00 28.11
C HIS F 329 14.54 12.52 28.20
N ALA F 330 13.62 12.13 27.32
CA ALA F 330 13.28 10.73 27.18
C ALA F 330 14.46 9.95 26.62
N HIS F 331 14.67 8.75 27.14
CA HIS F 331 15.68 7.91 26.53
C HIS F 331 15.11 7.05 25.41
N GLN F 332 13.86 7.30 24.99
CA GLN F 332 13.36 6.84 23.70
C GLN F 332 13.75 7.94 22.72
N SER F 333 14.81 7.69 21.93
CA SER F 333 15.48 8.76 21.21
C SER F 333 14.53 9.56 20.33
N GLU F 334 13.60 8.88 19.67
CA GLU F 334 12.68 9.59 18.81
C GLU F 334 11.76 10.53 19.60
N PHE F 335 11.38 10.17 20.84
CA PHE F 335 10.57 11.10 21.63
C PHE F 335 11.33 12.39 21.88
N ALA F 336 12.62 12.28 22.22
CA ALA F 336 13.42 13.47 22.49
C ALA F 336 13.56 14.34 21.23
N GLU F 337 13.79 13.70 20.09
CA GLU F 337 13.89 14.40 18.82
C GLU F 337 12.60 15.12 18.46
N LEU F 338 11.45 14.56 18.86
CA LEU F 338 10.15 15.10 18.50
C LEU F 338 9.57 16.00 19.58
N GLY F 339 10.35 16.36 20.60
CA GLY F 339 9.96 17.43 21.51
C GLY F 339 10.22 17.21 22.99
N TRP F 340 10.33 15.96 23.43
CA TRP F 340 10.53 15.63 24.85
CA TRP F 340 10.51 15.64 24.85
C TRP F 340 12.01 15.73 25.18
N MET F 341 12.49 16.97 25.25
CA MET F 341 13.85 17.30 25.59
C MET F 341 13.86 18.70 26.18
N GLY F 342 14.59 18.90 27.29
CA GLY F 342 14.76 20.22 27.88
C GLY F 342 16.13 20.37 28.53
N ASN F 343 16.41 21.60 28.97
CA ASN F 343 17.63 21.94 29.70
C ASN F 343 17.30 22.54 31.07
N PHE F 344 18.07 22.14 32.07
CA PHE F 344 18.18 22.90 33.31
C PHE F 344 19.31 23.91 33.17
N GLU F 345 19.08 25.14 33.60
CA GLU F 345 20.12 26.15 33.66
C GLU F 345 20.58 26.21 35.11
N VAL F 346 21.68 25.53 35.38
CA VAL F 346 22.24 25.52 36.74
C VAL F 346 23.10 26.77 36.89
N ILE F 347 22.73 27.64 37.82
CA ILE F 347 23.37 28.95 37.90
C ILE F 347 24.26 29.01 39.13
N GLU F 348 25.18 29.97 39.10
CA GLU F 348 26.28 30.04 40.04
C GLU F 348 25.84 30.32 41.48
N GLY G 50 -15.99 34.26 14.91
CA GLY G 50 -16.66 34.73 13.71
C GLY G 50 -18.06 34.15 13.51
N PHE G 51 -18.14 32.91 13.06
CA PHE G 51 -19.42 32.32 12.69
C PHE G 51 -20.17 31.80 13.92
N ASP G 52 -21.46 32.10 13.98
CA ASP G 52 -22.29 31.72 15.11
C ASP G 52 -23.40 30.79 14.64
N PRO G 53 -23.28 29.47 14.84
CA PRO G 53 -24.30 28.55 14.32
C PRO G 53 -25.63 28.63 15.07
N TYR G 54 -25.65 29.23 16.26
CA TYR G 54 -26.88 29.39 17.04
C TYR G 54 -27.72 30.53 16.52
N ALA G 55 -27.10 31.69 16.26
CA ALA G 55 -27.78 32.78 15.56
C ALA G 55 -28.15 32.40 14.12
N PHE G 56 -27.32 31.59 13.44
CA PHE G 56 -27.58 31.25 12.04
C PHE G 56 -28.94 30.56 11.85
N LEU G 57 -29.38 29.74 12.83
CA LEU G 57 -30.62 28.97 12.72
C LEU G 57 -31.82 29.85 12.38
N THR G 58 -31.85 31.10 12.84
CA THR G 58 -33.04 31.94 12.69
C THR G 58 -32.72 33.27 12.01
N HIS G 59 -31.57 33.41 11.37
CA HIS G 59 -31.21 34.64 10.67
C HIS G 59 -31.72 34.61 9.22
N TRP G 60 -32.49 35.62 8.84
CA TRP G 60 -33.04 35.75 7.48
C TRP G 60 -32.55 37.05 6.91
N GLU G 61 -31.82 36.97 5.81
CA GLU G 61 -31.40 38.15 5.06
C GLU G 61 -32.51 38.47 4.05
N THR G 62 -33.21 39.58 4.25
CA THR G 62 -34.35 39.91 3.42
C THR G 62 -34.07 41.04 2.43
N GLY G 63 -32.87 41.60 2.43
CA GLY G 63 -32.46 42.54 1.41
C GLY G 63 -32.87 43.98 1.68
N GLU G 64 -32.37 44.87 0.84
CA GLU G 64 -32.81 46.26 0.86
C GLU G 64 -34.00 46.36 -0.10
N VAL G 65 -35.15 46.70 0.44
CA VAL G 65 -36.40 46.55 -0.29
C VAL G 65 -36.87 47.91 -0.79
N SER G 66 -37.42 47.91 -2.00
CA SER G 66 -37.95 49.12 -2.63
C SER G 66 -39.00 48.67 -3.63
N THR G 67 -39.62 49.64 -4.29
CA THR G 67 -40.67 49.37 -5.25
C THR G 67 -40.22 49.85 -6.62
N LEU G 68 -40.36 49.00 -7.63
CA LEU G 68 -40.11 49.37 -9.01
C LEU G 68 -41.26 50.21 -9.57
N PRO G 69 -41.02 50.94 -10.66
CA PRO G 69 -42.11 51.74 -11.28
C PRO G 69 -43.39 50.95 -11.54
N SER G 70 -43.28 49.69 -11.93
CA SER G 70 -44.47 48.86 -12.14
C SER G 70 -45.21 48.55 -10.86
N GLY G 71 -44.61 48.79 -9.69
CA GLY G 71 -45.17 48.36 -8.44
C GLY G 71 -44.65 47.03 -7.92
N GLN G 72 -43.81 46.33 -8.68
CA GLN G 72 -43.22 45.09 -8.20
C GLN G 72 -42.20 45.39 -7.10
N THR G 73 -42.22 44.59 -6.03
CA THR G 73 -41.22 44.74 -4.97
C THR G 73 -39.84 44.32 -5.46
N LEU G 74 -38.82 45.10 -5.11
CA LEU G 74 -37.44 44.83 -5.42
C LEU G 74 -36.67 44.56 -4.13
N ARG G 75 -35.88 43.49 -4.11
CA ARG G 75 -35.00 43.18 -2.99
C ARG G 75 -33.57 43.05 -3.50
N GLU G 76 -32.66 43.83 -2.91
CA GLU G 76 -31.27 43.88 -3.31
C GLU G 76 -30.38 43.31 -2.22
N PHE G 77 -29.40 42.49 -2.63
CA PHE G 77 -28.43 41.89 -1.72
C PHE G 77 -27.02 42.17 -2.22
N ASN G 78 -26.07 42.19 -1.29
CA ASN G 78 -24.65 42.38 -1.59
C ASN G 78 -23.91 41.15 -1.11
N ILE G 79 -23.20 40.48 -2.03
CA ILE G 79 -22.50 39.25 -1.70
C ILE G 79 -21.08 39.33 -2.25
N VAL G 80 -20.10 39.12 -1.37
CA VAL G 80 -18.68 39.14 -1.71
C VAL G 80 -18.10 37.74 -1.48
N ALA G 81 -17.39 37.21 -2.49
CA ALA G 81 -16.65 35.97 -2.32
C ALA G 81 -15.30 36.28 -1.66
N VAL G 82 -15.02 35.62 -0.53
CA VAL G 82 -13.83 35.92 0.29
C VAL G 82 -13.18 34.61 0.73
N ASP G 83 -11.86 34.50 0.52
CA ASP G 83 -11.07 33.42 1.10
C ASP G 83 -10.86 33.66 2.58
N LYS G 84 -11.16 32.66 3.42
CA LYS G 84 -11.19 32.93 4.85
C LYS G 84 -11.12 31.61 5.63
N GLU G 85 -10.38 31.64 6.72
CA GLU G 85 -10.39 30.56 7.69
C GLU G 85 -11.78 30.43 8.30
N ILE G 86 -12.28 29.21 8.41
CA ILE G 86 -13.45 28.94 9.24
C ILE G 86 -13.07 27.83 10.22
N GLU G 87 -13.81 27.76 11.30
CA GLU G 87 -13.54 26.83 12.38
C GLU G 87 -14.69 25.84 12.42
N ILE G 88 -14.40 24.57 12.09
CA ILE G 88 -15.46 23.56 12.07
C ILE G 88 -15.53 22.76 13.35
N ALA G 89 -14.59 22.95 14.26
CA ALA G 89 -14.53 22.37 15.60
C ALA G 89 -13.40 23.14 16.27
N PRO G 90 -13.38 23.26 17.60
CA PRO G 90 -12.36 24.10 18.25
C PRO G 90 -10.95 23.56 18.01
N GLY G 91 -10.14 24.35 17.31
CA GLY G 91 -8.82 23.91 16.88
C GLY G 91 -8.76 23.29 15.51
N VAL G 92 -9.89 23.08 14.84
CA VAL G 92 -9.91 22.54 13.48
C VAL G 92 -10.21 23.73 12.55
N TYR G 93 -9.19 24.21 11.87
CA TYR G 93 -9.32 25.34 10.96
C TYR G 93 -9.33 24.83 9.53
N PHE G 94 -10.25 25.36 8.73
CA PHE G 94 -10.47 24.91 7.38
C PHE G 94 -10.29 26.08 6.43
N PRO G 95 -9.49 25.94 5.38
CA PRO G 95 -9.29 27.06 4.45
C PRO G 95 -10.47 27.20 3.48
N ALA G 96 -11.43 28.05 3.82
CA ALA G 96 -12.69 28.09 3.10
C ALA G 96 -12.68 29.14 1.99
N TRP G 97 -13.56 28.94 1.02
CA TRP G 97 -14.02 29.96 0.09
C TRP G 97 -15.44 30.28 0.50
N THR G 98 -15.73 31.55 0.80
CA THR G 98 -16.96 31.90 1.49
C THR G 98 -17.71 33.02 0.77
N TYR G 99 -19.01 33.04 0.97
CA TYR G 99 -19.86 34.20 0.66
C TYR G 99 -20.00 35.03 1.92
N ASN G 100 -19.55 36.29 1.88
CA ASN G 100 -19.70 37.22 3.01
C ASN G 100 -19.03 36.71 4.27
N GLY G 101 -17.99 35.87 4.14
CA GLY G 101 -17.17 35.51 5.28
C GLY G 101 -17.71 34.42 6.16
N GLN G 102 -18.76 33.72 5.74
CA GLN G 102 -19.33 32.67 6.57
C GLN G 102 -19.63 31.45 5.71
N VAL G 103 -19.65 30.28 6.37
CA VAL G 103 -20.08 29.03 5.76
C VAL G 103 -21.10 28.41 6.69
N PRO G 104 -22.35 28.16 6.25
CA PRO G 104 -22.92 28.50 4.94
C PRO G 104 -23.03 30.01 4.71
N GLY G 105 -23.22 30.45 3.46
CA GLY G 105 -23.41 31.86 3.19
C GLY G 105 -24.70 32.37 3.78
N PRO G 106 -24.95 33.68 3.61
CA PRO G 106 -26.19 34.27 4.14
C PRO G 106 -27.43 33.54 3.63
N THR G 107 -28.40 33.34 4.51
CA THR G 107 -29.71 32.80 4.13
C THR G 107 -30.53 33.92 3.51
N LEU G 108 -30.86 33.80 2.22
CA LEU G 108 -31.62 34.84 1.53
C LEU G 108 -33.08 34.42 1.50
N ARG G 109 -33.96 35.31 1.94
CA ARG G 109 -35.39 35.00 2.04
C ARG G 109 -36.19 36.13 1.42
N VAL G 110 -36.94 35.80 0.36
CA VAL G 110 -37.75 36.76 -0.38
C VAL G 110 -39.17 36.20 -0.51
N THR G 111 -40.02 36.95 -1.19
CA THR G 111 -41.40 36.55 -1.45
C THR G 111 -41.56 36.21 -2.93
N GLU G 112 -42.33 35.16 -3.19
CA GLU G 112 -42.69 34.78 -4.55
C GLU G 112 -43.10 35.99 -5.37
N GLY G 113 -42.44 36.19 -6.50
CA GLY G 113 -42.76 37.27 -7.41
C GLY G 113 -41.92 38.52 -7.24
N ASP G 114 -41.15 38.64 -6.15
CA ASP G 114 -40.25 39.78 -6.00
C ASP G 114 -39.21 39.79 -7.11
N ARG G 115 -38.81 41.00 -7.50
CA ARG G 115 -37.59 41.16 -8.28
C ARG G 115 -36.40 41.06 -7.32
N VAL G 116 -35.46 40.18 -7.63
CA VAL G 116 -34.26 39.97 -6.84
C VAL G 116 -33.06 40.45 -7.63
N ARG G 117 -32.24 41.29 -7.01
CA ARG G 117 -30.94 41.69 -7.53
C ARG G 117 -29.89 41.31 -6.50
N VAL G 118 -28.91 40.50 -6.91
CA VAL G 118 -27.80 40.12 -6.05
C VAL G 118 -26.54 40.70 -6.66
N HIS G 119 -26.01 41.75 -6.04
CA HIS G 119 -24.74 42.34 -6.46
C HIS G 119 -23.61 41.46 -5.96
N PHE G 120 -22.95 40.76 -6.86
CA PHE G 120 -21.91 39.80 -6.52
C PHE G 120 -20.56 40.37 -6.88
N HIS G 121 -19.62 40.33 -5.92
CA HIS G 121 -18.25 40.76 -6.15
C HIS G 121 -17.30 39.67 -5.69
N ASN G 122 -16.23 39.46 -6.47
CA ASN G 122 -15.22 38.45 -6.16
C ASN G 122 -13.98 39.12 -5.55
N ALA G 123 -13.80 38.95 -4.24
CA ALA G 123 -12.62 39.43 -3.55
C ALA G 123 -11.64 38.30 -3.23
N GLY G 124 -11.76 37.16 -3.91
CA GLY G 124 -10.91 36.02 -3.66
C GLY G 124 -9.78 35.87 -4.67
N SER G 125 -9.18 34.68 -4.70
CA SER G 125 -8.04 34.35 -5.55
C SER G 125 -8.41 33.53 -6.78
N HIS G 126 -9.60 32.95 -6.82
CA HIS G 126 -10.08 32.09 -7.90
C HIS G 126 -11.39 32.64 -8.46
N PRO G 127 -11.71 32.33 -9.72
CA PRO G 127 -13.03 32.69 -10.24
C PRO G 127 -14.14 31.93 -9.53
N HIS G 128 -15.31 32.58 -9.42
CA HIS G 128 -16.48 31.99 -8.78
C HIS G 128 -17.74 32.48 -9.46
N THR G 129 -18.86 31.81 -9.17
CA THR G 129 -20.18 32.25 -9.58
C THR G 129 -21.13 32.09 -8.40
N ILE G 130 -22.38 32.54 -8.59
CA ILE G 130 -23.52 32.13 -7.80
C ILE G 130 -24.49 31.44 -8.74
N HIS G 131 -24.66 30.13 -8.57
CA HIS G 131 -25.71 29.40 -9.26
C HIS G 131 -26.90 29.25 -8.30
N PHE G 132 -28.04 29.86 -8.65
CA PHE G 132 -29.27 29.72 -7.87
C PHE G 132 -30.08 28.52 -8.35
N HIS G 133 -30.60 27.76 -7.41
CA HIS G 133 -31.70 26.84 -7.72
C HIS G 133 -32.98 27.67 -7.66
N GLY G 134 -33.62 27.85 -8.80
CA GLY G 134 -34.68 28.82 -8.98
C GLY G 134 -34.81 29.07 -10.46
N ILE G 135 -35.95 29.64 -10.83
CA ILE G 135 -36.19 29.98 -12.23
C ILE G 135 -35.49 31.30 -12.55
N HIS G 136 -34.85 31.37 -13.71
CA HIS G 136 -34.14 32.59 -14.13
C HIS G 136 -33.63 32.40 -15.55
N PRO G 137 -33.21 33.47 -16.23
CA PRO G 137 -32.70 33.31 -17.60
C PRO G 137 -31.30 32.71 -17.63
N ALA G 138 -30.98 32.10 -18.78
CA ALA G 138 -29.68 31.43 -18.96
C ALA G 138 -28.51 32.32 -18.58
N SER G 139 -28.56 33.59 -18.96
CA SER G 139 -27.45 34.49 -18.69
C SER G 139 -27.28 34.79 -17.21
N MET G 140 -28.26 34.42 -16.37
CA MET G 140 -28.24 34.64 -14.93
C MET G 140 -28.03 33.34 -14.14
N ASP G 141 -27.65 32.26 -14.80
CA ASP G 141 -27.58 30.93 -14.21
C ASP G 141 -26.31 30.68 -13.41
N GLY G 142 -25.30 31.55 -13.51
CA GLY G 142 -24.07 31.39 -12.77
C GLY G 142 -23.27 30.15 -13.11
N VAL G 143 -23.15 29.83 -14.39
CA VAL G 143 -22.31 28.72 -14.83
C VAL G 143 -21.23 29.28 -15.74
N PRO G 144 -20.11 28.58 -15.88
CA PRO G 144 -19.09 29.01 -16.85
C PRO G 144 -19.67 29.00 -18.26
N GLY G 145 -19.32 30.00 -19.05
CA GLY G 145 -19.61 29.95 -20.47
C GLY G 145 -20.87 30.66 -20.95
N THR G 146 -21.83 30.96 -20.08
CA THR G 146 -23.01 31.74 -20.48
C THR G 146 -23.10 33.02 -19.68
N GLY G 147 -23.77 34.02 -20.24
CA GLY G 147 -23.80 35.33 -19.64
C GLY G 147 -22.38 35.84 -19.43
N PRO G 148 -22.11 36.40 -18.25
CA PRO G 148 -20.73 36.84 -17.94
C PRO G 148 -19.79 35.68 -17.65
N GLY G 149 -20.27 34.45 -17.62
CA GLY G 149 -19.44 33.35 -17.21
C GLY G 149 -19.00 33.48 -15.76
N MET G 150 -17.83 32.91 -15.48
CA MET G 150 -17.27 33.01 -14.14
C MET G 150 -16.84 34.44 -13.84
N ILE G 151 -17.00 34.85 -12.59
CA ILE G 151 -16.59 36.17 -12.12
C ILE G 151 -15.18 36.03 -11.54
N TYR G 152 -14.22 36.67 -12.18
CA TYR G 152 -12.81 36.57 -11.80
C TYR G 152 -12.47 37.57 -10.70
N PRO G 153 -11.35 37.35 -10.00
CA PRO G 153 -10.93 38.28 -8.93
C PRO G 153 -11.00 39.75 -9.32
N GLY G 154 -11.62 40.54 -8.46
CA GLY G 154 -11.78 41.96 -8.70
C GLY G 154 -13.00 42.32 -9.52
N GLU G 155 -13.70 41.35 -10.09
CA GLU G 155 -14.84 41.63 -10.95
C GLU G 155 -16.15 41.56 -10.17
N SER G 156 -17.19 42.14 -10.76
CA SER G 156 -18.52 42.17 -10.16
C SER G 156 -19.53 41.81 -11.23
N PHE G 157 -20.69 41.32 -10.77
CA PHE G 157 -21.82 41.09 -11.64
C PHE G 157 -23.08 41.12 -10.80
N THR G 158 -24.19 41.57 -11.38
CA THR G 158 -25.48 41.62 -10.70
C THR G 158 -26.39 40.56 -11.29
N TYR G 159 -26.72 39.54 -10.48
CA TYR G 159 -27.74 38.58 -10.85
C TYR G 159 -29.12 39.19 -10.63
N GLU G 160 -30.00 39.06 -11.62
CA GLU G 160 -31.33 39.65 -11.52
C GLU G 160 -32.35 38.68 -12.09
N PHE G 161 -33.45 38.48 -11.36
CA PHE G 161 -34.51 37.57 -11.77
C PHE G 161 -35.71 37.80 -10.88
N ASP G 162 -36.87 37.31 -11.34
CA ASP G 162 -38.06 37.23 -10.50
C ASP G 162 -38.04 35.96 -9.66
N ALA G 163 -38.41 36.08 -8.38
CA ALA G 163 -38.29 34.98 -7.44
C ALA G 163 -39.41 33.97 -7.65
N TYR G 164 -39.09 32.88 -8.35
CA TYR G 164 -39.99 31.75 -8.57
C TYR G 164 -39.15 30.48 -8.60
N PRO G 165 -39.74 29.33 -8.26
CA PRO G 165 -41.07 29.16 -7.68
C PRO G 165 -40.98 29.25 -6.17
N PHE G 166 -42.09 29.38 -5.47
CA PHE G 166 -42.00 29.39 -4.01
C PHE G 166 -41.49 28.03 -3.52
N GLY G 167 -40.69 28.07 -2.48
CA GLY G 167 -40.24 26.86 -1.84
C GLY G 167 -38.90 27.08 -1.15
N CYS G 168 -38.32 25.96 -0.76
CA CYS G 168 -37.03 25.93 -0.10
C CYS G 168 -35.97 25.61 -1.16
N HIS G 169 -35.02 26.51 -1.35
CA HIS G 169 -34.00 26.38 -2.38
C HIS G 169 -32.62 26.67 -1.81
N LEU G 170 -31.63 26.85 -2.68
CA LEU G 170 -30.27 27.06 -2.26
C LEU G 170 -29.52 27.70 -3.42
N TYR G 171 -28.31 28.18 -3.12
CA TYR G 171 -27.40 28.68 -4.13
C TYR G 171 -26.00 28.16 -3.81
N HIS G 172 -25.19 27.99 -4.86
CA HIS G 172 -23.80 27.60 -4.65
C HIS G 172 -22.98 27.95 -5.88
N CYS G 173 -21.67 27.98 -5.69
CA CYS G 173 -20.78 28.22 -6.82
C CYS G 173 -20.89 27.08 -7.83
N HIS G 174 -20.78 27.45 -9.11
CA HIS G 174 -20.64 26.46 -10.20
C HIS G 174 -19.41 26.85 -11.02
N ALA G 175 -18.23 26.45 -10.56
CA ALA G 175 -16.99 26.73 -11.27
C ALA G 175 -16.28 25.42 -11.58
N ILE G 176 -14.98 25.49 -11.87
CA ILE G 176 -14.22 24.35 -12.37
C ILE G 176 -13.13 24.01 -11.35
N PRO G 177 -13.07 22.78 -10.83
CA PRO G 177 -14.14 21.79 -11.05
C PRO G 177 -15.29 22.01 -10.08
N LEU G 178 -16.45 21.47 -10.44
CA LEU G 178 -17.67 21.70 -9.68
C LEU G 178 -17.50 21.33 -8.20
N LYS G 179 -16.96 20.15 -7.91
CA LYS G 179 -16.94 19.68 -6.52
C LYS G 179 -16.02 20.53 -5.64
N ARG G 180 -15.02 21.17 -6.23
CA ARG G 180 -14.03 21.89 -5.44
C ARG G 180 -14.63 23.15 -4.82
N HIS G 181 -15.34 23.94 -5.62
CA HIS G 181 -15.85 25.21 -5.13
C HIS G 181 -17.02 24.98 -4.17
N ILE G 182 -17.81 23.93 -4.38
CA ILE G 182 -18.85 23.63 -3.39
C ILE G 182 -18.22 23.20 -2.07
N HIS G 183 -17.27 22.26 -2.13
CA HIS G 183 -16.68 21.75 -0.90
C HIS G 183 -16.03 22.86 -0.08
N LYS G 184 -15.34 23.78 -0.73
CA LYS G 184 -14.62 24.81 -0.02
C LYS G 184 -15.54 25.78 0.74
N GLY G 185 -16.84 25.76 0.47
CA GLY G 185 -17.77 26.50 1.32
C GLY G 185 -18.77 27.40 0.61
N LEU G 186 -18.77 27.44 -0.73
CA LEU G 186 -19.59 28.40 -1.47
C LEU G 186 -20.99 27.82 -1.71
N TYR G 187 -21.80 27.84 -0.66
CA TYR G 187 -23.18 27.42 -0.74
C TYR G 187 -23.96 28.16 0.35
N GLY G 188 -25.26 28.33 0.11
CA GLY G 188 -26.16 28.96 1.06
C GLY G 188 -27.61 28.63 0.76
N ALA G 189 -28.48 29.02 1.70
CA ALA G 189 -29.91 28.78 1.61
C ALA G 189 -30.62 29.95 0.92
N PHE G 190 -31.63 29.63 0.12
CA PHE G 190 -32.42 30.59 -0.65
C PHE G 190 -33.88 30.19 -0.50
N ILE G 191 -34.65 30.99 0.23
CA ILE G 191 -36.03 30.66 0.57
C ILE G 191 -36.95 31.65 -0.11
N ILE G 192 -37.91 31.13 -0.88
CA ILE G 192 -38.92 31.95 -1.55
C ILE G 192 -40.26 31.65 -0.87
N ASP G 193 -40.77 32.62 -0.13
CA ASP G 193 -42.05 32.42 0.55
C ASP G 193 -43.18 32.43 -0.47
N PRO G 194 -44.21 31.62 -0.29
CA PRO G 194 -45.40 31.77 -1.14
C PRO G 194 -46.08 33.10 -0.87
N ASP G 195 -46.61 33.70 -1.94
CA ASP G 195 -47.41 34.91 -1.82
C ASP G 195 -48.85 34.46 -1.59
N PRO G 196 -49.43 34.70 -0.42
CA PRO G 196 -50.77 34.14 -0.12
C PRO G 196 -51.85 34.63 -1.08
N GLU G 197 -51.68 35.80 -1.71
CA GLU G 197 -52.67 36.27 -2.69
C GLU G 197 -52.75 35.33 -3.90
N ARG G 198 -51.66 34.64 -4.24
CA ARG G 198 -51.63 33.78 -5.41
C ARG G 198 -52.03 32.34 -5.11
N HIS G 199 -52.39 32.01 -3.88
CA HIS G 199 -52.76 30.65 -3.52
C HIS G 199 -54.02 30.66 -2.68
N PRO G 200 -55.16 31.07 -3.26
CA PRO G 200 -56.39 31.20 -2.46
C PRO G 200 -56.82 29.91 -1.80
N GLU G 201 -56.60 28.77 -2.46
CA GLU G 201 -57.03 27.50 -1.89
C GLU G 201 -56.14 27.03 -0.76
N TYR G 202 -54.97 27.64 -0.56
CA TYR G 202 -54.09 27.30 0.55
C TYR G 202 -53.61 28.56 1.25
N GLN G 203 -54.53 29.51 1.46
CA GLN G 203 -54.15 30.83 1.96
C GLN G 203 -53.53 30.74 3.34
N ALA G 204 -54.13 29.95 4.23
CA ALA G 204 -53.61 29.84 5.60
C ALA G 204 -52.23 29.20 5.62
N ALA G 205 -52.04 28.11 4.86
CA ALA G 205 -50.72 27.51 4.76
C ALA G 205 -49.70 28.50 4.21
N ALA G 206 -50.10 29.30 3.21
CA ALA G 206 -49.16 30.25 2.63
C ALA G 206 -48.82 31.37 3.61
N ARG G 207 -49.79 31.81 4.41
CA ARG G 207 -49.52 32.91 5.35
C ARG G 207 -48.61 32.45 6.47
N ALA G 208 -48.76 31.21 6.90
CA ALA G 208 -47.86 30.66 7.92
C ALA G 208 -46.41 30.64 7.44
N ARG G 209 -46.17 30.64 6.12
CA ARG G 209 -44.82 30.67 5.57
C ARG G 209 -44.34 32.08 5.18
N LEU G 210 -45.21 33.08 5.12
CA LEU G 210 -44.78 34.42 4.73
C LEU G 210 -44.14 35.09 5.93
N LEU G 211 -42.82 35.33 5.85
CA LEU G 211 -42.07 35.89 6.97
C LEU G 211 -42.72 37.18 7.47
N GLY G 212 -43.07 37.20 8.76
CA GLY G 212 -43.56 38.39 9.42
C GLY G 212 -45.05 38.42 9.70
N THR G 213 -45.86 37.64 9.00
CA THR G 213 -47.29 37.65 9.30
C THR G 213 -47.51 37.09 10.71
N PRO G 214 -48.64 37.42 11.33
CA PRO G 214 -48.91 36.83 12.65
C PRO G 214 -49.02 35.31 12.62
N GLU G 215 -49.52 34.74 11.52
CA GLU G 215 -49.51 33.28 11.38
C GLU G 215 -48.09 32.73 11.40
N ASN G 216 -47.16 33.44 10.74
CA ASN G 216 -45.79 32.96 10.64
C ASN G 216 -45.05 33.06 11.97
N GLN G 217 -45.29 34.14 12.73
CA GLN G 217 -44.68 34.28 14.04
C GLN G 217 -45.13 33.19 15.00
N ALA G 218 -46.27 32.55 14.72
CA ALA G 218 -46.69 31.41 15.53
C ALA G 218 -45.88 30.15 15.24
N TRP G 219 -44.99 30.17 14.24
CA TRP G 219 -44.15 29.02 13.93
C TRP G 219 -42.72 29.30 14.37
N GLN G 220 -42.05 28.26 14.86
CA GLN G 220 -40.61 28.31 15.11
C GLN G 220 -39.92 27.80 13.85
N GLU G 221 -39.23 28.69 13.13
CA GLU G 221 -38.57 28.36 11.88
C GLU G 221 -37.06 28.32 12.05
N PHE G 222 -36.44 27.26 11.53
CA PHE G 222 -34.98 27.13 11.53
C PHE G 222 -34.50 26.72 10.14
N VAL G 223 -33.31 27.19 9.77
CA VAL G 223 -32.62 26.75 8.57
C VAL G 223 -31.45 25.86 8.98
N MET G 224 -31.28 24.74 8.27
CA MET G 224 -30.25 23.75 8.58
C MET G 224 -29.61 23.28 7.28
N VAL G 225 -28.34 23.60 7.10
CA VAL G 225 -27.58 23.14 5.94
C VAL G 225 -26.71 21.98 6.42
N MET G 226 -26.95 20.79 5.85
CA MET G 226 -26.10 19.63 6.16
C MET G 226 -24.85 19.72 5.30
N ASN G 227 -23.68 19.83 5.92
CA ASN G 227 -22.45 19.96 5.16
C ASN G 227 -21.36 19.05 5.75
N GLY G 228 -20.21 19.02 5.07
CA GLY G 228 -19.10 18.19 5.48
C GLY G 228 -17.80 18.80 5.03
N PHE G 229 -16.69 18.31 5.60
CA PHE G 229 -15.38 18.89 5.32
C PHE G 229 -14.33 17.81 5.21
N ASP G 230 -13.54 17.90 4.16
CA ASP G 230 -12.45 16.99 3.83
C ASP G 230 -11.17 17.75 4.17
N THR G 231 -10.72 17.59 5.42
CA THR G 231 -9.64 18.44 5.92
C THR G 231 -8.25 18.08 5.36
N ASN G 232 -8.06 16.90 4.78
CA ASN G 232 -6.78 16.58 4.14
C ASN G 232 -6.90 16.47 2.62
N PHE G 233 -8.05 16.84 2.07
CA PHE G 233 -8.24 17.01 0.62
C PHE G 233 -7.86 15.76 -0.15
N ASP G 234 -8.41 14.62 0.28
CA ASP G 234 -8.37 13.37 -0.48
C ASP G 234 -9.75 12.94 -0.95
N GLU G 235 -10.73 13.85 -0.93
CA GLU G 235 -12.09 13.63 -1.42
C GLU G 235 -12.87 12.65 -0.55
N GLU G 236 -12.55 12.57 0.74
CA GLU G 236 -13.42 11.90 1.69
C GLU G 236 -13.52 12.78 2.93
N ASN G 237 -14.74 13.04 3.38
CA ASN G 237 -14.95 13.95 4.49
C ASN G 237 -14.42 13.37 5.81
N GLU G 238 -13.85 14.25 6.65
CA GLU G 238 -13.46 13.97 8.04
C GLU G 238 -14.50 14.43 9.05
N VAL G 239 -15.22 15.49 8.75
CA VAL G 239 -16.11 16.14 9.68
C VAL G 239 -17.46 16.30 8.98
N TYR G 240 -18.53 16.01 9.70
CA TYR G 240 -19.88 16.29 9.23
C TYR G 240 -20.55 17.19 10.23
N ALA G 241 -21.56 17.92 9.77
CA ALA G 241 -22.25 18.83 10.65
C ALA G 241 -23.58 19.24 10.05
N VAL G 242 -24.39 19.86 10.90
CA VAL G 242 -25.48 20.71 10.46
CA VAL G 242 -25.48 20.72 10.46
C VAL G 242 -25.08 22.13 10.81
N ASN G 243 -25.01 23.00 9.80
CA ASN G 243 -24.57 24.39 9.95
C ASN G 243 -23.12 24.45 10.44
N THR G 244 -22.26 23.61 9.82
CA THR G 244 -20.80 23.75 9.81
C THR G 244 -20.07 23.27 11.07
N VAL G 245 -20.51 23.66 12.27
CA VAL G 245 -19.78 23.35 13.49
C VAL G 245 -20.21 21.97 14.01
N ALA G 246 -19.27 21.03 14.01
CA ALA G 246 -19.52 19.66 14.47
C ALA G 246 -20.12 19.66 15.88
N HIS G 247 -21.25 18.97 16.04
CA HIS G 247 -21.90 18.76 17.34
C HIS G 247 -22.28 20.08 18.03
N ALA G 248 -22.46 21.15 17.26
CA ALA G 248 -22.78 22.45 17.84
C ALA G 248 -24.03 22.37 18.73
N TYR G 249 -25.02 21.59 18.29
CA TYR G 249 -26.28 21.49 19.02
C TYR G 249 -26.29 20.36 20.04
N MET G 250 -25.18 19.62 20.19
CA MET G 250 -25.02 18.84 21.41
C MET G 250 -24.46 19.71 22.52
N LYS G 251 -23.47 20.53 22.19
CA LYS G 251 -22.88 21.45 23.15
C LYS G 251 -23.91 22.44 23.66
N ARG G 252 -24.79 22.90 22.78
CA ARG G 252 -25.81 23.88 23.13
C ARG G 252 -27.10 23.53 22.39
N PRO G 253 -28.04 22.85 23.04
CA PRO G 253 -29.25 22.38 22.36
C PRO G 253 -30.10 23.51 21.80
N ILE G 254 -30.90 23.20 20.79
CA ILE G 254 -31.85 24.16 20.24
C ILE G 254 -33.12 24.11 21.08
N ARG G 255 -33.45 25.25 21.71
CA ARG G 255 -34.62 25.33 22.57
C ARG G 255 -35.91 25.41 21.75
N ILE G 256 -36.88 24.57 22.12
CA ILE G 256 -38.14 24.39 21.40
C ILE G 256 -39.27 24.65 22.39
N GLU G 257 -40.18 25.55 22.03
CA GLU G 257 -41.43 25.72 22.76
C GLU G 257 -42.42 24.62 22.38
N ARG G 258 -43.19 24.16 23.36
CA ARG G 258 -44.23 23.17 23.08
C ARG G 258 -45.54 23.80 22.59
N ASP G 259 -45.74 25.10 22.82
CA ASP G 259 -46.97 25.77 22.43
C ASP G 259 -46.93 26.28 20.98
N ARG G 260 -45.82 26.12 20.25
CA ARG G 260 -45.76 26.47 18.84
C ARG G 260 -45.15 25.32 18.05
N PRO G 261 -45.60 25.10 16.82
CA PRO G 261 -44.99 24.06 15.99
C PRO G 261 -43.64 24.51 15.43
N VAL G 262 -42.94 23.55 14.83
CA VAL G 262 -41.57 23.74 14.35
C VAL G 262 -41.51 23.47 12.86
N ARG G 263 -40.80 24.32 12.14
CA ARG G 263 -40.55 24.17 10.71
C ARG G 263 -39.06 24.29 10.47
N ILE G 264 -38.48 23.31 9.76
CA ILE G 264 -37.06 23.32 9.41
C ILE G 264 -36.93 23.37 7.90
N TYR G 265 -36.14 24.33 7.42
CA TYR G 265 -35.69 24.37 6.03
C TYR G 265 -34.37 23.61 5.97
N LEU G 266 -34.39 22.38 5.44
CA LEU G 266 -33.26 21.47 5.47
C LEU G 266 -32.68 21.31 4.06
N ILE G 267 -31.40 21.62 3.92
CA ILE G 267 -30.70 21.58 2.64
C ILE G 267 -29.49 20.65 2.76
N ASN G 268 -29.27 19.81 1.74
CA ASN G 268 -28.07 18.97 1.71
C ASN G 268 -27.01 19.61 0.82
N ALA G 269 -25.92 20.06 1.45
CA ALA G 269 -24.77 20.59 0.72
C ALA G 269 -23.54 19.68 0.81
N THR G 270 -23.67 18.49 1.36
CA THR G 270 -22.51 17.63 1.57
C THR G 270 -21.91 17.16 0.25
N GLU G 271 -20.61 17.37 0.10
CA GLU G 271 -19.86 16.92 -1.07
C GLU G 271 -19.31 15.50 -0.85
N PHE G 272 -18.97 14.83 -1.96
CA PHE G 272 -18.32 13.52 -2.00
C PHE G 272 -19.25 12.36 -1.65
N ASP G 273 -20.00 12.46 -0.55
CA ASP G 273 -20.90 11.35 -0.24
C ASP G 273 -22.18 11.45 -1.05
N PRO G 274 -22.77 10.31 -1.40
CA PRO G 274 -23.95 10.35 -2.27
C PRO G 274 -25.22 10.87 -1.58
N ILE G 275 -25.47 10.52 -0.31
CA ILE G 275 -26.67 11.00 0.37
C ILE G 275 -26.35 11.47 1.79
N ASN G 276 -27.26 12.26 2.32
CA ASN G 276 -27.30 12.60 3.74
C ASN G 276 -28.74 12.42 4.20
N SER G 277 -28.98 12.52 5.51
CA SER G 277 -30.31 12.20 6.02
C SER G 277 -30.56 12.94 7.33
N PHE G 278 -31.82 12.81 7.79
CA PHE G 278 -32.33 13.49 8.98
C PHE G 278 -33.24 12.51 9.69
N HIS G 279 -32.91 12.17 10.93
CA HIS G 279 -33.76 11.32 11.77
C HIS G 279 -34.12 12.10 13.02
N LEU G 280 -35.42 12.25 13.26
CA LEU G 280 -35.95 12.93 14.45
C LEU G 280 -36.36 11.89 15.48
N HIS G 281 -35.77 11.97 16.68
CA HIS G 281 -36.05 11.00 17.72
C HIS G 281 -37.40 11.25 18.37
N ALA G 282 -38.12 10.16 18.65
CA ALA G 282 -39.30 10.13 19.51
C ALA G 282 -40.49 10.90 18.93
N ASN G 283 -40.41 11.36 17.68
CA ASN G 283 -41.46 12.18 17.10
C ASN G 283 -41.47 11.95 15.59
N PHE G 284 -42.51 12.44 14.92
CA PHE G 284 -42.64 12.32 13.47
C PHE G 284 -42.94 13.68 12.87
N PHE G 285 -42.63 13.84 11.59
CA PHE G 285 -42.79 15.11 10.91
C PHE G 285 -43.42 14.88 9.53
N ASP G 286 -43.94 15.97 8.96
CA ASP G 286 -44.37 16.03 7.56
C ASP G 286 -43.25 16.65 6.75
N TYR G 287 -43.02 16.10 5.55
CA TYR G 287 -41.91 16.49 4.69
C TYR G 287 -42.45 17.07 3.39
N TYR G 288 -41.89 18.20 2.97
CA TYR G 288 -42.28 18.93 1.77
C TYR G 288 -41.08 18.98 0.84
N ASP G 289 -41.02 18.06 -0.13
CA ASP G 289 -39.86 17.98 -1.03
C ASP G 289 -39.68 19.29 -1.81
N HIS G 290 -38.47 19.86 -1.71
CA HIS G 290 -38.16 21.18 -2.27
C HIS G 290 -39.03 22.30 -1.71
N GLY G 291 -39.89 22.00 -0.74
CA GLY G 291 -40.85 22.97 -0.25
C GLY G 291 -41.75 23.61 -1.29
N THR G 292 -41.89 23.01 -2.47
CA THR G 292 -42.59 23.66 -3.58
C THR G 292 -44.07 23.34 -3.65
N THR G 293 -44.60 22.61 -2.67
CA THR G 293 -46.03 22.38 -2.54
C THR G 293 -46.46 22.84 -1.17
N LEU G 294 -47.73 23.26 -1.05
CA LEU G 294 -48.27 23.67 0.24
C LEU G 294 -48.98 22.54 0.97
N THR G 295 -48.95 21.32 0.42
CA THR G 295 -49.37 20.08 1.04
C THR G 295 -48.17 19.14 1.10
N PRO G 296 -48.06 18.31 2.14
CA PRO G 296 -46.85 17.51 2.31
C PRO G 296 -46.68 16.48 1.20
N THR G 297 -45.44 16.22 0.86
CA THR G 297 -45.17 15.10 -0.04
C THR G 297 -45.08 13.78 0.73
N LEU G 298 -44.71 13.81 2.01
CA LEU G 298 -44.70 12.62 2.86
C LEU G 298 -45.32 12.98 4.21
N LYS G 299 -46.34 12.25 4.62
CA LYS G 299 -46.99 12.43 5.92
C LYS G 299 -46.39 11.47 6.95
N THR G 300 -46.07 11.98 8.13
CA THR G 300 -45.74 11.15 9.31
C THR G 300 -44.57 10.22 9.02
N VAL G 301 -43.38 10.83 8.91
CA VAL G 301 -42.13 10.08 8.77
C VAL G 301 -41.17 10.58 9.83
N ASP G 302 -40.14 9.77 10.14
CA ASP G 302 -39.12 10.22 11.07
C ASP G 302 -37.72 10.17 10.48
N THR G 303 -37.55 9.65 9.26
CA THR G 303 -36.25 9.56 8.62
C THR G 303 -36.42 9.88 7.14
N ILE G 304 -35.79 10.95 6.67
CA ILE G 304 -35.77 11.23 5.24
C ILE G 304 -34.33 11.34 4.80
N MET G 305 -34.10 11.13 3.49
CA MET G 305 -32.78 11.26 2.91
C MET G 305 -32.85 12.21 1.72
N GLN G 306 -31.69 12.80 1.40
CA GLN G 306 -31.53 13.76 0.33
C GLN G 306 -30.17 13.53 -0.33
N CYS G 307 -30.12 13.55 -1.67
CA CYS G 307 -28.80 13.69 -2.27
C CYS G 307 -28.40 15.16 -2.26
N GLN G 308 -27.16 15.45 -2.64
CA GLN G 308 -26.70 16.83 -2.65
C GLN G 308 -27.53 17.66 -3.61
N GLY G 309 -27.84 18.89 -3.21
CA GLY G 309 -28.71 19.73 -4.00
C GLY G 309 -30.18 19.50 -3.77
N GLN G 310 -30.55 18.40 -3.10
CA GLN G 310 -31.92 18.27 -2.65
C GLN G 310 -32.09 18.99 -1.31
N ARG G 311 -33.35 19.20 -0.94
CA ARG G 311 -33.70 20.04 0.18
C ARG G 311 -35.21 19.99 0.32
N GLY G 312 -35.70 20.44 1.46
CA GLY G 312 -37.13 20.48 1.68
C GLY G 312 -37.46 21.05 3.04
N ILE G 313 -38.74 20.98 3.38
CA ILE G 313 -39.27 21.56 4.60
C ILE G 313 -39.86 20.45 5.48
N LEU G 314 -39.45 20.44 6.74
CA LEU G 314 -39.97 19.51 7.73
C LEU G 314 -40.86 20.30 8.69
N GLU G 315 -42.01 19.73 9.00
CA GLU G 315 -42.92 20.35 9.96
C GLU G 315 -43.31 19.33 11.01
N PHE G 316 -43.24 19.73 12.28
CA PHE G 316 -43.57 18.83 13.37
C PHE G 316 -43.89 19.67 14.60
N SER G 317 -44.36 19.00 15.65
CA SER G 317 -44.72 19.65 16.89
C SER G 317 -44.35 18.78 18.07
N PHE G 318 -43.80 19.41 19.11
CA PHE G 318 -43.55 18.74 20.37
C PHE G 318 -44.60 19.09 21.43
N ASN G 319 -45.76 19.56 20.99
CA ASN G 319 -46.86 19.84 21.89
C ASN G 319 -47.22 18.58 22.68
N GLY G 320 -47.35 18.73 24.00
CA GLY G 320 -47.74 17.62 24.85
C GLY G 320 -46.61 16.69 25.25
N PHE G 321 -45.39 16.89 24.75
CA PHE G 321 -44.30 16.01 25.08
C PHE G 321 -43.72 16.34 26.45
N GLU G 322 -43.21 15.31 27.10
CA GLU G 322 -42.39 15.49 28.28
C GLU G 322 -41.23 16.44 27.95
N PRO G 323 -41.04 17.52 28.70
CA PRO G 323 -39.84 18.36 28.49
C PRO G 323 -38.58 17.53 28.62
N GLY G 324 -37.57 17.88 27.83
CA GLY G 324 -36.33 17.13 27.82
C GLY G 324 -35.56 17.33 26.52
N LEU G 325 -34.55 16.48 26.35
CA LEU G 325 -33.67 16.52 25.18
C LEU G 325 -34.12 15.48 24.14
N TYR G 326 -34.32 15.92 22.90
CA TYR G 326 -34.78 15.06 21.82
C TYR G 326 -33.76 15.15 20.69
N MET G 327 -33.09 14.02 20.42
CA MET G 327 -31.99 14.01 19.45
C MET G 327 -32.51 14.12 18.02
N PHE G 328 -31.69 14.73 17.17
CA PHE G 328 -31.83 14.64 15.72
C PHE G 328 -30.43 14.51 15.11
N HIS G 329 -30.31 13.69 14.06
CA HIS G 329 -29.02 13.37 13.48
C HIS G 329 -29.20 12.58 12.19
N ALA G 330 -28.11 12.49 11.40
CA ALA G 330 -28.10 11.63 10.22
C ALA G 330 -28.26 10.17 10.63
N HIS G 331 -28.97 9.41 9.80
CA HIS G 331 -29.03 7.98 10.04
C HIS G 331 -27.95 7.22 9.28
N GLN G 332 -26.99 7.92 8.68
CA GLN G 332 -25.68 7.34 8.36
C GLN G 332 -24.84 7.48 9.63
N SER G 333 -24.66 6.38 10.35
CA SER G 333 -24.18 6.45 11.73
C SER G 333 -22.85 7.19 11.84
N GLU G 334 -21.96 6.99 10.86
CA GLU G 334 -20.65 7.63 10.95
C GLU G 334 -20.74 9.14 10.79
N PHE G 335 -21.67 9.64 9.96
CA PHE G 335 -21.87 11.08 9.88
C PHE G 335 -22.22 11.66 11.25
N ALA G 336 -23.09 10.94 12.00
CA ALA G 336 -23.51 11.40 13.32
C ALA G 336 -22.34 11.38 14.32
N GLU G 337 -21.55 10.30 14.29
CA GLU G 337 -20.36 10.20 15.12
C GLU G 337 -19.37 11.32 14.85
N LEU G 338 -19.33 11.83 13.62
CA LEU G 338 -18.32 12.82 13.25
C LEU G 338 -18.88 14.24 13.22
N GLY G 339 -20.05 14.48 13.81
CA GLY G 339 -20.48 15.84 14.05
C GLY G 339 -21.92 16.18 13.68
N TRP G 340 -22.55 15.37 12.83
CA TRP G 340 -23.92 15.61 12.41
CA TRP G 340 -23.92 15.62 12.41
C TRP G 340 -24.88 14.93 13.39
N MET G 341 -24.94 15.52 14.58
CA MET G 341 -25.83 15.09 15.65
C MET G 341 -26.11 16.31 16.51
N GLY G 342 -27.36 16.48 16.91
CA GLY G 342 -27.74 17.58 17.78
C GLY G 342 -28.93 17.22 18.64
N ASN G 343 -29.29 18.15 19.54
CA ASN G 343 -30.43 17.99 20.43
C ASN G 343 -31.39 19.16 20.31
N PHE G 344 -32.69 18.85 20.31
CA PHE G 344 -33.71 19.82 20.67
C PHE G 344 -33.91 19.78 22.19
N GLU G 345 -33.93 20.94 22.82
CA GLU G 345 -34.33 21.04 24.21
C GLU G 345 -35.79 21.50 24.25
N VAL G 346 -36.69 20.58 24.50
CA VAL G 346 -38.12 20.87 24.56
C VAL G 346 -38.40 21.38 25.97
N ILE G 347 -38.78 22.65 26.08
CA ILE G 347 -38.87 23.30 27.39
C ILE G 347 -40.31 23.25 27.88
N GLU G 348 -40.45 23.37 29.20
CA GLU G 348 -41.74 23.32 29.89
C GLU G 348 -42.81 24.22 29.27
N GLY H 50 -17.19 -34.22 12.47
CA GLY H 50 -17.94 -34.82 11.38
C GLY H 50 -17.08 -35.63 10.42
N PHE H 51 -16.14 -34.96 9.77
CA PHE H 51 -15.32 -35.63 8.76
C PHE H 51 -14.14 -36.34 9.42
N ASP H 52 -13.90 -37.57 8.98
CA ASP H 52 -12.84 -38.41 9.54
C ASP H 52 -11.76 -38.68 8.50
N PRO H 53 -10.66 -37.93 8.50
CA PRO H 53 -9.62 -38.14 7.47
C PRO H 53 -8.89 -39.48 7.63
N TYR H 54 -9.01 -40.13 8.78
CA TYR H 54 -8.40 -41.44 8.95
C TYR H 54 -9.26 -42.54 8.36
N ALA H 55 -10.59 -42.48 8.57
CA ALA H 55 -11.49 -43.40 7.90
C ALA H 55 -11.53 -43.15 6.40
N PHE H 56 -11.46 -41.88 5.99
CA PHE H 56 -11.60 -41.54 4.57
C PHE H 56 -10.55 -42.24 3.72
N LEU H 57 -9.37 -42.54 4.29
CA LEU H 57 -8.24 -43.08 3.54
C LEU H 57 -8.59 -44.39 2.85
N THR H 58 -9.40 -45.23 3.50
CA THR H 58 -9.71 -46.57 2.98
C THR H 58 -11.19 -46.76 2.70
N HIS H 59 -11.96 -45.68 2.60
CA HIS H 59 -13.40 -45.78 2.39
C HIS H 59 -13.71 -45.76 0.90
N TRP H 60 -14.32 -46.84 0.40
CA TRP H 60 -14.74 -46.96 -0.99
C TRP H 60 -16.26 -47.01 -1.03
N GLU H 61 -16.86 -46.08 -1.76
CA GLU H 61 -18.30 -46.07 -2.05
C GLU H 61 -18.51 -46.81 -3.37
N THR H 62 -19.12 -47.99 -3.32
CA THR H 62 -19.24 -48.83 -4.51
C THR H 62 -20.67 -48.89 -5.06
N GLY H 63 -21.61 -48.22 -4.42
CA GLY H 63 -22.94 -48.03 -4.98
C GLY H 63 -23.90 -49.15 -4.61
N GLU H 64 -25.16 -48.92 -4.98
CA GLU H 64 -26.17 -49.96 -4.99
C GLU H 64 -26.05 -50.73 -6.30
N VAL H 65 -25.82 -52.03 -6.21
CA VAL H 65 -25.46 -52.85 -7.37
C VAL H 65 -26.67 -53.67 -7.82
N SER H 66 -26.81 -53.80 -9.14
CA SER H 66 -27.84 -54.64 -9.74
C SER H 66 -27.39 -54.95 -11.15
N THR H 67 -28.23 -55.67 -11.89
CA THR H 67 -27.88 -56.15 -13.22
C THR H 67 -28.92 -55.65 -14.21
N LEU H 68 -28.47 -54.94 -15.23
CA LEU H 68 -29.34 -54.52 -16.30
C LEU H 68 -29.83 -55.75 -17.09
N PRO H 69 -30.91 -55.60 -17.86
CA PRO H 69 -31.37 -56.71 -18.71
C PRO H 69 -30.27 -57.28 -19.60
N SER H 70 -29.36 -56.44 -20.10
CA SER H 70 -28.29 -56.90 -20.96
C SER H 70 -27.31 -57.82 -20.25
N GLY H 71 -27.33 -57.88 -18.93
CA GLY H 71 -26.28 -58.50 -18.16
C GLY H 71 -25.23 -57.55 -17.61
N GLN H 72 -25.18 -56.31 -18.12
CA GLN H 72 -24.25 -55.31 -17.61
C GLN H 72 -24.56 -54.96 -16.16
N THR H 73 -23.50 -54.81 -15.37
CA THR H 73 -23.64 -54.38 -13.98
C THR H 73 -23.98 -52.89 -13.91
N LEU H 74 -24.88 -52.55 -13.00
CA LEU H 74 -25.28 -51.17 -12.74
C LEU H 74 -24.86 -50.78 -11.33
N ARG H 75 -24.22 -49.62 -11.19
CA ARG H 75 -23.92 -49.08 -9.86
C ARG H 75 -24.57 -47.71 -9.74
N GLU H 76 -25.39 -47.55 -8.70
CA GLU H 76 -26.15 -46.32 -8.47
C GLU H 76 -25.64 -45.61 -7.24
N PHE H 77 -25.53 -44.28 -7.34
CA PHE H 77 -25.08 -43.43 -6.25
C PHE H 77 -26.04 -42.27 -6.06
N ASN H 78 -26.05 -41.75 -4.84
CA ASN H 78 -26.83 -40.57 -4.48
C ASN H 78 -25.89 -39.50 -3.94
N ILE H 79 -25.84 -38.36 -4.62
CA ILE H 79 -25.00 -37.24 -4.23
C ILE H 79 -25.89 -36.02 -4.05
N VAL H 80 -25.79 -35.37 -2.89
CA VAL H 80 -26.50 -34.15 -2.58
C VAL H 80 -25.48 -33.03 -2.38
N ALA H 81 -25.60 -31.95 -3.15
CA ALA H 81 -24.80 -30.76 -2.85
C ALA H 81 -25.43 -30.02 -1.68
N VAL H 82 -24.63 -29.72 -0.65
CA VAL H 82 -25.14 -29.01 0.52
C VAL H 82 -24.05 -28.12 1.08
N ASP H 83 -24.44 -26.88 1.42
CA ASP H 83 -23.56 -25.92 2.08
C ASP H 83 -23.38 -26.31 3.54
N LYS H 84 -22.13 -26.31 4.01
CA LYS H 84 -21.86 -26.90 5.30
C LYS H 84 -20.52 -26.42 5.85
N GLU H 85 -20.48 -26.18 7.15
CA GLU H 85 -19.23 -26.00 7.89
C GLU H 85 -18.34 -27.23 7.78
N ILE H 86 -17.04 -27.03 7.49
CA ILE H 86 -16.04 -28.07 7.69
C ILE H 86 -14.90 -27.51 8.52
N GLU H 87 -14.16 -28.41 9.14
CA GLU H 87 -13.04 -28.07 10.02
C GLU H 87 -11.73 -28.51 9.36
N ILE H 88 -10.88 -27.54 9.01
CA ILE H 88 -9.62 -27.86 8.33
C ILE H 88 -8.45 -27.88 9.28
N ALA H 89 -8.67 -27.47 10.52
CA ALA H 89 -7.75 -27.59 11.65
C ALA H 89 -8.58 -27.34 12.89
N PRO H 90 -8.12 -27.79 14.07
CA PRO H 90 -8.98 -27.62 15.25
C PRO H 90 -9.20 -26.14 15.54
N GLY H 91 -10.46 -25.70 15.42
CA GLY H 91 -10.82 -24.31 15.59
C GLY H 91 -10.77 -23.46 14.33
N VAL H 92 -10.48 -24.04 13.16
CA VAL H 92 -10.52 -23.33 11.89
C VAL H 92 -11.70 -23.85 11.07
N TYR H 93 -12.77 -23.07 11.00
CA TYR H 93 -13.95 -23.46 10.25
C TYR H 93 -13.97 -22.76 8.90
N PHE H 94 -14.22 -23.55 7.86
CA PHE H 94 -14.30 -23.09 6.49
C PHE H 94 -15.73 -23.23 6.01
N PRO H 95 -16.30 -22.21 5.39
CA PRO H 95 -17.66 -22.34 4.85
C PRO H 95 -17.67 -23.04 3.51
N ALA H 96 -17.97 -24.33 3.49
CA ALA H 96 -17.78 -25.15 2.30
C ALA H 96 -19.08 -25.35 1.53
N TRP H 97 -18.93 -25.63 0.23
CA TRP H 97 -19.95 -26.28 -0.58
C TRP H 97 -19.50 -27.73 -0.77
N THR H 98 -20.36 -28.68 -0.42
CA THR H 98 -19.95 -30.06 -0.30
C THR H 98 -20.88 -31.02 -1.06
N TYR H 99 -20.29 -32.15 -1.43
CA TYR H 99 -21.04 -33.33 -1.85
C TYR H 99 -21.22 -34.24 -0.64
N ASN H 100 -22.48 -34.48 -0.25
CA ASN H 100 -22.83 -35.39 0.86
C ASN H 100 -22.18 -35.00 2.19
N GLY H 101 -21.99 -33.70 2.42
CA GLY H 101 -21.59 -33.21 3.71
C GLY H 101 -20.11 -33.27 4.02
N GLN H 102 -19.26 -33.65 3.06
CA GLN H 102 -17.84 -33.84 3.35
C GLN H 102 -16.98 -33.24 2.25
N VAL H 103 -15.75 -32.89 2.63
CA VAL H 103 -14.73 -32.42 1.71
C VAL H 103 -13.47 -33.21 2.02
N PRO H 104 -12.91 -33.98 1.06
CA PRO H 104 -13.45 -34.22 -0.30
C PRO H 104 -14.76 -34.99 -0.25
N GLY H 105 -15.50 -35.02 -1.37
CA GLY H 105 -16.71 -35.80 -1.45
C GLY H 105 -16.41 -37.30 -1.41
N PRO H 106 -17.49 -38.09 -1.44
CA PRO H 106 -17.30 -39.56 -1.38
C PRO H 106 -16.43 -40.06 -2.53
N THR H 107 -15.56 -41.01 -2.21
CA THR H 107 -14.76 -41.72 -3.21
C THR H 107 -15.63 -42.78 -3.86
N LEU H 108 -15.95 -42.59 -5.14
CA LEU H 108 -16.74 -43.55 -5.89
C LEU H 108 -15.81 -44.53 -6.58
N ARG H 109 -16.07 -45.82 -6.42
CA ARG H 109 -15.19 -46.85 -6.96
C ARG H 109 -16.03 -47.91 -7.66
N VAL H 110 -15.78 -48.11 -8.95
CA VAL H 110 -16.55 -49.00 -9.80
C VAL H 110 -15.58 -49.84 -10.62
N THR H 111 -16.13 -50.68 -11.48
CA THR H 111 -15.34 -51.50 -12.38
C THR H 111 -15.51 -51.04 -13.82
N GLU H 112 -14.41 -51.05 -14.57
CA GLU H 112 -14.39 -50.84 -16.02
C GLU H 112 -15.58 -51.53 -16.68
N GLY H 113 -16.38 -50.77 -17.43
CA GLY H 113 -17.53 -51.30 -18.11
C GLY H 113 -18.84 -51.25 -17.36
N ASP H 114 -18.83 -51.00 -16.04
CA ASP H 114 -20.09 -50.87 -15.33
C ASP H 114 -20.91 -49.71 -15.90
N ARG H 115 -22.22 -49.84 -15.85
CA ARG H 115 -23.09 -48.69 -16.04
C ARG H 115 -23.19 -47.94 -14.71
N VAL H 116 -22.97 -46.62 -14.76
CA VAL H 116 -22.96 -45.77 -13.58
C VAL H 116 -24.13 -44.79 -13.69
N ARG H 117 -24.89 -44.68 -12.60
CA ARG H 117 -25.91 -43.64 -12.46
C ARG H 117 -25.67 -42.88 -11.17
N VAL H 118 -25.46 -41.58 -11.27
CA VAL H 118 -25.29 -40.72 -10.12
C VAL H 118 -26.50 -39.80 -10.02
N HIS H 119 -27.38 -40.08 -9.04
CA HIS H 119 -28.54 -39.24 -8.78
C HIS H 119 -28.06 -38.02 -8.00
N PHE H 120 -28.08 -36.87 -8.66
CA PHE H 120 -27.55 -35.63 -8.12
C PHE H 120 -28.71 -34.70 -7.79
N HIS H 121 -28.77 -34.26 -6.54
CA HIS H 121 -29.74 -33.29 -6.07
C HIS H 121 -28.96 -32.11 -5.47
N ASN H 122 -29.42 -30.89 -5.78
CA ASN H 122 -28.80 -29.68 -5.24
C ASN H 122 -29.67 -29.18 -4.08
N ALA H 123 -29.17 -29.32 -2.86
CA ALA H 123 -29.81 -28.73 -1.69
C ALA H 123 -29.06 -27.50 -1.18
N GLY H 124 -28.25 -26.87 -2.03
CA GLY H 124 -27.50 -25.68 -1.66
C GLY H 124 -28.24 -24.41 -2.05
N SER H 125 -27.49 -23.31 -2.03
CA SER H 125 -28.03 -22.01 -2.37
C SER H 125 -27.50 -21.46 -3.69
N HIS H 126 -26.51 -22.11 -4.29
CA HIS H 126 -25.97 -21.74 -5.59
C HIS H 126 -26.13 -22.91 -6.54
N PRO H 127 -26.16 -22.65 -7.86
CA PRO H 127 -26.16 -23.76 -8.83
C PRO H 127 -24.83 -24.52 -8.87
N HIS H 128 -24.92 -25.82 -9.15
CA HIS H 128 -23.75 -26.70 -9.15
C HIS H 128 -23.93 -27.78 -10.22
N THR H 129 -22.83 -28.45 -10.53
CA THR H 129 -22.83 -29.63 -11.38
C THR H 129 -21.93 -30.69 -10.76
N ILE H 130 -21.87 -31.85 -11.42
CA ILE H 130 -20.79 -32.81 -11.26
C ILE H 130 -20.17 -33.00 -12.63
N HIS H 131 -18.92 -32.58 -12.79
CA HIS H 131 -18.13 -32.86 -13.99
C HIS H 131 -17.18 -34.02 -13.69
N PHE H 132 -17.46 -35.18 -14.29
CA PHE H 132 -16.60 -36.35 -14.16
C PHE H 132 -15.43 -36.27 -15.12
N HIS H 133 -14.23 -36.57 -14.61
CA HIS H 133 -13.09 -36.90 -15.47
C HIS H 133 -13.23 -38.36 -15.87
N GLY H 134 -13.55 -38.60 -17.12
CA GLY H 134 -13.97 -39.92 -17.61
C GLY H 134 -14.69 -39.75 -18.92
N ILE H 135 -14.96 -40.88 -19.58
CA ILE H 135 -15.63 -40.87 -20.87
C ILE H 135 -17.14 -40.91 -20.66
N HIS H 136 -17.87 -40.04 -21.37
CA HIS H 136 -19.32 -39.93 -21.23
C HIS H 136 -19.86 -38.99 -22.30
N PRO H 137 -21.16 -38.99 -22.56
CA PRO H 137 -21.72 -38.06 -23.56
C PRO H 137 -21.66 -36.61 -23.12
N ALA H 138 -21.64 -35.71 -24.11
CA ALA H 138 -21.61 -34.28 -23.85
C ALA H 138 -22.73 -33.87 -22.89
N SER H 139 -23.92 -34.42 -23.06
CA SER H 139 -25.05 -33.99 -22.25
C SER H 139 -24.91 -34.45 -20.80
N MET H 140 -23.92 -35.27 -20.51
CA MET H 140 -23.63 -35.76 -19.16
C MET H 140 -22.34 -35.17 -18.61
N ASP H 141 -21.79 -34.14 -19.26
CA ASP H 141 -20.47 -33.63 -18.91
C ASP H 141 -20.48 -32.70 -17.71
N GLY H 142 -21.66 -32.30 -17.23
CA GLY H 142 -21.71 -31.46 -16.04
C GLY H 142 -21.08 -30.10 -16.22
N VAL H 143 -21.35 -29.44 -17.35
CA VAL H 143 -20.88 -28.07 -17.57
C VAL H 143 -22.10 -27.20 -17.82
N PRO H 144 -21.95 -25.89 -17.65
CA PRO H 144 -23.09 -25.00 -17.97
C PRO H 144 -23.34 -24.97 -19.47
N GLY H 145 -24.60 -24.86 -19.85
CA GLY H 145 -24.94 -24.66 -21.24
C GLY H 145 -25.09 -25.91 -22.10
N THR H 146 -24.66 -27.08 -21.65
CA THR H 146 -24.99 -28.32 -22.35
C THR H 146 -25.81 -29.25 -21.44
N GLY H 147 -26.54 -30.16 -22.06
CA GLY H 147 -27.41 -31.06 -21.31
C GLY H 147 -28.38 -30.26 -20.46
N PRO H 148 -28.55 -30.65 -19.19
CA PRO H 148 -29.38 -29.83 -18.29
C PRO H 148 -28.68 -28.56 -17.83
N GLY H 149 -27.41 -28.36 -18.20
CA GLY H 149 -26.65 -27.26 -17.66
C GLY H 149 -26.44 -27.40 -16.17
N MET H 150 -26.35 -26.26 -15.50
CA MET H 150 -26.20 -26.28 -14.05
C MET H 150 -27.49 -26.74 -13.37
N ILE H 151 -27.34 -27.42 -12.24
CA ILE H 151 -28.45 -27.90 -11.44
C ILE H 151 -28.71 -26.85 -10.35
N TYR H 152 -29.83 -26.15 -10.47
CA TYR H 152 -30.13 -25.04 -9.56
C TYR H 152 -30.71 -25.57 -8.25
N PRO H 153 -30.71 -24.75 -7.20
CA PRO H 153 -31.23 -25.20 -5.90
C PRO H 153 -32.61 -25.84 -6.03
N GLY H 154 -32.79 -26.98 -5.33
CA GLY H 154 -34.03 -27.74 -5.41
C GLY H 154 -34.14 -28.70 -6.58
N GLU H 155 -33.30 -28.58 -7.60
CA GLU H 155 -33.41 -29.41 -8.79
C GLU H 155 -32.58 -30.70 -8.64
N SER H 156 -32.88 -31.66 -9.52
CA SER H 156 -32.21 -32.94 -9.56
C SER H 156 -31.88 -33.28 -11.02
N PHE H 157 -30.93 -34.21 -11.18
CA PHE H 157 -30.51 -34.74 -12.46
C PHE H 157 -29.69 -36.01 -12.21
N THR H 158 -29.80 -36.98 -13.12
CA THR H 158 -29.09 -38.25 -13.03
C THR H 158 -28.01 -38.30 -14.11
N TYR H 159 -26.74 -38.26 -13.68
CA TYR H 159 -25.65 -38.51 -14.60
C TYR H 159 -25.57 -40.01 -14.88
N GLU H 160 -25.48 -40.38 -16.16
CA GLU H 160 -25.44 -41.78 -16.55
C GLU H 160 -24.39 -41.98 -17.63
N PHE H 161 -23.53 -42.98 -17.44
CA PHE H 161 -22.49 -43.28 -18.41
C PHE H 161 -21.95 -44.66 -18.12
N ASP H 162 -21.22 -45.22 -19.08
CA ASP H 162 -20.42 -46.42 -18.88
C ASP H 162 -19.05 -46.01 -18.36
N ALA H 163 -18.51 -46.81 -17.44
CA ALA H 163 -17.33 -46.42 -16.68
C ALA H 163 -16.08 -46.78 -17.49
N TYR H 164 -15.56 -45.80 -18.23
CA TYR H 164 -14.35 -45.91 -19.02
C TYR H 164 -13.59 -44.61 -18.87
N PRO H 165 -12.25 -44.64 -18.98
CA PRO H 165 -11.40 -45.83 -19.06
C PRO H 165 -11.03 -46.23 -17.66
N PHE H 166 -10.42 -47.40 -17.44
CA PHE H 166 -9.96 -47.71 -16.10
C PHE H 166 -8.84 -46.74 -15.74
N GLY H 167 -8.81 -46.36 -14.46
CA GLY H 167 -7.75 -45.50 -13.99
C GLY H 167 -8.15 -44.81 -12.70
N CYS H 168 -7.32 -43.83 -12.34
CA CYS H 168 -7.55 -42.97 -11.19
C CYS H 168 -8.12 -41.66 -11.72
N HIS H 169 -9.37 -41.37 -11.36
CA HIS H 169 -9.97 -40.13 -11.87
C HIS H 169 -10.55 -39.32 -10.73
N LEU H 170 -11.34 -38.29 -11.05
CA LEU H 170 -11.93 -37.43 -10.04
C LEU H 170 -13.20 -36.85 -10.63
N TYR H 171 -13.95 -36.16 -9.77
CA TYR H 171 -15.09 -35.37 -10.22
C TYR H 171 -15.08 -34.06 -9.44
N HIS H 172 -15.65 -33.01 -10.04
CA HIS H 172 -15.75 -31.74 -9.34
C HIS H 172 -16.80 -30.89 -10.02
N CYS H 173 -17.20 -29.82 -9.34
CA CYS H 173 -18.17 -28.88 -9.91
C CYS H 173 -17.54 -28.07 -11.05
N HIS H 174 -18.36 -27.76 -12.06
CA HIS H 174 -17.97 -26.85 -13.15
C HIS H 174 -19.08 -25.82 -13.29
N ALA H 175 -19.08 -24.83 -12.43
CA ALA H 175 -20.06 -23.76 -12.49
C ALA H 175 -19.32 -22.46 -12.69
N ILE H 176 -19.96 -21.32 -12.43
CA ILE H 176 -19.43 -20.01 -12.78
C ILE H 176 -19.21 -19.22 -11.49
N PRO H 177 -18.01 -18.68 -11.23
CA PRO H 177 -16.78 -18.98 -11.97
C PRO H 177 -16.18 -20.31 -11.53
N LEU H 178 -15.36 -20.88 -12.40
CA LEU H 178 -14.90 -22.25 -12.22
C LEU H 178 -14.15 -22.42 -10.90
N LYS H 179 -13.23 -21.50 -10.60
CA LYS H 179 -12.36 -21.69 -9.44
C LYS H 179 -13.12 -21.61 -8.13
N ARG H 180 -14.24 -20.89 -8.10
CA ARG H 180 -14.95 -20.67 -6.85
C ARG H 180 -15.60 -21.96 -6.35
N HIS H 181 -16.29 -22.68 -7.24
CA HIS H 181 -17.00 -23.87 -6.81
C HIS H 181 -16.03 -25.00 -6.46
N ILE H 182 -14.88 -25.08 -7.13
CA ILE H 182 -13.90 -26.09 -6.78
C ILE H 182 -13.29 -25.76 -5.41
N HIS H 183 -12.82 -24.52 -5.25
CA HIS H 183 -12.18 -24.12 -4.00
C HIS H 183 -13.10 -24.33 -2.81
N LYS H 184 -14.39 -24.03 -2.99
CA LYS H 184 -15.36 -24.13 -1.91
C LYS H 184 -15.58 -25.57 -1.44
N GLY H 185 -15.12 -26.56 -2.20
CA GLY H 185 -15.07 -27.92 -1.68
C GLY H 185 -15.66 -29.00 -2.55
N LEU H 186 -16.14 -28.64 -3.75
CA LEU H 186 -16.92 -29.58 -4.56
C LEU H 186 -15.99 -30.39 -5.47
N TYR H 187 -15.35 -31.40 -4.89
CA TYR H 187 -14.46 -32.30 -5.61
C TYR H 187 -14.37 -33.62 -4.85
N GLY H 188 -14.09 -34.70 -5.58
CA GLY H 188 -13.95 -36.02 -4.98
C GLY H 188 -13.23 -36.96 -5.94
N ALA H 189 -12.86 -38.12 -5.41
CA ALA H 189 -12.15 -39.15 -6.18
C ALA H 189 -13.11 -40.09 -6.91
N PHE H 190 -12.69 -40.52 -8.09
CA PHE H 190 -13.50 -41.43 -8.91
C PHE H 190 -12.55 -42.49 -9.47
N ILE H 191 -12.68 -43.72 -9.00
CA ILE H 191 -11.73 -44.78 -9.32
C ILE H 191 -12.45 -45.85 -10.14
N ILE H 192 -11.87 -46.20 -11.28
CA ILE H 192 -12.41 -47.24 -12.14
C ILE H 192 -11.41 -48.38 -12.16
N ASP H 193 -11.76 -49.50 -11.52
CA ASP H 193 -10.89 -50.67 -11.51
C ASP H 193 -10.86 -51.29 -12.90
N PRO H 194 -9.71 -51.78 -13.35
CA PRO H 194 -9.67 -52.54 -14.61
C PRO H 194 -10.43 -53.86 -14.47
N ASP H 195 -11.08 -54.28 -15.55
CA ASP H 195 -11.71 -55.58 -15.62
C ASP H 195 -10.65 -56.59 -16.05
N PRO H 196 -10.20 -57.49 -15.16
CA PRO H 196 -9.12 -58.42 -15.53
C PRO H 196 -9.43 -59.26 -16.77
N GLU H 197 -10.73 -59.52 -17.01
CA GLU H 197 -11.17 -60.24 -18.21
C GLU H 197 -10.77 -59.54 -19.49
N ARG H 198 -10.68 -58.22 -19.47
CA ARG H 198 -10.35 -57.44 -20.65
C ARG H 198 -8.87 -57.13 -20.79
N HIS H 199 -8.04 -57.65 -19.89
CA HIS H 199 -6.60 -57.34 -19.89
C HIS H 199 -5.83 -58.63 -19.60
N PRO H 200 -5.86 -59.59 -20.52
CA PRO H 200 -5.21 -60.89 -20.25
C PRO H 200 -3.70 -60.78 -20.16
N GLU H 201 -3.10 -59.84 -20.87
CA GLU H 201 -1.65 -59.68 -20.86
C GLU H 201 -1.13 -59.10 -19.54
N TYR H 202 -1.99 -58.45 -18.76
CA TYR H 202 -1.63 -57.88 -17.47
C TYR H 202 -2.65 -58.31 -16.42
N GLN H 203 -3.02 -59.60 -16.47
CA GLN H 203 -4.12 -60.08 -15.65
C GLN H 203 -3.80 -59.94 -14.17
N ALA H 204 -2.57 -60.25 -13.76
CA ALA H 204 -2.23 -60.18 -12.34
C ALA H 204 -2.24 -58.73 -11.86
N ALA H 205 -1.70 -57.82 -12.66
CA ALA H 205 -1.76 -56.40 -12.32
C ALA H 205 -3.20 -55.94 -12.14
N ALA H 206 -4.08 -56.33 -13.07
CA ALA H 206 -5.48 -55.90 -13.00
C ALA H 206 -6.19 -56.47 -11.77
N ARG H 207 -5.95 -57.74 -11.46
CA ARG H 207 -6.64 -58.35 -10.33
C ARG H 207 -6.21 -57.69 -9.01
N ALA H 208 -4.93 -57.30 -8.90
CA ALA H 208 -4.48 -56.62 -7.70
C ALA H 208 -5.16 -55.25 -7.51
N ARG H 209 -5.73 -54.69 -8.58
CA ARG H 209 -6.47 -53.43 -8.50
C ARG H 209 -7.96 -53.61 -8.37
N LEU H 210 -8.50 -54.79 -8.65
CA LEU H 210 -9.95 -55.00 -8.64
C LEU H 210 -10.40 -55.20 -7.20
N LEU H 211 -11.24 -54.28 -6.71
CA LEU H 211 -11.57 -54.24 -5.29
C LEU H 211 -12.23 -55.53 -4.84
N GLY H 212 -11.64 -56.16 -3.81
CA GLY H 212 -12.22 -57.33 -3.18
C GLY H 212 -11.57 -58.66 -3.53
N THR H 213 -10.85 -58.77 -4.64
CA THR H 213 -10.16 -60.02 -4.94
C THR H 213 -9.11 -60.32 -3.87
N PRO H 214 -8.74 -61.60 -3.69
CA PRO H 214 -7.66 -61.90 -2.73
C PRO H 214 -6.34 -61.20 -3.04
N GLU H 215 -5.99 -61.06 -4.32
CA GLU H 215 -4.81 -60.29 -4.67
C GLU H 215 -4.93 -58.83 -4.21
N ASN H 216 -6.10 -58.22 -4.41
CA ASN H 216 -6.30 -56.83 -4.01
C ASN H 216 -6.28 -56.66 -2.51
N GLN H 217 -6.76 -57.66 -1.76
CA GLN H 217 -6.78 -57.58 -0.30
C GLN H 217 -5.37 -57.59 0.28
N ALA H 218 -4.40 -58.17 -0.43
CA ALA H 218 -3.02 -58.11 0.01
C ALA H 218 -2.47 -56.69 -0.01
N TRP H 219 -2.96 -55.84 -0.92
CA TRP H 219 -2.46 -54.47 -1.01
C TRP H 219 -3.09 -53.57 0.05
N GLN H 220 -2.30 -52.64 0.55
CA GLN H 220 -2.82 -51.56 1.37
C GLN H 220 -3.10 -50.37 0.45
N GLU H 221 -4.38 -50.10 0.19
CA GLU H 221 -4.77 -49.02 -0.70
C GLU H 221 -5.27 -47.81 0.09
N PHE H 222 -4.82 -46.62 -0.31
CA PHE H 222 -5.28 -45.37 0.30
C PHE H 222 -5.61 -44.38 -0.79
N VAL H 223 -6.59 -43.51 -0.51
CA VAL H 223 -6.94 -42.40 -1.38
C VAL H 223 -6.48 -41.11 -0.72
N MET H 224 -5.81 -40.26 -1.49
CA MET H 224 -5.28 -39.00 -0.96
C MET H 224 -5.58 -37.88 -1.95
N VAL H 225 -6.37 -36.90 -1.50
CA VAL H 225 -6.67 -35.71 -2.28
C VAL H 225 -5.88 -34.54 -1.69
N MET H 226 -4.97 -33.99 -2.48
CA MET H 226 -4.23 -32.80 -2.06
C MET H 226 -5.12 -31.57 -2.28
N ASN H 227 -5.52 -30.91 -1.21
CA ASN H 227 -6.34 -29.72 -1.35
C ASN H 227 -5.77 -28.56 -0.54
N GLY H 228 -6.41 -27.40 -0.69
CA GLY H 228 -6.01 -26.21 0.03
C GLY H 228 -7.21 -25.31 0.27
N PHE H 229 -7.05 -24.39 1.22
CA PHE H 229 -8.13 -23.49 1.58
C PHE H 229 -7.63 -22.08 1.76
N ASP H 230 -8.37 -21.14 1.17
CA ASP H 230 -8.13 -19.70 1.18
C ASP H 230 -9.19 -19.12 2.12
N THR H 231 -8.86 -19.06 3.41
CA THR H 231 -9.84 -18.75 4.45
C THR H 231 -10.29 -17.29 4.48
N ASN H 232 -9.55 -16.37 3.86
CA ASN H 232 -9.97 -14.98 3.77
C ASN H 232 -10.32 -14.57 2.35
N PHE H 233 -10.42 -15.54 1.43
CA PHE H 233 -11.03 -15.35 0.10
C PHE H 233 -10.41 -14.18 -0.68
N ASP H 234 -9.08 -14.20 -0.77
CA ASP H 234 -8.34 -13.31 -1.67
C ASP H 234 -7.52 -14.10 -2.70
N GLU H 235 -7.84 -15.39 -2.90
CA GLU H 235 -7.27 -16.24 -3.97
C GLU H 235 -5.83 -16.66 -3.70
N GLU H 236 -5.44 -16.73 -2.43
CA GLU H 236 -4.18 -17.36 -2.03
C GLU H 236 -4.47 -18.24 -0.83
N ASN H 237 -4.09 -19.52 -0.92
CA ASN H 237 -4.38 -20.45 0.17
C ASN H 237 -3.64 -20.09 1.45
N GLU H 238 -4.30 -20.32 2.59
CA GLU H 238 -3.72 -20.27 3.93
C GLU H 238 -3.33 -21.64 4.46
N VAL H 239 -4.11 -22.65 4.13
CA VAL H 239 -3.98 -23.99 4.68
C VAL H 239 -3.85 -24.96 3.51
N TYR H 240 -2.91 -25.89 3.61
CA TYR H 240 -2.82 -27.00 2.68
C TYR H 240 -2.96 -28.31 3.45
N ALA H 241 -3.31 -29.36 2.75
CA ALA H 241 -3.49 -30.64 3.42
C ALA H 241 -3.56 -31.74 2.37
N VAL H 242 -3.43 -32.96 2.85
CA VAL H 242 -3.90 -34.12 2.14
CA VAL H 242 -3.91 -34.14 2.15
C VAL H 242 -5.16 -34.59 2.90
N ASN H 243 -6.28 -34.66 2.17
CA ASN H 243 -7.59 -35.01 2.75
C ASN H 243 -8.04 -34.00 3.82
N THR H 244 -7.88 -32.71 3.50
CA THR H 244 -8.56 -31.61 4.17
C THR H 244 -7.96 -31.15 5.49
N VAL H 245 -7.70 -32.07 6.42
CA VAL H 245 -7.27 -31.68 7.77
C VAL H 245 -5.76 -31.50 7.79
N ALA H 246 -5.32 -30.27 8.06
CA ALA H 246 -3.90 -29.95 8.10
C ALA H 246 -3.17 -30.82 9.13
N HIS H 247 -2.05 -31.40 8.72
CA HIS H 247 -1.17 -32.19 9.59
C HIS H 247 -1.89 -33.38 10.24
N ALA H 248 -3.03 -33.80 9.70
CA ALA H 248 -3.80 -34.92 10.27
C ALA H 248 -2.92 -36.14 10.50
N TYR H 249 -2.06 -36.47 9.53
CA TYR H 249 -1.26 -37.68 9.60
C TYR H 249 0.09 -37.45 10.25
N MET H 250 0.32 -36.25 10.80
CA MET H 250 1.36 -36.02 11.80
C MET H 250 0.85 -36.33 13.20
N LYS H 251 -0.37 -35.89 13.49
CA LYS H 251 -0.98 -36.15 14.78
C LYS H 251 -1.25 -37.63 14.95
N ARG H 252 -1.64 -38.31 13.87
CA ARG H 252 -1.95 -39.73 13.91
C ARG H 252 -1.42 -40.37 12.62
N PRO H 253 -0.21 -40.96 12.67
CA PRO H 253 0.38 -41.52 11.44
C PRO H 253 -0.45 -42.65 10.85
N ILE H 254 -0.26 -42.85 9.55
CA ILE H 254 -0.92 -43.94 8.83
C ILE H 254 -0.12 -45.23 9.03
N ARG H 255 -0.75 -46.22 9.66
CA ARG H 255 -0.05 -47.47 9.98
C ARG H 255 0.05 -48.37 8.76
N ILE H 256 1.28 -48.82 8.49
CA ILE H 256 1.64 -49.55 7.27
C ILE H 256 2.24 -50.88 7.73
N GLU H 257 1.61 -51.98 7.32
CA GLU H 257 2.19 -53.30 7.52
C GLU H 257 3.38 -53.47 6.59
N ARG H 258 4.55 -53.73 7.17
CA ARG H 258 5.78 -53.78 6.39
C ARG H 258 5.75 -54.88 5.33
N ASP H 259 5.02 -55.97 5.58
CA ASP H 259 5.01 -57.12 4.66
C ASP H 259 4.14 -56.88 3.42
N ARG H 260 3.16 -55.98 3.48
CA ARG H 260 2.27 -55.83 2.34
C ARG H 260 2.59 -54.55 1.55
N PRO H 261 2.44 -54.58 0.23
CA PRO H 261 2.73 -53.38 -0.56
C PRO H 261 1.66 -52.31 -0.37
N VAL H 262 2.01 -51.08 -0.74
CA VAL H 262 1.17 -49.90 -0.55
C VAL H 262 0.81 -49.31 -1.91
N ARG H 263 -0.46 -48.93 -2.07
CA ARG H 263 -0.91 -48.20 -3.26
C ARG H 263 -1.66 -46.96 -2.81
N ILE H 264 -1.35 -45.83 -3.43
CA ILE H 264 -1.99 -44.55 -3.16
C ILE H 264 -2.63 -44.05 -4.44
N TYR H 265 -3.92 -43.73 -4.38
CA TYR H 265 -4.62 -42.96 -5.42
C TYR H 265 -4.50 -41.48 -5.05
N LEU H 266 -3.65 -40.75 -5.76
CA LEU H 266 -3.28 -39.37 -5.42
C LEU H 266 -3.89 -38.41 -6.42
N ILE H 267 -4.68 -37.45 -5.93
CA ILE H 267 -5.40 -36.49 -6.78
C ILE H 267 -5.06 -35.07 -6.35
N ASN H 268 -4.80 -34.18 -7.31
CA ASN H 268 -4.58 -32.78 -7.00
C ASN H 268 -5.86 -31.97 -7.24
N ALA H 269 -6.47 -31.50 -6.15
CA ALA H 269 -7.61 -30.60 -6.23
C ALA H 269 -7.26 -29.18 -5.78
N THR H 270 -5.98 -28.87 -5.61
CA THR H 270 -5.59 -27.58 -5.04
C THR H 270 -5.86 -26.46 -6.03
N GLU H 271 -6.57 -25.44 -5.57
CA GLU H 271 -6.89 -24.29 -6.40
C GLU H 271 -5.84 -23.20 -6.20
N PHE H 272 -5.78 -22.26 -7.16
CA PHE H 272 -4.98 -21.03 -7.12
C PHE H 272 -3.48 -21.28 -7.36
N ASP H 273 -2.90 -22.32 -6.73
CA ASP H 273 -1.49 -22.63 -7.01
C ASP H 273 -1.37 -23.49 -8.27
N PRO H 274 -0.33 -23.25 -9.09
CA PRO H 274 -0.22 -24.01 -10.35
C PRO H 274 0.08 -25.50 -10.18
N ILE H 275 0.93 -25.89 -9.23
CA ILE H 275 1.24 -27.32 -9.06
C ILE H 275 1.26 -27.70 -7.58
N ASN H 276 1.12 -28.99 -7.32
CA ASN H 276 1.32 -29.61 -6.02
C ASN H 276 2.17 -30.86 -6.24
N SER H 277 2.59 -31.50 -5.16
CA SER H 277 3.60 -32.56 -5.32
C SER H 277 3.57 -33.52 -4.13
N PHE H 278 4.31 -34.61 -4.28
CA PHE H 278 4.36 -35.69 -3.31
C PHE H 278 5.80 -36.19 -3.27
N HIS H 279 6.42 -36.10 -2.10
CA HIS H 279 7.75 -36.64 -1.87
C HIS H 279 7.67 -37.68 -0.77
N LEU H 280 8.12 -38.89 -1.07
CA LEU H 280 8.17 -39.99 -0.11
C LEU H 280 9.57 -40.08 0.48
N HIS H 281 9.69 -39.91 1.80
CA HIS H 281 11.00 -40.00 2.44
C HIS H 281 11.49 -41.43 2.48
N ALA H 282 12.80 -41.60 2.28
CA ALA H 282 13.56 -42.84 2.56
C ALA H 282 13.22 -44.00 1.63
N ASN H 283 12.39 -43.79 0.60
CA ASN H 283 11.90 -44.88 -0.22
C ASN H 283 11.52 -44.33 -1.58
N PHE H 284 11.28 -45.23 -2.54
CA PHE H 284 10.94 -44.86 -3.91
C PHE H 284 9.69 -45.61 -4.35
N PHE H 285 8.96 -45.02 -5.30
CA PHE H 285 7.71 -45.61 -5.77
C PHE H 285 7.70 -45.60 -7.30
N ASP H 286 6.80 -46.43 -7.83
CA ASP H 286 6.41 -46.37 -9.24
C ASP H 286 5.17 -45.48 -9.39
N TYR H 287 5.16 -44.64 -10.40
CA TYR H 287 4.07 -43.72 -10.65
C TYR H 287 3.33 -44.12 -11.93
N TYR H 288 2.00 -44.14 -11.85
CA TYR H 288 1.10 -44.48 -12.96
C TYR H 288 0.24 -43.24 -13.25
N ASP H 289 0.63 -42.48 -14.28
CA ASP H 289 -0.06 -41.23 -14.63
C ASP H 289 -1.51 -41.49 -14.98
N HIS H 290 -2.42 -40.85 -14.22
CA HIS H 290 -3.87 -41.02 -14.36
C HIS H 290 -4.30 -42.45 -14.07
N GLY H 291 -3.37 -43.32 -13.69
CA GLY H 291 -3.67 -44.73 -13.46
C GLY H 291 -4.23 -45.50 -14.65
N THR H 292 -4.09 -44.95 -15.86
CA THR H 292 -4.74 -45.50 -17.05
C THR H 292 -3.90 -46.56 -17.77
N THR H 293 -2.70 -46.89 -17.29
CA THR H 293 -1.96 -48.04 -17.79
C THR H 293 -1.67 -48.99 -16.63
N LEU H 294 -1.46 -50.25 -16.98
CA LEU H 294 -1.13 -51.29 -16.01
C LEU H 294 0.39 -51.49 -15.88
N THR H 295 1.19 -50.70 -16.58
CA THR H 295 2.64 -50.59 -16.44
C THR H 295 2.98 -49.16 -16.02
N PRO H 296 4.06 -48.96 -15.27
CA PRO H 296 4.35 -47.62 -14.73
C PRO H 296 4.67 -46.59 -15.81
N THR H 297 4.24 -45.35 -15.57
CA THR H 297 4.74 -44.21 -16.33
C THR H 297 6.17 -43.88 -15.92
N LEU H 298 6.45 -43.89 -14.63
CA LEU H 298 7.75 -43.56 -14.08
C LEU H 298 8.15 -44.67 -13.11
N LYS H 299 9.33 -45.24 -13.33
CA LYS H 299 9.88 -46.26 -12.45
C LYS H 299 10.85 -45.62 -11.47
N THR H 300 10.67 -45.92 -10.18
CA THR H 300 11.65 -45.63 -9.13
C THR H 300 11.92 -44.12 -9.02
N VAL H 301 10.91 -43.41 -8.53
CA VAL H 301 11.02 -41.97 -8.24
C VAL H 301 10.58 -41.73 -6.80
N ASP H 302 10.99 -40.59 -6.24
CA ASP H 302 10.51 -40.24 -4.90
C ASP H 302 9.82 -38.88 -4.84
N THR H 303 9.73 -38.15 -5.96
CA THR H 303 9.07 -36.84 -5.99
C THR H 303 8.37 -36.69 -7.33
N ILE H 304 7.05 -36.56 -7.30
CA ILE H 304 6.28 -36.23 -8.50
C ILE H 304 5.47 -34.97 -8.26
N MET H 305 5.11 -34.29 -9.35
CA MET H 305 4.26 -33.12 -9.29
C MET H 305 3.08 -33.30 -10.22
N GLN H 306 2.00 -32.59 -9.89
CA GLN H 306 0.74 -32.62 -10.61
C GLN H 306 0.18 -31.20 -10.65
N CYS H 307 -0.36 -30.80 -11.80
CA CYS H 307 -1.20 -29.60 -11.75
C CYS H 307 -2.59 -30.01 -11.29
N GLN H 308 -3.45 -29.01 -11.07
CA GLN H 308 -4.82 -29.31 -10.67
C GLN H 308 -5.49 -30.17 -11.73
N GLY H 309 -6.31 -31.12 -11.29
CA GLY H 309 -6.95 -32.04 -12.21
C GLY H 309 -6.08 -33.22 -12.65
N GLN H 310 -4.76 -33.13 -12.49
CA GLN H 310 -3.93 -34.30 -12.66
C GLN H 310 -4.03 -35.19 -11.42
N ARG H 311 -3.56 -36.42 -11.55
CA ARG H 311 -3.76 -37.47 -10.54
C ARG H 311 -3.09 -38.72 -11.08
N GLY H 312 -2.92 -39.70 -10.20
CA GLY H 312 -2.23 -40.92 -10.59
C GLY H 312 -2.19 -41.92 -9.45
N ILE H 313 -1.52 -43.03 -9.72
CA ILE H 313 -1.37 -44.12 -8.76
C ILE H 313 0.11 -44.28 -8.41
N LEU H 314 0.39 -44.36 -7.10
CA LEU H 314 1.74 -44.61 -6.59
C LEU H 314 1.76 -45.98 -5.92
N GLU H 315 2.83 -46.74 -6.17
CA GLU H 315 2.97 -48.08 -5.61
C GLU H 315 4.37 -48.24 -5.06
N PHE H 316 4.47 -48.71 -3.82
CA PHE H 316 5.77 -48.89 -3.20
C PHE H 316 5.62 -49.93 -2.08
N SER H 317 6.76 -50.29 -1.50
CA SER H 317 6.77 -51.28 -0.44
C SER H 317 7.81 -50.88 0.60
N PHE H 318 7.43 -51.00 1.87
CA PHE H 318 8.37 -50.82 2.97
C PHE H 318 8.91 -52.15 3.49
N ASN H 319 8.83 -53.20 2.68
CA ASN H 319 9.35 -54.50 3.08
C ASN H 319 10.85 -54.43 3.37
N GLY H 320 11.25 -55.01 4.50
CA GLY H 320 12.65 -55.00 4.90
C GLY H 320 13.12 -53.74 5.60
N PHE H 321 12.28 -52.71 5.71
CA PHE H 321 12.65 -51.46 6.36
C PHE H 321 12.57 -51.59 7.88
N GLU H 322 13.43 -50.85 8.56
CA GLU H 322 13.32 -50.72 10.01
C GLU H 322 11.99 -50.07 10.36
N PRO H 323 11.26 -50.59 11.34
CA PRO H 323 10.01 -49.94 11.77
C PRO H 323 10.28 -48.53 12.27
N GLY H 324 9.35 -47.63 11.98
CA GLY H 324 9.48 -46.25 12.38
C GLY H 324 8.57 -45.37 11.56
N LEU H 325 8.82 -44.07 11.66
CA LEU H 325 8.01 -43.05 11.02
C LEU H 325 8.68 -42.61 9.73
N TYR H 326 7.94 -42.65 8.63
CA TYR H 326 8.46 -42.32 7.31
C TYR H 326 7.60 -41.20 6.73
N MET H 327 8.21 -40.03 6.56
CA MET H 327 7.48 -38.82 6.22
C MET H 327 7.05 -38.81 4.74
N PHE H 328 5.93 -38.12 4.47
CA PHE H 328 5.54 -37.81 3.11
C PHE H 328 4.87 -36.43 3.11
N HIS H 329 5.17 -35.62 2.08
CA HIS H 329 4.73 -34.23 2.05
C HIS H 329 4.99 -33.65 0.67
N ALA H 330 4.39 -32.48 0.41
CA ALA H 330 4.73 -31.71 -0.78
C ALA H 330 6.18 -31.24 -0.75
N HIS H 331 6.82 -31.22 -1.90
CA HIS H 331 8.13 -30.60 -1.98
C HIS H 331 8.07 -29.12 -2.33
N GLN H 332 6.88 -28.52 -2.29
CA GLN H 332 6.74 -27.07 -2.12
C GLN H 332 6.76 -26.82 -0.62
N SER H 333 7.89 -26.31 -0.12
CA SER H 333 8.14 -26.32 1.33
C SER H 333 7.03 -25.63 2.11
N GLU H 334 6.56 -24.48 1.62
CA GLU H 334 5.54 -23.76 2.37
C GLU H 334 4.24 -24.57 2.47
N PHE H 335 3.92 -25.39 1.44
CA PHE H 335 2.74 -26.25 1.55
C PHE H 335 2.86 -27.21 2.73
N ALA H 336 4.06 -27.80 2.91
CA ALA H 336 4.28 -28.75 3.99
C ALA H 336 4.20 -28.07 5.34
N GLU H 337 4.78 -26.88 5.45
CA GLU H 337 4.70 -26.06 6.66
C GLU H 337 3.24 -25.75 7.02
N LEU H 338 2.40 -25.50 6.02
CA LEU H 338 1.03 -25.09 6.25
C LEU H 338 0.05 -26.25 6.31
N GLY H 339 0.53 -27.50 6.34
CA GLY H 339 -0.38 -28.60 6.63
C GLY H 339 -0.26 -29.85 5.77
N TRP H 340 0.34 -29.74 4.58
CA TRP H 340 0.46 -30.88 3.67
CA TRP H 340 0.45 -30.89 3.67
C TRP H 340 1.75 -31.62 4.02
N MET H 341 1.68 -32.37 5.11
CA MET H 341 2.77 -33.21 5.60
C MET H 341 2.16 -34.28 6.52
N GLY H 342 2.61 -35.51 6.35
CA GLY H 342 2.14 -36.61 7.19
C GLY H 342 3.22 -37.64 7.37
N ASN H 343 2.92 -38.65 8.19
CA ASN H 343 3.81 -39.77 8.48
C ASN H 343 3.13 -41.10 8.17
N PHE H 344 3.87 -42.01 7.56
CA PHE H 344 3.55 -43.42 7.61
C PHE H 344 4.26 -44.00 8.83
N GLU H 345 3.54 -44.78 9.63
CA GLU H 345 4.16 -45.56 10.69
C GLU H 345 4.30 -46.98 10.17
N VAL H 346 5.53 -47.37 9.85
CA VAL H 346 5.81 -48.73 9.40
C VAL H 346 5.97 -49.62 10.63
N ILE H 347 5.22 -50.72 10.66
CA ILE H 347 5.19 -51.62 11.81
C ILE H 347 5.63 -53.01 11.37
N GLU H 348 6.13 -53.80 12.31
CA GLU H 348 6.47 -55.19 12.00
C GLU H 348 5.41 -56.15 12.52
N GLY I 50 35.70 -17.55 -2.63
CA GLY I 50 36.26 -18.87 -2.39
C GLY I 50 35.61 -19.95 -3.22
N PHE I 51 34.29 -19.87 -3.38
CA PHE I 51 33.58 -20.87 -4.17
C PHE I 51 33.88 -20.70 -5.66
N ASP I 52 34.24 -21.79 -6.31
CA ASP I 52 34.57 -21.73 -7.73
C ASP I 52 33.51 -22.48 -8.52
N PRO I 53 32.60 -21.80 -9.21
CA PRO I 53 31.54 -22.51 -9.94
C PRO I 53 32.06 -23.28 -11.15
N TYR I 54 33.25 -22.95 -11.64
CA TYR I 54 33.81 -23.65 -12.80
C TYR I 54 34.42 -24.98 -12.40
N ALA I 55 35.11 -25.02 -11.26
CA ALA I 55 35.64 -26.28 -10.73
C ALA I 55 34.55 -27.16 -10.14
N PHE I 56 33.48 -26.55 -9.62
CA PHE I 56 32.36 -27.32 -9.07
C PHE I 56 31.73 -28.25 -10.10
N LEU I 57 31.69 -27.80 -11.37
CA LEU I 57 31.00 -28.55 -12.42
C LEU I 57 31.45 -30.00 -12.48
N THR I 58 32.75 -30.25 -12.30
CA THR I 58 33.35 -31.57 -12.50
C THR I 58 33.98 -32.10 -11.21
N HIS I 59 33.60 -31.58 -10.06
CA HIS I 59 34.18 -32.02 -8.80
C HIS I 59 33.30 -33.10 -8.16
N TRP I 60 33.87 -34.28 -7.93
CA TRP I 60 33.18 -35.40 -7.29
C TRP I 60 33.90 -35.75 -6.00
N GLU I 61 33.20 -35.67 -4.87
CA GLU I 61 33.73 -36.16 -3.60
C GLU I 61 33.34 -37.63 -3.49
N THR I 62 34.34 -38.51 -3.45
CA THR I 62 34.10 -39.95 -3.41
C THR I 62 34.44 -40.61 -2.08
N GLY I 63 34.91 -39.85 -1.09
CA GLY I 63 35.00 -40.34 0.28
C GLY I 63 36.31 -41.04 0.60
N GLU I 64 36.44 -41.39 1.87
CA GLU I 64 37.52 -42.27 2.33
C GLU I 64 37.03 -43.70 2.21
N VAL I 65 37.74 -44.51 1.42
CA VAL I 65 37.29 -45.83 1.01
C VAL I 65 37.96 -46.90 1.86
N SER I 66 37.16 -47.88 2.30
CA SER I 66 37.70 -49.11 2.86
C SER I 66 36.67 -50.20 2.57
N THR I 67 36.75 -51.29 3.32
CA THR I 67 35.92 -52.48 3.08
C THR I 67 35.32 -52.96 4.38
N LEU I 68 34.03 -53.31 4.36
CA LEU I 68 33.45 -53.97 5.52
C LEU I 68 33.85 -55.44 5.51
N PRO I 69 33.77 -56.13 6.64
CA PRO I 69 34.19 -57.54 6.66
C PRO I 69 33.43 -58.42 5.66
N SER I 70 32.19 -58.07 5.32
CA SER I 70 31.46 -58.81 4.30
C SER I 70 32.00 -58.63 2.88
N GLY I 71 32.93 -57.70 2.66
CA GLY I 71 33.35 -57.33 1.33
C GLY I 71 32.70 -56.09 0.77
N GLN I 72 31.61 -55.63 1.39
CA GLN I 72 30.95 -54.41 0.92
C GLN I 72 31.89 -53.21 1.07
N THR I 73 31.94 -52.39 0.03
CA THR I 73 32.74 -51.17 0.08
C THR I 73 32.12 -50.13 1.00
N LEU I 74 32.98 -49.49 1.81
CA LEU I 74 32.59 -48.42 2.73
C LEU I 74 33.18 -47.11 2.23
N ARG I 75 32.35 -46.06 2.18
CA ARG I 75 32.78 -44.72 1.82
C ARG I 75 32.36 -43.76 2.92
N GLU I 76 33.31 -43.03 3.46
CA GLU I 76 33.11 -42.15 4.60
C GLU I 76 33.35 -40.71 4.18
N PHE I 77 32.46 -39.82 4.64
CA PHE I 77 32.47 -38.41 4.30
C PHE I 77 32.39 -37.61 5.59
N ASN I 78 32.98 -36.42 5.57
CA ASN I 78 32.92 -35.48 6.68
C ASN I 78 32.21 -34.21 6.22
N ILE I 79 31.14 -33.85 6.91
CA ILE I 79 30.34 -32.69 6.53
C ILE I 79 30.08 -31.87 7.77
N VAL I 80 30.44 -30.59 7.70
CA VAL I 80 30.24 -29.64 8.79
C VAL I 80 29.28 -28.56 8.30
N ALA I 81 28.19 -28.38 9.03
CA ALA I 81 27.34 -27.22 8.80
C ALA I 81 27.99 -26.00 9.41
N VAL I 82 28.16 -24.94 8.62
CA VAL I 82 28.78 -23.72 9.10
C VAL I 82 28.12 -22.52 8.43
N ASP I 83 27.84 -21.47 9.22
CA ASP I 83 27.33 -20.22 8.67
C ASP I 83 28.46 -19.42 8.04
N LYS I 84 28.18 -18.88 6.86
CA LYS I 84 29.26 -18.29 6.09
C LYS I 84 28.69 -17.35 5.04
N GLU I 85 29.41 -16.26 4.78
CA GLU I 85 29.12 -15.43 3.61
C GLU I 85 29.31 -16.23 2.33
N ILE I 86 28.39 -16.07 1.37
CA ILE I 86 28.68 -16.53 0.01
C ILE I 86 28.42 -15.38 -0.95
N GLU I 87 29.12 -15.39 -2.08
CA GLU I 87 28.98 -14.38 -3.11
C GLU I 87 28.22 -14.99 -4.27
N ILE I 88 27.01 -14.45 -4.53
CA ILE I 88 26.18 -14.95 -5.63
C ILE I 88 26.30 -14.09 -6.88
N ALA I 89 27.02 -12.97 -6.78
CA ALA I 89 27.49 -12.14 -7.87
C ALA I 89 28.49 -11.17 -7.27
N PRO I 90 29.43 -10.64 -8.06
CA PRO I 90 30.49 -9.82 -7.44
C PRO I 90 29.89 -8.58 -6.82
N GLY I 91 30.09 -8.44 -5.50
CA GLY I 91 29.46 -7.40 -4.73
C GLY I 91 28.14 -7.73 -4.09
N VAL I 92 27.59 -8.93 -4.34
CA VAL I 92 26.34 -9.36 -3.69
C VAL I 92 26.68 -10.48 -2.72
N TYR I 93 26.59 -10.17 -1.43
CA TYR I 93 26.90 -11.13 -0.40
C TYR I 93 25.61 -11.63 0.22
N PHE I 94 25.53 -12.93 0.41
CA PHE I 94 24.36 -13.59 0.93
C PHE I 94 24.72 -14.30 2.22
N PRO I 95 23.97 -14.11 3.30
CA PRO I 95 24.30 -14.78 4.56
C PRO I 95 23.80 -16.23 4.57
N ALA I 96 24.69 -17.17 4.29
CA ALA I 96 24.28 -18.53 4.02
C ALA I 96 24.51 -19.46 5.20
N TRP I 97 23.72 -20.54 5.22
CA TRP I 97 24.00 -21.73 6.01
C TRP I 97 24.52 -22.79 5.04
N THR I 98 25.73 -23.29 5.28
CA THR I 98 26.43 -24.09 4.29
C THR I 98 26.88 -25.43 4.87
N TYR I 99 26.95 -26.44 3.99
CA TYR I 99 27.69 -27.66 4.24
C TYR I 99 29.12 -27.48 3.73
N ASN I 100 30.10 -27.56 4.65
CA ASN I 100 31.52 -27.47 4.31
C ASN I 100 31.89 -26.14 3.66
N GLY I 101 31.12 -25.09 3.93
CA GLY I 101 31.51 -23.76 3.52
C GLY I 101 31.21 -23.38 2.09
N GLN I 102 30.38 -24.16 1.38
CA GLN I 102 30.06 -23.83 -0.01
C GLN I 102 28.57 -24.07 -0.24
N VAL I 103 28.03 -23.35 -1.23
CA VAL I 103 26.66 -23.55 -1.70
C VAL I 103 26.73 -23.67 -3.21
N PRO I 104 26.30 -24.81 -3.83
CA PRO I 104 25.77 -26.02 -3.19
C PRO I 104 26.80 -26.76 -2.36
N GLY I 105 26.36 -27.69 -1.53
CA GLY I 105 27.26 -28.51 -0.76
C GLY I 105 28.10 -29.39 -1.65
N PRO I 106 29.02 -30.15 -1.05
CA PRO I 106 29.89 -31.03 -1.85
C PRO I 106 29.07 -32.08 -2.59
N THR I 107 29.44 -32.35 -3.83
CA THR I 107 28.77 -33.39 -4.59
C THR I 107 29.31 -34.75 -4.14
N LEU I 108 28.49 -35.53 -3.44
CA LEU I 108 28.89 -36.86 -3.00
C LEU I 108 28.57 -37.87 -4.09
N ARG I 109 29.56 -38.65 -4.49
CA ARG I 109 29.36 -39.63 -5.56
C ARG I 109 29.89 -40.99 -5.11
N VAL I 110 29.02 -41.98 -5.11
CA VAL I 110 29.28 -43.34 -4.64
C VAL I 110 28.77 -44.32 -5.68
N THR I 111 28.99 -45.61 -5.42
CA THR I 111 28.52 -46.68 -6.28
C THR I 111 27.39 -47.43 -5.60
N GLU I 112 26.39 -47.82 -6.40
CA GLU I 112 25.26 -48.61 -5.92
C GLU I 112 25.75 -49.78 -5.05
N GLY I 113 25.18 -49.91 -3.86
CA GLY I 113 25.54 -50.97 -2.94
C GLY I 113 26.61 -50.59 -1.93
N ASP I 114 27.32 -49.47 -2.11
CA ASP I 114 28.29 -49.04 -1.12
C ASP I 114 27.59 -48.75 0.21
N ARG I 115 28.29 -49.04 1.30
CA ARG I 115 27.87 -48.52 2.60
C ARG I 115 28.38 -47.09 2.70
N VAL I 116 27.48 -46.15 2.96
CA VAL I 116 27.82 -44.73 3.01
C VAL I 116 27.74 -44.29 4.46
N ARG I 117 28.78 -43.59 4.92
CA ARG I 117 28.85 -43.05 6.28
C ARG I 117 29.16 -41.57 6.16
N VAL I 118 28.22 -40.73 6.57
CA VAL I 118 28.41 -39.28 6.54
C VAL I 118 28.50 -38.80 7.98
N HIS I 119 29.71 -38.44 8.42
CA HIS I 119 29.91 -37.82 9.73
C HIS I 119 29.53 -36.34 9.66
N PHE I 120 28.45 -35.97 10.33
CA PHE I 120 27.89 -34.63 10.28
C PHE I 120 28.15 -33.94 11.61
N HIS I 121 28.78 -32.76 11.57
CA HIS I 121 28.94 -31.92 12.74
C HIS I 121 28.29 -30.56 12.48
N ASN I 122 27.56 -30.04 13.47
CA ASN I 122 26.91 -28.74 13.37
C ASN I 122 27.79 -27.68 14.05
N ALA I 123 28.50 -26.89 13.25
CA ALA I 123 29.28 -25.77 13.77
C ALA I 123 28.58 -24.44 13.59
N GLY I 124 27.28 -24.46 13.29
CA GLY I 124 26.51 -23.25 13.08
C GLY I 124 25.85 -22.77 14.36
N SER I 125 24.86 -21.89 14.20
CA SER I 125 24.15 -21.36 15.35
C SER I 125 22.71 -21.82 15.44
N HIS I 126 22.17 -22.49 14.41
CA HIS I 126 20.85 -23.07 14.41
C HIS I 126 20.93 -24.59 14.25
N PRO I 127 19.92 -25.32 14.70
CA PRO I 127 19.91 -26.77 14.45
C PRO I 127 19.68 -27.10 12.99
N HIS I 128 20.28 -28.22 12.55
CA HIS I 128 20.24 -28.65 11.15
C HIS I 128 20.17 -30.17 11.08
N THR I 129 19.90 -30.68 9.87
CA THR I 129 20.00 -32.11 9.57
C THR I 129 20.59 -32.26 8.17
N ILE I 130 20.78 -33.51 7.75
CA ILE I 130 20.92 -33.86 6.35
C ILE I 130 19.86 -34.90 6.04
N HIS I 131 18.89 -34.53 5.19
CA HIS I 131 17.92 -35.47 4.64
C HIS I 131 18.40 -35.88 3.24
N PHE I 132 18.75 -37.15 3.09
CA PHE I 132 19.15 -37.72 1.80
C PHE I 132 17.92 -38.18 1.02
N HIS I 133 17.89 -37.87 -0.28
CA HIS I 133 16.94 -38.50 -1.19
C HIS I 133 17.55 -39.82 -1.62
N GLY I 134 17.17 -40.89 -0.93
CA GLY I 134 17.71 -42.22 -1.17
C GLY I 134 17.05 -43.14 -0.18
N ILE I 135 17.32 -44.44 -0.34
CA ILE I 135 16.73 -45.43 0.56
C ILE I 135 17.57 -45.51 1.82
N HIS I 136 16.90 -45.48 2.99
CA HIS I 136 17.60 -45.57 4.27
C HIS I 136 16.61 -45.84 5.40
N PRO I 137 17.09 -46.20 6.60
CA PRO I 137 16.16 -46.36 7.73
C PRO I 137 15.56 -45.04 8.20
N ALA I 138 14.40 -45.14 8.86
CA ALA I 138 13.75 -43.95 9.40
C ALA I 138 14.68 -43.13 10.28
N SER I 139 15.47 -43.80 11.12
CA SER I 139 16.31 -43.10 12.08
C SER I 139 17.47 -42.38 11.42
N MET I 140 17.73 -42.66 10.15
CA MET I 140 18.73 -41.99 9.34
C MET I 140 18.12 -40.98 8.36
N ASP I 141 16.86 -40.61 8.52
CA ASP I 141 16.17 -39.83 7.50
C ASP I 141 16.44 -38.33 7.59
N GLY I 142 17.10 -37.86 8.65
CA GLY I 142 17.38 -36.44 8.81
C GLY I 142 16.16 -35.55 8.92
N VAL I 143 15.17 -35.97 9.69
CA VAL I 143 13.99 -35.14 9.97
C VAL I 143 13.94 -34.87 11.47
N PRO I 144 13.21 -33.83 11.87
CA PRO I 144 13.18 -33.47 13.31
C PRO I 144 12.62 -34.53 14.22
N GLY I 145 11.70 -35.37 13.74
CA GLY I 145 10.95 -36.23 14.64
C GLY I 145 11.44 -37.64 14.86
N THR I 146 12.50 -38.08 14.21
CA THR I 146 12.95 -39.47 14.33
C THR I 146 14.46 -39.52 14.61
N GLY I 147 14.91 -40.69 15.07
CA GLY I 147 16.32 -40.90 15.36
C GLY I 147 16.88 -39.84 16.29
N PRO I 148 18.03 -39.27 15.90
CA PRO I 148 18.61 -38.19 16.72
C PRO I 148 17.83 -36.89 16.65
N GLY I 149 16.84 -36.80 15.76
CA GLY I 149 16.20 -35.55 15.48
C GLY I 149 17.17 -34.56 14.86
N MET I 150 16.94 -33.28 15.12
CA MET I 150 17.84 -32.26 14.59
C MET I 150 19.15 -32.28 15.35
N ILE I 151 20.21 -31.85 14.69
CA ILE I 151 21.55 -31.81 15.24
C ILE I 151 21.83 -30.37 15.67
N TYR I 152 21.89 -30.14 16.98
CA TYR I 152 22.00 -28.79 17.51
C TYR I 152 23.45 -28.30 17.43
N PRO I 153 23.66 -27.00 17.64
CA PRO I 153 25.04 -26.46 17.60
C PRO I 153 25.98 -27.22 18.52
N GLY I 154 27.16 -27.56 17.98
CA GLY I 154 28.13 -28.34 18.70
C GLY I 154 27.94 -29.85 18.65
N GLU I 155 26.79 -30.35 18.18
CA GLU I 155 26.53 -31.78 18.22
C GLU I 155 26.97 -32.47 16.92
N SER I 156 27.05 -33.79 16.97
CA SER I 156 27.47 -34.63 15.85
C SER I 156 26.53 -35.81 15.69
N PHE I 157 26.49 -36.34 14.48
CA PHE I 157 25.78 -37.57 14.22
C PHE I 157 26.33 -38.16 12.93
N THR I 158 26.29 -39.49 12.82
CA THR I 158 26.73 -40.18 11.62
C THR I 158 25.52 -40.78 10.92
N TYR I 159 25.21 -40.29 9.72
CA TYR I 159 24.23 -40.94 8.87
C TYR I 159 24.90 -42.14 8.21
N GLU I 160 24.23 -43.30 8.23
CA GLU I 160 24.78 -44.50 7.62
C GLU I 160 23.69 -45.29 6.92
N PHE I 161 23.96 -45.71 5.69
CA PHE I 161 22.96 -46.41 4.90
C PHE I 161 23.65 -47.03 3.69
N ASP I 162 22.96 -48.00 3.07
CA ASP I 162 23.43 -48.56 1.81
C ASP I 162 22.95 -47.69 0.66
N ALA I 163 23.85 -47.48 -0.31
CA ALA I 163 23.58 -46.56 -1.42
C ALA I 163 22.65 -47.21 -2.43
N TYR I 164 21.35 -46.94 -2.27
CA TYR I 164 20.31 -47.38 -3.20
C TYR I 164 19.29 -46.27 -3.32
N PRO I 165 18.64 -46.12 -4.48
CA PRO I 165 18.85 -46.85 -5.73
C PRO I 165 19.82 -46.08 -6.61
N PHE I 166 20.41 -46.70 -7.62
CA PHE I 166 21.29 -45.93 -8.48
C PHE I 166 20.49 -44.79 -9.11
N GLY I 167 21.18 -43.68 -9.37
CA GLY I 167 20.57 -42.57 -10.07
C GLY I 167 21.13 -41.25 -9.55
N CYS I 168 20.42 -40.19 -9.93
CA CYS I 168 20.76 -38.82 -9.58
C CYS I 168 19.92 -38.39 -8.40
N HIS I 169 20.57 -38.07 -7.28
CA HIS I 169 19.80 -37.66 -6.12
C HIS I 169 20.33 -36.36 -5.52
N LEU I 170 19.92 -36.04 -4.29
CA LEU I 170 20.32 -34.81 -3.64
C LEU I 170 20.16 -35.00 -2.14
N TYR I 171 20.69 -34.03 -1.39
CA TYR I 171 20.50 -33.97 0.04
C TYR I 171 20.27 -32.52 0.43
N HIS I 172 19.50 -32.33 1.49
CA HIS I 172 19.27 -30.97 1.97
C HIS I 172 18.81 -31.04 3.42
N CYS I 173 18.85 -29.89 4.08
CA CYS I 173 18.41 -29.80 5.45
C CYS I 173 16.90 -29.94 5.54
N HIS I 174 16.43 -30.58 6.61
CA HIS I 174 15.00 -30.70 6.88
C HIS I 174 14.80 -30.29 8.34
N ALA I 175 14.82 -28.99 8.58
CA ALA I 175 14.66 -28.46 9.93
C ALA I 175 13.42 -27.57 9.95
N ILE I 176 13.30 -26.67 10.93
CA ILE I 176 12.07 -25.93 11.15
C ILE I 176 12.34 -24.44 10.98
N PRO I 177 11.65 -23.76 10.05
CA PRO I 177 10.75 -24.36 9.06
C PRO I 177 11.48 -24.86 7.83
N LEU I 178 10.83 -25.76 7.10
CA LEU I 178 11.52 -26.47 6.02
C LEU I 178 12.15 -25.51 5.01
N LYS I 179 11.41 -24.47 4.59
CA LYS I 179 11.90 -23.63 3.50
C LYS I 179 13.08 -22.76 3.92
N ARG I 180 13.16 -22.38 5.20
CA ARG I 180 14.21 -21.48 5.62
C ARG I 180 15.58 -22.11 5.46
N HIS I 181 15.73 -23.36 5.90
CA HIS I 181 17.04 -23.99 5.92
C HIS I 181 17.49 -24.39 4.51
N ILE I 182 16.56 -24.75 3.63
CA ILE I 182 16.92 -25.01 2.25
C ILE I 182 17.36 -23.72 1.56
N HIS I 183 16.53 -22.67 1.67
CA HIS I 183 16.87 -21.39 1.03
C HIS I 183 18.22 -20.87 1.50
N LYS I 184 18.52 -21.00 2.79
CA LYS I 184 19.76 -20.44 3.31
C LYS I 184 21.00 -21.12 2.73
N GLY I 185 20.86 -22.30 2.10
CA GLY I 185 21.98 -22.87 1.35
C GLY I 185 22.31 -24.33 1.61
N LEU I 186 21.53 -25.01 2.45
CA LEU I 186 21.84 -26.38 2.89
C LEU I 186 21.23 -27.40 1.93
N TYR I 187 21.91 -27.59 0.79
CA TYR I 187 21.53 -28.58 -0.20
C TYR I 187 22.75 -28.93 -1.02
N GLY I 188 22.76 -30.13 -1.57
CA GLY I 188 23.86 -30.55 -2.44
C GLY I 188 23.46 -31.79 -3.20
N ALA I 189 24.35 -32.18 -4.13
CA ALA I 189 24.10 -33.29 -5.03
C ALA I 189 24.61 -34.61 -4.44
N PHE I 190 23.88 -35.69 -4.72
CA PHE I 190 24.23 -37.03 -4.25
C PHE I 190 24.01 -37.98 -5.42
N ILE I 191 25.08 -38.53 -5.97
CA ILE I 191 25.01 -39.35 -7.18
C ILE I 191 25.40 -40.77 -6.83
N ILE I 192 24.54 -41.73 -7.18
CA ILE I 192 24.80 -43.14 -6.96
C ILE I 192 24.99 -43.78 -8.34
N ASP I 193 26.22 -44.15 -8.65
CA ASP I 193 26.52 -44.81 -9.92
C ASP I 193 25.95 -46.23 -9.93
N PRO I 194 25.41 -46.69 -11.06
CA PRO I 194 24.98 -48.08 -11.14
C PRO I 194 26.19 -49.02 -11.09
N ASP I 195 26.01 -50.14 -10.42
CA ASP I 195 27.05 -51.16 -10.40
C ASP I 195 26.93 -52.03 -11.65
N PRO I 196 27.86 -51.93 -12.60
CA PRO I 196 27.69 -52.68 -13.87
C PRO I 196 27.54 -54.19 -13.67
N GLU I 197 28.07 -54.74 -12.58
CA GLU I 197 27.91 -56.16 -12.31
C GLU I 197 26.46 -56.54 -12.00
N ARG I 198 25.63 -55.58 -11.58
CA ARG I 198 24.23 -55.85 -11.27
C ARG I 198 23.29 -55.57 -12.44
N HIS I 199 23.80 -55.16 -13.60
CA HIS I 199 22.96 -54.77 -14.74
C HIS I 199 23.54 -55.36 -16.00
N PRO I 200 23.52 -56.69 -16.13
CA PRO I 200 24.13 -57.33 -17.32
C PRO I 200 23.44 -56.98 -18.62
N GLU I 201 22.16 -56.59 -18.57
CA GLU I 201 21.43 -56.22 -19.76
C GLU I 201 21.78 -54.82 -20.25
N TYR I 202 22.18 -53.92 -19.36
CA TYR I 202 22.57 -52.56 -19.76
C TYR I 202 23.99 -52.28 -19.29
N GLN I 203 24.89 -53.24 -19.52
CA GLN I 203 26.23 -53.16 -18.95
C GLN I 203 27.00 -51.96 -19.48
N ALA I 204 26.85 -51.64 -20.76
CA ALA I 204 27.60 -50.54 -21.37
C ALA I 204 27.12 -49.20 -20.84
N ALA I 205 25.81 -49.02 -20.70
CA ALA I 205 25.30 -47.77 -20.15
C ALA I 205 25.67 -47.64 -18.68
N ALA I 206 25.63 -48.75 -17.93
CA ALA I 206 26.10 -48.72 -16.55
C ALA I 206 27.58 -48.32 -16.49
N ARG I 207 28.40 -48.87 -17.39
CA ARG I 207 29.83 -48.60 -17.30
C ARG I 207 30.16 -47.16 -17.69
N ALA I 208 29.36 -46.58 -18.59
CA ALA I 208 29.54 -45.17 -18.94
C ALA I 208 29.23 -44.23 -17.78
N ARG I 209 28.45 -44.69 -16.80
CA ARG I 209 28.13 -43.89 -15.61
C ARG I 209 29.03 -44.16 -14.41
N LEU I 210 29.79 -45.25 -14.40
CA LEU I 210 30.61 -45.57 -13.25
C LEU I 210 31.89 -44.74 -13.29
N LEU I 211 32.03 -43.81 -12.34
CA LEU I 211 33.15 -42.89 -12.33
C LEU I 211 34.48 -43.61 -12.44
N GLY I 212 35.26 -43.26 -13.46
CA GLY I 212 36.61 -43.76 -13.58
C GLY I 212 36.83 -44.87 -14.59
N THR I 213 35.77 -45.54 -15.09
CA THR I 213 35.97 -46.49 -16.18
C THR I 213 36.41 -45.75 -17.44
N PRO I 214 37.08 -46.44 -18.37
CA PRO I 214 37.39 -45.79 -19.66
C PRO I 214 36.17 -45.31 -20.44
N GLU I 215 35.04 -46.02 -20.36
CA GLU I 215 33.82 -45.54 -20.99
C GLU I 215 33.34 -44.23 -20.36
N ASN I 216 33.42 -44.14 -19.04
CA ASN I 216 33.00 -42.94 -18.34
C ASN I 216 33.95 -41.77 -18.63
N GLN I 217 35.25 -42.04 -18.78
CA GLN I 217 36.20 -40.98 -19.11
C GLN I 217 35.94 -40.38 -20.48
N ALA I 218 35.29 -41.14 -21.38
CA ALA I 218 34.91 -40.56 -22.67
C ALA I 218 33.85 -39.48 -22.52
N TRP I 219 32.95 -39.63 -21.56
CA TRP I 219 31.88 -38.66 -21.35
C TRP I 219 32.39 -37.40 -20.68
N GLN I 220 31.78 -36.28 -21.04
CA GLN I 220 31.99 -35.03 -20.32
C GLN I 220 30.80 -34.87 -19.37
N GLU I 221 31.05 -35.06 -18.07
CA GLU I 221 30.02 -35.06 -17.03
C GLU I 221 30.07 -33.78 -16.23
N PHE I 222 28.91 -33.18 -15.98
CA PHE I 222 28.79 -31.96 -15.21
C PHE I 222 27.64 -32.09 -14.25
N VAL I 223 27.79 -31.47 -13.07
CA VAL I 223 26.69 -31.38 -12.12
C VAL I 223 26.21 -29.94 -12.11
N MET I 224 24.89 -29.75 -12.17
CA MET I 224 24.27 -28.44 -12.21
C MET I 224 23.11 -28.41 -11.23
N VAL I 225 23.22 -27.55 -10.23
CA VAL I 225 22.16 -27.34 -9.25
C VAL I 225 21.52 -25.98 -9.58
N MET I 226 20.23 -26.00 -9.91
CA MET I 226 19.50 -24.77 -10.17
C MET I 226 19.01 -24.20 -8.84
N ASN I 227 19.48 -23.01 -8.48
CA ASN I 227 19.12 -22.45 -7.18
C ASN I 227 18.76 -20.97 -7.30
N GLY I 228 18.25 -20.43 -6.20
CA GLY I 228 17.78 -19.07 -6.16
C GLY I 228 18.07 -18.43 -4.81
N PHE I 229 18.10 -17.10 -4.82
CA PHE I 229 18.41 -16.38 -3.59
C PHE I 229 17.46 -15.22 -3.43
N ASP I 230 16.93 -15.12 -2.21
CA ASP I 230 15.98 -14.09 -1.78
C ASP I 230 16.77 -13.21 -0.83
N THR I 231 17.37 -12.14 -1.37
CA THR I 231 18.37 -11.37 -0.63
C THR I 231 17.77 -10.42 0.41
N ASN I 232 16.49 -10.08 0.30
CA ASN I 232 15.81 -9.28 1.33
C ASN I 232 14.78 -10.08 2.12
N PHE I 233 14.76 -11.41 1.98
CA PHE I 233 14.04 -12.33 2.87
C PHE I 233 12.55 -12.00 2.98
N ASP I 234 11.92 -11.78 1.82
CA ASP I 234 10.47 -11.65 1.72
C ASP I 234 9.84 -12.84 0.99
N GLU I 235 10.60 -13.94 0.81
CA GLU I 235 10.11 -15.19 0.20
C GLU I 235 9.83 -15.04 -1.29
N GLU I 236 10.57 -14.16 -1.96
CA GLU I 236 10.56 -14.08 -3.41
C GLU I 236 12.00 -13.86 -3.88
N ASN I 237 12.47 -14.71 -4.79
CA ASN I 237 13.88 -14.68 -5.18
C ASN I 237 14.24 -13.42 -5.96
N GLU I 238 15.45 -12.92 -5.72
CA GLU I 238 16.08 -11.84 -6.48
C GLU I 238 17.04 -12.36 -7.53
N VAL I 239 17.75 -13.45 -7.24
CA VAL I 239 18.81 -13.96 -8.09
C VAL I 239 18.51 -15.42 -8.38
N TYR I 240 18.70 -15.83 -9.64
CA TYR I 240 18.60 -17.23 -10.02
C TYR I 240 19.93 -17.66 -10.61
N ALA I 241 20.23 -18.94 -10.54
CA ALA I 241 21.50 -19.38 -11.09
C ALA I 241 21.49 -20.89 -11.26
N VAL I 242 22.49 -21.33 -12.02
CA VAL I 242 22.94 -22.71 -11.96
CA VAL I 242 22.95 -22.71 -11.97
C VAL I 242 24.29 -22.67 -11.24
N ASN I 243 24.37 -23.39 -10.12
CA ASN I 243 25.57 -23.41 -9.28
C ASN I 243 25.89 -22.02 -8.70
N THR I 244 24.86 -21.35 -8.17
CA THR I 244 25.00 -20.22 -7.25
C THR I 244 25.39 -18.88 -7.87
N VAL I 245 26.41 -18.84 -8.73
CA VAL I 245 26.88 -17.55 -9.25
C VAL I 245 26.09 -17.18 -10.52
N ALA I 246 25.31 -16.09 -10.42
CA ALA I 246 24.51 -15.59 -11.53
C ALA I 246 25.36 -15.38 -12.77
N HIS I 247 24.93 -15.93 -13.90
CA HIS I 247 25.56 -15.72 -15.20
C HIS I 247 27.03 -16.15 -15.23
N ALA I 248 27.44 -17.05 -14.34
CA ALA I 248 28.84 -17.50 -14.30
C ALA I 248 29.27 -18.08 -15.63
N TYR I 249 28.41 -18.85 -16.29
CA TYR I 249 28.80 -19.50 -17.53
C TYR I 249 28.48 -18.64 -18.76
N MET I 250 27.99 -17.41 -18.58
CA MET I 250 28.08 -16.42 -19.63
C MET I 250 29.43 -15.73 -19.59
N LYS I 251 29.92 -15.44 -18.38
CA LYS I 251 31.23 -14.81 -18.22
C LYS I 251 32.33 -15.71 -18.75
N ARG I 252 32.25 -17.00 -18.43
CA ARG I 252 33.24 -17.99 -18.84
C ARG I 252 32.47 -19.22 -19.29
N PRO I 253 32.28 -19.40 -20.59
CA PRO I 253 31.50 -20.54 -21.08
C PRO I 253 32.13 -21.89 -20.72
N ILE I 254 31.29 -22.91 -20.69
CA ILE I 254 31.71 -24.28 -20.41
C ILE I 254 32.23 -24.91 -21.70
N ARG I 255 33.52 -25.29 -21.70
CA ARG I 255 34.15 -25.82 -22.92
C ARG I 255 33.75 -27.28 -23.13
N ILE I 256 33.27 -27.57 -24.34
CA ILE I 256 32.78 -28.89 -24.73
C ILE I 256 33.56 -29.33 -25.96
N GLU I 257 34.27 -30.45 -25.87
CA GLU I 257 34.82 -31.09 -27.06
C GLU I 257 33.68 -31.73 -27.84
N ARG I 258 33.55 -31.37 -29.12
CA ARG I 258 32.42 -31.88 -29.89
C ARG I 258 32.51 -33.39 -30.14
N ASP I 259 33.70 -33.98 -30.05
CA ASP I 259 33.83 -35.42 -30.30
C ASP I 259 33.23 -36.24 -29.17
N ARG I 260 33.22 -35.71 -27.98
CA ARG I 260 32.78 -36.50 -26.83
C ARG I 260 31.38 -36.11 -26.42
N PRO I 261 30.59 -37.06 -25.93
CA PRO I 261 29.23 -36.75 -25.50
C PRO I 261 29.22 -36.06 -24.14
N VAL I 262 28.07 -35.50 -23.79
CA VAL I 262 27.89 -34.69 -22.60
C VAL I 262 26.78 -35.27 -21.75
N ARG I 263 27.02 -35.37 -20.45
CA ARG I 263 26.02 -35.79 -19.47
C ARG I 263 25.93 -34.74 -18.38
N ILE I 264 24.72 -34.28 -18.08
CA ILE I 264 24.48 -33.32 -16.99
C ILE I 264 23.62 -33.98 -15.93
N TYR I 265 24.08 -33.94 -14.68
CA TYR I 265 23.28 -34.25 -13.51
C TYR I 265 22.62 -32.94 -13.03
N LEU I 266 21.31 -32.82 -13.25
CA LEU I 266 20.59 -31.56 -13.06
C LEU I 266 19.62 -31.70 -11.89
N ILE I 267 19.77 -30.84 -10.88
CA ILE I 267 18.97 -30.88 -9.66
C ILE I 267 18.29 -29.53 -9.47
N ASN I 268 17.01 -29.54 -9.09
CA ASN I 268 16.31 -28.31 -8.77
C ASN I 268 16.27 -28.14 -7.25
N ALA I 269 17.03 -27.17 -6.75
CA ALA I 269 17.02 -26.81 -5.35
C ALA I 269 16.34 -25.47 -5.11
N THR I 270 15.65 -24.93 -6.11
CA THR I 270 15.12 -23.57 -6.04
C THR I 270 13.90 -23.50 -5.13
N GLU I 271 13.94 -22.58 -4.17
CA GLU I 271 12.87 -22.42 -3.19
C GLU I 271 11.87 -21.35 -3.66
N PHE I 272 10.68 -21.36 -3.07
CA PHE I 272 9.60 -20.39 -3.27
C PHE I 272 8.90 -20.53 -4.62
N ASP I 273 9.65 -20.62 -5.70
CA ASP I 273 9.06 -20.82 -7.01
C ASP I 273 8.66 -22.28 -7.21
N PRO I 274 7.52 -22.54 -7.83
CA PRO I 274 7.06 -23.94 -7.94
C PRO I 274 7.91 -24.79 -8.86
N ILE I 275 8.36 -24.28 -10.01
CA ILE I 275 9.14 -25.08 -10.95
C ILE I 275 10.31 -24.27 -11.49
N ASN I 276 11.32 -25.00 -11.97
CA ASN I 276 12.46 -24.47 -12.71
C ASN I 276 12.66 -25.33 -13.95
N SER I 277 13.55 -24.92 -14.85
CA SER I 277 13.58 -25.65 -16.11
C SER I 277 14.94 -25.49 -16.79
N PHE I 278 15.10 -26.25 -17.88
CA PHE I 278 16.35 -26.29 -18.63
C PHE I 278 16.00 -26.36 -20.11
N HIS I 279 16.46 -25.39 -20.87
CA HIS I 279 16.31 -25.41 -22.32
C HIS I 279 17.70 -25.37 -22.94
N LEU I 280 17.97 -26.32 -23.84
CA LEU I 280 19.23 -26.39 -24.58
C LEU I 280 19.03 -25.81 -25.97
N HIS I 281 19.80 -24.80 -26.32
CA HIS I 281 19.67 -24.20 -27.65
C HIS I 281 20.25 -25.11 -28.72
N ALA I 282 19.57 -25.14 -29.87
CA ALA I 282 20.11 -25.66 -31.13
C ALA I 282 20.31 -27.18 -31.12
N ASN I 283 19.87 -27.86 -30.07
CA ASN I 283 20.21 -29.26 -29.91
C ASN I 283 19.16 -29.90 -29.01
N PHE I 284 19.11 -31.23 -29.05
CA PHE I 284 18.16 -32.00 -28.26
C PHE I 284 18.92 -33.00 -27.41
N PHE I 285 18.30 -33.40 -26.31
CA PHE I 285 18.92 -34.31 -25.36
C PHE I 285 17.92 -35.38 -24.95
N ASP I 286 18.42 -36.46 -24.33
CA ASP I 286 17.59 -37.46 -23.70
C ASP I 286 17.56 -37.19 -22.20
N TYR I 287 16.41 -37.42 -21.59
CA TYR I 287 16.19 -37.13 -20.18
C TYR I 287 15.90 -38.43 -19.41
N TYR I 288 16.59 -38.59 -18.28
CA TYR I 288 16.44 -39.73 -17.37
C TYR I 288 15.93 -39.19 -16.05
N ASP I 289 14.62 -39.31 -15.82
CA ASP I 289 13.97 -38.78 -14.62
C ASP I 289 14.52 -39.46 -13.37
N HIS I 290 15.07 -38.65 -12.46
CA HIS I 290 15.77 -39.11 -11.24
C HIS I 290 17.01 -39.92 -11.57
N GLY I 291 17.28 -40.15 -12.85
CA GLY I 291 18.40 -40.98 -13.27
C GLY I 291 18.32 -42.44 -12.87
N THR I 292 17.15 -42.90 -12.41
CA THR I 292 17.00 -44.23 -11.82
C THR I 292 16.66 -45.33 -12.85
N THR I 293 16.68 -45.01 -14.14
CA THR I 293 16.62 -46.00 -15.20
C THR I 293 17.83 -45.81 -16.11
N LEU I 294 18.25 -46.89 -16.75
CA LEU I 294 19.36 -46.83 -17.71
C LEU I 294 18.89 -46.63 -19.15
N THR I 295 17.57 -46.54 -19.36
CA THR I 295 16.97 -46.09 -20.62
C THR I 295 16.24 -44.76 -20.38
N PRO I 296 16.17 -43.89 -21.39
CA PRO I 296 15.63 -42.54 -21.15
C PRO I 296 14.16 -42.54 -20.77
N THR I 297 13.77 -41.56 -19.94
CA THR I 297 12.36 -41.27 -19.70
C THR I 297 11.75 -40.54 -20.89
N LEU I 298 12.50 -39.62 -21.47
CA LEU I 298 12.09 -38.80 -22.60
C LEU I 298 13.21 -38.82 -23.63
N LYS I 299 12.86 -39.18 -24.87
CA LYS I 299 13.80 -39.13 -25.99
C LYS I 299 13.63 -37.81 -26.73
N THR I 300 14.74 -37.16 -27.04
CA THR I 300 14.80 -36.05 -28.01
C THR I 300 13.87 -34.91 -27.60
N VAL I 301 14.23 -34.26 -26.48
CA VAL I 301 13.57 -33.05 -26.04
C VAL I 301 14.63 -31.96 -25.90
N ASP I 302 14.18 -30.71 -25.88
CA ASP I 302 15.10 -29.59 -25.64
C ASP I 302 14.69 -28.70 -24.47
N THR I 303 13.53 -28.95 -23.85
CA THR I 303 13.05 -28.19 -22.71
C THR I 303 12.37 -29.15 -21.73
N ILE I 304 12.88 -29.22 -20.50
CA ILE I 304 12.22 -29.99 -19.45
C ILE I 304 12.07 -29.09 -18.22
N MET I 305 11.18 -29.50 -17.32
CA MET I 305 10.93 -28.79 -16.07
C MET I 305 10.97 -29.75 -14.90
N GLN I 306 11.28 -29.19 -13.73
CA GLN I 306 11.33 -29.91 -12.46
C GLN I 306 10.74 -29.02 -11.38
N CYS I 307 9.98 -29.62 -10.46
CA CYS I 307 9.71 -28.93 -9.22
C CYS I 307 10.90 -29.12 -8.28
N GLN I 308 10.88 -28.43 -7.14
CA GLN I 308 11.97 -28.55 -6.18
C GLN I 308 12.08 -29.99 -5.68
N GLY I 309 13.31 -30.47 -5.49
CA GLY I 309 13.52 -31.85 -5.15
C GLY I 309 13.50 -32.82 -6.32
N GLN I 310 12.96 -32.43 -7.48
CA GLN I 310 13.12 -33.26 -8.66
C GLN I 310 14.50 -33.01 -9.29
N ARG I 311 14.93 -33.98 -10.09
CA ARG I 311 16.27 -33.96 -10.67
C ARG I 311 16.32 -35.07 -11.71
N GLY I 312 17.36 -35.03 -12.54
CA GLY I 312 17.50 -36.05 -13.57
C GLY I 312 18.80 -35.90 -14.30
N ILE I 313 19.00 -36.77 -15.29
CA ILE I 313 20.23 -36.82 -16.08
C ILE I 313 19.90 -36.44 -17.51
N LEU I 314 20.70 -35.54 -18.08
CA LEU I 314 20.55 -35.13 -19.49
C LEU I 314 21.77 -35.64 -20.26
N GLU I 315 21.52 -36.20 -21.45
CA GLU I 315 22.60 -36.68 -22.30
C GLU I 315 22.37 -36.16 -23.71
N PHE I 316 23.43 -35.62 -24.31
CA PHE I 316 23.34 -35.08 -25.64
C PHE I 316 24.75 -35.06 -26.22
N SER I 317 24.84 -34.68 -27.49
CA SER I 317 26.14 -34.63 -28.15
C SER I 317 26.12 -33.48 -29.13
N PHE I 318 27.24 -32.74 -29.19
CA PHE I 318 27.42 -31.71 -30.19
C PHE I 318 28.32 -32.18 -31.32
N ASN I 319 28.45 -33.50 -31.49
CA ASN I 319 29.23 -34.05 -32.59
C ASN I 319 28.70 -33.55 -33.92
N GLY I 320 29.61 -33.12 -34.80
CA GLY I 320 29.27 -32.59 -36.11
C GLY I 320 28.83 -31.14 -36.14
N PHE I 321 28.65 -30.49 -34.99
CA PHE I 321 28.16 -29.12 -34.99
C PHE I 321 29.28 -28.14 -35.33
N GLU I 322 28.88 -27.02 -35.90
CA GLU I 322 29.77 -25.89 -36.07
C GLU I 322 30.28 -25.43 -34.69
N PRO I 323 31.58 -25.21 -34.52
CA PRO I 323 32.08 -24.64 -33.26
C PRO I 323 31.46 -23.27 -32.98
N GLY I 324 31.25 -22.98 -31.69
CA GLY I 324 30.66 -21.72 -31.28
C GLY I 324 29.98 -21.84 -29.94
N LEU I 325 29.21 -20.80 -29.60
CA LEU I 325 28.52 -20.71 -28.32
C LEU I 325 27.09 -21.24 -28.43
N TYR I 326 26.73 -22.19 -27.57
CA TYR I 326 25.40 -22.80 -27.54
C TYR I 326 24.81 -22.56 -26.17
N MET I 327 23.69 -21.85 -26.11
CA MET I 327 23.13 -21.34 -24.87
C MET I 327 22.26 -22.40 -24.18
N PHE I 328 22.26 -22.37 -22.85
CA PHE I 328 21.32 -23.13 -22.03
C PHE I 328 20.82 -22.24 -20.90
N HIS I 329 19.54 -22.33 -20.58
CA HIS I 329 18.94 -21.44 -19.60
C HIS I 329 17.56 -21.97 -19.24
N ALA I 330 17.03 -21.46 -18.14
CA ALA I 330 15.63 -21.71 -17.81
C ALA I 330 14.72 -21.10 -18.86
N HIS I 331 13.63 -21.79 -19.17
CA HIS I 331 12.62 -21.22 -20.03
C HIS I 331 11.57 -20.43 -19.25
N GLN I 332 11.77 -20.23 -17.94
CA GLN I 332 11.11 -19.13 -17.22
C GLN I 332 11.97 -17.90 -17.46
N SER I 333 11.51 -17.02 -18.36
CA SER I 333 12.35 -15.99 -18.94
C SER I 333 12.98 -15.09 -17.89
N GLU I 334 12.25 -14.78 -16.81
CA GLU I 334 12.82 -13.90 -15.80
C GLU I 334 13.94 -14.60 -15.02
N PHE I 335 13.81 -15.91 -14.77
CA PHE I 335 14.92 -16.62 -14.13
C PHE I 335 16.20 -16.45 -14.95
N ALA I 336 16.10 -16.64 -16.27
CA ALA I 336 17.26 -16.51 -17.14
C ALA I 336 17.82 -15.08 -17.09
N GLU I 337 16.94 -14.09 -17.14
CA GLU I 337 17.36 -12.70 -17.04
C GLU I 337 18.09 -12.42 -15.73
N LEU I 338 17.70 -13.09 -14.64
CA LEU I 338 18.22 -12.82 -13.32
C LEU I 338 19.38 -13.72 -12.92
N GLY I 339 19.96 -14.47 -13.89
CA GLY I 339 21.21 -15.19 -13.64
C GLY I 339 21.27 -16.64 -14.10
N TRP I 340 20.12 -17.29 -14.33
CA TRP I 340 20.08 -18.69 -14.74
CA TRP I 340 20.10 -18.70 -14.74
C TRP I 340 20.14 -18.77 -16.27
N MET I 341 21.33 -18.50 -16.79
CA MET I 341 21.64 -18.57 -18.21
C MET I 341 23.13 -18.81 -18.36
N GLY I 342 23.51 -19.72 -19.26
CA GLY I 342 24.90 -20.00 -19.52
C GLY I 342 25.15 -20.29 -20.99
N ASN I 343 26.42 -20.37 -21.35
CA ASN I 343 26.85 -20.84 -22.67
C ASN I 343 27.72 -22.08 -22.57
N PHE I 344 27.48 -23.04 -23.46
CA PHE I 344 28.49 -24.04 -23.80
C PHE I 344 29.32 -23.49 -24.94
N GLU I 345 30.64 -23.65 -24.85
CA GLU I 345 31.50 -23.32 -25.98
C GLU I 345 31.96 -24.62 -26.61
N VAL I 346 31.41 -24.94 -27.77
CA VAL I 346 31.75 -26.15 -28.49
C VAL I 346 33.02 -25.87 -29.30
N ILE I 347 34.04 -26.68 -29.09
CA ILE I 347 35.29 -26.48 -29.80
C ILE I 347 35.56 -27.70 -30.67
N GLU I 348 36.27 -27.47 -31.78
CA GLU I 348 36.60 -28.52 -32.74
C GLU I 348 37.50 -29.57 -32.09
N GLY J 50 -29.39 -22.23 15.40
CA GLY J 50 -30.54 -21.92 16.22
C GLY J 50 -31.54 -21.00 15.54
N PHE J 51 -31.05 -19.97 14.86
CA PHE J 51 -31.94 -18.99 14.23
C PHE J 51 -32.56 -19.60 12.97
N ASP J 52 -33.84 -19.32 12.78
CA ASP J 52 -34.58 -19.89 11.64
C ASP J 52 -35.12 -18.75 10.79
N PRO J 53 -34.44 -18.38 9.69
CA PRO J 53 -34.96 -17.30 8.84
C PRO J 53 -36.32 -17.61 8.24
N TYR J 54 -36.70 -18.89 8.15
CA TYR J 54 -37.98 -19.22 7.51
C TYR J 54 -39.14 -19.00 8.48
N ALA J 55 -39.01 -19.46 9.72
CA ALA J 55 -40.02 -19.16 10.73
C ALA J 55 -40.08 -17.66 11.04
N PHE J 56 -38.92 -16.99 11.04
CA PHE J 56 -38.89 -15.56 11.37
C PHE J 56 -39.80 -14.74 10.45
N LEU J 57 -40.02 -15.19 9.21
CA LEU J 57 -40.79 -14.39 8.24
C LEU J 57 -42.18 -14.05 8.76
N THR J 58 -42.84 -15.01 9.41
CA THR J 58 -44.23 -14.87 9.84
C THR J 58 -44.38 -14.87 11.36
N HIS J 59 -43.31 -14.62 12.11
CA HIS J 59 -43.37 -14.70 13.57
C HIS J 59 -43.62 -13.31 14.16
N TRP J 60 -44.72 -13.18 14.90
CA TRP J 60 -45.10 -11.92 15.54
C TRP J 60 -45.11 -12.15 17.05
N GLU J 61 -44.29 -11.38 17.79
CA GLU J 61 -44.38 -11.37 19.24
C GLU J 61 -45.35 -10.25 19.64
N THR J 62 -46.49 -10.65 20.21
CA THR J 62 -47.53 -9.69 20.53
C THR J 62 -47.64 -9.41 22.01
N GLY J 63 -46.79 -10.06 22.82
CA GLY J 63 -46.60 -9.71 24.21
C GLY J 63 -47.57 -10.42 25.13
N GLU J 64 -47.34 -10.23 26.42
CA GLU J 64 -48.27 -10.66 27.45
C GLU J 64 -49.30 -9.57 27.64
N VAL J 65 -50.57 -9.91 27.41
CA VAL J 65 -51.64 -8.92 27.27
C VAL J 65 -52.42 -8.84 28.57
N SER J 66 -52.91 -7.63 28.88
CA SER J 66 -53.75 -7.40 30.03
C SER J 66 -54.44 -6.05 29.85
N THR J 67 -55.31 -5.70 30.79
CA THR J 67 -56.07 -4.47 30.71
C THR J 67 -55.80 -3.61 31.93
N LEU J 68 -55.44 -2.35 31.68
CA LEU J 68 -55.19 -1.36 32.72
C LEU J 68 -56.51 -0.86 33.30
N PRO J 69 -56.48 -0.34 34.54
CA PRO J 69 -57.71 0.22 35.15
C PRO J 69 -58.54 1.06 34.20
N SER J 70 -57.89 1.93 33.42
CA SER J 70 -58.59 2.78 32.45
C SER J 70 -59.25 2.00 31.32
N GLY J 71 -58.97 0.71 31.18
CA GLY J 71 -59.40 -0.03 30.01
C GLY J 71 -58.43 -0.05 28.85
N GLN J 72 -57.33 0.72 28.92
CA GLN J 72 -56.30 0.62 27.89
C GLN J 72 -55.68 -0.78 27.90
N THR J 73 -55.49 -1.35 26.71
CA THR J 73 -54.76 -2.60 26.58
C THR J 73 -53.28 -2.37 26.87
N LEU J 74 -52.70 -3.29 27.64
CA LEU J 74 -51.29 -3.26 27.98
C LEU J 74 -50.62 -4.48 27.37
N ARG J 75 -49.43 -4.28 26.77
CA ARG J 75 -48.67 -5.39 26.21
C ARG J 75 -47.26 -5.34 26.79
N GLU J 76 -46.83 -6.46 27.37
CA GLU J 76 -45.55 -6.54 28.06
C GLU J 76 -44.59 -7.46 27.31
N PHE J 77 -43.35 -7.00 27.15
CA PHE J 77 -42.31 -7.74 26.45
C PHE J 77 -41.08 -7.85 27.34
N ASN J 78 -40.32 -8.93 27.16
CA ASN J 78 -39.07 -9.15 27.87
C ASN J 78 -37.93 -9.27 26.86
N ILE J 79 -36.94 -8.38 26.98
CA ILE J 79 -35.82 -8.33 26.05
C ILE J 79 -34.54 -8.41 26.85
N VAL J 80 -33.70 -9.40 26.53
CA VAL J 80 -32.37 -9.56 27.12
C VAL J 80 -31.34 -9.31 26.01
N ALA J 81 -30.43 -8.36 26.25
CA ALA J 81 -29.26 -8.21 25.39
C ALA J 81 -28.21 -9.23 25.82
N VAL J 82 -27.77 -10.07 24.88
CA VAL J 82 -26.80 -11.10 25.18
C VAL J 82 -25.83 -11.23 24.01
N ASP J 83 -24.53 -11.36 24.34
CA ASP J 83 -23.50 -11.62 23.34
C ASP J 83 -23.61 -13.05 22.85
N LYS J 84 -23.65 -13.24 21.54
CA LYS J 84 -23.91 -14.58 21.07
C LYS J 84 -23.37 -14.73 19.66
N GLU J 85 -22.88 -15.93 19.39
CA GLU J 85 -22.50 -16.31 18.04
C GLU J 85 -23.76 -16.49 17.18
N ILE J 86 -23.73 -15.97 15.95
CA ILE J 86 -24.77 -16.25 14.97
C ILE J 86 -24.11 -16.77 13.70
N GLU J 87 -24.90 -17.48 12.90
CA GLU J 87 -24.44 -18.07 11.64
C GLU J 87 -25.11 -17.33 10.50
N ILE J 88 -24.32 -16.61 9.69
CA ILE J 88 -24.88 -15.81 8.60
C ILE J 88 -24.76 -16.52 7.24
N ALA J 89 -24.24 -17.74 7.22
CA ALA J 89 -24.00 -18.64 6.10
C ALA J 89 -23.38 -19.88 6.74
N PRO J 90 -23.57 -21.08 6.21
CA PRO J 90 -23.10 -22.29 6.94
C PRO J 90 -21.59 -22.32 7.06
N GLY J 91 -21.12 -22.24 8.31
CA GLY J 91 -19.70 -22.18 8.60
C GLY J 91 -19.11 -20.79 8.69
N VAL J 92 -19.92 -19.74 8.53
CA VAL J 92 -19.50 -18.35 8.76
C VAL J 92 -20.13 -17.90 10.07
N TYR J 93 -19.30 -17.75 11.09
CA TYR J 93 -19.75 -17.37 12.42
C TYR J 93 -19.39 -15.92 12.66
N PHE J 94 -20.35 -15.16 13.19
CA PHE J 94 -20.21 -13.76 13.42
C PHE J 94 -20.43 -13.50 14.91
N PRO J 95 -19.55 -12.75 15.57
CA PRO J 95 -19.72 -12.51 17.00
C PRO J 95 -20.70 -11.37 17.24
N ALA J 96 -21.94 -11.71 17.53
CA ALA J 96 -23.02 -10.73 17.57
C ALA J 96 -23.32 -10.26 18.99
N TRP J 97 -23.88 -9.06 19.06
CA TRP J 97 -24.65 -8.60 20.21
C TRP J 97 -26.13 -8.67 19.82
N THR J 98 -26.93 -9.38 20.61
CA THR J 98 -28.27 -9.77 20.17
C THR J 98 -29.32 -9.42 21.22
N TYR J 99 -30.53 -9.19 20.73
CA TYR J 99 -31.71 -9.12 21.57
C TYR J 99 -32.35 -10.50 21.59
N ASN J 100 -32.41 -11.12 22.77
CA ASN J 100 -33.04 -12.43 22.97
C ASN J 100 -32.39 -13.53 22.12
N GLY J 101 -31.10 -13.41 21.83
CA GLY J 101 -30.36 -14.49 21.23
C GLY J 101 -30.46 -14.61 19.72
N GLN J 102 -31.01 -13.62 19.03
CA GLN J 102 -31.24 -13.72 17.59
C GLN J 102 -30.97 -12.38 16.93
N VAL J 103 -30.58 -12.45 15.65
CA VAL J 103 -30.43 -11.27 14.80
C VAL J 103 -31.22 -11.51 13.52
N PRO J 104 -32.22 -10.69 13.18
CA PRO J 104 -32.72 -9.54 13.94
C PRO J 104 -33.37 -9.95 15.25
N GLY J 105 -33.61 -8.99 16.15
CA GLY J 105 -34.30 -9.26 17.37
C GLY J 105 -35.75 -9.64 17.12
N PRO J 106 -36.47 -9.98 18.20
CA PRO J 106 -37.89 -10.34 18.07
C PRO J 106 -38.68 -9.26 17.33
N THR J 107 -39.59 -9.68 16.46
CA THR J 107 -40.50 -8.73 15.84
C THR J 107 -41.65 -8.47 16.81
N LEU J 108 -41.76 -7.22 17.26
CA LEU J 108 -42.80 -6.83 18.20
C LEU J 108 -43.95 -6.22 17.41
N ARG J 109 -45.16 -6.73 17.64
CA ARG J 109 -46.33 -6.27 16.91
C ARG J 109 -47.45 -5.96 17.89
N VAL J 110 -47.90 -4.71 17.89
CA VAL J 110 -48.91 -4.20 18.81
C VAL J 110 -49.96 -3.45 17.99
N THR J 111 -50.95 -2.89 18.69
CA THR J 111 -52.02 -2.11 18.07
C THR J 111 -51.89 -0.65 18.49
N GLU J 112 -52.13 0.26 17.53
CA GLU J 112 -52.19 1.70 17.79
C GLU J 112 -52.95 2.00 19.08
N GLY J 113 -52.31 2.74 19.99
CA GLY J 113 -52.93 3.11 21.24
C GLY J 113 -52.67 2.16 22.41
N ASP J 114 -52.10 0.98 22.16
CA ASP J 114 -51.75 0.10 23.26
C ASP J 114 -50.70 0.77 24.14
N ARG J 115 -50.74 0.45 25.44
CA ARG J 115 -49.63 0.74 26.33
C ARG J 115 -48.60 -0.38 26.19
N VAL J 116 -47.35 -0.01 25.90
CA VAL J 116 -46.27 -0.98 25.69
C VAL J 116 -45.29 -0.86 26.84
N ARG J 117 -44.90 -2.00 27.41
CA ARG J 117 -43.86 -2.09 28.41
C ARG J 117 -42.82 -3.10 27.96
N VAL J 118 -41.59 -2.66 27.78
CA VAL J 118 -40.50 -3.53 27.36
C VAL J 118 -39.52 -3.60 28.52
N HIS J 119 -39.54 -4.73 29.23
CA HIS J 119 -38.57 -4.98 30.29
C HIS J 119 -37.26 -5.39 29.66
N PHE J 120 -36.23 -4.57 29.85
CA PHE J 120 -34.95 -4.74 29.17
C PHE J 120 -33.87 -5.02 30.20
N HIS J 121 -33.18 -6.14 30.03
CA HIS J 121 -32.06 -6.53 30.87
C HIS J 121 -30.81 -6.72 30.00
N ASN J 122 -29.67 -6.21 30.47
CA ASN J 122 -28.39 -6.36 29.79
C ASN J 122 -27.63 -7.50 30.43
N ALA J 123 -27.53 -8.62 29.71
CA ALA J 123 -26.73 -9.75 30.16
C ALA J 123 -25.44 -9.88 29.35
N GLY J 124 -25.03 -8.82 28.66
CA GLY J 124 -23.81 -8.82 27.87
C GLY J 124 -22.65 -8.18 28.61
N SER J 125 -21.62 -7.82 27.85
CA SER J 125 -20.42 -7.28 28.45
C SER J 125 -20.17 -5.81 28.12
N HIS J 126 -20.99 -5.20 27.26
CA HIS J 126 -20.95 -3.78 26.94
C HIS J 126 -22.30 -3.11 27.24
N PRO J 127 -22.32 -1.81 27.51
CA PRO J 127 -23.61 -1.13 27.69
C PRO J 127 -24.42 -1.10 26.40
N HIS J 128 -25.75 -1.14 26.55
CA HIS J 128 -26.69 -1.09 25.43
C HIS J 128 -27.95 -0.31 25.83
N THR J 129 -28.72 0.08 24.81
CA THR J 129 -30.07 0.64 24.96
C THR J 129 -31.00 -0.03 23.96
N ILE J 130 -32.27 0.35 24.01
CA ILE J 130 -33.21 0.14 22.92
C ILE J 130 -33.76 1.51 22.53
N HIS J 131 -33.46 1.96 21.32
CA HIS J 131 -34.07 3.17 20.76
C HIS J 131 -35.19 2.73 19.82
N PHE J 132 -36.44 3.00 20.21
CA PHE J 132 -37.57 2.78 19.33
C PHE J 132 -37.73 3.94 18.35
N HIS J 133 -38.00 3.61 17.09
CA HIS J 133 -38.55 4.58 16.14
C HIS J 133 -40.06 4.61 16.37
N GLY J 134 -40.51 5.62 17.10
CA GLY J 134 -41.90 5.74 17.50
C GLY J 134 -42.00 6.94 18.42
N ILE J 135 -43.23 7.30 18.76
CA ILE J 135 -43.48 8.46 19.61
C ILE J 135 -43.38 8.02 21.07
N HIS J 136 -42.61 8.74 21.87
CA HIS J 136 -42.41 8.39 23.28
C HIS J 136 -41.71 9.56 23.98
N PRO J 137 -41.74 9.58 25.32
CA PRO J 137 -41.04 10.64 26.07
C PRO J 137 -39.52 10.55 25.93
N ALA J 138 -38.87 11.70 26.13
CA ALA J 138 -37.41 11.78 26.00
C ALA J 138 -36.71 10.76 26.89
N SER J 139 -37.21 10.56 28.10
CA SER J 139 -36.55 9.64 29.03
C SER J 139 -36.73 8.20 28.62
N MET J 140 -37.58 7.92 27.63
CA MET J 140 -37.79 6.57 27.11
C MET J 140 -37.13 6.35 25.76
N ASP J 141 -36.23 7.23 25.34
CA ASP J 141 -35.77 7.23 23.94
C ASP J 141 -34.57 6.34 23.71
N GLY J 142 -33.99 5.76 24.76
CA GLY J 142 -32.88 4.81 24.59
C GLY J 142 -31.64 5.40 23.96
N VAL J 143 -31.31 6.65 24.28
CA VAL J 143 -30.04 7.25 23.86
C VAL J 143 -29.16 7.43 25.08
N PRO J 144 -27.83 7.50 24.91
CA PRO J 144 -26.97 7.77 26.06
C PRO J 144 -27.27 9.15 26.64
N GLY J 145 -27.30 9.24 27.96
CA GLY J 145 -27.28 10.56 28.58
C GLY J 145 -28.62 11.18 28.94
N THR J 146 -29.75 10.64 28.48
CA THR J 146 -31.06 11.05 28.97
C THR J 146 -31.78 9.86 29.61
N GLY J 147 -32.78 10.15 30.45
CA GLY J 147 -33.39 9.13 31.26
C GLY J 147 -32.34 8.32 31.99
N PRO J 148 -32.48 6.99 31.95
CA PRO J 148 -31.44 6.12 32.55
C PRO J 148 -30.15 6.05 31.76
N GLY J 149 -30.11 6.62 30.54
CA GLY J 149 -28.91 6.48 29.72
C GLY J 149 -28.72 5.06 29.21
N MET J 150 -27.45 4.68 29.05
CA MET J 150 -27.15 3.32 28.63
C MET J 150 -27.38 2.37 29.79
N ILE J 151 -27.84 1.16 29.47
CA ILE J 151 -28.07 0.10 30.45
C ILE J 151 -26.81 -0.77 30.47
N TYR J 152 -26.15 -0.84 31.62
CA TYR J 152 -24.85 -1.49 31.75
C TYR J 152 -25.03 -2.96 32.07
N PRO J 153 -23.97 -3.77 31.92
CA PRO J 153 -24.08 -5.20 32.27
C PRO J 153 -24.72 -5.41 33.65
N GLY J 154 -25.75 -6.26 33.69
CA GLY J 154 -26.43 -6.58 34.92
C GLY J 154 -27.57 -5.66 35.30
N GLU J 155 -27.72 -4.51 34.64
CA GLU J 155 -28.78 -3.57 34.97
C GLU J 155 -30.04 -3.89 34.17
N SER J 156 -31.13 -3.22 34.55
CA SER J 156 -32.43 -3.38 33.91
C SER J 156 -33.11 -2.02 33.80
N PHE J 157 -34.07 -1.95 32.88
CA PHE J 157 -34.89 -0.75 32.70
C PHE J 157 -36.14 -1.14 31.94
N THR J 158 -37.25 -0.50 32.25
CA THR J 158 -38.51 -0.74 31.53
C THR J 158 -38.84 0.46 30.66
N TYR J 159 -38.71 0.28 29.35
CA TYR J 159 -39.23 1.27 28.41
C TYR J 159 -40.76 1.19 28.40
N GLU J 160 -41.40 2.35 28.44
CA GLU J 160 -42.85 2.41 28.55
C GLU J 160 -43.37 3.60 27.76
N PHE J 161 -44.40 3.35 26.96
CA PHE J 161 -44.95 4.40 26.11
C PHE J 161 -46.23 3.87 25.51
N ASP J 162 -47.04 4.79 24.98
CA ASP J 162 -48.21 4.44 24.18
C ASP J 162 -47.80 4.27 22.71
N ALA J 163 -48.34 3.23 22.08
CA ALA J 163 -47.91 2.83 20.73
C ALA J 163 -48.50 3.76 19.67
N TYR J 164 -47.72 4.74 19.25
CA TYR J 164 -48.05 5.65 18.15
C TYR J 164 -46.77 5.96 17.38
N PRO J 165 -46.87 6.27 16.07
CA PRO J 165 -48.10 6.22 15.28
C PRO J 165 -48.22 4.85 14.65
N PHE J 166 -49.38 4.49 14.11
CA PHE J 166 -49.45 3.22 13.40
C PHE J 166 -48.51 3.25 12.20
N GLY J 167 -47.92 2.11 11.90
CA GLY J 167 -47.04 2.01 10.76
C GLY J 167 -46.03 0.90 10.98
N CYS J 168 -45.06 0.89 10.08
CA CYS J 168 -43.95 -0.06 10.11
C CYS J 168 -42.74 0.66 10.72
N HIS J 169 -42.21 0.12 11.82
CA HIS J 169 -41.11 0.79 12.50
C HIS J 169 -40.01 -0.21 12.88
N LEU J 170 -39.08 0.22 13.73
CA LEU J 170 -37.98 -0.62 14.13
C LEU J 170 -37.43 -0.13 15.46
N TYR J 171 -36.54 -0.92 16.02
CA TYR J 171 -35.79 -0.55 17.21
C TYR J 171 -34.35 -1.01 17.01
N HIS J 172 -33.43 -0.32 17.66
CA HIS J 172 -32.03 -0.73 17.60
C HIS J 172 -31.30 -0.07 18.76
N CYS J 173 -30.10 -0.57 19.02
CA CYS J 173 -29.26 0.04 20.04
C CYS J 173 -28.75 1.40 19.58
N HIS J 174 -28.67 2.35 20.51
CA HIS J 174 -28.07 3.66 20.27
C HIS J 174 -27.05 3.88 21.40
N ALA J 175 -25.88 3.27 21.27
CA ALA J 175 -24.81 3.44 22.25
C ALA J 175 -23.59 4.06 21.56
N ILE J 176 -22.40 3.88 22.11
CA ILE J 176 -21.20 4.59 21.66
C ILE J 176 -20.18 3.56 21.20
N PRO J 177 -19.67 3.63 19.95
CA PRO J 177 -20.21 4.53 18.93
C PRO J 177 -21.44 3.91 18.25
N LEU J 178 -22.23 4.77 17.61
CA LEU J 178 -23.54 4.36 17.12
C LEU J 178 -23.44 3.19 16.15
N LYS J 179 -22.51 3.26 15.19
CA LYS J 179 -22.45 2.22 14.15
C LYS J 179 -22.05 0.86 14.72
N ARG J 180 -21.27 0.83 15.81
CA ARG J 180 -20.76 -0.45 16.30
C ARG J 180 -21.88 -1.34 16.82
N HIS J 181 -22.78 -0.77 17.62
CA HIS J 181 -23.82 -1.58 18.27
C HIS J 181 -24.90 -2.00 17.28
N ILE J 182 -25.18 -1.18 16.26
CA ILE J 182 -26.14 -1.60 15.24
C ILE J 182 -25.56 -2.74 14.43
N HIS J 183 -24.35 -2.55 13.89
CA HIS J 183 -23.74 -3.58 13.06
C HIS J 183 -23.65 -4.91 13.81
N LYS J 184 -23.32 -4.87 15.10
CA LYS J 184 -23.12 -6.10 15.86
C LYS J 184 -24.38 -6.93 16.01
N GLY J 185 -25.56 -6.38 15.70
CA GLY J 185 -26.78 -7.17 15.60
C GLY J 185 -27.98 -6.67 16.38
N LEU J 186 -27.85 -5.52 17.05
CA LEU J 186 -28.90 -5.03 17.97
C LEU J 186 -29.91 -4.17 17.21
N TYR J 187 -30.81 -4.84 16.50
CA TYR J 187 -31.90 -4.18 15.79
C TYR J 187 -33.02 -5.20 15.59
N GLY J 188 -34.24 -4.68 15.41
CA GLY J 188 -35.40 -5.52 15.19
C GLY J 188 -36.58 -4.71 14.66
N ALA J 189 -37.66 -5.43 14.35
CA ALA J 189 -38.87 -4.86 13.76
C ALA J 189 -39.88 -4.49 14.85
N PHE J 190 -40.59 -3.38 14.64
CA PHE J 190 -41.58 -2.90 15.58
C PHE J 190 -42.80 -2.46 14.76
N ILE J 191 -43.87 -3.24 14.77
CA ILE J 191 -45.03 -2.98 13.93
C ILE J 191 -46.19 -2.55 14.82
N ILE J 192 -46.81 -1.42 14.48
CA ILE J 192 -47.98 -0.89 15.19
C ILE J 192 -49.15 -0.93 14.21
N ASP J 193 -50.05 -1.88 14.42
CA ASP J 193 -51.25 -2.00 13.58
C ASP J 193 -52.17 -0.81 13.79
N PRO J 194 -52.81 -0.31 12.73
CA PRO J 194 -53.83 0.72 12.92
C PRO J 194 -55.02 0.16 13.68
N ASP J 195 -55.62 1.00 14.53
CA ASP J 195 -56.87 0.63 15.19
C ASP J 195 -58.00 1.00 14.24
N PRO J 196 -58.74 0.02 13.68
CA PRO J 196 -59.77 0.35 12.69
C PRO J 196 -60.80 1.36 13.17
N GLU J 197 -61.18 1.34 14.45
CA GLU J 197 -62.17 2.28 14.96
C GLU J 197 -61.68 3.73 14.88
N ARG J 198 -60.37 3.94 14.80
CA ARG J 198 -59.79 5.27 14.71
C ARG J 198 -59.67 5.76 13.27
N HIS J 199 -60.05 4.96 12.29
CA HIS J 199 -59.88 5.32 10.88
C HIS J 199 -61.11 4.85 10.09
N PRO J 200 -62.26 5.51 10.29
CA PRO J 200 -63.48 5.09 9.57
C PRO J 200 -63.41 5.29 8.07
N GLU J 201 -62.71 6.33 7.60
CA GLU J 201 -62.58 6.52 6.16
C GLU J 201 -61.82 5.39 5.48
N TYR J 202 -60.99 4.66 6.22
CA TYR J 202 -60.17 3.59 5.66
C TYR J 202 -60.29 2.32 6.48
N GLN J 203 -61.52 2.02 6.91
CA GLN J 203 -61.72 0.93 7.87
C GLN J 203 -61.33 -0.43 7.29
N ALA J 204 -61.59 -0.64 6.01
CA ALA J 204 -61.23 -1.91 5.39
C ALA J 204 -59.71 -2.07 5.29
N ALA J 205 -59.02 -1.00 4.91
CA ALA J 205 -57.57 -1.08 4.82
C ALA J 205 -56.96 -1.32 6.19
N ALA J 206 -57.51 -0.68 7.22
CA ALA J 206 -57.00 -0.86 8.57
C ALA J 206 -57.27 -2.27 9.07
N ARG J 207 -58.48 -2.78 8.83
CA ARG J 207 -58.80 -4.15 9.28
C ARG J 207 -57.84 -5.17 8.67
N ALA J 208 -57.44 -4.98 7.41
CA ALA J 208 -56.55 -5.95 6.78
C ALA J 208 -55.14 -5.94 7.38
N ARG J 209 -54.78 -4.90 8.13
CA ARG J 209 -53.50 -4.83 8.82
C ARG J 209 -53.56 -5.27 10.28
N LEU J 210 -54.75 -5.36 10.87
CA LEU J 210 -54.88 -5.69 12.28
C LEU J 210 -54.70 -7.19 12.44
N LEU J 211 -53.60 -7.59 13.06
CA LEU J 211 -53.26 -9.00 13.20
C LEU J 211 -54.43 -9.77 13.82
N GLY J 212 -54.92 -10.77 13.11
CA GLY J 212 -55.91 -11.69 13.63
C GLY J 212 -57.30 -11.55 13.05
N THR J 213 -57.65 -10.39 12.49
CA THR J 213 -58.96 -10.27 11.85
C THR J 213 -59.08 -11.25 10.69
N PRO J 214 -60.30 -11.62 10.30
CA PRO J 214 -60.45 -12.42 9.07
C PRO J 214 -59.90 -11.75 7.82
N GLU J 215 -60.03 -10.43 7.69
CA GLU J 215 -59.45 -9.73 6.56
C GLU J 215 -57.93 -9.87 6.57
N ASN J 216 -57.32 -9.78 7.76
CA ASN J 216 -55.86 -9.87 7.85
C ASN J 216 -55.38 -11.30 7.59
N GLN J 217 -56.16 -12.30 7.99
CA GLN J 217 -55.77 -13.69 7.72
C GLN J 217 -55.71 -13.99 6.23
N ALA J 218 -56.49 -13.29 5.41
CA ALA J 218 -56.40 -13.52 3.97
C ALA J 218 -55.06 -13.09 3.40
N TRP J 219 -54.43 -12.08 3.99
CA TRP J 219 -53.13 -11.61 3.54
C TRP J 219 -52.02 -12.56 3.98
N GLN J 220 -51.02 -12.71 3.10
CA GLN J 220 -49.76 -13.35 3.46
C GLN J 220 -48.79 -12.24 3.83
N GLU J 221 -48.51 -12.09 5.13
CA GLU J 221 -47.60 -11.06 5.63
C GLU J 221 -46.23 -11.60 5.99
N PHE J 222 -45.19 -10.83 5.63
CA PHE J 222 -43.82 -11.21 5.91
C PHE J 222 -43.05 -10.02 6.43
N VAL J 223 -42.13 -10.26 7.34
CA VAL J 223 -41.21 -9.24 7.81
C VAL J 223 -39.82 -9.54 7.25
N MET J 224 -39.18 -8.51 6.72
CA MET J 224 -37.89 -8.66 6.05
C MET J 224 -36.98 -7.51 6.48
N VAL J 225 -35.90 -7.85 7.19
CA VAL J 225 -34.90 -6.87 7.61
C VAL J 225 -33.67 -7.04 6.72
N MET J 226 -33.36 -6.02 5.93
CA MET J 226 -32.13 -6.00 5.13
C MET J 226 -30.95 -5.66 6.04
N ASN J 227 -29.99 -6.57 6.16
CA ASN J 227 -28.84 -6.35 7.02
C ASN J 227 -27.57 -6.81 6.31
N GLY J 228 -26.44 -6.61 6.98
CA GLY J 228 -25.13 -6.87 6.40
C GLY J 228 -24.09 -7.02 7.49
N PHE J 229 -23.03 -7.74 7.15
CA PHE J 229 -22.05 -8.13 8.16
C PHE J 229 -20.65 -7.87 7.64
N ASP J 230 -19.87 -7.16 8.45
CA ASP J 230 -18.48 -6.81 8.18
C ASP J 230 -17.64 -7.80 9.00
N THR J 231 -17.29 -8.94 8.38
CA THR J 231 -16.73 -10.03 9.17
C THR J 231 -15.29 -9.79 9.61
N ASN J 232 -14.53 -8.92 8.94
CA ASN J 232 -13.19 -8.58 9.41
C ASN J 232 -13.10 -7.17 9.98
N PHE J 233 -14.25 -6.53 10.25
CA PHE J 233 -14.33 -5.30 11.04
C PHE J 233 -13.40 -4.20 10.48
N ASP J 234 -13.53 -3.95 9.19
CA ASP J 234 -12.89 -2.81 8.55
C ASP J 234 -13.92 -1.82 8.00
N GLU J 235 -15.15 -1.88 8.50
CA GLU J 235 -16.24 -0.96 8.16
C GLU J 235 -16.72 -1.10 6.72
N GLU J 236 -16.54 -2.28 6.12
CA GLU J 236 -17.06 -2.63 4.80
C GLU J 236 -17.66 -4.02 4.87
N ASN J 237 -18.91 -4.18 4.42
CA ASN J 237 -19.60 -5.46 4.58
C ASN J 237 -19.06 -6.52 3.63
N GLU J 238 -18.96 -7.75 4.14
CA GLU J 238 -18.64 -8.92 3.33
C GLU J 238 -19.89 -9.69 2.90
N VAL J 239 -20.92 -9.69 3.73
CA VAL J 239 -22.13 -10.48 3.54
C VAL J 239 -23.32 -9.54 3.64
N TYR J 240 -24.30 -9.74 2.75
CA TYR J 240 -25.57 -9.04 2.79
C TYR J 240 -26.66 -10.09 2.85
N ALA J 241 -27.83 -9.69 3.35
CA ALA J 241 -28.91 -10.64 3.43
C ALA J 241 -30.21 -9.90 3.64
N VAL J 242 -31.30 -10.63 3.45
CA VAL J 242 -32.57 -10.30 4.08
CA VAL J 242 -32.58 -10.31 4.08
C VAL J 242 -32.77 -11.33 5.19
N ASN J 243 -32.94 -10.84 6.42
CA ASN J 243 -33.07 -11.71 7.61
C ASN J 243 -31.82 -12.56 7.84
N THR J 244 -30.64 -11.95 7.66
CA THR J 244 -29.37 -12.43 8.23
C THR J 244 -28.67 -13.55 7.45
N VAL J 245 -29.37 -14.60 7.05
CA VAL J 245 -28.73 -15.75 6.41
C VAL J 245 -28.61 -15.48 4.91
N ALA J 246 -27.38 -15.30 4.42
CA ALA J 246 -27.13 -15.06 3.01
C ALA J 246 -27.81 -16.11 2.13
N HIS J 247 -28.64 -15.65 1.18
CA HIS J 247 -29.30 -16.49 0.17
C HIS J 247 -30.23 -17.54 0.78
N ALA J 248 -30.75 -17.28 1.99
CA ALA J 248 -31.64 -18.24 2.65
C ALA J 248 -32.81 -18.64 1.76
N TYR J 249 -33.41 -17.66 1.07
CA TYR J 249 -34.61 -17.89 0.27
C TYR J 249 -34.29 -18.25 -1.17
N MET J 250 -33.01 -18.39 -1.52
CA MET J 250 -32.65 -19.14 -2.72
C MET J 250 -32.59 -20.62 -2.40
N LYS J 251 -32.01 -20.96 -1.23
CA LYS J 251 -31.95 -22.35 -0.80
C LYS J 251 -33.35 -22.91 -0.62
N ARG J 252 -34.26 -22.11 -0.06
CA ARG J 252 -35.61 -22.55 0.27
C ARG J 252 -36.53 -21.37 -0.01
N PRO J 253 -37.18 -21.32 -1.17
CA PRO J 253 -37.98 -20.15 -1.54
C PRO J 253 -39.18 -19.96 -0.63
N ILE J 254 -39.67 -18.73 -0.61
CA ILE J 254 -40.87 -18.39 0.16
C ILE J 254 -42.09 -18.79 -0.65
N ARG J 255 -42.87 -19.73 -0.13
CA ARG J 255 -44.06 -20.20 -0.82
C ARG J 255 -45.17 -19.17 -0.74
N ILE J 256 -45.75 -18.85 -1.89
CA ILE J 256 -46.76 -17.80 -2.04
C ILE J 256 -47.98 -18.44 -2.68
N GLU J 257 -49.13 -18.38 -1.99
CA GLU J 257 -50.38 -18.78 -2.62
C GLU J 257 -50.82 -17.71 -3.60
N ARG J 258 -51.12 -18.15 -4.81
CA ARG J 258 -51.43 -17.25 -5.91
C ARG J 258 -52.69 -16.43 -5.64
N ASP J 259 -53.65 -17.02 -4.93
CA ASP J 259 -54.98 -16.45 -4.74
C ASP J 259 -55.06 -15.40 -3.64
N ARG J 260 -54.00 -15.21 -2.85
CA ARG J 260 -54.05 -14.26 -1.75
C ARG J 260 -52.99 -13.17 -1.93
N PRO J 261 -53.29 -11.94 -1.52
CA PRO J 261 -52.31 -10.85 -1.63
C PRO J 261 -51.16 -11.04 -0.65
N VAL J 262 -50.08 -10.30 -0.91
CA VAL J 262 -48.83 -10.37 -0.16
C VAL J 262 -48.49 -8.99 0.40
N ARG J 263 -48.08 -8.95 1.65
CA ARG J 263 -47.61 -7.73 2.31
C ARG J 263 -46.25 -8.01 2.92
N ILE J 264 -45.27 -7.14 2.67
CA ILE J 264 -43.96 -7.23 3.28
C ILE J 264 -43.73 -5.99 4.12
N TYR J 265 -43.34 -6.20 5.39
CA TYR J 265 -42.79 -5.16 6.23
C TYR J 265 -41.28 -5.17 6.03
N LEU J 266 -40.76 -4.18 5.30
CA LEU J 266 -39.38 -4.15 4.84
C LEU J 266 -38.62 -3.05 5.58
N ILE J 267 -37.55 -3.44 6.30
CA ILE J 267 -36.76 -2.51 7.11
C ILE J 267 -35.31 -2.55 6.66
N ASN J 268 -34.67 -1.39 6.57
CA ASN J 268 -33.24 -1.34 6.24
C ASN J 268 -32.44 -1.14 7.52
N ALA J 269 -31.71 -2.19 7.93
CA ALA J 269 -30.80 -2.14 9.06
C ALA J 269 -29.34 -2.14 8.63
N THR J 270 -29.06 -2.04 7.33
CA THR J 270 -27.70 -2.22 6.84
C THR J 270 -26.81 -1.04 7.24
N GLU J 271 -25.68 -1.35 7.85
CA GLU J 271 -24.69 -0.37 8.28
C GLU J 271 -23.63 -0.17 7.19
N PHE J 272 -22.87 0.93 7.31
CA PHE J 272 -21.75 1.30 6.45
C PHE J 272 -22.17 1.73 5.04
N ASP J 273 -23.12 0.96 4.38
CA ASP J 273 -23.51 1.44 3.05
C ASP J 273 -24.64 2.45 3.16
N PRO J 274 -24.67 3.46 2.28
CA PRO J 274 -25.69 4.51 2.44
C PRO J 274 -27.10 4.05 2.12
N ILE J 275 -27.31 3.20 1.11
CA ILE J 275 -28.66 2.77 0.76
C ILE J 275 -28.71 1.27 0.50
N ASN J 276 -29.91 0.72 0.64
CA ASN J 276 -30.24 -0.64 0.24
C ASN J 276 -31.53 -0.55 -0.56
N SER J 277 -31.98 -1.66 -1.16
CA SER J 277 -33.10 -1.58 -2.07
C SER J 277 -33.80 -2.94 -2.22
N PHE J 278 -34.93 -2.90 -2.92
CA PHE J 278 -35.77 -4.07 -3.13
C PHE J 278 -36.31 -4.00 -4.56
N HIS J 279 -36.00 -5.01 -5.35
CA HIS J 279 -36.52 -5.14 -6.71
C HIS J 279 -37.32 -6.42 -6.77
N LEU J 280 -38.58 -6.32 -7.20
CA LEU J 280 -39.45 -7.47 -7.38
C LEU J 280 -39.48 -7.83 -8.87
N HIS J 281 -39.14 -9.07 -9.19
CA HIS J 281 -39.12 -9.50 -10.57
C HIS J 281 -40.53 -9.78 -11.09
N ALA J 282 -40.80 -9.33 -12.31
CA ALA J 282 -41.96 -9.73 -13.11
C ALA J 282 -43.29 -9.21 -12.58
N ASN J 283 -43.28 -8.28 -11.63
CA ASN J 283 -44.48 -7.85 -10.92
C ASN J 283 -44.19 -6.48 -10.31
N PHE J 284 -45.27 -5.81 -9.88
CA PHE J 284 -45.14 -4.48 -9.30
C PHE J 284 -45.90 -4.46 -7.99
N PHE J 285 -45.50 -3.55 -7.10
CA PHE J 285 -46.12 -3.44 -5.78
C PHE J 285 -46.51 -1.98 -5.52
N ASP J 286 -47.35 -1.80 -4.50
CA ASP J 286 -47.58 -0.48 -3.90
C ASP J 286 -46.70 -0.35 -2.67
N TYR J 287 -46.10 0.82 -2.50
CA TYR J 287 -45.18 1.09 -1.41
C TYR J 287 -45.77 2.11 -0.45
N TYR J 288 -45.71 1.81 0.84
CA TYR J 288 -46.21 2.68 1.90
C TYR J 288 -45.00 3.10 2.75
N ASP J 289 -44.51 4.32 2.52
CA ASP J 289 -43.32 4.81 3.23
C ASP J 289 -43.58 4.88 4.73
N HIS J 290 -42.75 4.17 5.51
CA HIS J 290 -42.90 4.05 6.97
C HIS J 290 -44.20 3.35 7.39
N GLY J 291 -45.01 2.92 6.43
CA GLY J 291 -46.30 2.32 6.72
C GLY J 291 -47.26 3.26 7.43
N THR J 292 -46.96 4.55 7.48
CA THR J 292 -47.72 5.45 8.35
C THR J 292 -48.96 6.03 7.68
N THR J 293 -49.20 5.73 6.41
CA THR J 293 -50.47 6.07 5.76
C THR J 293 -51.18 4.79 5.34
N LEU J 294 -52.51 4.89 5.15
CA LEU J 294 -53.31 3.77 4.67
C LEU J 294 -53.62 3.89 3.18
N THR J 295 -53.08 4.88 2.52
CA THR J 295 -53.01 5.02 1.07
C THR J 295 -51.54 4.94 0.63
N PRO J 296 -51.26 4.39 -0.55
CA PRO J 296 -49.86 4.18 -0.94
C PRO J 296 -49.11 5.49 -1.09
N THR J 297 -47.81 5.45 -0.75
CA THR J 297 -46.91 6.54 -1.12
C THR J 297 -46.51 6.47 -2.60
N LEU J 298 -46.24 5.28 -3.11
CA LEU J 298 -45.93 5.06 -4.51
C LEU J 298 -46.80 3.92 -5.02
N LYS J 299 -47.52 4.17 -6.11
CA LYS J 299 -48.31 3.15 -6.79
C LYS J 299 -47.49 2.51 -7.90
N THR J 300 -47.54 1.18 -7.99
CA THR J 300 -47.06 0.45 -9.16
C THR J 300 -45.58 0.75 -9.44
N VAL J 301 -44.72 0.26 -8.54
CA VAL J 301 -43.28 0.35 -8.71
C VAL J 301 -42.71 -1.05 -8.55
N ASP J 302 -41.50 -1.26 -9.09
CA ASP J 302 -40.84 -2.55 -8.87
C ASP J 302 -39.47 -2.41 -8.21
N THR J 303 -38.99 -1.20 -7.97
CA THR J 303 -37.70 -0.98 -7.31
C THR J 303 -37.84 0.21 -6.40
N ILE J 304 -37.61 0.01 -5.10
CA ILE J 304 -37.55 1.10 -4.14
C ILE J 304 -36.23 1.01 -3.39
N MET J 305 -35.82 2.14 -2.82
CA MET J 305 -34.58 2.20 -2.07
C MET J 305 -34.85 2.86 -0.72
N GLN J 306 -34.00 2.54 0.26
CA GLN J 306 -34.14 3.03 1.62
C GLN J 306 -32.75 3.31 2.16
N CYS J 307 -32.58 4.45 2.85
CA CYS J 307 -31.37 4.54 3.66
C CYS J 307 -31.60 3.79 4.96
N GLN J 308 -30.53 3.64 5.75
CA GLN J 308 -30.66 2.95 7.03
C GLN J 308 -31.68 3.67 7.91
N GLY J 309 -32.51 2.90 8.61
CA GLY J 309 -33.56 3.45 9.42
C GLY J 309 -34.85 3.76 8.69
N GLN J 310 -34.83 3.86 7.36
CA GLN J 310 -36.08 3.88 6.62
C GLN J 310 -36.64 2.46 6.49
N ARG J 311 -37.92 2.39 6.13
CA ARG J 311 -38.68 1.15 6.13
C ARG J 311 -40.05 1.48 5.55
N GLY J 312 -40.79 0.44 5.20
CA GLY J 312 -42.15 0.66 4.73
C GLY J 312 -42.83 -0.66 4.44
N ILE J 313 -43.99 -0.56 3.82
CA ILE J 313 -44.84 -1.72 3.58
C ILE J 313 -44.99 -1.85 2.06
N LEU J 314 -44.81 -3.07 1.56
CA LEU J 314 -44.99 -3.41 0.15
C LEU J 314 -46.20 -4.32 0.03
N GLU J 315 -47.08 -4.02 -0.91
CA GLU J 315 -48.26 -4.83 -1.16
C GLU J 315 -48.32 -5.20 -2.64
N PHE J 316 -48.54 -6.47 -2.91
CA PHE J 316 -48.61 -6.91 -4.30
C PHE J 316 -49.37 -8.23 -4.33
N SER J 317 -49.68 -8.68 -5.54
CA SER J 317 -50.38 -9.95 -5.73
C SER J 317 -49.81 -10.69 -6.92
N PHE J 318 -49.70 -12.01 -6.79
CA PHE J 318 -49.34 -12.87 -7.90
C PHE J 318 -50.54 -13.61 -8.47
N ASN J 319 -51.75 -13.14 -8.16
CA ASN J 319 -52.98 -13.67 -8.76
C ASN J 319 -52.89 -13.66 -10.28
N GLY J 320 -53.18 -14.81 -10.89
CA GLY J 320 -53.15 -14.96 -12.33
C GLY J 320 -51.80 -15.26 -12.95
N PHE J 321 -50.72 -15.31 -12.16
CA PHE J 321 -49.38 -15.58 -12.69
C PHE J 321 -49.17 -17.09 -12.85
N GLU J 322 -48.32 -17.47 -13.80
CA GLU J 322 -47.98 -18.88 -13.90
C GLU J 322 -47.16 -19.30 -12.68
N PRO J 323 -47.45 -20.44 -12.06
CA PRO J 323 -46.64 -20.89 -10.94
C PRO J 323 -45.18 -21.00 -11.34
N GLY J 324 -44.30 -20.74 -10.37
CA GLY J 324 -42.88 -20.73 -10.63
C GLY J 324 -42.17 -19.85 -9.62
N LEU J 325 -40.91 -19.56 -9.91
CA LEU J 325 -40.03 -18.84 -9.00
C LEU J 325 -39.91 -17.40 -9.44
N TYR J 326 -40.18 -16.47 -8.52
CA TYR J 326 -40.14 -15.06 -8.82
C TYR J 326 -39.12 -14.39 -7.88
N MET J 327 -38.04 -13.89 -8.46
CA MET J 327 -36.91 -13.38 -7.69
C MET J 327 -37.19 -12.00 -7.09
N PHE J 328 -36.55 -11.73 -5.95
CA PHE J 328 -36.53 -10.41 -5.32
C PHE J 328 -35.14 -10.23 -4.71
N HIS J 329 -34.58 -9.01 -4.81
CA HIS J 329 -33.19 -8.78 -4.40
C HIS J 329 -32.87 -7.28 -4.45
N ALA J 330 -31.79 -6.92 -3.78
CA ALA J 330 -31.26 -5.56 -3.93
C ALA J 330 -30.89 -5.27 -5.38
N HIS J 331 -31.15 -4.05 -5.83
CA HIS J 331 -30.66 -3.63 -7.14
C HIS J 331 -29.28 -2.97 -7.02
N GLN J 332 -28.65 -3.05 -5.86
CA GLN J 332 -27.20 -2.89 -5.76
C GLN J 332 -26.64 -4.28 -6.06
N SER J 333 -26.17 -4.48 -7.29
CA SER J 333 -25.84 -5.80 -7.81
C SER J 333 -24.96 -6.59 -6.84
N GLU J 334 -23.94 -5.96 -6.29
CA GLU J 334 -23.00 -6.66 -5.42
C GLU J 334 -23.69 -7.16 -4.15
N PHE J 335 -24.65 -6.41 -3.60
CA PHE J 335 -25.38 -6.90 -2.44
C PHE J 335 -26.09 -8.22 -2.76
N ALA J 336 -26.71 -8.30 -3.94
CA ALA J 336 -27.44 -9.49 -4.33
C ALA J 336 -26.48 -10.68 -4.45
N GLU J 337 -25.35 -10.46 -5.12
CA GLU J 337 -24.33 -11.48 -5.26
C GLU J 337 -23.83 -11.97 -3.90
N LEU J 338 -23.73 -11.08 -2.91
CA LEU J 338 -23.16 -11.43 -1.61
C LEU J 338 -24.20 -11.88 -0.60
N GLY J 339 -25.45 -12.07 -1.04
CA GLY J 339 -26.44 -12.77 -0.23
C GLY J 339 -27.84 -12.21 -0.20
N TRP J 340 -28.03 -10.96 -0.62
CA TRP J 340 -29.34 -10.32 -0.55
CA TRP J 340 -29.35 -10.33 -0.54
C TRP J 340 -30.08 -10.64 -1.85
N MET J 341 -30.57 -11.88 -1.91
CA MET J 341 -31.31 -12.39 -3.06
C MET J 341 -32.17 -13.56 -2.58
N GLY J 342 -33.43 -13.58 -2.98
CA GLY J 342 -34.29 -14.72 -2.67
C GLY J 342 -35.27 -14.98 -3.79
N ASN J 343 -36.07 -16.03 -3.63
CA ASN J 343 -37.13 -16.41 -4.55
C ASN J 343 -38.45 -16.53 -3.81
N PHE J 344 -39.51 -15.97 -4.40
CA PHE J 344 -40.86 -16.39 -4.05
C PHE J 344 -41.21 -17.60 -4.92
N GLU J 345 -41.76 -18.65 -4.32
CA GLU J 345 -42.30 -19.75 -5.10
C GLU J 345 -43.80 -19.59 -5.15
N VAL J 346 -44.30 -19.18 -6.32
CA VAL J 346 -45.73 -18.96 -6.53
C VAL J 346 -46.35 -20.30 -6.90
N ILE J 347 -47.23 -20.82 -6.03
CA ILE J 347 -47.86 -22.11 -6.24
C ILE J 347 -49.33 -21.91 -6.61
N GLU J 348 -49.89 -22.88 -7.31
CA GLU J 348 -51.28 -22.79 -7.74
C GLU J 348 -52.27 -23.23 -6.66
N GLY K 50 -16.82 -24.98 27.28
CA GLY K 50 -15.59 -25.60 27.73
C GLY K 50 -14.88 -24.88 28.86
N PHE K 51 -14.15 -23.81 28.53
CA PHE K 51 -13.37 -23.08 29.53
C PHE K 51 -14.25 -22.13 30.31
N ASP K 52 -14.14 -22.18 31.63
CA ASP K 52 -14.90 -21.32 32.52
C ASP K 52 -13.95 -20.31 33.17
N PRO K 53 -13.94 -19.05 32.74
CA PRO K 53 -13.01 -18.07 33.34
C PRO K 53 -13.38 -17.71 34.77
N TYR K 54 -14.63 -17.93 35.19
CA TYR K 54 -15.01 -17.61 36.56
C TYR K 54 -14.52 -18.68 37.53
N ALA K 55 -14.61 -19.95 37.14
CA ALA K 55 -14.04 -21.02 37.96
C ALA K 55 -12.52 -21.00 37.92
N PHE K 56 -11.93 -20.60 36.80
CA PHE K 56 -10.47 -20.57 36.67
C PHE K 56 -9.82 -19.72 37.76
N LEU K 57 -10.47 -18.61 38.15
CA LEU K 57 -9.87 -17.67 39.09
C LEU K 57 -9.39 -18.33 40.38
N THR K 58 -10.12 -19.32 40.87
CA THR K 58 -9.85 -19.89 42.18
C THR K 58 -9.51 -21.38 42.10
N HIS K 59 -9.18 -21.90 40.93
CA HIS K 59 -8.90 -23.31 40.75
C HIS K 59 -7.40 -23.56 40.89
N TRP K 60 -7.02 -24.36 41.88
CA TRP K 60 -5.64 -24.75 42.10
C TRP K 60 -5.52 -26.24 41.85
N GLU K 61 -4.56 -26.63 41.03
CA GLU K 61 -4.24 -28.03 40.78
C GLU K 61 -3.05 -28.37 41.67
N THR K 62 -3.29 -29.17 42.71
CA THR K 62 -2.27 -29.49 43.70
C THR K 62 -1.67 -30.88 43.52
N GLY K 63 -2.17 -31.66 42.55
CA GLY K 63 -1.53 -32.91 42.19
C GLY K 63 -2.02 -34.13 42.95
N GLU K 64 -1.46 -35.27 42.56
CA GLU K 64 -1.59 -36.50 43.32
C GLU K 64 -0.46 -36.56 44.34
N VAL K 65 -0.82 -36.54 45.63
CA VAL K 65 0.14 -36.38 46.71
C VAL K 65 0.50 -37.75 47.27
N SER K 66 1.78 -37.91 47.59
CA SER K 66 2.31 -39.10 48.26
C SER K 66 3.62 -38.71 48.94
N THR K 67 4.22 -39.66 49.65
CA THR K 67 5.46 -39.39 50.36
C THR K 67 6.57 -40.30 49.84
N LEU K 68 7.71 -39.69 49.51
CA LEU K 68 8.86 -40.46 49.07
C LEU K 68 9.47 -41.18 50.27
N PRO K 69 10.24 -42.26 50.01
CA PRO K 69 10.90 -42.97 51.13
C PRO K 69 11.67 -42.05 52.06
N SER K 70 12.31 -41.01 51.53
CA SER K 70 13.05 -40.04 52.32
C SER K 70 12.16 -39.17 53.19
N GLY K 71 10.84 -39.20 52.99
CA GLY K 71 9.93 -38.32 53.70
C GLY K 71 9.53 -37.07 52.94
N GLN K 72 10.17 -36.78 51.80
CA GLN K 72 9.81 -35.61 51.01
C GLN K 72 8.46 -35.82 50.34
N THR K 73 7.62 -34.79 50.38
CA THR K 73 6.33 -34.84 49.70
C THR K 73 6.54 -34.90 48.19
N LEU K 74 5.71 -35.67 47.52
CA LEU K 74 5.73 -35.80 46.06
C LEU K 74 4.36 -35.41 45.50
N ARG K 75 4.35 -34.54 44.49
CA ARG K 75 3.12 -34.15 43.81
C ARG K 75 3.26 -34.48 42.33
N GLU K 76 2.32 -35.24 41.79
CA GLU K 76 2.38 -35.69 40.41
C GLU K 76 1.26 -35.04 39.62
N PHE K 77 1.57 -34.62 38.39
CA PHE K 77 0.61 -34.00 37.50
C PHE K 77 0.65 -34.68 36.14
N ASN K 78 -0.48 -34.66 35.44
CA ASN K 78 -0.58 -35.16 34.07
C ASN K 78 -1.00 -34.03 33.14
N ILE K 79 -0.18 -33.75 32.15
CA ILE K 79 -0.44 -32.67 31.21
C ILE K 79 -0.34 -33.21 29.80
N VAL K 80 -1.37 -32.97 29.00
CA VAL K 80 -1.42 -33.39 27.61
C VAL K 80 -1.51 -32.12 26.75
N ALA K 81 -0.61 -32.02 25.77
CA ALA K 81 -0.73 -30.98 24.75
C ALA K 81 -1.75 -31.43 23.72
N VAL K 82 -2.81 -30.64 23.52
CA VAL K 82 -3.86 -31.02 22.57
C VAL K 82 -4.26 -29.79 21.76
N ASP K 83 -4.38 -29.98 20.44
CA ASP K 83 -4.88 -28.94 19.53
C ASP K 83 -6.38 -28.81 19.70
N LYS K 84 -6.87 -27.60 19.95
CA LYS K 84 -8.28 -27.46 20.30
C LYS K 84 -8.72 -26.04 20.02
N GLU K 85 -9.97 -25.90 19.62
CA GLU K 85 -10.59 -24.58 19.56
C GLU K 85 -10.82 -24.01 20.96
N ILE K 86 -10.58 -22.71 21.12
CA ILE K 86 -11.06 -22.00 22.31
C ILE K 86 -11.87 -20.81 21.85
N GLU K 87 -12.71 -20.31 22.76
CA GLU K 87 -13.60 -19.20 22.47
C GLU K 87 -13.12 -18.00 23.29
N ILE K 88 -12.70 -16.94 22.62
CA ILE K 88 -12.13 -15.80 23.32
C ILE K 88 -13.13 -14.66 23.46
N ALA K 89 -14.28 -14.78 22.82
CA ALA K 89 -15.44 -13.92 22.86
C ALA K 89 -16.55 -14.74 22.20
N PRO K 90 -17.81 -14.55 22.59
CA PRO K 90 -18.85 -15.45 22.05
C PRO K 90 -18.94 -15.35 20.54
N GLY K 91 -18.60 -16.42 19.85
CA GLY K 91 -18.55 -16.40 18.42
C GLY K 91 -17.20 -16.09 17.82
N VAL K 92 -16.17 -15.87 18.63
CA VAL K 92 -14.81 -15.71 18.13
C VAL K 92 -14.01 -16.94 18.53
N TYR K 93 -13.71 -17.79 17.54
CA TYR K 93 -13.03 -19.05 17.77
C TYR K 93 -11.58 -18.94 17.34
N PHE K 94 -10.68 -19.43 18.19
CA PHE K 94 -9.25 -19.33 17.98
C PHE K 94 -8.67 -20.74 17.88
N PRO K 95 -7.86 -21.02 16.86
CA PRO K 95 -7.25 -22.36 16.77
C PRO K 95 -6.07 -22.50 17.71
N ALA K 96 -6.28 -23.07 18.89
CA ALA K 96 -5.26 -23.03 19.93
C ALA K 96 -4.47 -24.32 20.01
N TRP K 97 -3.26 -24.21 20.56
CA TRP K 97 -2.50 -25.34 21.08
C TRP K 97 -2.58 -25.23 22.60
N THR K 98 -3.11 -26.26 23.26
CA THR K 98 -3.45 -26.16 24.68
C THR K 98 -2.81 -27.26 25.53
N TYR K 99 -2.61 -26.94 26.80
CA TYR K 99 -2.32 -27.95 27.81
C TYR K 99 -3.64 -28.36 28.47
N ASN K 100 -3.97 -29.65 28.41
CA ASN K 100 -5.20 -30.19 29.00
C ASN K 100 -6.47 -29.50 28.49
N GLY K 101 -6.44 -28.95 27.29
CA GLY K 101 -7.65 -28.50 26.65
C GLY K 101 -8.12 -27.12 27.04
N GLN K 102 -7.29 -26.33 27.72
CA GLN K 102 -7.70 -25.00 28.16
C GLN K 102 -6.54 -24.02 28.01
N VAL K 103 -6.92 -22.74 27.83
CA VAL K 103 -5.98 -21.63 27.79
C VAL K 103 -6.50 -20.60 28.78
N PRO K 104 -5.75 -20.23 29.83
CA PRO K 104 -4.41 -20.74 30.16
C PRO K 104 -4.48 -22.20 30.58
N GLY K 105 -3.33 -22.87 30.65
CA GLY K 105 -3.28 -24.22 31.14
C GLY K 105 -3.62 -24.30 32.62
N PRO K 106 -3.62 -25.52 33.15
CA PRO K 106 -3.93 -25.72 34.58
C PRO K 106 -2.97 -24.95 35.46
N THR K 107 -3.51 -24.28 36.48
CA THR K 107 -2.69 -23.63 37.49
C THR K 107 -2.15 -24.69 38.44
N LEU K 108 -0.84 -24.92 38.41
CA LEU K 108 -0.21 -25.87 39.30
C LEU K 108 0.29 -25.15 40.55
N ARG K 109 -0.06 -25.69 41.72
CA ARG K 109 0.28 -25.05 42.98
C ARG K 109 0.84 -26.09 43.94
N VAL K 110 2.08 -25.90 44.36
CA VAL K 110 2.78 -26.84 45.23
C VAL K 110 3.39 -26.07 46.40
N THR K 111 4.11 -26.79 47.24
CA THR K 111 4.83 -26.22 48.37
C THR K 111 6.33 -26.28 48.13
N GLU K 112 7.00 -25.19 48.46
CA GLU K 112 8.46 -25.11 48.44
C GLU K 112 9.08 -26.36 49.03
N GLY K 113 9.95 -27.02 48.27
CA GLY K 113 10.59 -28.24 48.70
C GLY K 113 9.93 -29.52 48.24
N ASP K 114 8.70 -29.45 47.73
CA ASP K 114 8.06 -30.64 47.17
C ASP K 114 8.88 -31.17 45.99
N ARG K 115 8.87 -32.48 45.83
CA ARG K 115 9.28 -33.08 44.57
C ARG K 115 8.10 -33.02 43.60
N VAL K 116 8.30 -32.42 42.43
CA VAL K 116 7.26 -32.26 41.43
C VAL K 116 7.55 -33.20 40.27
N ARG K 117 6.54 -33.96 39.86
CA ARG K 117 6.61 -34.80 38.67
C ARG K 117 5.48 -34.44 37.73
N VAL K 118 5.82 -33.93 36.54
CA VAL K 118 4.85 -33.58 35.52
C VAL K 118 4.98 -34.58 34.38
N HIS K 119 3.99 -35.45 34.25
CA HIS K 119 3.94 -36.40 33.15
C HIS K 119 3.34 -35.68 31.95
N PHE K 120 4.16 -35.44 30.93
CA PHE K 120 3.77 -34.70 29.75
C PHE K 120 3.61 -35.63 28.56
N HIS K 121 2.48 -35.56 27.87
CA HIS K 121 2.25 -36.33 26.66
C HIS K 121 1.79 -35.38 25.55
N ASN K 122 2.38 -35.51 24.36
CA ASN K 122 2.04 -34.65 23.23
C ASN K 122 1.01 -35.38 22.37
N ALA K 123 -0.23 -34.92 22.42
CA ALA K 123 -1.29 -35.43 21.58
C ALA K 123 -1.63 -34.45 20.44
N GLY K 124 -0.75 -33.49 20.18
CA GLY K 124 -0.96 -32.51 19.14
C GLY K 124 -0.33 -32.93 17.83
N SER K 125 -0.20 -31.97 16.92
CA SER K 125 0.37 -32.25 15.62
C SER K 125 1.75 -31.61 15.41
N HIS K 126 2.20 -30.77 16.33
CA HIS K 126 3.51 -30.13 16.32
C HIS K 126 4.28 -30.52 17.58
N PRO K 127 5.61 -30.48 17.54
CA PRO K 127 6.39 -30.72 18.76
C PRO K 127 6.24 -29.59 19.77
N HIS K 128 6.25 -29.96 21.05
CA HIS K 128 6.13 -29.01 22.16
C HIS K 128 7.03 -29.43 23.32
N THR K 129 7.18 -28.51 24.27
CA THR K 129 7.85 -28.74 25.55
C THR K 129 7.01 -28.11 26.66
N ILE K 130 7.47 -28.29 27.90
CA ILE K 130 7.08 -27.44 29.02
C ILE K 130 8.35 -26.85 29.60
N HIS K 131 8.51 -25.54 29.47
CA HIS K 131 9.59 -24.81 30.13
C HIS K 131 9.01 -24.14 31.37
N PHE K 132 9.41 -24.63 32.55
CA PHE K 132 9.06 -24.01 33.82
C PHE K 132 9.99 -22.85 34.14
N HIS K 133 9.41 -21.76 34.63
CA HIS K 133 10.19 -20.75 35.33
C HIS K 133 10.34 -21.26 36.77
N GLY K 134 11.51 -21.76 37.09
CA GLY K 134 11.79 -22.34 38.39
C GLY K 134 13.16 -22.98 38.32
N ILE K 135 13.66 -23.40 39.47
CA ILE K 135 14.99 -23.99 39.50
C ILE K 135 14.87 -25.46 39.14
N HIS K 136 15.73 -25.93 38.24
CA HIS K 136 15.70 -27.33 37.84
C HIS K 136 16.96 -27.66 37.04
N PRO K 137 17.25 -28.93 36.81
CA PRO K 137 18.40 -29.29 35.98
C PRO K 137 18.20 -28.88 34.53
N ALA K 138 19.32 -28.66 33.83
CA ALA K 138 19.25 -28.33 32.40
C ALA K 138 18.42 -29.35 31.62
N SER K 139 18.54 -30.64 31.94
CA SER K 139 17.83 -31.66 31.20
C SER K 139 16.32 -31.57 31.40
N MET K 140 15.88 -30.84 32.43
CA MET K 140 14.46 -30.62 32.71
C MET K 140 13.97 -29.25 32.28
N ASP K 141 14.74 -28.54 31.45
CA ASP K 141 14.44 -27.14 31.18
C ASP K 141 13.42 -26.93 30.05
N GLY K 142 13.05 -27.98 29.32
CA GLY K 142 12.02 -27.85 28.29
C GLY K 142 12.39 -26.96 27.12
N VAL K 143 13.65 -27.00 26.69
CA VAL K 143 14.09 -26.25 25.51
C VAL K 143 14.56 -27.27 24.48
N PRO K 144 14.57 -26.89 23.20
CA PRO K 144 14.87 -27.87 22.14
C PRO K 144 16.24 -28.53 22.23
N GLY K 145 17.25 -27.86 22.77
CA GLY K 145 18.62 -28.36 22.67
C GLY K 145 19.20 -29.12 23.86
N THR K 146 18.41 -29.45 24.88
CA THR K 146 18.92 -30.21 26.02
C THR K 146 17.92 -31.30 26.39
N GLY K 147 18.38 -32.24 27.22
CA GLY K 147 17.54 -33.30 27.73
C GLY K 147 16.85 -34.08 26.63
N PRO K 148 15.54 -34.31 26.76
CA PRO K 148 14.80 -34.98 25.68
C PRO K 148 14.48 -34.08 24.49
N GLY K 149 14.89 -32.81 24.54
CA GLY K 149 14.52 -31.84 23.54
C GLY K 149 13.02 -31.66 23.44
N MET K 150 12.56 -31.40 22.21
CA MET K 150 11.13 -31.26 21.99
C MET K 150 10.45 -32.62 22.03
N ILE K 151 9.24 -32.65 22.57
CA ILE K 151 8.45 -33.86 22.66
C ILE K 151 7.55 -33.88 21.42
N TYR K 152 7.78 -34.83 20.52
CA TYR K 152 7.07 -34.89 19.25
C TYR K 152 5.72 -35.57 19.43
N PRO K 153 4.83 -35.47 18.42
CA PRO K 153 3.51 -36.10 18.53
C PRO K 153 3.59 -37.55 18.95
N GLY K 154 2.74 -37.94 19.90
CA GLY K 154 2.73 -39.29 20.42
C GLY K 154 3.83 -39.63 21.42
N GLU K 155 4.79 -38.73 21.64
CA GLU K 155 5.85 -39.01 22.60
C GLU K 155 5.46 -38.54 24.00
N SER K 156 6.24 -38.97 24.99
CA SER K 156 6.00 -38.63 26.38
C SER K 156 7.31 -38.32 27.07
N PHE K 157 7.21 -37.61 28.18
CA PHE K 157 8.36 -37.29 29.01
C PHE K 157 7.85 -36.82 30.37
N THR K 158 8.62 -37.12 31.41
CA THR K 158 8.27 -36.70 32.76
C THR K 158 9.27 -35.63 33.22
N TYR K 159 8.78 -34.41 33.40
CA TYR K 159 9.57 -33.37 34.05
C TYR K 159 9.62 -33.61 35.56
N GLU K 160 10.81 -33.47 36.15
CA GLU K 160 11.00 -33.83 37.55
C GLU K 160 12.02 -32.86 38.16
N PHE K 161 11.66 -32.28 39.30
CA PHE K 161 12.51 -31.30 39.96
C PHE K 161 11.95 -31.04 41.36
N ASP K 162 12.76 -30.39 42.19
CA ASP K 162 12.31 -29.88 43.47
C ASP K 162 11.78 -28.46 43.29
N ALA K 163 10.68 -28.15 43.97
CA ALA K 163 9.94 -26.91 43.74
C ALA K 163 10.64 -25.79 44.51
N TYR K 164 11.52 -25.07 43.81
CA TYR K 164 12.22 -23.89 44.30
C TYR K 164 12.23 -22.86 43.18
N PRO K 165 12.27 -21.55 43.51
CA PRO K 165 12.11 -20.98 44.84
C PRO K 165 10.62 -20.71 45.09
N PHE K 166 10.20 -20.48 46.34
CA PHE K 166 8.81 -20.10 46.52
C PHE K 166 8.56 -18.80 45.75
N GLY K 167 7.35 -18.68 45.19
CA GLY K 167 6.95 -17.47 44.54
C GLY K 167 5.82 -17.70 43.54
N CYS K 168 5.58 -16.68 42.74
CA CYS K 168 4.64 -16.73 41.64
C CYS K 168 5.44 -16.99 40.36
N HIS K 169 5.13 -18.08 39.66
CA HIS K 169 5.87 -18.48 38.47
C HIS K 169 4.88 -18.88 37.39
N LEU K 170 5.41 -19.44 36.31
CA LEU K 170 4.60 -19.81 35.16
C LEU K 170 5.35 -20.90 34.40
N TYR K 171 4.64 -21.53 33.47
CA TYR K 171 5.25 -22.46 32.53
C TYR K 171 4.71 -22.16 31.14
N HIS K 172 5.48 -22.52 30.12
CA HIS K 172 5.03 -22.30 28.75
C HIS K 172 5.92 -23.09 27.80
N CYS K 173 5.42 -23.31 26.59
CA CYS K 173 6.17 -24.04 25.58
C CYS K 173 7.37 -23.22 25.12
N HIS K 174 8.48 -23.92 24.84
CA HIS K 174 9.68 -23.30 24.27
C HIS K 174 10.12 -24.19 23.11
N ALA K 175 9.48 -24.00 21.96
CA ALA K 175 9.77 -24.73 20.74
C ALA K 175 10.08 -23.72 19.63
N ILE K 176 10.00 -24.11 18.36
CA ILE K 176 10.52 -23.32 17.26
C ILE K 176 9.37 -22.95 16.33
N PRO K 177 9.13 -21.65 16.06
CA PRO K 177 9.80 -20.56 16.78
C PRO K 177 9.10 -20.24 18.12
N LEU K 178 9.85 -19.52 18.96
CA LEU K 178 9.44 -19.28 20.34
C LEU K 178 8.06 -18.63 20.40
N LYS K 179 7.86 -17.53 19.65
CA LYS K 179 6.63 -16.75 19.79
C LYS K 179 5.40 -17.52 19.35
N ARG K 180 5.54 -18.43 18.38
CA ARG K 180 4.37 -19.10 17.84
C ARG K 180 3.72 -20.01 18.88
N HIS K 181 4.50 -20.84 19.55
CA HIS K 181 3.93 -21.79 20.50
C HIS K 181 3.35 -21.09 21.72
N ILE K 182 3.95 -19.98 22.17
CA ILE K 182 3.35 -19.25 23.28
C ILE K 182 2.01 -18.64 22.86
N HIS K 183 2.01 -17.92 21.73
CA HIS K 183 0.79 -17.25 21.27
C HIS K 183 -0.37 -18.21 21.09
N LYS K 184 -0.10 -19.41 20.55
CA LYS K 184 -1.16 -20.37 20.28
C LYS K 184 -1.85 -20.88 21.54
N GLY K 185 -1.27 -20.67 22.72
CA GLY K 185 -2.00 -20.96 23.94
C GLY K 185 -1.24 -21.75 25.00
N LEU K 186 0.03 -22.09 24.76
CA LEU K 186 0.73 -23.06 25.61
C LEU K 186 1.45 -22.33 26.75
N TYR K 187 0.66 -21.93 27.75
CA TYR K 187 1.22 -21.26 28.91
C TYR K 187 0.25 -21.47 30.07
N GLY K 188 0.77 -21.35 31.28
CA GLY K 188 -0.05 -21.49 32.48
C GLY K 188 0.72 -21.02 33.70
N ALA K 189 -0.02 -20.93 34.82
CA ALA K 189 0.53 -20.47 36.08
C ALA K 189 1.14 -21.63 36.89
N PHE K 190 2.21 -21.31 37.62
CA PHE K 190 2.92 -22.27 38.46
C PHE K 190 3.24 -21.56 39.77
N ILE K 191 2.57 -21.94 40.86
CA ILE K 191 2.68 -21.26 42.14
C ILE K 191 3.37 -22.17 43.14
N ILE K 192 4.42 -21.66 43.79
CA ILE K 192 5.15 -22.39 44.83
C ILE K 192 4.94 -21.65 46.15
N ASP K 193 4.13 -22.23 47.04
CA ASP K 193 3.88 -21.61 48.35
C ASP K 193 5.13 -21.72 49.22
N PRO K 194 5.42 -20.69 50.02
CA PRO K 194 6.52 -20.82 50.98
C PRO K 194 6.20 -21.86 52.05
N ASP K 195 7.22 -22.58 52.49
CA ASP K 195 7.08 -23.47 53.63
C ASP K 195 7.33 -22.65 54.90
N PRO K 196 6.32 -22.45 55.76
CA PRO K 196 6.53 -21.58 56.94
C PRO K 196 7.65 -22.03 57.86
N GLU K 197 7.93 -23.34 57.94
CA GLU K 197 9.04 -23.82 58.76
C GLU K 197 10.37 -23.26 58.30
N ARG K 198 10.53 -23.04 57.01
CA ARG K 198 11.76 -22.50 56.46
C ARG K 198 11.88 -20.98 56.59
N HIS K 199 10.85 -20.31 57.10
CA HIS K 199 10.84 -18.84 57.16
C HIS K 199 10.32 -18.38 58.52
N PRO K 200 11.07 -18.66 59.59
CA PRO K 200 10.58 -18.31 60.93
C PRO K 200 10.42 -16.81 61.13
N GLU K 201 11.28 -16.01 60.52
CA GLU K 201 11.20 -14.56 60.64
C GLU K 201 9.94 -13.99 60.00
N TYR K 202 9.32 -14.69 59.05
CA TYR K 202 8.15 -14.19 58.34
C TYR K 202 7.04 -15.22 58.36
N GLN K 203 6.81 -15.83 59.53
CA GLN K 203 5.99 -17.04 59.58
C GLN K 203 4.52 -16.75 59.27
N ALA K 204 4.02 -15.59 59.70
CA ALA K 204 2.62 -15.27 59.44
C ALA K 204 2.37 -15.05 57.96
N ALA K 205 3.26 -14.29 57.29
CA ALA K 205 3.10 -14.10 55.86
C ALA K 205 3.24 -15.42 55.11
N ALA K 206 4.22 -16.23 55.51
CA ALA K 206 4.35 -17.55 54.89
C ALA K 206 3.08 -18.36 55.07
N ARG K 207 2.52 -18.35 56.29
CA ARG K 207 1.33 -19.16 56.54
C ARG K 207 0.12 -18.65 55.76
N ALA K 208 -0.01 -17.32 55.61
CA ALA K 208 -1.13 -16.79 54.82
C ALA K 208 -1.05 -17.19 53.35
N ARG K 209 0.13 -17.57 52.84
CA ARG K 209 0.28 -18.01 51.45
C ARG K 209 0.16 -19.51 51.27
N LEU K 210 0.27 -20.31 52.33
CA LEU K 210 0.29 -21.76 52.23
C LEU K 210 -1.14 -22.25 52.06
N LEU K 211 -1.44 -22.81 50.89
CA LEU K 211 -2.81 -23.20 50.56
C LEU K 211 -3.37 -24.13 51.64
N GLY K 212 -4.50 -23.73 52.22
CA GLY K 212 -5.26 -24.57 53.12
C GLY K 212 -5.16 -24.19 54.59
N THR K 213 -4.12 -23.47 55.02
CA THR K 213 -4.04 -23.09 56.43
C THR K 213 -5.23 -22.19 56.77
N PRO K 214 -5.57 -22.07 58.05
CA PRO K 214 -6.65 -21.14 58.42
C PRO K 214 -6.37 -19.69 58.07
N GLU K 215 -5.10 -19.25 58.15
CA GLU K 215 -4.77 -17.89 57.70
C GLU K 215 -4.98 -17.73 56.21
N ASN K 216 -4.59 -18.73 55.41
CA ASN K 216 -4.81 -18.68 53.98
C ASN K 216 -6.29 -18.63 53.63
N GLN K 217 -7.14 -19.30 54.42
CA GLN K 217 -8.57 -19.32 54.09
C GLN K 217 -9.19 -17.95 54.25
N ALA K 218 -8.66 -17.13 55.16
CA ALA K 218 -9.16 -15.78 55.30
C ALA K 218 -8.93 -14.94 54.03
N TRP K 219 -7.86 -15.22 53.27
CA TRP K 219 -7.54 -14.45 52.07
C TRP K 219 -8.39 -14.90 50.88
N GLN K 220 -8.79 -13.94 50.05
CA GLN K 220 -9.43 -14.23 48.77
C GLN K 220 -8.34 -14.21 47.70
N GLU K 221 -8.06 -15.36 47.11
CA GLU K 221 -6.88 -15.56 46.27
C GLU K 221 -7.35 -15.79 44.84
N PHE K 222 -6.77 -15.06 43.88
CA PHE K 222 -7.15 -15.20 42.48
C PHE K 222 -5.91 -15.33 41.61
N VAL K 223 -5.98 -16.18 40.59
CA VAL K 223 -4.96 -16.25 39.55
C VAL K 223 -5.47 -15.51 38.32
N MET K 224 -4.61 -14.67 37.73
CA MET K 224 -4.97 -13.84 36.59
C MET K 224 -3.80 -13.83 35.61
N VAL K 225 -4.05 -14.36 34.40
CA VAL K 225 -3.07 -14.40 33.33
C VAL K 225 -3.47 -13.39 32.26
N MET K 226 -2.65 -12.37 32.06
CA MET K 226 -2.91 -11.40 31.01
C MET K 226 -2.45 -11.98 29.67
N ASN K 227 -3.37 -12.14 28.73
CA ASN K 227 -2.99 -12.74 27.46
C ASN K 227 -3.64 -11.97 26.30
N GLY K 228 -3.24 -12.34 25.07
CA GLY K 228 -3.78 -11.73 23.88
C GLY K 228 -3.83 -12.70 22.73
N PHE K 229 -4.57 -12.33 21.70
CA PHE K 229 -4.80 -13.21 20.56
C PHE K 229 -4.77 -12.43 19.27
N ASP K 230 -4.02 -12.98 18.31
CA ASP K 230 -3.79 -12.44 16.98
C ASP K 230 -4.56 -13.36 16.05
N THR K 231 -5.81 -12.98 15.74
CA THR K 231 -6.72 -13.88 15.06
C THR K 231 -6.47 -13.98 13.56
N ASN K 232 -5.79 -13.01 12.94
CA ASN K 232 -5.43 -13.12 11.53
C ASN K 232 -3.95 -13.40 11.36
N PHE K 233 -3.23 -13.71 12.43
CA PHE K 233 -1.85 -14.20 12.39
C PHE K 233 -0.96 -13.31 11.52
N ASP K 234 -0.89 -12.03 11.92
CA ASP K 234 0.03 -11.05 11.35
C ASP K 234 0.91 -10.43 12.42
N GLU K 235 0.95 -11.05 13.61
CA GLU K 235 1.83 -10.67 14.72
C GLU K 235 1.39 -9.38 15.42
N GLU K 236 0.10 -9.06 15.40
CA GLU K 236 -0.46 -7.97 16.20
C GLU K 236 -1.77 -8.46 16.79
N ASN K 237 -1.96 -8.27 18.10
CA ASN K 237 -3.14 -8.80 18.75
C ASN K 237 -4.39 -8.06 18.32
N GLU K 238 -5.49 -8.82 18.17
CA GLU K 238 -6.83 -8.28 18.02
C GLU K 238 -7.58 -8.20 19.34
N VAL K 239 -7.32 -9.15 20.25
CA VAL K 239 -8.10 -9.34 21.46
C VAL K 239 -7.13 -9.39 22.63
N TYR K 240 -7.50 -8.73 23.72
CA TYR K 240 -6.76 -8.83 24.96
C TYR K 240 -7.70 -9.28 26.07
N ALA K 241 -7.13 -9.86 27.12
CA ALA K 241 -7.96 -10.37 28.18
C ALA K 241 -7.11 -10.64 29.41
N VAL K 242 -7.81 -10.79 30.53
CA VAL K 242 -7.30 -11.52 31.66
CA VAL K 242 -7.31 -11.53 31.68
C VAL K 242 -8.05 -12.85 31.69
N ASN K 243 -7.31 -13.95 31.60
CA ASN K 243 -7.89 -15.30 31.60
C ASN K 243 -8.75 -15.54 30.35
N THR K 244 -8.26 -15.04 29.22
CA THR K 244 -8.61 -15.49 27.87
C THR K 244 -9.88 -14.84 27.34
N VAL K 245 -10.95 -14.81 28.12
CA VAL K 245 -12.23 -14.32 27.61
C VAL K 245 -12.29 -12.79 27.74
N ALA K 246 -12.33 -12.11 26.60
CA ALA K 246 -12.43 -10.66 26.57
C ALA K 246 -13.61 -10.17 27.41
N HIS K 247 -13.33 -9.25 28.33
CA HIS K 247 -14.33 -8.59 29.18
C HIS K 247 -15.15 -9.58 30.03
N ALA K 248 -14.61 -10.78 30.32
CA ALA K 248 -15.39 -11.77 31.08
C ALA K 248 -15.85 -11.21 32.41
N TYR K 249 -15.03 -10.39 33.06
CA TYR K 249 -15.36 -9.86 34.37
C TYR K 249 -16.06 -8.51 34.30
N MET K 250 -16.35 -7.99 33.10
CA MET K 250 -17.37 -6.96 32.97
C MET K 250 -18.75 -7.61 32.89
N LYS K 251 -18.86 -8.70 32.11
CA LYS K 251 -20.10 -9.46 32.03
C LYS K 251 -20.51 -9.98 33.40
N ARG K 252 -19.56 -10.49 34.17
CA ARG K 252 -19.83 -11.09 35.47
C ARG K 252 -18.72 -10.68 36.43
N PRO K 253 -18.94 -9.64 37.24
CA PRO K 253 -17.88 -9.15 38.11
C PRO K 253 -17.46 -10.18 39.14
N ILE K 254 -16.22 -10.06 39.60
CA ILE K 254 -15.65 -10.92 40.62
C ILE K 254 -16.13 -10.45 41.99
N ARG K 255 -16.82 -11.33 42.71
CA ARG K 255 -17.38 -10.96 44.01
C ARG K 255 -16.28 -10.92 45.06
N ILE K 256 -16.24 -9.83 45.82
CA ILE K 256 -15.20 -9.58 46.82
C ILE K 256 -15.88 -9.27 48.15
N GLU K 257 -15.62 -10.08 49.17
CA GLU K 257 -16.07 -9.74 50.51
C GLU K 257 -15.21 -8.62 51.09
N ARG K 258 -15.89 -7.56 51.54
CA ARG K 258 -15.21 -6.39 52.09
C ARG K 258 -14.24 -6.74 53.23
N ASP K 259 -14.62 -7.69 54.09
CA ASP K 259 -13.91 -7.92 55.36
C ASP K 259 -12.70 -8.84 55.21
N ARG K 260 -12.42 -9.34 54.02
CA ARG K 260 -11.27 -10.20 53.82
C ARG K 260 -10.33 -9.59 52.81
N PRO K 261 -9.02 -9.69 53.02
CA PRO K 261 -8.06 -9.13 52.07
C PRO K 261 -8.02 -9.94 50.77
N VAL K 262 -7.41 -9.34 49.75
CA VAL K 262 -7.39 -9.92 48.41
C VAL K 262 -5.94 -10.12 47.98
N ARG K 263 -5.67 -11.25 47.33
CA ARG K 263 -4.37 -11.56 46.76
C ARG K 263 -4.54 -12.02 45.32
N ILE K 264 -3.76 -11.45 44.41
CA ILE K 264 -3.80 -11.81 43.00
C ILE K 264 -2.43 -12.34 42.58
N TYR K 265 -2.41 -13.52 41.99
CA TYR K 265 -1.24 -14.04 41.28
C TYR K 265 -1.38 -13.59 39.82
N LEU K 266 -0.57 -12.60 39.42
CA LEU K 266 -0.72 -11.91 38.14
C LEU K 266 0.45 -12.23 37.23
N ILE K 267 0.16 -12.79 36.06
CA ILE K 267 1.19 -13.27 35.14
C ILE K 267 0.98 -12.63 33.77
N ASN K 268 2.07 -12.20 33.13
CA ASN K 268 1.98 -11.66 31.79
C ASN K 268 2.44 -12.72 30.78
N ALA K 269 1.48 -13.30 30.06
CA ALA K 269 1.75 -14.21 28.95
C ALA K 269 1.51 -13.55 27.58
N THR K 270 1.31 -12.23 27.53
CA THR K 270 0.96 -11.56 26.27
C THR K 270 2.14 -11.53 25.31
N GLU K 271 1.91 -12.00 24.09
CA GLU K 271 2.92 -12.04 23.04
C GLU K 271 2.82 -10.78 22.15
N PHE K 272 3.90 -10.52 21.39
CA PHE K 272 4.01 -9.43 20.41
C PHE K 272 4.10 -8.04 21.04
N ASP K 273 3.31 -7.76 22.08
CA ASP K 273 3.43 -6.45 22.71
C ASP K 273 4.52 -6.47 23.78
N PRO K 274 5.28 -5.38 23.92
CA PRO K 274 6.41 -5.41 24.86
C PRO K 274 6.00 -5.44 26.32
N ILE K 275 4.99 -4.69 26.74
CA ILE K 275 4.54 -4.73 28.13
C ILE K 275 3.02 -4.86 28.22
N ASN K 276 2.57 -5.29 29.40
CA ASN K 276 1.18 -5.24 29.81
C ASN K 276 1.14 -4.66 31.22
N SER K 277 -0.05 -4.32 31.72
CA SER K 277 -0.11 -3.65 33.01
C SER K 277 -1.42 -3.91 33.72
N PHE K 278 -1.50 -3.41 34.98
CA PHE K 278 -2.64 -3.64 35.88
C PHE K 278 -2.88 -2.34 36.64
N HIS K 279 -4.07 -1.75 36.47
CA HIS K 279 -4.46 -0.57 37.24
C HIS K 279 -5.68 -0.94 38.08
N LEU K 280 -5.58 -0.72 39.39
CA LEU K 280 -6.68 -0.95 40.31
C LEU K 280 -7.37 0.38 40.60
N HIS K 281 -8.67 0.44 40.33
CA HIS K 281 -9.39 1.69 40.54
C HIS K 281 -9.65 1.93 42.03
N ALA K 282 -9.49 3.19 42.46
CA ALA K 282 -9.98 3.71 43.73
C ALA K 282 -9.27 3.10 44.93
N ASN K 283 -8.19 2.36 44.73
CA ASN K 283 -7.54 1.66 45.82
C ASN K 283 -6.07 1.49 45.46
N PHE K 284 -5.27 1.05 46.43
CA PHE K 284 -3.85 0.82 46.22
C PHE K 284 -3.50 -0.56 46.75
N PHE K 285 -2.44 -1.13 46.19
CA PHE K 285 -2.03 -2.47 46.57
C PHE K 285 -0.52 -2.50 46.82
N ASP K 286 -0.08 -3.56 47.46
CA ASP K 286 1.33 -3.90 47.60
C ASP K 286 1.70 -4.92 46.53
N TYR K 287 2.86 -4.72 45.89
CA TYR K 287 3.32 -5.57 44.81
C TYR K 287 4.55 -6.37 45.24
N TYR K 288 4.55 -7.67 44.96
CA TYR K 288 5.65 -8.58 45.27
C TYR K 288 6.19 -9.11 43.94
N ASP K 289 7.27 -8.51 43.44
CA ASP K 289 7.84 -8.90 42.15
C ASP K 289 8.25 -10.37 42.17
N HIS K 290 7.68 -11.16 41.25
CA HIS K 290 7.88 -12.61 41.15
C HIS K 290 7.34 -13.37 42.36
N GLY K 291 6.72 -12.69 43.32
CA GLY K 291 6.28 -13.35 44.53
C GLY K 291 7.39 -13.96 45.37
N THR K 292 8.65 -13.72 44.99
CA THR K 292 9.78 -14.44 45.59
C THR K 292 10.27 -13.84 46.91
N THR K 293 9.67 -12.77 47.42
CA THR K 293 9.96 -12.28 48.76
C THR K 293 8.67 -12.23 49.55
N LEU K 294 8.81 -12.26 50.88
CA LEU K 294 7.66 -12.17 51.78
C LEU K 294 7.43 -10.75 52.28
N THR K 295 8.24 -9.81 51.84
CA THR K 295 8.04 -8.38 52.01
C THR K 295 7.82 -7.74 50.64
N PRO K 296 6.99 -6.70 50.56
CA PRO K 296 6.63 -6.15 49.25
C PRO K 296 7.82 -5.53 48.53
N THR K 297 7.84 -5.70 47.21
CA THR K 297 8.77 -4.95 46.36
C THR K 297 8.38 -3.49 46.28
N LEU K 298 7.08 -3.21 46.12
CA LEU K 298 6.53 -1.86 46.00
C LEU K 298 5.39 -1.72 46.98
N LYS K 299 5.40 -0.65 47.75
CA LYS K 299 4.37 -0.37 48.72
C LYS K 299 3.42 0.69 48.16
N THR K 300 2.12 0.42 48.24
CA THR K 300 1.07 1.42 47.98
C THR K 300 1.17 2.00 46.55
N VAL K 301 0.91 1.13 45.58
CA VAL K 301 0.86 1.55 44.18
C VAL K 301 -0.52 1.16 43.63
N ASP K 302 -0.91 1.81 42.53
CA ASP K 302 -2.13 1.39 41.86
C ASP K 302 -1.94 1.00 40.40
N THR K 303 -0.73 1.14 39.83
CA THR K 303 -0.44 0.76 38.45
C THR K 303 0.94 0.12 38.40
N ILE K 304 1.02 -1.15 38.02
CA ILE K 304 2.30 -1.81 37.77
C ILE K 304 2.33 -2.29 36.33
N MET K 305 3.53 -2.47 35.81
CA MET K 305 3.70 -3.03 34.47
C MET K 305 4.64 -4.22 34.54
N GLN K 306 4.50 -5.09 33.54
CA GLN K 306 5.25 -6.34 33.43
C GLN K 306 5.55 -6.59 31.97
N CYS K 307 6.78 -6.98 31.64
CA CYS K 307 7.00 -7.54 30.32
C CYS K 307 6.58 -9.01 30.34
N GLN K 308 6.50 -9.62 29.15
CA GLN K 308 6.16 -11.03 29.08
C GLN K 308 7.16 -11.86 29.88
N GLY K 309 6.65 -12.87 30.61
CA GLY K 309 7.45 -13.64 31.51
C GLY K 309 7.58 -13.07 32.91
N GLN K 310 7.40 -11.77 33.09
CA GLN K 310 7.29 -11.24 34.44
C GLN K 310 5.90 -11.54 35.01
N ARG K 311 5.82 -11.44 36.34
CA ARG K 311 4.65 -11.85 37.11
C ARG K 311 4.94 -11.47 38.55
N GLY K 312 3.89 -11.45 39.36
CA GLY K 312 4.05 -11.13 40.77
C GLY K 312 2.75 -11.26 41.52
N ILE K 313 2.78 -10.82 42.77
CA ILE K 313 1.65 -10.92 43.69
C ILE K 313 1.21 -9.51 44.10
N LEU K 314 -0.09 -9.28 44.01
CA LEU K 314 -0.73 -8.04 44.45
C LEU K 314 -1.59 -8.35 45.67
N GLU K 315 -1.46 -7.53 46.72
CA GLU K 315 -2.27 -7.67 47.92
C GLU K 315 -2.94 -6.35 48.24
N PHE K 316 -4.23 -6.40 48.53
CA PHE K 316 -4.96 -5.19 48.85
C PHE K 316 -6.21 -5.58 49.62
N SER K 317 -6.92 -4.57 50.09
CA SER K 317 -8.12 -4.76 50.89
C SER K 317 -9.13 -3.68 50.55
N PHE K 318 -10.39 -4.08 50.39
CA PHE K 318 -11.48 -3.11 50.26
C PHE K 318 -12.24 -2.96 51.56
N ASN K 319 -11.61 -3.26 52.69
CA ASN K 319 -12.22 -3.06 54.01
C ASN K 319 -12.59 -1.59 54.23
N GLY K 320 -13.83 -1.36 54.65
CA GLY K 320 -14.32 -0.02 54.86
C GLY K 320 -14.82 0.69 53.64
N PHE K 321 -14.70 0.09 52.45
CA PHE K 321 -15.11 0.74 51.21
C PHE K 321 -16.63 0.63 51.02
N GLU K 322 -17.20 1.62 50.37
CA GLU K 322 -18.59 1.53 49.97
C GLU K 322 -18.76 0.35 49.01
N PRO K 323 -19.80 -0.46 49.19
CA PRO K 323 -20.02 -1.56 48.25
C PRO K 323 -20.35 -1.04 46.86
N GLY K 324 -19.91 -1.79 45.84
CA GLY K 324 -20.06 -1.36 44.47
C GLY K 324 -19.03 -2.02 43.56
N LEU K 325 -18.94 -1.50 42.34
CA LEU K 325 -18.05 -2.04 41.31
C LEU K 325 -16.75 -1.26 41.28
N TYR K 326 -15.63 -1.96 41.36
CA TYR K 326 -14.30 -1.35 41.35
C TYR K 326 -13.51 -1.93 40.18
N MET K 327 -13.15 -1.07 39.23
CA MET K 327 -12.60 -1.54 37.95
C MET K 327 -11.12 -1.89 38.08
N PHE K 328 -10.68 -2.82 37.24
CA PHE K 328 -9.26 -3.12 37.09
C PHE K 328 -9.01 -3.47 35.62
N HIS K 329 -7.93 -2.94 35.05
CA HIS K 329 -7.70 -3.06 33.62
C HIS K 329 -6.27 -2.65 33.31
N ALA K 330 -5.83 -2.98 32.10
CA ALA K 330 -4.54 -2.52 31.62
C ALA K 330 -4.55 -1.00 31.50
N HIS K 331 -3.43 -0.37 31.81
CA HIS K 331 -3.32 1.06 31.55
C HIS K 331 -2.73 1.36 30.19
N GLN K 332 -2.53 0.35 29.35
CA GLN K 332 -2.45 0.53 27.91
C GLN K 332 -3.87 0.59 27.40
N SER K 333 -4.34 1.78 27.03
CA SER K 333 -5.78 2.02 26.90
C SER K 333 -6.44 1.07 25.91
N GLU K 334 -5.83 0.87 24.74
CA GLU K 334 -6.45 0.02 23.73
C GLU K 334 -6.57 -1.44 24.18
N PHE K 335 -5.64 -1.95 25.01
CA PHE K 335 -5.81 -3.29 25.56
C PHE K 335 -7.11 -3.37 26.35
N ALA K 336 -7.37 -2.35 27.18
CA ALA K 336 -8.58 -2.34 27.97
C ALA K 336 -9.81 -2.35 27.09
N GLU K 337 -9.83 -1.45 26.10
CA GLU K 337 -10.91 -1.38 25.13
C GLU K 337 -11.15 -2.72 24.43
N LEU K 338 -10.08 -3.48 24.17
CA LEU K 338 -10.20 -4.72 23.41
C LEU K 338 -10.37 -5.96 24.30
N GLY K 339 -10.67 -5.81 25.59
CA GLY K 339 -11.03 -6.96 26.41
C GLY K 339 -10.39 -7.10 27.79
N TRP K 340 -9.21 -6.50 27.99
CA TRP K 340 -8.50 -6.58 29.26
CA TRP K 340 -8.52 -6.61 29.27
C TRP K 340 -9.06 -5.49 30.17
N MET K 341 -10.25 -5.77 30.71
CA MET K 341 -10.94 -4.89 31.65
C MET K 341 -11.94 -5.75 32.41
N GLY K 342 -12.05 -5.54 33.72
CA GLY K 342 -13.00 -6.26 34.54
C GLY K 342 -13.42 -5.41 35.72
N ASN K 343 -14.38 -5.94 36.48
CA ASN K 343 -14.87 -5.31 37.71
C ASN K 343 -14.78 -6.26 38.88
N PHE K 344 -14.36 -5.73 40.04
CA PHE K 344 -14.61 -6.36 41.33
C PHE K 344 -15.92 -5.83 41.88
N GLU K 345 -16.76 -6.73 42.39
CA GLU K 345 -18.01 -6.34 43.04
C GLU K 345 -17.78 -6.48 44.54
N VAL K 346 -17.52 -5.36 45.19
CA VAL K 346 -17.32 -5.32 46.63
C VAL K 346 -18.69 -5.38 47.30
N ILE K 347 -18.89 -6.38 48.14
CA ILE K 347 -20.16 -6.57 48.82
C ILE K 347 -19.96 -6.37 50.32
N GLU K 348 -21.02 -5.93 50.99
CA GLU K 348 -20.97 -5.66 52.43
C GLU K 348 -20.71 -6.92 53.25
N GLY L 50 -7.99 -8.05 -38.44
CA GLY L 50 -7.28 -8.75 -39.50
C GLY L 50 -6.88 -10.17 -39.18
N PHE L 51 -6.66 -10.49 -37.90
CA PHE L 51 -6.27 -11.84 -37.51
C PHE L 51 -7.50 -12.71 -37.30
N ASP L 52 -7.44 -13.94 -37.82
CA ASP L 52 -8.59 -14.84 -37.81
C ASP L 52 -8.17 -16.11 -37.07
N PRO L 53 -8.61 -16.30 -35.82
CA PRO L 53 -8.18 -17.49 -35.07
C PRO L 53 -8.87 -18.75 -35.53
N TYR L 54 -9.91 -18.63 -36.36
CA TYR L 54 -10.58 -19.80 -36.90
C TYR L 54 -9.82 -20.37 -38.09
N ALA L 55 -9.40 -19.51 -39.02
CA ALA L 55 -8.56 -19.96 -40.13
C ALA L 55 -7.18 -20.41 -39.63
N PHE L 56 -6.65 -19.76 -38.59
CA PHE L 56 -5.32 -20.07 -38.08
C PHE L 56 -5.17 -21.53 -37.68
N LEU L 57 -6.24 -22.13 -37.12
CA LEU L 57 -6.18 -23.50 -36.62
C LEU L 57 -5.64 -24.48 -37.67
N THR L 58 -5.95 -24.26 -38.96
CA THR L 58 -5.63 -25.20 -40.03
C THR L 58 -4.70 -24.60 -41.09
N HIS L 59 -4.09 -23.46 -40.83
CA HIS L 59 -3.26 -22.83 -41.85
C HIS L 59 -1.81 -23.30 -41.71
N TRP L 60 -1.24 -23.78 -42.81
CA TRP L 60 0.14 -24.25 -42.83
C TRP L 60 0.90 -23.46 -43.89
N GLU L 61 2.01 -22.90 -43.48
CA GLU L 61 2.89 -22.18 -44.41
C GLU L 61 3.99 -23.18 -44.76
N THR L 62 4.00 -23.64 -46.01
CA THR L 62 4.93 -24.67 -46.42
C THR L 62 6.08 -24.13 -47.27
N GLY L 63 6.09 -22.83 -47.55
CA GLY L 63 7.24 -22.20 -48.16
C GLY L 63 7.24 -22.27 -49.68
N GLU L 64 8.19 -21.54 -50.25
CA GLU L 64 8.45 -21.59 -51.69
C GLU L 64 9.38 -22.76 -51.96
N VAL L 65 8.89 -23.77 -52.68
CA VAL L 65 9.58 -25.05 -52.78
C VAL L 65 10.45 -25.09 -54.04
N SER L 66 11.57 -25.80 -53.94
CA SER L 66 12.60 -25.81 -54.96
C SER L 66 13.48 -27.03 -54.70
N THR L 67 14.41 -27.29 -55.61
CA THR L 67 15.33 -28.41 -55.48
C THR L 67 16.76 -27.92 -55.63
N LEU L 68 17.58 -28.17 -54.60
CA LEU L 68 18.99 -27.81 -54.65
C LEU L 68 19.75 -28.72 -55.63
N PRO L 69 20.95 -28.32 -56.06
CA PRO L 69 21.74 -29.18 -56.95
C PRO L 69 21.89 -30.62 -56.43
N SER L 70 21.97 -30.79 -55.11
CA SER L 70 22.13 -32.13 -54.54
C SER L 70 20.88 -32.99 -54.66
N GLY L 71 19.73 -32.40 -54.95
CA GLY L 71 18.46 -33.09 -54.87
C GLY L 71 17.70 -32.87 -53.58
N GLN L 72 18.31 -32.20 -52.59
CA GLN L 72 17.61 -31.90 -51.36
C GLN L 72 16.53 -30.86 -51.61
N THR L 73 15.36 -31.04 -51.00
CA THR L 73 14.30 -30.06 -51.08
C THR L 73 14.68 -28.80 -50.29
N LEU L 74 14.38 -27.65 -50.88
CA LEU L 74 14.56 -26.34 -50.25
C LEU L 74 13.18 -25.69 -50.08
N ARG L 75 12.90 -25.22 -48.87
CA ARG L 75 11.67 -24.47 -48.58
C ARG L 75 12.05 -23.09 -48.05
N GLU L 76 11.49 -22.04 -48.66
CA GLU L 76 11.87 -20.66 -48.40
C GLU L 76 10.68 -19.88 -47.84
N PHE L 77 10.97 -19.07 -46.82
CA PHE L 77 9.97 -18.27 -46.13
C PHE L 77 10.43 -16.82 -46.01
N ASN L 78 9.46 -15.91 -45.96
CA ASN L 78 9.72 -14.49 -45.72
C ASN L 78 9.02 -14.07 -44.43
N ILE L 79 9.79 -13.57 -43.48
CA ILE L 79 9.27 -13.13 -42.18
C ILE L 79 9.70 -11.68 -41.98
N VAL L 80 8.74 -10.82 -41.67
CA VAL L 80 8.99 -9.43 -41.34
C VAL L 80 8.51 -9.18 -39.91
N ALA L 81 9.40 -8.70 -39.05
CA ALA L 81 8.98 -8.21 -37.74
C ALA L 81 8.38 -6.83 -37.92
N VAL L 82 7.17 -6.61 -37.41
CA VAL L 82 6.53 -5.31 -37.51
C VAL L 82 5.70 -5.04 -36.26
N ASP L 83 5.80 -3.82 -35.73
CA ASP L 83 4.98 -3.39 -34.61
C ASP L 83 3.56 -3.16 -35.10
N LYS L 84 2.58 -3.65 -34.36
CA LYS L 84 1.22 -3.61 -34.88
C LYS L 84 0.23 -3.84 -33.75
N GLU L 85 -0.90 -3.14 -33.84
CA GLU L 85 -2.08 -3.41 -33.03
C GLU L 85 -2.62 -4.83 -33.25
N ILE L 86 -2.92 -5.55 -32.16
CA ILE L 86 -3.73 -6.76 -32.26
C ILE L 86 -4.89 -6.66 -31.27
N GLU L 87 -5.94 -7.42 -31.55
CA GLU L 87 -7.17 -7.41 -30.77
C GLU L 87 -7.29 -8.75 -30.05
N ILE L 88 -7.12 -8.74 -28.73
CA ILE L 88 -7.16 -10.00 -27.98
C ILE L 88 -8.56 -10.29 -27.47
N ALA L 89 -9.47 -9.35 -27.58
CA ALA L 89 -10.91 -9.47 -27.34
C ALA L 89 -11.54 -8.20 -27.92
N PRO L 90 -12.81 -8.22 -28.34
CA PRO L 90 -13.35 -7.07 -29.08
C PRO L 90 -13.37 -5.82 -28.21
N GLY L 91 -12.62 -4.81 -28.65
CA GLY L 91 -12.38 -3.61 -27.87
C GLY L 91 -11.19 -3.68 -26.93
N VAL L 92 -10.41 -4.76 -26.93
CA VAL L 92 -9.18 -4.84 -26.16
C VAL L 92 -8.03 -4.85 -27.14
N TYR L 93 -7.30 -3.74 -27.23
CA TYR L 93 -6.20 -3.59 -28.17
C TYR L 93 -4.89 -3.73 -27.42
N PHE L 94 -3.98 -4.52 -27.99
CA PHE L 94 -2.69 -4.80 -27.38
C PHE L 94 -1.58 -4.33 -28.31
N PRO L 95 -0.60 -3.57 -27.82
CA PRO L 95 0.48 -3.11 -28.70
C PRO L 95 1.52 -4.20 -28.92
N ALA L 96 1.41 -4.94 -30.02
CA ALA L 96 2.19 -6.14 -30.23
C ALA L 96 3.44 -5.87 -31.09
N TRP L 97 4.46 -6.71 -30.87
CA TRP L 97 5.54 -6.93 -31.83
C TRP L 97 5.27 -8.27 -32.50
N THR L 98 5.17 -8.28 -33.82
CA THR L 98 4.62 -9.44 -34.51
C THR L 98 5.51 -9.90 -35.66
N TYR L 99 5.40 -11.18 -35.98
CA TYR L 99 5.94 -11.73 -37.21
C TYR L 99 4.84 -11.68 -38.25
N ASN L 100 5.09 -10.96 -39.35
CA ASN L 100 4.15 -10.87 -40.48
C ASN L 100 2.77 -10.36 -40.07
N GLY L 101 2.70 -9.54 -39.02
CA GLY L 101 1.48 -8.85 -38.68
C GLY L 101 0.46 -9.65 -37.91
N GLN L 102 0.83 -10.79 -37.35
CA GLN L 102 -0.12 -11.61 -36.62
C GLN L 102 0.55 -12.24 -35.41
N VAL L 103 -0.27 -12.49 -34.38
CA VAL L 103 0.16 -13.21 -33.19
C VAL L 103 -0.84 -14.34 -32.99
N PRO L 104 -0.39 -15.61 -32.93
CA PRO L 104 1.00 -16.05 -33.16
C PRO L 104 1.45 -15.81 -34.61
N GLY L 105 2.75 -15.90 -34.88
CA GLY L 105 3.25 -15.75 -36.22
C GLY L 105 2.82 -16.91 -37.10
N PRO L 106 3.27 -16.91 -38.36
CA PRO L 106 2.90 -17.99 -39.28
C PRO L 106 3.36 -19.35 -38.76
N THR L 107 2.49 -20.34 -38.89
CA THR L 107 2.86 -21.72 -38.61
C THR L 107 3.72 -22.22 -39.77
N LEU L 108 5.01 -22.45 -39.53
CA LEU L 108 5.89 -22.98 -40.54
C LEU L 108 5.91 -24.50 -40.44
N ARG L 109 5.59 -25.17 -41.56
CA ARG L 109 5.48 -26.63 -41.59
C ARG L 109 6.33 -27.16 -42.74
N VAL L 110 7.30 -28.02 -42.41
CA VAL L 110 8.23 -28.58 -43.37
C VAL L 110 8.34 -30.09 -43.16
N THR L 111 9.22 -30.72 -43.93
CA THR L 111 9.48 -32.14 -43.84
C THR L 111 10.92 -32.35 -43.34
N GLU L 112 11.07 -33.28 -42.40
CA GLU L 112 12.38 -33.72 -41.93
C GLU L 112 13.35 -33.88 -43.10
N GLY L 113 14.50 -33.22 -42.99
CA GLY L 113 15.51 -33.28 -44.00
C GLY L 113 15.53 -32.13 -44.98
N ASP L 114 14.44 -31.36 -45.07
CA ASP L 114 14.42 -30.21 -45.97
C ASP L 114 15.49 -29.20 -45.57
N ARG L 115 16.02 -28.50 -46.56
CA ARG L 115 16.76 -27.29 -46.30
C ARG L 115 15.75 -26.15 -46.12
N VAL L 116 15.87 -25.43 -45.01
CA VAL L 116 14.97 -24.32 -44.68
C VAL L 116 15.76 -23.03 -44.79
N ARG L 117 15.18 -22.05 -45.50
CA ARG L 117 15.71 -20.68 -45.50
C ARG L 117 14.60 -19.75 -45.02
N VAL L 118 14.87 -19.00 -43.97
CA VAL L 118 13.95 -17.98 -43.48
C VAL L 118 14.62 -16.61 -43.68
N HIS L 119 14.13 -15.86 -44.68
CA HIS L 119 14.52 -14.47 -44.89
C HIS L 119 13.78 -13.60 -43.89
N PHE L 120 14.51 -13.04 -42.94
CA PHE L 120 13.95 -12.27 -41.84
C PHE L 120 14.35 -10.81 -41.99
N HIS L 121 13.35 -9.93 -42.03
CA HIS L 121 13.57 -8.50 -42.10
C HIS L 121 12.92 -7.82 -40.90
N ASN L 122 13.62 -6.85 -40.31
CA ASN L 122 13.10 -6.12 -39.16
C ASN L 122 12.54 -4.79 -39.63
N ALA L 123 11.22 -4.67 -39.67
CA ALA L 123 10.54 -3.41 -39.96
C ALA L 123 9.97 -2.75 -38.70
N GLY L 124 10.44 -3.13 -37.51
CA GLY L 124 9.96 -2.59 -36.26
C GLY L 124 10.85 -1.48 -35.71
N SER L 125 10.64 -1.16 -34.43
CA SER L 125 11.42 -0.12 -33.79
C SER L 125 12.49 -0.63 -32.83
N HIS L 126 12.44 -1.90 -32.42
CA HIS L 126 13.42 -2.53 -31.56
C HIS L 126 14.12 -3.68 -32.29
N PRO L 127 15.38 -4.00 -31.91
CA PRO L 127 16.04 -5.19 -32.49
C PRO L 127 15.32 -6.48 -32.10
N HIS L 128 15.40 -7.47 -33.00
CA HIS L 128 14.71 -8.74 -32.83
C HIS L 128 15.55 -9.87 -33.43
N THR L 129 15.17 -11.10 -33.12
CA THR L 129 15.75 -12.30 -33.74
C THR L 129 14.61 -13.28 -34.01
N ILE L 130 14.96 -14.39 -34.65
CA ILE L 130 14.16 -15.61 -34.60
C ILE L 130 15.04 -16.72 -34.04
N HIS L 131 14.66 -17.24 -32.87
CA HIS L 131 15.30 -18.40 -32.27
C HIS L 131 14.38 -19.60 -32.52
N PHE L 132 14.85 -20.55 -33.33
CA PHE L 132 14.13 -21.78 -33.58
C PHE L 132 14.43 -22.83 -32.51
N HIS L 133 13.39 -23.51 -32.04
CA HIS L 133 13.58 -24.76 -31.31
C HIS L 133 13.79 -25.85 -32.36
N GLY L 134 15.03 -26.27 -32.54
CA GLY L 134 15.38 -27.21 -33.58
C GLY L 134 16.89 -27.25 -33.66
N ILE L 135 17.39 -28.18 -34.47
CA ILE L 135 18.83 -28.37 -34.58
C ILE L 135 19.35 -27.42 -35.67
N HIS L 136 20.43 -26.68 -35.36
CA HIS L 136 21.02 -25.75 -36.32
C HIS L 136 22.38 -25.28 -35.81
N PRO L 137 23.21 -24.63 -36.64
CA PRO L 137 24.49 -24.12 -36.13
C PRO L 137 24.28 -22.96 -35.17
N ALA L 138 25.29 -22.75 -34.31
CA ALA L 138 25.28 -21.65 -33.36
C ALA L 138 25.01 -20.31 -34.04
N SER L 139 25.62 -20.07 -35.20
CA SER L 139 25.45 -18.78 -35.88
C SER L 139 24.01 -18.57 -36.34
N MET L 140 23.22 -19.64 -36.43
CA MET L 140 21.82 -19.55 -36.85
C MET L 140 20.86 -19.60 -35.67
N ASP L 141 21.35 -19.45 -34.44
CA ASP L 141 20.54 -19.70 -33.25
C ASP L 141 19.61 -18.54 -32.87
N GLY L 142 19.78 -17.36 -33.47
CA GLY L 142 18.89 -16.26 -33.17
C GLY L 142 19.01 -15.75 -31.74
N VAL L 143 20.23 -15.63 -31.23
CA VAL L 143 20.48 -15.04 -29.92
C VAL L 143 21.40 -13.84 -30.13
N PRO L 144 21.48 -12.95 -29.15
CA PRO L 144 22.26 -11.70 -29.36
C PRO L 144 23.77 -11.89 -29.50
N GLY L 145 24.36 -12.96 -28.96
CA GLY L 145 25.81 -13.07 -28.90
C GLY L 145 26.54 -13.84 -29.98
N THR L 146 25.84 -14.48 -30.91
CA THR L 146 26.46 -15.31 -31.94
C THR L 146 25.96 -14.86 -33.33
N GLY L 147 26.68 -15.28 -34.37
CA GLY L 147 26.30 -15.01 -35.74
C GLY L 147 26.03 -13.53 -35.98
N PRO L 148 24.94 -13.22 -36.68
CA PRO L 148 24.59 -11.79 -36.88
C PRO L 148 24.12 -11.10 -35.60
N GLY L 149 23.94 -11.83 -34.51
CA GLY L 149 23.34 -11.24 -33.32
C GLY L 149 21.90 -10.78 -33.57
N MET L 150 21.52 -9.71 -32.90
CA MET L 150 20.17 -9.17 -33.06
C MET L 150 20.07 -8.47 -34.41
N ILE L 151 18.91 -8.58 -35.04
CA ILE L 151 18.63 -7.88 -36.29
C ILE L 151 17.97 -6.54 -35.93
N TYR L 152 18.64 -5.44 -36.25
CA TYR L 152 18.18 -4.11 -35.88
C TYR L 152 17.19 -3.56 -36.91
N PRO L 153 16.46 -2.51 -36.57
CA PRO L 153 15.47 -1.96 -37.50
C PRO L 153 16.07 -1.68 -38.87
N GLY L 154 15.40 -2.17 -39.91
CA GLY L 154 15.85 -2.00 -41.27
C GLY L 154 16.85 -3.03 -41.77
N GLU L 155 17.32 -3.94 -40.91
CA GLU L 155 18.26 -4.97 -41.34
C GLU L 155 17.53 -6.25 -41.73
N SER L 156 18.26 -7.11 -42.44
CA SER L 156 17.78 -8.39 -42.92
C SER L 156 18.80 -9.48 -42.60
N PHE L 157 18.32 -10.71 -42.52
CA PHE L 157 19.22 -11.84 -42.34
C PHE L 157 18.48 -13.11 -42.74
N THR L 158 19.19 -14.06 -43.31
CA THR L 158 18.60 -15.33 -43.72
C THR L 158 19.05 -16.43 -42.76
N TYR L 159 18.11 -17.01 -42.02
CA TYR L 159 18.38 -18.21 -41.24
C TYR L 159 18.32 -19.43 -42.15
N GLU L 160 19.33 -20.30 -42.06
CA GLU L 160 19.42 -21.48 -42.93
C GLU L 160 19.82 -22.69 -42.11
N PHE L 161 19.10 -23.79 -42.29
CA PHE L 161 19.41 -25.02 -41.57
C PHE L 161 18.65 -26.16 -42.21
N ASP L 162 19.09 -27.37 -41.91
CA ASP L 162 18.32 -28.57 -42.24
C ASP L 162 17.30 -28.83 -41.15
N ALA L 163 16.08 -29.16 -41.56
CA ALA L 163 14.97 -29.33 -40.63
C ALA L 163 15.12 -30.67 -39.89
N TYR L 164 15.67 -30.61 -38.68
CA TYR L 164 15.76 -31.74 -37.75
C TYR L 164 15.53 -31.23 -36.34
N PRO L 165 15.00 -32.06 -35.43
CA PRO L 165 14.45 -33.41 -35.65
C PRO L 165 12.99 -33.31 -36.01
N PHE L 166 12.36 -34.36 -36.52
CA PHE L 166 10.91 -34.31 -36.71
C PHE L 166 10.24 -34.12 -35.35
N GLY L 167 9.14 -33.38 -35.35
CA GLY L 167 8.36 -33.20 -34.15
C GLY L 167 7.60 -31.87 -34.20
N CYS L 168 7.08 -31.50 -33.03
CA CYS L 168 6.36 -30.26 -32.85
C CYS L 168 7.30 -29.25 -32.18
N HIS L 169 7.55 -28.14 -32.87
CA HIS L 169 8.50 -27.15 -32.36
C HIS L 169 7.93 -25.75 -32.44
N LEU L 170 8.76 -24.75 -32.23
CA LEU L 170 8.30 -23.37 -32.20
C LEU L 170 9.48 -22.44 -32.46
N TYR L 171 9.16 -21.18 -32.65
CA TYR L 171 10.16 -20.14 -32.78
C TYR L 171 9.69 -18.91 -32.05
N HIS L 172 10.63 -18.13 -31.55
CA HIS L 172 10.30 -16.91 -30.85
C HIS L 172 11.54 -16.03 -30.80
N CYS L 173 11.30 -14.73 -30.60
CA CYS L 173 12.41 -13.80 -30.43
C CYS L 173 13.20 -14.12 -29.17
N HIS L 174 14.52 -13.91 -29.23
CA HIS L 174 15.40 -14.01 -28.07
C HIS L 174 16.28 -12.75 -28.04
N ALA L 175 15.69 -11.62 -27.65
CA ALA L 175 16.40 -10.36 -27.54
C ALA L 175 16.51 -9.97 -26.07
N ILE L 176 16.66 -8.67 -25.80
CA ILE L 176 16.92 -8.18 -24.45
C ILE L 176 15.83 -7.20 -24.03
N PRO L 177 15.14 -7.42 -22.91
CA PRO L 177 15.28 -8.66 -22.15
C PRO L 177 14.37 -9.74 -22.73
N LEU L 178 14.65 -10.99 -22.36
CA LEU L 178 14.05 -12.14 -23.03
C LEU L 178 12.53 -12.12 -22.91
N LYS L 179 12.00 -11.83 -21.72
CA LYS L 179 10.55 -11.96 -21.53
C LYS L 179 9.78 -10.88 -22.28
N ARG L 180 10.39 -9.71 -22.46
CA ARG L 180 9.67 -8.60 -23.09
C ARG L 180 9.31 -8.93 -24.53
N HIS L 181 10.27 -9.47 -25.30
CA HIS L 181 10.03 -9.71 -26.71
C HIS L 181 9.09 -10.89 -26.93
N ILE L 182 9.11 -11.89 -26.04
CA ILE L 182 8.16 -12.99 -26.18
C ILE L 182 6.75 -12.50 -25.87
N HIS L 183 6.58 -11.85 -24.72
CA HIS L 183 5.27 -11.38 -24.31
C HIS L 183 4.62 -10.49 -25.36
N LYS L 184 5.41 -9.59 -25.96
CA LYS L 184 4.84 -8.66 -26.93
C LYS L 184 4.30 -9.35 -28.19
N GLY L 185 4.60 -10.63 -28.40
CA GLY L 185 3.92 -11.37 -29.43
C GLY L 185 4.79 -12.11 -30.43
N LEU L 186 6.10 -12.09 -30.26
CA LEU L 186 7.02 -12.66 -31.26
C LEU L 186 7.25 -14.14 -30.99
N TYR L 187 6.27 -14.97 -31.37
CA TYR L 187 6.38 -16.41 -31.26
C TYR L 187 5.47 -17.05 -32.31
N GLY L 188 5.79 -18.30 -32.66
CA GLY L 188 4.99 -19.04 -33.62
C GLY L 188 5.37 -20.50 -33.63
N ALA L 189 4.57 -21.29 -34.36
CA ALA L 189 4.74 -22.74 -34.42
C ALA L 189 5.63 -23.15 -35.60
N PHE L 190 6.42 -24.19 -35.37
CA PHE L 190 7.36 -24.74 -36.35
C PHE L 190 7.19 -26.25 -36.32
N ILE L 191 6.62 -26.83 -37.37
CA ILE L 191 6.31 -28.26 -37.41
C ILE L 191 7.19 -28.94 -38.46
N ILE L 192 7.86 -30.01 -38.05
CA ILE L 192 8.72 -30.79 -38.92
C ILE L 192 8.11 -32.19 -39.00
N ASP L 193 7.49 -32.50 -40.15
CA ASP L 193 6.88 -33.82 -40.32
C ASP L 193 7.96 -34.89 -40.49
N PRO L 194 7.72 -36.10 -40.00
CA PRO L 194 8.66 -37.18 -40.24
C PRO L 194 8.70 -37.55 -41.72
N ASP L 195 9.90 -37.84 -42.20
CA ASP L 195 10.10 -38.38 -43.52
C ASP L 195 9.84 -39.88 -43.46
N PRO L 196 8.70 -40.35 -43.96
CA PRO L 196 8.33 -41.76 -43.74
C PRO L 196 9.36 -42.73 -44.25
N GLU L 197 10.11 -42.36 -45.30
CA GLU L 197 11.17 -43.21 -45.81
C GLU L 197 12.30 -43.42 -44.82
N ARG L 198 12.38 -42.60 -43.78
CA ARG L 198 13.43 -42.72 -42.77
C ARG L 198 12.96 -43.38 -41.48
N HIS L 199 11.71 -43.85 -41.44
CA HIS L 199 11.18 -44.56 -40.27
C HIS L 199 10.35 -45.76 -40.75
N PRO L 200 11.01 -46.73 -41.38
CA PRO L 200 10.25 -47.87 -41.93
C PRO L 200 9.50 -48.67 -40.88
N GLU L 201 10.00 -48.68 -39.64
CA GLU L 201 9.34 -49.37 -38.54
C GLU L 201 8.06 -48.68 -38.08
N TYR L 202 7.88 -47.41 -38.46
CA TYR L 202 6.72 -46.63 -38.07
C TYR L 202 6.17 -45.89 -39.27
N GLN L 203 6.16 -46.57 -40.41
CA GLN L 203 5.83 -45.92 -41.66
C GLN L 203 4.40 -45.41 -41.67
N ALA L 204 3.47 -46.18 -41.09
CA ALA L 204 2.08 -45.75 -41.08
C ALA L 204 1.92 -44.47 -40.26
N ALA L 205 2.50 -44.44 -39.06
CA ALA L 205 2.40 -43.27 -38.20
C ALA L 205 3.10 -42.06 -38.82
N ALA L 206 4.23 -42.28 -39.49
CA ALA L 206 4.93 -41.17 -40.12
C ALA L 206 4.12 -40.62 -41.30
N ARG L 207 3.51 -41.50 -42.10
CA ARG L 207 2.72 -41.04 -43.22
C ARG L 207 1.49 -40.26 -42.75
N ALA L 208 0.90 -40.66 -41.63
CA ALA L 208 -0.25 -39.93 -41.11
C ALA L 208 0.09 -38.50 -40.71
N ARG L 209 1.37 -38.19 -40.52
CA ARG L 209 1.82 -36.85 -40.14
C ARG L 209 2.40 -36.06 -41.29
N LEU L 210 2.70 -36.71 -42.41
CA LEU L 210 3.30 -36.02 -43.55
C LEU L 210 2.19 -35.28 -44.29
N LEU L 211 2.24 -33.94 -44.26
CA LEU L 211 1.17 -33.11 -44.83
C LEU L 211 0.94 -33.45 -46.29
N GLY L 212 -0.30 -33.79 -46.63
CA GLY L 212 -0.70 -34.01 -48.01
C GLY L 212 -0.94 -35.46 -48.41
N THR L 213 -0.38 -36.44 -47.69
CA THR L 213 -0.65 -37.83 -48.00
C THR L 213 -2.12 -38.16 -47.73
N PRO L 214 -2.66 -39.21 -48.36
CA PRO L 214 -4.04 -39.59 -48.05
C PRO L 214 -4.23 -40.02 -46.61
N GLU L 215 -3.22 -40.66 -46.00
CA GLU L 215 -3.30 -40.96 -44.56
C GLU L 215 -3.40 -39.68 -43.73
N ASN L 216 -2.64 -38.66 -44.10
CA ASN L 216 -2.70 -37.38 -43.38
C ASN L 216 -4.04 -36.68 -43.61
N GLN L 217 -4.59 -36.76 -44.82
CA GLN L 217 -5.87 -36.11 -45.10
C GLN L 217 -7.01 -36.66 -44.24
N ALA L 218 -6.94 -37.92 -43.83
CA ALA L 218 -7.97 -38.47 -42.96
C ALA L 218 -7.98 -37.82 -41.58
N TRP L 219 -6.82 -37.39 -41.08
CA TRP L 219 -6.73 -36.73 -39.78
C TRP L 219 -7.19 -35.28 -39.86
N GLN L 220 -7.88 -34.84 -38.82
CA GLN L 220 -8.17 -33.42 -38.60
C GLN L 220 -7.06 -32.86 -37.71
N GLU L 221 -6.20 -32.01 -38.28
CA GLU L 221 -5.05 -31.46 -37.58
C GLU L 221 -5.29 -29.99 -37.25
N PHE L 222 -4.96 -29.59 -36.02
CA PHE L 222 -5.08 -28.21 -35.57
C PHE L 222 -3.82 -27.78 -34.84
N VAL L 223 -3.47 -26.50 -34.97
CA VAL L 223 -2.37 -25.91 -34.21
C VAL L 223 -2.97 -24.98 -33.15
N MET L 224 -2.47 -25.10 -31.92
CA MET L 224 -3.01 -24.35 -30.78
C MET L 224 -1.85 -23.81 -29.96
N VAL L 225 -1.74 -22.49 -29.87
CA VAL L 225 -0.70 -21.84 -29.09
C VAL L 225 -1.37 -21.23 -27.88
N MET L 226 -1.01 -21.72 -26.69
CA MET L 226 -1.50 -21.14 -25.44
C MET L 226 -0.69 -19.89 -25.17
N ASN L 227 -1.35 -18.74 -25.09
CA ASN L 227 -0.63 -17.51 -24.84
C ASN L 227 -1.43 -16.65 -23.87
N GLY L 228 -0.83 -15.53 -23.48
CA GLY L 228 -1.44 -14.62 -22.52
C GLY L 228 -0.91 -13.21 -22.74
N PHE L 229 -1.62 -12.25 -22.17
CA PHE L 229 -1.31 -10.85 -22.39
C PHE L 229 -1.48 -10.06 -21.10
N ASP L 230 -0.48 -9.27 -20.80
CA ASP L 230 -0.38 -8.42 -19.61
C ASP L 230 -0.59 -7.00 -20.13
N THR L 231 -1.85 -6.54 -20.11
CA THR L 231 -2.24 -5.33 -20.83
C THR L 231 -1.85 -4.04 -20.11
N ASN L 232 -1.57 -4.09 -18.79
CA ASN L 232 -1.05 -2.92 -18.09
C ASN L 232 0.43 -3.05 -17.74
N PHE L 233 1.09 -4.09 -18.24
CA PHE L 233 2.56 -4.18 -18.23
C PHE L 233 3.16 -4.10 -16.83
N ASP L 234 2.60 -4.92 -15.93
CA ASP L 234 3.15 -5.15 -14.58
C ASP L 234 3.58 -6.60 -14.38
N GLU L 235 3.78 -7.36 -15.47
CA GLU L 235 4.33 -8.72 -15.44
C GLU L 235 3.37 -9.75 -14.83
N GLU L 236 2.06 -9.50 -14.94
CA GLU L 236 1.05 -10.49 -14.59
C GLU L 236 -0.05 -10.41 -15.65
N ASN L 237 -0.41 -11.56 -16.23
CA ASN L 237 -1.34 -11.58 -17.34
C ASN L 237 -2.77 -11.21 -16.91
N GLU L 238 -3.47 -10.47 -17.78
CA GLU L 238 -4.91 -10.20 -17.66
C GLU L 238 -5.76 -11.14 -18.51
N VAL L 239 -5.26 -11.51 -19.69
CA VAL L 239 -6.00 -12.26 -20.68
C VAL L 239 -5.21 -13.52 -20.99
N TYR L 240 -5.91 -14.63 -21.06
CA TYR L 240 -5.34 -15.88 -21.53
C TYR L 240 -6.14 -16.37 -22.72
N ALA L 241 -5.53 -17.24 -23.50
CA ALA L 241 -6.21 -17.65 -24.71
C ALA L 241 -5.49 -18.84 -25.30
N VAL L 242 -6.18 -19.51 -26.21
CA VAL L 242 -5.56 -20.36 -27.20
CA VAL L 242 -5.56 -20.37 -27.20
C VAL L 242 -5.70 -19.64 -28.53
N ASN L 243 -4.56 -19.35 -29.15
CA ASN L 243 -4.50 -18.54 -30.37
C ASN L 243 -5.12 -17.16 -30.15
N THR L 244 -4.66 -16.48 -29.09
CA THR L 244 -4.74 -15.03 -28.92
C THR L 244 -6.10 -14.48 -28.51
N VAL L 245 -7.17 -14.85 -29.19
CA VAL L 245 -8.47 -14.23 -28.95
C VAL L 245 -9.16 -14.97 -27.81
N ALA L 246 -9.30 -14.29 -26.68
CA ALA L 246 -9.97 -14.83 -25.51
C ALA L 246 -11.32 -15.42 -25.89
N HIS L 247 -11.54 -16.68 -25.50
CA HIS L 247 -12.81 -17.38 -25.67
C HIS L 247 -13.24 -17.48 -27.13
N ALA L 248 -12.28 -17.41 -28.07
CA ALA L 248 -12.63 -17.45 -29.50
C ALA L 248 -13.48 -18.67 -29.83
N TYR L 249 -13.15 -19.82 -29.24
CA TYR L 249 -13.82 -21.08 -29.55
C TYR L 249 -14.98 -21.38 -28.61
N MET L 250 -15.30 -20.47 -27.68
CA MET L 250 -16.64 -20.46 -27.09
C MET L 250 -17.64 -19.77 -28.02
N LYS L 251 -17.23 -18.64 -28.59
CA LYS L 251 -18.09 -17.89 -29.49
C LYS L 251 -18.38 -18.70 -30.74
N ARG L 252 -17.40 -19.44 -31.23
CA ARG L 252 -17.54 -20.23 -32.46
C ARG L 252 -16.77 -21.53 -32.26
N PRO L 253 -17.47 -22.61 -31.92
CA PRO L 253 -16.80 -23.87 -31.62
C PRO L 253 -16.04 -24.43 -32.83
N ILE L 254 -15.05 -25.26 -32.54
CA ILE L 254 -14.25 -25.93 -33.56
C ILE L 254 -14.99 -27.20 -33.98
N ARG L 255 -15.39 -27.25 -35.25
CA ARG L 255 -16.17 -28.37 -35.74
C ARG L 255 -15.29 -29.60 -35.97
N ILE L 256 -15.75 -30.73 -35.45
CA ILE L 256 -15.03 -31.99 -35.45
C ILE L 256 -15.93 -33.06 -36.06
N GLU L 257 -15.46 -33.70 -37.12
CA GLU L 257 -16.15 -34.87 -37.65
C GLU L 257 -15.85 -36.08 -36.78
N ARG L 258 -16.92 -36.77 -36.37
CA ARG L 258 -16.79 -37.93 -35.49
C ARG L 258 -15.94 -39.04 -36.11
N ASP L 259 -16.10 -39.28 -37.41
CA ASP L 259 -15.49 -40.44 -38.06
C ASP L 259 -13.99 -40.28 -38.26
N ARG L 260 -13.44 -39.09 -38.06
CA ARG L 260 -12.02 -38.89 -38.30
C ARG L 260 -11.31 -38.54 -36.99
N PRO L 261 -10.09 -39.01 -36.80
CA PRO L 261 -9.34 -38.68 -35.57
C PRO L 261 -8.84 -37.24 -35.59
N VAL L 262 -8.47 -36.75 -34.40
CA VAL L 262 -8.05 -35.37 -34.20
C VAL L 262 -6.62 -35.34 -33.70
N ARG L 263 -5.81 -34.46 -34.29
CA ARG L 263 -4.44 -34.22 -33.86
C ARG L 263 -4.27 -32.72 -33.59
N ILE L 264 -3.76 -32.39 -32.40
CA ILE L 264 -3.49 -30.99 -32.02
C ILE L 264 -1.99 -30.85 -31.77
N TYR L 265 -1.39 -29.88 -32.47
CA TYR L 265 -0.02 -29.42 -32.19
C TYR L 265 -0.14 -28.31 -31.16
N LEU L 266 0.18 -28.60 -29.90
CA LEU L 266 -0.08 -27.73 -28.77
C LEU L 266 1.23 -27.15 -28.24
N ILE L 267 1.33 -25.81 -28.22
CA ILE L 267 2.55 -25.10 -27.84
C ILE L 267 2.22 -24.15 -26.69
N ASN L 268 3.11 -24.08 -25.70
CA ASN L 268 2.97 -23.13 -24.60
C ASN L 268 3.90 -21.95 -24.82
N ALA L 269 3.31 -20.79 -25.12
CA ALA L 269 4.04 -19.54 -25.24
C ALA L 269 3.71 -18.56 -24.13
N THR L 270 3.00 -19.00 -23.09
CA THR L 270 2.56 -18.06 -22.05
C THR L 270 3.74 -17.58 -21.21
N GLU L 271 3.85 -16.27 -21.07
CA GLU L 271 4.89 -15.62 -20.29
C GLU L 271 4.40 -15.35 -18.86
N PHE L 272 5.35 -15.15 -17.95
CA PHE L 272 5.11 -14.82 -16.53
C PHE L 272 4.58 -15.98 -15.70
N ASP L 273 3.60 -16.69 -16.20
CA ASP L 273 3.12 -17.83 -15.42
C ASP L 273 4.01 -19.06 -15.65
N PRO L 274 4.30 -19.85 -14.61
CA PRO L 274 5.24 -20.97 -14.78
C PRO L 274 4.72 -22.09 -15.65
N ILE L 275 3.43 -22.46 -15.53
CA ILE L 275 2.90 -23.53 -16.38
C ILE L 275 1.55 -23.14 -16.98
N ASN L 276 1.21 -23.84 -18.05
CA ASN L 276 -0.12 -23.85 -18.65
C ASN L 276 -0.53 -25.31 -18.82
N SER L 277 -1.78 -25.55 -19.21
CA SER L 277 -2.28 -26.91 -19.29
C SER L 277 -3.43 -27.00 -20.27
N PHE L 278 -3.81 -28.25 -20.57
CA PHE L 278 -4.89 -28.58 -21.50
C PHE L 278 -5.67 -29.71 -20.88
N HIS L 279 -6.97 -29.51 -20.64
CA HIS L 279 -7.89 -30.55 -20.19
C HIS L 279 -8.96 -30.78 -21.25
N LEU L 280 -9.14 -32.03 -21.67
CA LEU L 280 -10.16 -32.40 -22.66
C LEU L 280 -11.34 -33.05 -21.93
N HIS L 281 -12.52 -32.45 -22.06
CA HIS L 281 -13.69 -32.97 -21.39
C HIS L 281 -14.20 -34.25 -22.03
N ALA L 282 -14.60 -35.20 -21.19
CA ALA L 282 -15.42 -36.34 -21.57
C ALA L 282 -14.68 -37.36 -22.43
N ASN L 283 -13.37 -37.21 -22.60
CA ASN L 283 -12.60 -38.02 -23.53
C ASN L 283 -11.13 -37.98 -23.10
N PHE L 284 -10.34 -38.89 -23.64
CA PHE L 284 -8.91 -38.98 -23.33
C PHE L 284 -8.10 -38.96 -24.62
N PHE L 285 -6.83 -38.59 -24.50
CA PHE L 285 -5.94 -38.48 -25.65
C PHE L 285 -4.59 -39.13 -25.32
N ASP L 286 -3.83 -39.43 -26.38
CA ASP L 286 -2.42 -39.78 -26.25
C ASP L 286 -1.58 -38.52 -26.46
N TYR L 287 -0.49 -38.41 -25.72
CA TYR L 287 0.35 -37.22 -25.74
C TYR L 287 1.76 -37.59 -26.20
N TYR L 288 2.30 -36.81 -27.13
CA TYR L 288 3.63 -37.00 -27.70
C TYR L 288 4.47 -35.79 -27.32
N ASP L 289 5.29 -35.93 -26.27
CA ASP L 289 6.08 -34.82 -25.76
C ASP L 289 7.04 -34.35 -26.84
N HIS L 290 6.95 -33.05 -27.18
CA HIS L 290 7.71 -32.41 -28.26
C HIS L 290 7.38 -32.97 -29.64
N GLY L 291 6.40 -33.88 -29.72
CA GLY L 291 6.16 -34.65 -30.94
C GLY L 291 7.36 -35.36 -31.56
N THR L 292 8.45 -35.55 -30.80
CA THR L 292 9.70 -36.06 -31.37
C THR L 292 9.77 -37.59 -31.42
N THR L 293 8.76 -38.30 -30.93
CA THR L 293 8.69 -39.75 -31.10
C THR L 293 7.40 -40.09 -31.84
N LEU L 294 7.39 -41.27 -32.47
CA LEU L 294 6.22 -41.75 -33.20
C LEU L 294 5.36 -42.69 -32.37
N THR L 295 5.76 -42.97 -31.12
CA THR L 295 4.91 -43.63 -30.15
C THR L 295 4.60 -42.64 -29.03
N PRO L 296 3.45 -42.77 -28.36
CA PRO L 296 3.07 -41.77 -27.37
C PRO L 296 4.00 -41.75 -26.17
N THR L 297 4.15 -40.56 -25.59
CA THR L 297 4.82 -40.39 -24.31
C THR L 297 3.90 -40.75 -23.15
N LEU L 298 2.63 -40.40 -23.27
CA LEU L 298 1.61 -40.72 -22.27
C LEU L 298 0.43 -41.29 -23.01
N LYS L 299 -0.02 -42.48 -22.60
CA LYS L 299 -1.22 -43.11 -23.13
C LYS L 299 -2.41 -42.73 -22.25
N THR L 300 -3.50 -42.30 -22.89
CA THR L 300 -4.82 -42.23 -22.25
C THR L 300 -4.80 -41.28 -21.04
N VAL L 301 -4.58 -39.99 -21.34
CA VAL L 301 -4.69 -38.95 -20.33
C VAL L 301 -5.73 -37.93 -20.82
N ASP L 302 -6.28 -37.15 -19.87
CA ASP L 302 -7.17 -36.04 -20.22
C ASP L 302 -6.68 -34.67 -19.73
N THR L 303 -5.55 -34.61 -19.04
CA THR L 303 -4.97 -33.35 -18.55
C THR L 303 -3.45 -33.44 -18.61
N ILE L 304 -2.82 -32.57 -19.39
CA ILE L 304 -1.37 -32.45 -19.41
C ILE L 304 -1.00 -31.00 -19.12
N MET L 305 0.24 -30.80 -18.67
CA MET L 305 0.76 -29.47 -18.41
C MET L 305 2.10 -29.30 -19.12
N GLN L 306 2.43 -28.04 -19.40
CA GLN L 306 3.65 -27.63 -20.08
C GLN L 306 4.16 -26.34 -19.45
N CYS L 307 5.45 -26.27 -19.20
CA CYS L 307 6.03 -24.95 -18.96
C CYS L 307 6.23 -24.24 -20.31
N GLN L 308 6.52 -22.94 -20.26
CA GLN L 308 6.77 -22.21 -21.50
C GLN L 308 7.92 -22.86 -22.28
N GLY L 309 7.79 -22.87 -23.61
CA GLY L 309 8.74 -23.53 -24.47
C GLY L 309 8.52 -25.03 -24.66
N GLN L 310 7.75 -25.68 -23.77
CA GLN L 310 7.35 -27.05 -24.02
C GLN L 310 6.14 -27.06 -24.96
N ARG L 311 5.90 -28.23 -25.55
CA ARG L 311 4.90 -28.37 -26.60
C ARG L 311 4.81 -29.85 -26.94
N GLY L 312 3.71 -30.24 -27.56
CA GLY L 312 3.59 -31.63 -27.95
C GLY L 312 2.40 -31.84 -28.85
N ILE L 313 2.20 -33.11 -29.21
CA ILE L 313 1.11 -33.53 -30.08
C ILE L 313 0.09 -34.29 -29.25
N LEU L 314 -1.19 -33.94 -29.41
CA LEU L 314 -2.30 -34.66 -28.81
C LEU L 314 -3.09 -35.37 -29.90
N GLU L 315 -3.44 -36.64 -29.68
CA GLU L 315 -4.23 -37.41 -30.63
C GLU L 315 -5.42 -38.05 -29.92
N PHE L 316 -6.61 -37.88 -30.50
CA PHE L 316 -7.80 -38.45 -29.89
C PHE L 316 -8.87 -38.60 -30.97
N SER L 317 -9.96 -39.25 -30.58
CA SER L 317 -11.06 -39.51 -31.48
C SER L 317 -12.37 -39.39 -30.72
N PHE L 318 -13.36 -38.82 -31.39
CA PHE L 318 -14.71 -38.74 -30.84
C PHE L 318 -15.65 -39.72 -31.55
N ASN L 319 -15.07 -40.71 -32.22
CA ASN L 319 -15.83 -41.77 -32.87
C ASN L 319 -16.81 -42.42 -31.91
N GLY L 320 -18.09 -42.44 -32.29
CA GLY L 320 -19.11 -43.02 -31.46
C GLY L 320 -19.69 -42.12 -30.38
N PHE L 321 -19.19 -40.91 -30.21
CA PHE L 321 -19.71 -40.02 -29.18
C PHE L 321 -21.02 -39.39 -29.63
N GLU L 322 -21.90 -39.14 -28.66
CA GLU L 322 -23.10 -38.37 -28.94
C GLU L 322 -22.70 -37.00 -29.50
N PRO L 323 -23.28 -36.56 -30.61
CA PRO L 323 -22.92 -35.23 -31.12
C PRO L 323 -23.24 -34.14 -30.11
N GLY L 324 -22.46 -33.08 -30.13
CA GLY L 324 -22.66 -31.98 -29.21
C GLY L 324 -21.36 -31.23 -28.94
N LEU L 325 -21.37 -30.52 -27.81
CA LEU L 325 -20.29 -29.60 -27.46
C LEU L 325 -19.42 -30.23 -26.38
N TYR L 326 -18.12 -30.28 -26.64
CA TYR L 326 -17.14 -30.88 -25.74
C TYR L 326 -16.09 -29.83 -25.40
N MET L 327 -16.05 -29.42 -24.14
CA MET L 327 -15.17 -28.33 -23.73
C MET L 327 -13.71 -28.77 -23.70
N PHE L 328 -12.81 -27.81 -23.90
CA PHE L 328 -11.38 -27.98 -23.63
C PHE L 328 -10.83 -26.67 -23.11
N HIS L 329 -9.97 -26.74 -22.08
CA HIS L 329 -9.52 -25.52 -21.42
C HIS L 329 -8.34 -25.85 -20.49
N ALA L 330 -7.68 -24.79 -20.02
CA ALA L 330 -6.65 -24.97 -19.01
C ALA L 330 -7.28 -25.42 -17.71
N HIS L 331 -6.60 -26.33 -17.01
CA HIS L 331 -7.04 -26.67 -15.67
C HIS L 331 -6.45 -25.76 -14.60
N GLN L 332 -5.86 -24.63 -14.99
CA GLN L 332 -5.69 -23.50 -14.08
C GLN L 332 -6.98 -22.70 -14.21
N SER L 333 -7.84 -22.82 -13.20
CA SER L 333 -9.21 -22.32 -13.33
C SER L 333 -9.26 -20.88 -13.79
N GLU L 334 -8.41 -20.03 -13.22
CA GLU L 334 -8.45 -18.61 -13.56
C GLU L 334 -8.06 -18.35 -15.02
N PHE L 335 -7.15 -19.16 -15.59
CA PHE L 335 -6.82 -18.99 -17.01
C PHE L 335 -8.05 -19.22 -17.88
N ALA L 336 -8.83 -20.27 -17.54
CA ALA L 336 -10.01 -20.60 -18.33
C ALA L 336 -11.06 -19.49 -18.21
N GLU L 337 -11.21 -18.93 -17.02
CA GLU L 337 -12.16 -17.84 -16.81
C GLU L 337 -11.75 -16.58 -17.57
N LEU L 338 -10.45 -16.39 -17.78
CA LEU L 338 -9.93 -15.20 -18.45
C LEU L 338 -9.65 -15.42 -19.94
N GLY L 339 -10.16 -16.52 -20.53
CA GLY L 339 -10.16 -16.62 -21.97
C GLY L 339 -9.68 -17.93 -22.58
N TRP L 340 -8.92 -18.72 -21.81
CA TRP L 340 -8.37 -19.99 -22.31
CA TRP L 340 -8.38 -19.98 -22.33
C TRP L 340 -9.38 -21.10 -22.04
N MET L 341 -10.44 -21.08 -22.84
CA MET L 341 -11.50 -22.06 -22.79
C MET L 341 -12.18 -22.10 -24.15
N GLY L 342 -12.49 -23.30 -24.64
CA GLY L 342 -13.13 -23.46 -25.93
C GLY L 342 -14.01 -24.69 -25.99
N ASN L 343 -14.73 -24.81 -27.10
CA ASN L 343 -15.58 -25.96 -27.34
C ASN L 343 -15.22 -26.63 -28.67
N PHE L 344 -15.22 -27.97 -28.66
CA PHE L 344 -15.31 -28.73 -29.89
C PHE L 344 -16.79 -29.00 -30.17
N GLU L 345 -17.21 -28.75 -31.40
CA GLU L 345 -18.55 -29.10 -31.85
C GLU L 345 -18.43 -30.42 -32.61
N VAL L 346 -18.71 -31.52 -31.92
CA VAL L 346 -18.63 -32.85 -32.50
C VAL L 346 -19.90 -33.09 -33.29
N ILE L 347 -19.79 -33.22 -34.61
CA ILE L 347 -20.96 -33.31 -35.48
C ILE L 347 -21.04 -34.70 -36.08
N GLU L 348 -22.22 -35.02 -36.61
CA GLU L 348 -22.56 -36.33 -37.16
C GLU L 348 -21.68 -36.75 -38.34
#